data_8RF9
#
_entry.id   8RF9
#
_cell.length_a   1.00
_cell.length_b   1.00
_cell.length_c   1.00
_cell.angle_alpha   90.00
_cell.angle_beta   90.00
_cell.angle_gamma   90.00
#
_symmetry.space_group_name_H-M   'P 1'
#
_entity_poly.entity_id   1
_entity_poly.type   'polypeptide(L)'
_entity_poly.pdbx_seq_one_letter_code
;DHNDSIRASYMTIEELHDAGAALSRDGADSLPGFMEFDFFERHRENEKEILRVYRTTAVDAENGATITPAAEWLLDNHYV
IEEAIQEVRRDFPRKFYRQLPTMTVGGVTIPRVMALGWLYVAHTHSTVSRENMTALVDGYQTSQTLQIGELWALPSIIRF
VLIENLRRISIRVERSRRMRQKANEVVDEIIRLNDAEASAALLKQVDSLVDDPTFATQFLYRLRNGSQTSGFAVAWLEER
LHAAGTDAENVMMSEHNRLASGNVTMGNIVKSLREIDDTEWSVWFEEVSHIDKVLREETDYEILDFGSRNTYRNTIELLA
RRSPRTEVEVARAAVEMARSDLPAGADENHRVNVGSVLVGQRRFELEKALGYRPLASQHIVRSMRKFNWLAIAAPVLLIT
AVAMLAVGWFLAKAGMPWYVVTAFLLMFALPASEGATGLFNTLVTFFVKPFRLVGYEFKNGIPEDARTLVAVPCMLTSRD
SVDEMMRNIEVHYLANPHGEIYFSLVSDWRDAPYEQSDEDLEILDYAKRELAALNSRYAFDGKTRFYLLHRRRIYNSAEE
CWMGWERKRGKLHELNMLLRGDKDTTFLGGSNIVPADVKYVMTLDADTRLMRDAVTKLVGKMHHPINRPKIDPVSGRVVE
GYGLLQPRVTPSLTTGKDASVFQRVFSINRGIDPYVFTVSDVYQDLTSEGTFTGKGLYDVDAFEAALKGRIEENSILSHD
LLEGSFARCALVTDVELVEDFPTRYEVEVSRQHRWARGDWQLLPFIIDRARGVTAIGRWKMVDNLRRSLTPIAWFFASIL
GWYFMDPLGALIWQILLIFSLFVAPTLSLLSGLVPRSTDIVPQAHFFTIWSEIRATNAQVALRIVFIADAACMMTDAIVR
SLYRLLVSHKLMLEWRTAASMQSSAQGSIVDYYRQMWHAPVVAMLGLLFAALPGDNAFLIGIPFTLLWVLSPAVAWYVSQ
SAETEDRLFVSEHVSFELRKIARRTWRYYEAFVTPQENHLPPDNFQETPEPIVASRTSPTNIGVYLLSVISARQFGWISF
ADTLERIENTIQTVEKMEKHRGHLYNWYHTDTLQTLGPRYVSAVDSGNLAGHLIAVSSACRDWAEAPSAHLQGNLDGIGD
VAGILRETLKALPDNRKTLRPLHRRLEERIIGFSNALASVKREHEFASIRVINLAVLARDIQKLATNVDHEVKSAQSAEV
TRWAQLLVESCEAHISDSAIDLTNMEPLRQRLASLRDRSRNLAFSMDFTFLYRKDRRLLSIGYRVESKELDEACYDLLAS
ECRLTSLFAIAKGDLPTEHWYRLGRQVVPIGAQGALVSWSGSMFEYLMPPLVMQERQGGILNQTNNLIVKEQMNHGRRLG
TPWGISEAAFNARDHNMNYQYTNFGVPTLGLKRGLGQNAVIAPYASILASQYDPDGALENLDKLRKLGALGQYGFHDAVD
FTPTRVPDGKVCAVVYNYYAHHHGMSIAAVANVAFDGVLRELFHSDPVIEAAELLLQEKAPREVPVMSAKYEPETPGKEQ
ADLLRAEVRSIADPAVRDREVVFLSNGHYSTMLTSTGAGYSKWNGQAISRWKADPTDDRWGTFIFLRDTTNGQWWSATAE
PRVIEGEKTKTIFTDDKAEFHKTIGDLQSVVECIVATEHDAEGRRITLLNVGSEDRYIEVTSYMEPVIASEDDDNAHPLF
SRMFVQTEIGRRGDVIRAWRNRRSQNEPGTVIAHLAADNAGPSRPTEFETDRAKFIGRGRSLREAAAFDAGATLSSSDGF
TLDPILSLRRTVRVPAGKKVSVIFWTIAAPSREEVDKAIDRYRHPDAFAHELVHAWTRTQVQMRHVGVTSQQAAAFQHLG
RYLTYPDMHLRADSETLKTGLASQRALWPLAISGDFPIFSLRINDDMDMDIAREALSAHEYLRSRGVIFDLVIVNERAAS
YAQDMQHALDHISETQRRINPADGGRPHVFSVRRDLMDEETWSALLAASRVVLHVRNGKIVDQINRAVSLFAANRGPDGS
SDAAQARLPVPAFPVAEPVEDAGDLDFWNGFGGFAKNGQEYVVRLNGGQSTPHPWINVISNENFGFHISAEGAGFSWSRN
SRDYQLTPWTNDPVINRPGEAFYVADVETGKLYTPCAALSRDPEAMFETRHGLGYSILTGVADTLEVELTQTVDREKPVK
FSQVIVRNKGSKSRRLKVYAYVEWVLGNNGQKSAPFILSRHDAGSNAIFASNPYSIDYSARTSFLTLDSEASGFTTSRRE
FIGRFGSAQAPQGIVAGAALSGTTEVDGDPCAALMQEIHLKPGEERHMTFILGDADNAEEAEALVKDVRQADFLSVLEES
KKFWTGFTGQLQVSTPDAGFNHMVNNWLPYQALACRILARTAFYQSSGAFGFRDQLQDTLAFLLYQPDLARTQILRAAGR
QFPEGDVQHWWLPLTGAGVRTTISDDVVWLAYAINQYVSATGDAAILDESIPFLKGPALMPGQHDAFFQPETSERSATLY
EHAALALDLAIHRTGENGLPLILGGDWNDGMNRVGVGGKGTSVWLGWFLAGALRDFIEIAEKRGDTDRVGKWASHREKLR
HVLETAGWDGSYYRRGYFDDGTPLGSASSEECQIDSLGQSWSVLSGEGEEGRSRQAMDAVMEHLVDEKTGIIRLFTPPFS
RASHDPGYIKGYPPGVRENGGQYTHAATWVVLALAKQGRAQEAWNCFKLLNPVNHALDAASSETYRVEPYVVTADVYGEG
AYAGRGGWSWYTGSAGWLYRAAVEGILGITRTDGKLHVSPSLPEDWSGFSIRITLDGKARDIAVSRKAGTADVSVSVDG
;
_entity_poly.pdbx_strand_id   A
#
# COMPACT_ATOMS: atom_id res chain seq x y z
N ASP A 1 9.28 -27.99 19.46
CA ASP A 1 7.91 -27.83 18.98
C ASP A 1 6.91 -28.13 20.08
N HIS A 2 6.94 -27.35 21.15
CA HIS A 2 6.04 -27.58 22.28
C HIS A 2 5.04 -26.45 22.47
N ASN A 3 5.51 -25.21 22.67
CA ASN A 3 4.65 -24.10 23.12
C ASN A 3 3.86 -24.62 24.33
N ASP A 4 2.53 -24.60 24.29
CA ASP A 4 1.72 -25.28 25.27
C ASP A 4 0.60 -26.07 24.59
N SER A 5 0.73 -26.33 23.30
CA SER A 5 -0.32 -26.97 22.52
C SER A 5 -0.25 -28.48 22.66
N ILE A 6 -0.99 -29.16 21.79
CA ILE A 6 -1.10 -30.61 21.80
C ILE A 6 -0.40 -31.12 20.54
N ARG A 7 0.71 -31.84 20.73
CA ARG A 7 1.44 -32.45 19.63
C ARG A 7 1.74 -33.90 20.01
N ALA A 8 1.30 -34.84 19.18
CA ALA A 8 1.32 -36.25 19.55
C ALA A 8 1.79 -37.13 18.39
N SER A 9 2.93 -36.77 17.79
CA SER A 9 3.64 -37.67 16.88
C SER A 9 2.78 -38.06 15.67
N TYR A 10 2.63 -37.08 14.77
CA TYR A 10 1.86 -37.19 13.54
C TYR A 10 1.90 -38.59 12.93
N MET A 11 0.74 -39.16 12.63
CA MET A 11 0.61 -40.57 12.31
C MET A 11 0.21 -40.88 10.88
N THR A 12 -0.46 -39.94 10.19
CA THR A 12 -0.92 -40.11 8.81
C THR A 12 -1.97 -41.20 8.70
N ILE A 13 -2.55 -41.35 7.51
CA ILE A 13 -3.61 -42.34 7.30
C ILE A 13 -3.04 -43.74 7.48
N GLU A 14 -3.93 -44.69 7.81
CA GLU A 14 -3.67 -46.10 8.09
C GLU A 14 -3.00 -46.31 9.44
N GLU A 15 -2.61 -45.25 10.13
CA GLU A 15 -2.26 -45.32 11.54
C GLU A 15 -3.33 -44.72 12.43
N LEU A 16 -4.09 -43.74 11.91
CA LEU A 16 -5.22 -43.19 12.65
C LEU A 16 -6.30 -44.26 12.86
N HIS A 17 -6.49 -45.12 11.87
CA HIS A 17 -7.47 -46.20 12.01
C HIS A 17 -7.10 -47.12 13.17
N ASP A 18 -5.84 -47.53 13.25
CA ASP A 18 -5.41 -48.37 14.35
C ASP A 18 -5.43 -47.62 15.67
N ALA A 19 -5.15 -46.31 15.65
CA ALA A 19 -5.25 -45.51 16.87
C ALA A 19 -6.69 -45.52 17.39
N GLY A 20 -7.65 -45.33 16.50
CA GLY A 20 -9.05 -45.39 16.91
C GLY A 20 -9.46 -46.76 17.40
N ALA A 21 -9.00 -47.81 16.71
CA ALA A 21 -9.31 -49.17 17.15
C ALA A 21 -8.75 -49.44 18.54
N ALA A 22 -7.51 -49.01 18.79
CA ALA A 22 -6.92 -49.16 20.12
C ALA A 22 -7.70 -48.35 21.16
N LEU A 23 -8.17 -47.16 20.77
CA LEU A 23 -9.02 -46.38 21.67
C LEU A 23 -10.28 -47.16 22.04
N SER A 24 -10.83 -47.91 21.08
CA SER A 24 -12.07 -48.61 21.32
C SER A 24 -11.89 -49.76 22.33
N ARG A 25 -11.03 -50.72 22.00
CA ARG A 25 -10.86 -51.90 22.84
C ARG A 25 -10.32 -51.54 24.22
N ASP A 26 -9.09 -51.04 24.28
CA ASP A 26 -8.46 -50.62 25.54
C ASP A 26 -7.86 -49.23 25.31
N GLY A 27 -8.70 -48.22 25.50
CA GLY A 27 -8.32 -46.84 25.30
C GLY A 27 -7.91 -46.16 26.58
N ALA A 28 -8.24 -44.87 26.67
CA ALA A 28 -8.04 -44.07 27.87
C ALA A 28 -6.57 -43.94 28.22
N ASP A 29 -6.22 -44.35 29.45
CA ASP A 29 -4.86 -44.29 29.97
C ASP A 29 -4.41 -42.84 30.16
N SER A 30 -4.07 -42.15 29.08
CA SER A 30 -3.59 -40.79 29.17
C SER A 30 -3.78 -40.09 27.83
N LEU A 31 -3.67 -38.77 27.86
CA LEU A 31 -3.78 -37.93 26.68
C LEU A 31 -2.61 -36.96 26.62
N PRO A 32 -2.21 -36.54 25.41
CA PRO A 32 -1.02 -35.69 25.26
C PRO A 32 -1.01 -34.45 26.12
N GLY A 33 -2.02 -33.59 25.96
CA GLY A 33 -2.11 -32.39 26.77
C GLY A 33 -3.02 -32.64 27.95
N PHE A 34 -4.21 -32.02 27.93
CA PHE A 34 -5.31 -32.35 28.83
C PHE A 34 -5.08 -31.92 30.27
N MET A 35 -6.17 -31.73 30.99
CA MET A 35 -6.20 -31.45 32.43
C MET A 35 -7.63 -31.67 32.89
N GLU A 36 -7.90 -31.40 34.16
CA GLU A 36 -9.25 -31.50 34.70
C GLU A 36 -9.93 -30.14 34.55
N PHE A 37 -11.07 -30.12 33.87
CA PHE A 37 -11.75 -28.87 33.58
C PHE A 37 -13.24 -29.13 33.46
N ASP A 38 -14.02 -28.05 33.60
CA ASP A 38 -15.45 -28.06 33.34
C ASP A 38 -15.70 -27.40 32.00
N PHE A 39 -16.39 -28.11 31.11
CA PHE A 39 -16.50 -27.67 29.71
C PHE A 39 -17.15 -26.30 29.61
N PHE A 40 -18.26 -26.09 30.31
CA PHE A 40 -19.02 -24.86 30.15
C PHE A 40 -18.24 -23.65 30.65
N GLU A 41 -17.55 -23.78 31.78
CA GLU A 41 -16.71 -22.69 32.25
C GLU A 41 -15.45 -22.54 31.40
N ARG A 42 -14.90 -23.66 30.94
CA ARG A 42 -13.68 -23.61 30.15
C ARG A 42 -13.91 -22.85 28.85
N HIS A 43 -15.06 -23.07 28.20
CA HIS A 43 -15.32 -22.37 26.95
C HIS A 43 -15.43 -20.86 27.16
N ARG A 44 -16.10 -20.45 28.24
CA ARG A 44 -16.21 -19.01 28.52
C ARG A 44 -14.85 -18.40 28.82
N GLU A 45 -14.02 -19.11 29.59
CA GLU A 45 -12.67 -18.62 29.87
C GLU A 45 -11.86 -18.50 28.59
N ASN A 46 -11.96 -19.49 27.70
CA ASN A 46 -11.27 -19.42 26.42
C ASN A 46 -11.73 -18.22 25.61
N GLU A 47 -13.03 -17.98 25.56
CA GLU A 47 -13.54 -16.83 24.81
C GLU A 47 -13.00 -15.54 25.38
N LYS A 48 -13.02 -15.39 26.71
CA LYS A 48 -12.53 -14.17 27.33
C LYS A 48 -11.06 -13.94 27.03
N GLU A 49 -10.23 -14.98 27.17
CA GLU A 49 -8.80 -14.80 26.99
C GLU A 49 -8.42 -14.63 25.53
N ILE A 50 -9.15 -15.24 24.60
CA ILE A 50 -8.90 -14.98 23.18
C ILE A 50 -9.29 -13.54 22.83
N LEU A 51 -10.37 -13.03 23.42
CA LEU A 51 -10.72 -11.64 23.19
C LEU A 51 -9.64 -10.70 23.71
N ARG A 52 -9.14 -10.99 24.92
CA ARG A 52 -8.04 -10.21 25.50
C ARG A 52 -6.83 -10.24 24.57
N VAL A 53 -6.25 -11.41 24.38
CA VAL A 53 -5.11 -11.52 23.48
C VAL A 53 -5.67 -11.45 22.07
N TYR A 54 -5.73 -10.23 21.55
CA TYR A 54 -6.39 -9.82 20.32
C TYR A 54 -6.69 -8.34 20.46
N ARG A 55 -7.40 -7.96 21.52
CA ARG A 55 -7.50 -6.53 21.82
C ARG A 55 -6.13 -5.96 22.16
N THR A 56 -5.32 -6.70 22.91
CA THR A 56 -3.95 -6.26 23.17
C THR A 56 -3.14 -6.20 21.88
N THR A 57 -3.28 -7.21 21.01
CA THR A 57 -2.56 -7.20 19.75
C THR A 57 -2.99 -6.04 18.85
N ALA A 58 -4.27 -5.66 18.91
CA ALA A 58 -4.78 -4.57 18.09
C ALA A 58 -4.33 -3.22 18.63
N VAL A 59 -4.28 -3.05 19.96
CA VAL A 59 -3.76 -1.81 20.49
C VAL A 59 -2.26 -1.71 20.21
N ASP A 60 -1.57 -2.85 20.20
CA ASP A 60 -0.23 -2.88 19.61
C ASP A 60 -0.34 -3.00 18.10
N ALA A 61 0.82 -3.09 17.43
CA ALA A 61 0.90 -3.22 15.98
C ALA A 61 0.37 -1.96 15.27
N GLU A 62 -0.11 -0.99 16.05
CA GLU A 62 -0.49 0.32 15.55
C GLU A 62 0.36 1.43 16.12
N ASN A 63 0.80 1.29 17.37
CA ASN A 63 1.80 2.18 17.95
C ASN A 63 3.18 1.95 17.34
N GLY A 64 3.35 0.89 16.56
CA GLY A 64 4.63 0.54 15.97
C GLY A 64 5.24 -0.67 16.66
N ALA A 65 5.08 -1.84 16.05
CA ALA A 65 5.61 -3.07 16.62
C ALA A 65 5.75 -4.10 15.51
N THR A 66 6.62 -5.07 15.75
CA THR A 66 6.84 -6.20 14.85
C THR A 66 6.21 -7.43 15.47
N ILE A 67 5.11 -7.89 14.90
CA ILE A 67 4.34 -9.00 15.44
C ILE A 67 4.69 -10.28 14.69
N THR A 68 4.77 -11.37 15.44
CA THR A 68 5.11 -12.66 14.85
C THR A 68 4.04 -13.07 13.85
N PRO A 69 4.41 -13.74 12.75
CA PRO A 69 3.38 -14.21 11.80
C PRO A 69 2.34 -15.11 12.42
N ALA A 70 2.65 -15.76 13.54
CA ALA A 70 1.61 -16.48 14.27
C ALA A 70 0.54 -15.53 14.78
N ALA A 71 0.93 -14.37 15.30
CA ALA A 71 -0.03 -13.38 15.75
C ALA A 71 -0.78 -12.71 14.61
N GLU A 72 -0.33 -12.89 13.37
CA GLU A 72 -1.06 -12.34 12.23
C GLU A 72 -2.32 -13.13 11.92
N TRP A 73 -2.29 -14.44 12.09
CA TRP A 73 -3.48 -15.26 11.85
C TRP A 73 -4.61 -14.86 12.80
N LEU A 74 -4.28 -14.62 14.07
CA LEU A 74 -5.28 -14.15 15.02
C LEU A 74 -5.82 -12.78 14.62
N LEU A 75 -4.93 -11.88 14.17
CA LEU A 75 -5.35 -10.51 13.89
C LEU A 75 -6.24 -10.44 12.65
N ASP A 76 -5.89 -11.18 11.60
CA ASP A 76 -6.62 -11.09 10.34
C ASP A 76 -7.86 -11.97 10.29
N ASN A 77 -7.90 -13.04 11.07
CA ASN A 77 -8.97 -14.02 10.98
C ASN A 77 -9.75 -14.11 12.29
N HIS A 78 -10.00 -12.96 12.92
CA HIS A 78 -10.71 -12.99 14.20
C HIS A 78 -12.20 -13.27 14.02
N TYR A 79 -12.77 -12.93 12.87
CA TYR A 79 -14.20 -13.17 12.69
C TYR A 79 -14.50 -14.66 12.56
N VAL A 80 -13.64 -15.40 11.87
CA VAL A 80 -13.81 -16.86 11.80
C VAL A 80 -13.71 -17.47 13.19
N ILE A 81 -12.73 -17.03 13.97
CA ILE A 81 -12.55 -17.56 15.32
C ILE A 81 -13.75 -17.21 16.20
N GLU A 82 -14.26 -15.99 16.08
CA GLU A 82 -15.42 -15.59 16.88
C GLU A 82 -16.65 -16.41 16.50
N GLU A 83 -16.85 -16.65 15.20
CA GLU A 83 -17.97 -17.48 14.78
C GLU A 83 -17.78 -18.93 15.22
N ALA A 84 -16.54 -19.38 15.35
CA ALA A 84 -16.28 -20.73 15.83
C ALA A 84 -16.47 -20.86 17.33
N ILE A 85 -16.20 -19.80 18.09
CA ILE A 85 -16.49 -19.82 19.53
C ILE A 85 -17.99 -19.92 19.74
N GLN A 86 -18.76 -19.16 19.00
CA GLN A 86 -20.19 -19.43 18.90
C GLN A 86 -20.40 -20.71 18.09
N GLU A 87 -21.62 -21.23 18.15
CA GLU A 87 -21.99 -22.53 17.61
C GLU A 87 -21.40 -23.62 18.49
N VAL A 88 -20.52 -23.22 19.40
CA VAL A 88 -20.32 -23.95 20.64
C VAL A 88 -20.91 -23.08 21.73
N ARG A 89 -21.44 -23.72 22.78
CA ARG A 89 -22.40 -23.23 23.78
C ARG A 89 -23.75 -23.06 23.11
N ARG A 90 -23.81 -23.32 21.80
CA ARG A 90 -25.05 -23.37 21.07
C ARG A 90 -25.43 -24.76 20.60
N ASP A 91 -24.44 -25.59 20.22
CA ASP A 91 -24.68 -26.99 19.92
C ASP A 91 -24.55 -27.88 21.13
N PHE A 92 -24.25 -27.32 22.31
CA PHE A 92 -24.07 -28.09 23.53
C PHE A 92 -24.88 -27.49 24.67
N PRO A 93 -26.20 -27.64 24.65
CA PRO A 93 -26.98 -27.37 25.86
C PRO A 93 -26.72 -28.44 26.90
N ARG A 94 -26.96 -28.07 28.16
CA ARG A 94 -26.64 -28.98 29.27
C ARG A 94 -27.40 -30.30 29.16
N LYS A 95 -28.61 -30.27 28.61
CA LYS A 95 -29.35 -31.51 28.40
C LYS A 95 -28.66 -32.41 27.39
N PHE A 96 -28.13 -31.83 26.32
CA PHE A 96 -27.43 -32.62 25.31
C PHE A 96 -26.11 -33.16 25.86
N TYR A 97 -25.35 -32.31 26.55
CA TYR A 97 -24.00 -32.70 26.96
C TYR A 97 -24.01 -33.88 27.90
N ARG A 98 -24.96 -33.91 28.85
CA ARG A 98 -25.01 -34.99 29.82
C ARG A 98 -25.34 -36.33 29.17
N GLN A 99 -26.11 -36.31 28.07
CA GLN A 99 -26.52 -37.55 27.43
C GLN A 99 -25.35 -38.30 26.79
N LEU A 100 -24.25 -37.62 26.54
CA LEU A 100 -23.10 -38.28 25.91
C LEU A 100 -22.47 -39.25 26.90
N PRO A 101 -22.27 -40.52 26.51
CA PRO A 101 -21.65 -41.48 27.43
C PRO A 101 -20.23 -41.07 27.79
N THR A 102 -19.86 -41.37 29.04
CA THR A 102 -18.55 -41.01 29.57
C THR A 102 -17.53 -42.10 29.30
N MET A 103 -16.26 -41.75 29.52
CA MET A 103 -15.16 -42.67 29.24
C MET A 103 -14.28 -42.88 30.47
N THR A 104 -14.17 -41.85 31.30
CA THR A 104 -13.47 -41.91 32.59
C THR A 104 -12.01 -42.35 32.42
N VAL A 105 -11.26 -41.49 31.75
CA VAL A 105 -9.81 -41.71 31.58
C VAL A 105 -9.08 -41.15 32.78
N GLY A 106 -8.25 -41.98 33.40
CA GLY A 106 -7.39 -41.53 34.48
C GLY A 106 -8.13 -40.91 35.65
N GLY A 107 -9.27 -41.47 36.01
CA GLY A 107 -10.09 -40.91 37.08
C GLY A 107 -11.09 -39.86 36.63
N VAL A 108 -10.62 -38.84 35.92
CA VAL A 108 -11.50 -37.78 35.46
C VAL A 108 -12.39 -38.31 34.34
N THR A 109 -13.56 -37.70 34.19
CA THR A 109 -14.59 -38.18 33.28
C THR A 109 -14.61 -37.33 32.01
N ILE A 110 -14.69 -38.01 30.87
CA ILE A 110 -14.73 -37.37 29.56
C ILE A 110 -15.86 -37.98 28.74
N PRO A 111 -16.69 -37.18 28.05
CA PRO A 111 -17.62 -37.76 27.09
C PRO A 111 -16.88 -38.47 25.98
N ARG A 112 -17.41 -39.61 25.54
CA ARG A 112 -16.63 -40.55 24.74
C ARG A 112 -16.13 -39.92 23.44
N VAL A 113 -16.87 -38.95 22.89
CA VAL A 113 -16.42 -38.33 21.65
C VAL A 113 -15.38 -37.25 21.90
N MET A 114 -15.29 -36.71 23.12
CA MET A 114 -14.22 -35.75 23.39
C MET A 114 -12.86 -36.42 23.35
N ALA A 115 -12.79 -37.71 23.67
CA ALA A 115 -11.54 -38.44 23.52
C ALA A 115 -11.12 -38.52 22.06
N LEU A 116 -12.07 -38.84 21.18
CA LEU A 116 -11.77 -38.88 19.74
C LEU A 116 -11.37 -37.51 19.23
N GLY A 117 -12.10 -36.47 19.64
CA GLY A 117 -11.75 -35.13 19.24
C GLY A 117 -10.37 -34.72 19.72
N TRP A 118 -9.98 -35.18 20.90
CA TRP A 118 -8.65 -34.88 21.41
C TRP A 118 -7.57 -35.55 20.56
N LEU A 119 -7.77 -36.81 20.20
CA LEU A 119 -6.77 -37.55 19.47
C LEU A 119 -6.67 -37.18 18.00
N TYR A 120 -7.76 -36.71 17.39
CA TYR A 120 -7.70 -36.28 16.00
C TYR A 120 -6.90 -34.99 15.85
N VAL A 121 -6.95 -34.11 16.83
CA VAL A 121 -6.06 -32.96 16.87
C VAL A 121 -4.68 -33.32 17.42
N ALA A 122 -4.58 -34.29 18.32
CA ALA A 122 -3.30 -34.70 18.88
C ALA A 122 -2.43 -35.39 17.84
N HIS A 123 -2.89 -36.51 17.30
CA HIS A 123 -2.07 -37.26 16.36
C HIS A 123 -2.20 -36.71 14.94
N THR A 124 -2.10 -35.40 14.87
CA THR A 124 -2.04 -34.57 13.66
C THR A 124 -1.31 -33.30 14.06
N HIS A 125 -1.42 -32.27 13.24
CA HIS A 125 -0.91 -30.95 13.60
C HIS A 125 -2.02 -29.92 13.46
N SER A 126 -3.19 -30.25 14.03
CA SER A 126 -4.37 -29.39 14.00
C SER A 126 -4.83 -29.12 12.57
N THR A 127 -4.79 -30.16 11.73
CA THR A 127 -5.33 -30.10 10.38
C THR A 127 -6.52 -31.04 10.30
N VAL A 128 -7.66 -30.52 9.84
CA VAL A 128 -8.90 -31.27 9.74
C VAL A 128 -9.18 -31.57 8.29
N SER A 129 -9.36 -32.86 7.97
CA SER A 129 -9.73 -33.29 6.63
C SER A 129 -10.75 -34.41 6.75
N ARG A 130 -11.65 -34.48 5.77
CA ARG A 130 -12.75 -35.43 5.85
C ARG A 130 -12.26 -36.87 5.81
N GLU A 131 -11.25 -37.16 4.99
CA GLU A 131 -10.78 -38.53 4.84
C GLU A 131 -10.20 -39.06 6.15
N ASN A 132 -9.37 -38.26 6.83
CA ASN A 132 -8.79 -38.70 8.08
C ASN A 132 -9.86 -38.90 9.15
N MET A 133 -10.84 -37.99 9.20
CA MET A 133 -11.94 -38.14 10.16
C MET A 133 -12.72 -39.43 9.90
N THR A 134 -13.03 -39.70 8.64
CA THR A 134 -13.76 -40.93 8.32
C THR A 134 -12.95 -42.16 8.71
N ALA A 135 -11.66 -42.16 8.41
CA ALA A 135 -10.82 -43.30 8.76
C ALA A 135 -10.76 -43.50 10.26
N LEU A 136 -10.59 -42.42 11.02
CA LEU A 136 -10.49 -42.53 12.47
C LEU A 136 -11.79 -43.03 13.08
N VAL A 137 -12.92 -42.48 12.62
CA VAL A 137 -14.20 -42.89 13.19
C VAL A 137 -14.50 -44.34 12.83
N ASP A 138 -14.19 -44.75 11.59
CA ASP A 138 -14.39 -46.15 11.22
C ASP A 138 -13.51 -47.07 12.07
N GLY A 139 -12.25 -46.69 12.29
CA GLY A 139 -11.39 -47.48 13.13
C GLY A 139 -11.92 -47.61 14.54
N TYR A 140 -12.48 -46.52 15.08
CA TYR A 140 -13.10 -46.60 16.39
C TYR A 140 -14.33 -47.51 16.36
N GLN A 141 -15.08 -47.47 15.27
CA GLN A 141 -16.31 -48.25 15.17
C GLN A 141 -16.08 -49.69 14.74
N THR A 142 -14.84 -50.10 14.52
CA THR A 142 -14.58 -51.51 14.22
C THR A 142 -15.11 -52.43 15.30
N SER A 143 -15.15 -51.96 16.56
CA SER A 143 -15.67 -52.77 17.65
C SER A 143 -16.90 -52.18 18.31
N GLN A 144 -16.84 -50.91 18.73
CA GLN A 144 -17.95 -50.26 19.42
C GLN A 144 -18.58 -49.23 18.51
N THR A 145 -19.89 -49.35 18.29
CA THR A 145 -20.60 -48.42 17.45
C THR A 145 -20.82 -47.09 18.17
N LEU A 146 -20.80 -46.00 17.40
CA LEU A 146 -21.07 -44.68 17.93
C LEU A 146 -22.56 -44.36 17.73
N GLN A 147 -23.24 -44.05 18.82
CA GLN A 147 -24.66 -43.74 18.73
C GLN A 147 -24.87 -42.40 18.05
N ILE A 148 -26.10 -42.20 17.55
CA ILE A 148 -26.43 -40.95 16.90
C ILE A 148 -26.41 -39.83 17.94
N GLY A 149 -26.12 -38.62 17.47
CA GLY A 149 -25.94 -37.50 18.40
C GLY A 149 -24.50 -37.32 18.78
N GLU A 150 -23.83 -38.39 19.23
CA GLU A 150 -22.39 -38.37 19.37
C GLU A 150 -21.74 -38.02 18.03
N LEU A 151 -22.18 -38.69 16.97
CA LEU A 151 -21.63 -38.46 15.64
C LEU A 151 -21.91 -37.06 15.14
N TRP A 152 -23.06 -36.48 15.48
CA TRP A 152 -23.34 -35.10 15.14
C TRP A 152 -22.57 -34.11 15.99
N ALA A 153 -22.28 -34.45 17.24
CA ALA A 153 -21.54 -33.56 18.12
C ALA A 153 -20.04 -33.62 17.92
N LEU A 154 -19.54 -34.61 17.18
CA LEU A 154 -18.10 -34.73 16.97
C LEU A 154 -17.48 -33.50 16.32
N PRO A 155 -18.02 -32.94 15.22
CA PRO A 155 -17.36 -31.76 14.62
C PRO A 155 -17.25 -30.58 15.56
N SER A 156 -18.28 -30.32 16.37
CA SER A 156 -18.20 -29.23 17.34
C SER A 156 -17.22 -29.55 18.47
N ILE A 157 -17.07 -30.83 18.81
CA ILE A 157 -16.02 -31.22 19.75
C ILE A 157 -14.65 -30.89 19.20
N ILE A 158 -14.43 -31.17 17.91
CA ILE A 158 -13.16 -30.82 17.29
C ILE A 158 -12.98 -29.30 17.27
N ARG A 159 -14.07 -28.56 17.04
CA ARG A 159 -13.98 -27.10 17.12
C ARG A 159 -13.53 -26.65 18.51
N PHE A 160 -14.09 -27.27 19.56
CA PHE A 160 -13.71 -26.92 20.91
C PHE A 160 -12.24 -27.21 21.17
N VAL A 161 -11.75 -28.37 20.71
CA VAL A 161 -10.34 -28.70 20.88
C VAL A 161 -9.45 -27.69 20.15
N LEU A 162 -9.84 -27.32 18.93
CA LEU A 162 -9.08 -26.36 18.17
C LEU A 162 -9.04 -25.01 18.89
N ILE A 163 -10.17 -24.59 19.46
CA ILE A 163 -10.19 -23.33 20.21
C ILE A 163 -9.30 -23.41 21.43
N GLU A 164 -9.26 -24.57 22.09
CA GLU A 164 -8.38 -24.74 23.24
C GLU A 164 -6.92 -24.57 22.84
N ASN A 165 -6.49 -25.26 21.78
CA ASN A 165 -5.12 -25.09 21.30
C ASN A 165 -4.87 -23.66 20.87
N LEU A 166 -5.88 -23.01 20.30
CA LEU A 166 -5.75 -21.62 19.89
C LEU A 166 -5.42 -20.72 21.08
N ARG A 167 -6.17 -20.87 22.16
CA ARG A 167 -5.91 -20.07 23.36
C ARG A 167 -4.52 -20.36 23.92
N ARG A 168 -4.16 -21.65 23.97
CA ARG A 168 -2.88 -22.03 24.54
C ARG A 168 -1.72 -21.44 23.74
N ILE A 169 -1.81 -21.47 22.42
CA ILE A 169 -0.76 -20.88 21.60
C ILE A 169 -0.76 -19.36 21.75
N SER A 170 -1.95 -18.75 21.76
CA SER A 170 -2.01 -17.29 21.75
C SER A 170 -1.41 -16.68 23.01
N ILE A 171 -1.73 -17.26 24.18
CA ILE A 171 -1.20 -16.71 25.42
C ILE A 171 0.33 -16.78 25.42
N ARG A 172 0.88 -17.92 25.01
CA ARG A 172 2.33 -18.06 24.98
C ARG A 172 2.98 -17.12 23.97
N VAL A 173 2.35 -16.93 22.81
CA VAL A 173 2.91 -16.01 21.81
C VAL A 173 2.94 -14.59 22.35
N GLU A 174 1.84 -14.14 22.96
CA GLU A 174 1.85 -12.77 23.48
C GLU A 174 2.85 -12.62 24.62
N ARG A 175 3.00 -13.64 25.47
N ARG A 175 3.00 -13.65 25.46
CA ARG A 175 3.97 -13.57 26.56
CA ARG A 175 3.96 -13.58 26.55
C ARG A 175 5.39 -13.49 26.02
C ARG A 175 5.39 -13.50 26.03
N SER A 176 5.71 -14.31 25.01
CA SER A 176 7.05 -14.28 24.43
C SER A 176 7.30 -13.01 23.64
N ARG A 177 6.26 -12.36 23.14
CA ARG A 177 6.43 -11.06 22.50
C ARG A 177 6.63 -9.94 23.52
N ARG A 178 5.97 -10.02 24.67
CA ARG A 178 6.20 -9.01 25.71
C ARG A 178 7.59 -9.15 26.32
N MET A 179 8.02 -10.38 26.59
CA MET A 179 9.33 -10.56 27.20
C MET A 179 10.47 -10.16 26.26
N ARG A 180 10.23 -10.19 24.95
CA ARG A 180 11.26 -9.71 24.02
C ARG A 180 11.55 -8.23 24.23
N GLN A 181 10.50 -7.40 24.30
CA GLN A 181 10.72 -5.98 24.54
C GLN A 181 11.19 -5.73 25.97
N LYS A 182 10.80 -6.59 26.91
CA LYS A 182 11.38 -6.49 28.26
C LYS A 182 12.89 -6.67 28.22
N ALA A 183 13.36 -7.69 27.52
CA ALA A 183 14.80 -7.90 27.39
C ALA A 183 15.47 -6.74 26.65
N ASN A 184 14.80 -6.21 25.62
CA ASN A 184 15.37 -5.10 24.88
C ASN A 184 15.55 -3.87 25.77
N GLU A 185 14.55 -3.54 26.57
CA GLU A 185 14.70 -2.39 27.44
C GLU A 185 15.72 -2.65 28.55
N VAL A 186 15.81 -3.89 29.04
CA VAL A 186 16.82 -4.21 30.05
C VAL A 186 18.22 -4.02 29.48
N VAL A 187 18.47 -4.53 28.28
CA VAL A 187 19.80 -4.38 27.69
C VAL A 187 20.08 -2.92 27.33
N ASP A 188 19.06 -2.17 26.92
CA ASP A 188 19.28 -0.75 26.67
C ASP A 188 19.70 -0.04 27.95
N GLU A 189 19.05 -0.34 29.07
CA GLU A 189 19.45 0.25 30.34
C GLU A 189 20.84 -0.19 30.76
N ILE A 190 21.20 -1.45 30.49
CA ILE A 190 22.53 -1.94 30.84
C ILE A 190 23.60 -1.21 30.05
N ILE A 191 23.40 -1.07 28.74
CA ILE A 191 24.39 -0.40 27.90
C ILE A 191 24.46 1.08 28.23
N ARG A 192 23.32 1.69 28.56
CA ARG A 192 23.30 3.12 28.88
C ARG A 192 24.20 3.43 30.08
N LEU A 193 24.15 2.60 31.11
CA LEU A 193 25.00 2.76 32.28
C LEU A 193 26.28 1.97 32.03
N ASN A 194 27.36 2.69 31.71
CA ASN A 194 28.63 2.03 31.45
C ASN A 194 29.25 1.44 32.72
N ASP A 195 28.69 1.73 33.89
CA ASP A 195 29.21 1.18 35.13
C ASP A 195 29.00 -0.33 35.18
N ALA A 196 29.76 -0.98 36.05
CA ALA A 196 29.69 -2.43 36.22
C ALA A 196 29.09 -2.87 37.54
N GLU A 197 28.62 -1.94 38.38
CA GLU A 197 28.03 -2.29 39.67
C GLU A 197 26.52 -2.24 39.65
N ALA A 198 25.93 -1.18 39.09
CA ALA A 198 24.47 -1.12 38.96
C ALA A 198 23.95 -2.22 38.03
N SER A 199 24.80 -2.68 37.11
CA SER A 199 24.42 -3.79 36.25
C SER A 199 24.11 -5.03 37.09
N ALA A 200 24.86 -5.25 38.16
CA ALA A 200 24.58 -6.38 39.04
C ALA A 200 23.20 -6.23 39.68
N ALA A 201 22.84 -5.01 40.10
CA ALA A 201 21.52 -4.80 40.69
C ALA A 201 20.43 -5.05 39.66
N LEU A 202 20.60 -4.57 38.43
CA LEU A 202 19.60 -4.81 37.40
C LEU A 202 19.45 -6.29 37.10
N LEU A 203 20.57 -7.02 37.00
CA LEU A 203 20.51 -8.45 36.75
C LEU A 203 19.85 -9.19 37.90
N LYS A 204 20.14 -8.80 39.13
CA LYS A 204 19.48 -9.43 40.28
C LYS A 204 17.98 -9.18 40.23
N GLN A 205 17.58 -7.98 39.83
CA GLN A 205 16.16 -7.67 39.73
C GLN A 205 15.48 -8.51 38.64
N VAL A 206 16.16 -8.70 37.50
CA VAL A 206 15.52 -9.36 36.36
C VAL A 206 15.84 -10.86 36.40
N ASP A 207 16.43 -11.31 37.51
CA ASP A 207 16.77 -12.72 37.66
C ASP A 207 15.58 -13.65 37.47
N SER A 208 14.37 -13.17 37.78
CA SER A 208 13.19 -14.04 37.72
C SER A 208 12.92 -14.52 36.31
N LEU A 209 13.07 -13.64 35.32
CA LEU A 209 12.67 -13.93 33.95
C LEU A 209 13.76 -14.60 33.12
N VAL A 210 14.93 -14.82 33.70
CA VAL A 210 16.01 -15.43 32.92
C VAL A 210 15.70 -16.89 32.57
N ASP A 211 15.01 -17.60 33.46
CA ASP A 211 14.77 -19.03 33.27
C ASP A 211 13.92 -19.35 32.04
N ASP A 212 13.20 -18.37 31.49
CA ASP A 212 12.39 -18.60 30.30
C ASP A 212 13.28 -18.45 29.07
N PRO A 213 13.38 -19.47 28.20
CA PRO A 213 14.24 -19.40 27.02
C PRO A 213 13.68 -18.51 25.90
N THR A 214 13.19 -17.33 26.27
CA THR A 214 12.91 -16.27 25.32
C THR A 214 13.49 -14.93 25.73
N PHE A 215 13.73 -14.71 27.03
CA PHE A 215 14.48 -13.56 27.49
C PHE A 215 15.96 -13.74 27.23
N ALA A 216 16.45 -14.97 27.26
CA ALA A 216 17.87 -15.26 27.12
C ALA A 216 18.31 -15.45 25.67
N THR A 217 17.38 -15.50 24.71
CA THR A 217 17.74 -15.62 23.31
C THR A 217 17.85 -14.28 22.61
N GLN A 218 17.20 -13.25 23.13
CA GLN A 218 17.35 -11.89 22.61
C GLN A 218 18.38 -11.09 23.39
N PHE A 219 18.49 -11.31 24.69
CA PHE A 219 19.55 -10.69 25.48
C PHE A 219 20.91 -11.12 24.96
N LEU A 220 21.08 -12.41 24.69
CA LEU A 220 22.40 -12.93 24.35
C LEU A 220 22.89 -12.40 23.00
N TYR A 221 22.03 -12.46 21.97
CA TYR A 221 22.40 -11.91 20.67
C TYR A 221 22.74 -10.42 20.77
N ARG A 222 21.93 -9.67 21.52
CA ARG A 222 22.14 -8.22 21.56
C ARG A 222 23.40 -7.85 22.34
N LEU A 223 23.76 -8.62 23.37
CA LEU A 223 25.06 -8.41 24.01
C LEU A 223 26.22 -8.77 23.08
N ARG A 224 26.17 -9.97 22.48
CA ARG A 224 27.34 -10.41 21.71
C ARG A 224 27.47 -9.69 20.38
N ASN A 225 26.35 -9.28 19.77
CA ASN A 225 26.37 -8.79 18.40
C ASN A 225 25.92 -7.34 18.28
N GLY A 226 25.89 -6.60 19.39
CA GLY A 226 25.36 -5.25 19.33
C GLY A 226 26.31 -4.21 18.76
N SER A 227 27.37 -3.90 19.51
CA SER A 227 28.34 -2.86 19.17
C SER A 227 29.24 -2.57 20.37
N GLN A 228 28.74 -1.78 21.31
CA GLN A 228 29.51 -1.50 22.53
C GLN A 228 29.70 -2.76 23.36
N THR A 229 28.66 -3.59 23.46
CA THR A 229 28.69 -4.88 24.14
C THR A 229 29.07 -4.76 25.61
N SER A 230 29.16 -5.89 26.30
CA SER A 230 29.56 -5.92 27.69
C SER A 230 30.08 -7.31 28.01
N GLY A 231 30.87 -7.39 29.08
CA GLY A 231 31.41 -8.66 29.51
C GLY A 231 30.77 -9.15 30.80
N PHE A 232 30.28 -8.22 31.61
CA PHE A 232 29.64 -8.58 32.87
C PHE A 232 28.34 -9.33 32.65
N ALA A 233 27.51 -8.85 31.71
CA ALA A 233 26.19 -9.45 31.53
C ALA A 233 26.30 -10.89 31.06
N VAL A 234 27.03 -11.13 29.97
CA VAL A 234 27.27 -12.52 29.60
C VAL A 234 28.55 -13.00 30.26
N ALA A 235 28.49 -13.07 31.58
CA ALA A 235 29.14 -14.08 32.40
C ALA A 235 28.20 -14.62 33.46
N TRP A 236 27.39 -13.75 34.07
CA TRP A 236 26.24 -14.14 34.87
C TRP A 236 25.20 -14.91 34.06
N LEU A 237 24.92 -14.44 32.84
CA LEU A 237 23.97 -15.16 31.99
C LEU A 237 24.45 -16.58 31.72
N GLU A 238 25.72 -16.72 31.34
CA GLU A 238 26.28 -18.03 31.04
C GLU A 238 26.34 -18.91 32.29
N GLU A 239 26.69 -18.32 33.43
CA GLU A 239 26.73 -19.10 34.68
C GLU A 239 25.35 -19.61 35.04
N ARG A 240 24.33 -18.77 34.91
CA ARG A 240 22.98 -19.20 35.26
C ARG A 240 22.47 -20.26 34.30
N LEU A 241 22.77 -20.14 33.00
CA LEU A 241 22.36 -21.19 32.08
C LEU A 241 23.12 -22.49 32.34
N HIS A 242 24.40 -22.41 32.68
CA HIS A 242 25.16 -23.61 32.99
C HIS A 242 24.62 -24.29 34.25
N ALA A 243 24.17 -23.50 35.22
CA ALA A 243 23.34 -24.05 36.27
C ALA A 243 22.08 -24.64 35.65
N ALA A 244 21.69 -25.82 36.13
CA ALA A 244 20.64 -26.67 35.56
C ALA A 244 21.03 -27.28 34.22
N GLY A 245 22.25 -27.04 33.74
CA GLY A 245 22.77 -27.70 32.55
C GLY A 245 22.00 -27.43 31.27
N THR A 246 21.62 -26.17 31.06
CA THR A 246 20.87 -25.79 29.87
C THR A 246 21.77 -25.35 28.71
N ASP A 247 23.07 -25.22 28.97
CA ASP A 247 24.06 -24.79 27.96
C ASP A 247 23.67 -23.39 27.47
N ALA A 248 24.15 -23.02 26.28
CA ALA A 248 23.85 -21.72 25.69
C ALA A 248 23.36 -21.80 24.26
N GLU A 249 23.63 -22.89 23.54
CA GLU A 249 23.07 -23.08 22.21
C GLU A 249 21.74 -23.80 22.24
N ASN A 250 21.47 -24.55 23.31
CA ASN A 250 20.19 -25.25 23.41
C ASN A 250 19.02 -24.28 23.48
N VAL A 251 19.18 -23.20 24.24
CA VAL A 251 18.13 -22.18 24.31
C VAL A 251 17.94 -21.52 22.95
N MET A 252 19.03 -21.38 22.18
CA MET A 252 18.91 -20.79 20.85
C MET A 252 18.16 -21.72 19.91
N MET A 253 18.50 -23.02 19.92
CA MET A 253 17.82 -23.97 19.07
C MET A 253 16.37 -24.18 19.49
N SER A 254 16.05 -23.93 20.76
CA SER A 254 14.67 -24.02 21.20
C SER A 254 13.82 -22.86 20.70
N GLU A 255 14.43 -21.84 20.11
CA GLU A 255 13.70 -20.74 19.51
C GLU A 255 13.57 -20.83 17.99
N HIS A 256 14.40 -21.61 17.32
CA HIS A 256 14.01 -22.02 15.98
C HIS A 256 12.78 -22.90 16.04
N ASN A 257 12.70 -23.77 17.05
CA ASN A 257 11.46 -24.41 17.43
C ASN A 257 10.66 -23.44 18.30
N ARG A 258 9.43 -23.83 18.64
CA ARG A 258 8.55 -23.03 19.49
C ARG A 258 8.15 -21.72 18.80
N LEU A 259 8.72 -21.47 17.61
CA LEU A 259 8.31 -20.37 16.74
C LEU A 259 7.77 -20.87 15.42
N ALA A 260 8.53 -21.73 14.72
CA ALA A 260 8.00 -22.36 13.52
C ALA A 260 6.81 -23.24 13.88
N SER A 261 6.90 -23.97 14.99
CA SER A 261 5.77 -24.78 15.45
C SER A 261 4.58 -23.89 15.77
N GLY A 262 4.81 -22.77 16.44
CA GLY A 262 3.72 -21.85 16.73
C GLY A 262 3.05 -21.35 15.47
N ASN A 263 3.84 -20.94 14.49
CA ASN A 263 3.29 -20.41 13.25
C ASN A 263 2.49 -21.47 12.50
N VAL A 264 3.04 -22.68 12.39
CA VAL A 264 2.36 -23.71 11.61
C VAL A 264 1.08 -24.16 12.31
N THR A 265 1.11 -24.32 13.64
CA THR A 265 -0.11 -24.69 14.35
C THR A 265 -1.15 -23.59 14.26
N MET A 266 -0.72 -22.33 14.37
CA MET A 266 -1.63 -21.20 14.24
C MET A 266 -2.29 -21.13 12.87
N GLY A 267 -1.53 -21.38 11.80
CA GLY A 267 -2.13 -21.40 10.48
C GLY A 267 -3.08 -22.57 10.31
N ASN A 268 -2.68 -23.73 10.82
CA ASN A 268 -3.49 -24.93 10.65
C ASN A 268 -4.80 -24.83 11.41
N ILE A 269 -4.81 -24.19 12.60
CA ILE A 269 -6.06 -24.06 13.35
C ILE A 269 -7.08 -23.25 12.56
N VAL A 270 -6.65 -22.12 12.01
CA VAL A 270 -7.57 -21.28 11.24
C VAL A 270 -8.03 -22.00 9.98
N LYS A 271 -7.09 -22.63 9.27
CA LYS A 271 -7.46 -23.35 8.05
C LYS A 271 -8.42 -24.50 8.33
N SER A 272 -8.20 -25.25 9.40
CA SER A 272 -9.10 -26.34 9.78
C SER A 272 -10.46 -25.83 10.27
N LEU A 273 -10.51 -24.68 10.94
CA LEU A 273 -11.81 -24.11 11.29
C LEU A 273 -12.59 -23.75 10.04
N ARG A 274 -11.92 -23.14 9.06
CA ARG A 274 -12.58 -22.87 7.78
C ARG A 274 -13.02 -24.16 7.10
N GLU A 275 -12.18 -25.20 7.17
CA GLU A 275 -12.51 -26.48 6.56
C GLU A 275 -13.76 -27.09 7.20
N ILE A 276 -13.84 -27.03 8.53
CA ILE A 276 -15.01 -27.56 9.23
C ILE A 276 -16.25 -26.75 8.86
N ASP A 277 -16.11 -25.43 8.77
CA ASP A 277 -17.26 -24.60 8.41
C ASP A 277 -17.75 -24.93 7.00
N ASP A 278 -16.82 -25.16 6.06
CA ASP A 278 -17.20 -25.29 4.66
C ASP A 278 -17.86 -26.62 4.36
N THR A 279 -17.32 -27.72 4.88
CA THR A 279 -17.75 -29.03 4.45
C THR A 279 -19.17 -29.33 4.92
N GLU A 280 -19.98 -29.89 4.03
CA GLU A 280 -21.29 -30.38 4.41
C GLU A 280 -21.15 -31.61 5.29
N TRP A 281 -21.92 -31.65 6.39
CA TRP A 281 -21.84 -32.75 7.32
C TRP A 281 -22.94 -33.78 7.15
N SER A 282 -24.00 -33.46 6.41
CA SER A 282 -25.05 -34.44 6.19
C SER A 282 -24.53 -35.67 5.47
N VAL A 283 -23.80 -35.46 4.37
CA VAL A 283 -23.28 -36.59 3.61
C VAL A 283 -22.26 -37.37 4.43
N TRP A 284 -21.47 -36.67 5.26
CA TRP A 284 -20.50 -37.35 6.11
C TRP A 284 -21.21 -38.27 7.10
N PHE A 285 -22.30 -37.79 7.71
CA PHE A 285 -23.06 -38.63 8.61
C PHE A 285 -23.73 -39.78 7.86
N GLU A 286 -24.14 -39.55 6.62
CA GLU A 286 -24.70 -40.64 5.81
C GLU A 286 -23.67 -41.74 5.61
N GLU A 287 -22.43 -41.35 5.32
CA GLU A 287 -21.39 -42.33 5.05
C GLU A 287 -20.93 -43.05 6.30
N VAL A 288 -20.87 -42.34 7.42
CA VAL A 288 -20.18 -42.86 8.60
C VAL A 288 -21.06 -43.75 9.47
N SER A 289 -22.28 -43.30 9.78
CA SER A 289 -23.09 -43.97 10.79
C SER A 289 -23.47 -45.38 10.37
N HIS A 290 -23.51 -46.29 11.36
CA HIS A 290 -23.84 -47.68 11.11
C HIS A 290 -25.34 -47.96 11.11
N ILE A 291 -26.14 -47.12 11.76
CA ILE A 291 -27.60 -47.25 11.62
C ILE A 291 -28.01 -46.98 10.18
N ASP A 292 -27.31 -46.06 9.51
CA ASP A 292 -27.53 -45.82 8.09
C ASP A 292 -27.22 -47.06 7.27
N LYS A 293 -26.17 -47.81 7.62
CA LYS A 293 -25.85 -49.04 6.92
C LYS A 293 -26.98 -50.06 7.05
N VAL A 294 -27.71 -50.03 8.17
CA VAL A 294 -28.85 -50.93 8.35
C VAL A 294 -29.99 -50.55 7.41
N LEU A 295 -30.21 -49.25 7.22
CA LEU A 295 -31.40 -48.81 6.49
C LEU A 295 -31.19 -48.80 4.99
N ARG A 296 -30.04 -48.31 4.50
CA ARG A 296 -29.89 -48.14 3.06
C ARG A 296 -30.07 -49.43 2.28
N GLU A 297 -29.90 -50.58 2.93
CA GLU A 297 -30.18 -51.86 2.29
C GLU A 297 -31.61 -52.28 2.59
N GLU A 298 -32.34 -52.62 1.52
CA GLU A 298 -33.68 -53.24 1.54
C GLU A 298 -34.82 -52.29 1.86
N THR A 299 -34.59 -50.97 1.91
CA THR A 299 -35.69 -50.03 2.09
C THR A 299 -35.38 -48.73 1.39
N ASP A 300 -36.41 -47.90 1.25
CA ASP A 300 -36.37 -46.66 0.48
C ASP A 300 -35.80 -45.48 1.27
N TYR A 301 -35.08 -45.75 2.36
CA TYR A 301 -34.65 -44.67 3.25
C TYR A 301 -33.73 -43.68 2.56
N GLU A 302 -33.10 -44.06 1.45
CA GLU A 302 -32.11 -43.20 0.81
C GLU A 302 -32.74 -42.09 -0.03
N ILE A 303 -34.02 -42.18 -0.35
CA ILE A 303 -34.64 -41.25 -1.29
C ILE A 303 -35.75 -40.45 -0.62
N LEU A 304 -35.61 -40.15 0.66
CA LEU A 304 -36.74 -39.58 1.39
C LEU A 304 -36.52 -38.20 1.99
N ASP A 305 -36.04 -37.23 1.20
CA ASP A 305 -36.20 -35.84 1.61
C ASP A 305 -35.54 -35.53 2.94
N PHE A 306 -34.22 -35.38 2.94
CA PHE A 306 -33.34 -35.49 4.10
C PHE A 306 -33.98 -35.11 5.43
N GLY A 307 -34.80 -34.06 5.46
CA GLY A 307 -35.54 -33.75 6.67
C GLY A 307 -36.35 -34.93 7.18
N SER A 308 -37.01 -35.66 6.28
CA SER A 308 -37.77 -36.83 6.71
C SER A 308 -36.85 -37.93 7.22
N ARG A 309 -35.67 -38.09 6.63
CA ARG A 309 -34.69 -39.02 7.16
C ARG A 309 -34.28 -38.64 8.57
N ASN A 310 -34.13 -37.35 8.82
CA ASN A 310 -33.84 -36.88 10.17
C ASN A 310 -34.98 -37.19 11.12
N THR A 311 -36.22 -37.07 10.65
CA THR A 311 -37.36 -37.46 11.48
C THR A 311 -37.31 -38.95 11.82
N TYR A 312 -36.96 -39.79 10.84
CA TYR A 312 -36.80 -41.22 11.10
C TYR A 312 -35.73 -41.46 12.16
N ARG A 313 -34.59 -40.79 12.03
CA ARG A 313 -33.50 -40.99 12.99
C ARG A 313 -33.89 -40.52 14.38
N ASN A 314 -34.61 -39.39 14.46
CA ASN A 314 -35.05 -38.91 15.76
C ASN A 314 -36.04 -39.87 16.40
N THR A 315 -36.94 -40.44 15.59
CA THR A 315 -37.85 -41.45 16.11
C THR A 315 -37.09 -42.66 16.64
N ILE A 316 -36.07 -43.10 15.90
CA ILE A 316 -35.29 -44.25 16.36
C ILE A 316 -34.57 -43.92 17.67
N GLU A 317 -33.98 -42.73 17.77
CA GLU A 317 -33.31 -42.35 19.01
C GLU A 317 -34.29 -42.28 20.17
N LEU A 318 -35.48 -41.72 19.93
CA LEU A 318 -36.46 -41.65 20.99
C LEU A 318 -36.87 -43.03 21.45
N LEU A 319 -37.02 -43.97 20.51
CA LEU A 319 -37.33 -45.35 20.88
C LEU A 319 -36.18 -45.98 21.67
N ALA A 320 -34.94 -45.74 21.26
CA ALA A 320 -33.82 -46.46 21.85
C ALA A 320 -33.45 -45.92 23.23
N ARG A 321 -33.51 -44.60 23.43
CA ARG A 321 -33.06 -44.03 24.69
C ARG A 321 -33.95 -44.45 25.86
N ARG A 322 -35.26 -44.48 25.65
CA ARG A 322 -36.20 -44.80 26.71
C ARG A 322 -36.53 -46.28 26.81
N SER A 323 -35.95 -47.13 25.95
CA SER A 323 -36.25 -48.54 26.01
C SER A 323 -34.97 -49.36 26.16
N PRO A 324 -35.04 -50.54 26.77
CA PRO A 324 -33.84 -51.36 26.94
C PRO A 324 -33.35 -51.96 25.63
N ARG A 325 -32.91 -51.11 24.72
CA ARG A 325 -32.42 -51.58 23.42
C ARG A 325 -31.61 -50.45 22.78
N THR A 326 -30.58 -50.85 22.03
CA THR A 326 -29.73 -49.87 21.36
C THR A 326 -30.36 -49.43 20.04
N GLU A 327 -29.65 -48.57 19.31
CA GLU A 327 -30.20 -48.03 18.07
C GLU A 327 -30.26 -49.08 16.97
N VAL A 328 -29.19 -49.87 16.81
CA VAL A 328 -29.12 -50.81 15.69
C VAL A 328 -30.19 -51.88 15.82
N GLU A 329 -30.36 -52.43 17.03
CA GLU A 329 -31.36 -53.48 17.22
C GLU A 329 -32.77 -52.94 17.05
N VAL A 330 -33.04 -51.72 17.52
CA VAL A 330 -34.34 -51.10 17.31
C VAL A 330 -34.60 -50.92 15.82
N ALA A 331 -33.60 -50.44 15.08
CA ALA A 331 -33.75 -50.25 13.64
C ALA A 331 -34.01 -51.57 12.92
N ARG A 332 -33.29 -52.63 13.28
CA ARG A 332 -33.50 -53.93 12.64
C ARG A 332 -34.88 -54.51 12.97
N ALA A 333 -35.33 -54.36 14.21
CA ALA A 333 -36.69 -54.80 14.56
C ALA A 333 -37.72 -54.01 13.78
N ALA A 334 -37.49 -52.70 13.60
CA ALA A 334 -38.39 -51.90 12.79
C ALA A 334 -38.42 -52.38 11.34
N VAL A 335 -37.24 -52.74 10.81
CA VAL A 335 -37.19 -53.25 9.44
C VAL A 335 -37.99 -54.53 9.32
N GLU A 336 -37.86 -55.43 10.29
CA GLU A 336 -38.62 -56.68 10.25
C GLU A 336 -40.12 -56.42 10.35
N MET A 337 -40.53 -55.53 11.27
CA MET A 337 -41.95 -55.24 11.42
C MET A 337 -42.52 -54.57 10.18
N ALA A 338 -41.71 -53.77 9.49
CA ALA A 338 -42.15 -53.19 8.22
C ALA A 338 -42.19 -54.22 7.11
N ARG A 339 -41.26 -55.19 7.12
CA ARG A 339 -41.33 -56.29 6.17
C ARG A 339 -42.64 -57.05 6.33
N SER A 340 -43.11 -57.18 7.56
CA SER A 340 -44.39 -57.83 7.80
C SER A 340 -45.59 -57.03 7.28
N ASP A 341 -45.37 -55.89 6.61
CA ASP A 341 -46.48 -55.01 6.23
C ASP A 341 -47.09 -55.38 4.88
N LEU A 342 -46.39 -56.18 4.07
CA LEU A 342 -46.75 -56.51 2.69
C LEU A 342 -46.52 -55.27 1.82
N PRO A 343 -46.06 -55.43 0.57
CA PRO A 343 -45.76 -54.24 -0.25
C PRO A 343 -46.97 -53.35 -0.48
N ALA A 344 -48.04 -53.87 -1.08
CA ALA A 344 -49.28 -53.13 -1.30
C ALA A 344 -49.03 -51.80 -1.99
N GLY A 345 -48.52 -51.88 -3.21
CA GLY A 345 -48.24 -50.68 -3.98
C GLY A 345 -47.86 -51.02 -5.40
N ALA A 346 -47.73 -49.98 -6.22
CA ALA A 346 -47.38 -50.15 -7.62
C ALA A 346 -45.87 -50.15 -7.82
N ASP A 347 -45.19 -49.06 -7.46
CA ASP A 347 -43.73 -49.03 -7.53
C ASP A 347 -43.12 -49.85 -6.40
N GLU A 348 -43.80 -49.90 -5.25
CA GLU A 348 -43.27 -50.61 -4.10
C GLU A 348 -43.55 -52.10 -4.20
N ASN A 349 -42.65 -52.84 -4.84
CA ASN A 349 -42.66 -54.29 -4.84
C ASN A 349 -41.32 -54.74 -4.28
N HIS A 350 -40.28 -53.95 -4.56
CA HIS A 350 -38.98 -54.05 -3.94
C HIS A 350 -38.80 -52.91 -2.95
N ARG A 351 -37.85 -53.09 -2.02
CA ARG A 351 -37.67 -52.23 -0.86
C ARG A 351 -38.89 -52.29 0.05
N VAL A 352 -38.77 -51.87 1.30
CA VAL A 352 -39.84 -51.99 2.28
C VAL A 352 -40.14 -50.60 2.83
N ASN A 353 -41.41 -50.36 3.15
CA ASN A 353 -41.83 -49.08 3.71
C ASN A 353 -41.63 -49.09 5.22
N VAL A 354 -40.51 -48.52 5.68
CA VAL A 354 -40.22 -48.47 7.10
C VAL A 354 -41.08 -47.45 7.84
N GLY A 355 -41.40 -46.32 7.20
CA GLY A 355 -42.11 -45.25 7.89
C GLY A 355 -43.45 -45.65 8.45
N SER A 356 -44.05 -46.73 7.94
CA SER A 356 -45.36 -47.16 8.43
C SER A 356 -45.31 -47.61 9.89
N VAL A 357 -44.13 -47.98 10.40
CA VAL A 357 -44.02 -48.43 11.78
C VAL A 357 -43.37 -47.40 12.69
N LEU A 358 -42.62 -46.44 12.14
CA LEU A 358 -41.98 -45.42 12.97
C LEU A 358 -42.85 -44.18 13.12
N VAL A 359 -43.44 -43.71 12.03
CA VAL A 359 -44.19 -42.46 12.03
C VAL A 359 -45.54 -42.67 11.36
N GLY A 360 -45.79 -43.89 10.89
CA GLY A 360 -46.99 -44.22 10.17
C GLY A 360 -48.11 -44.68 11.07
N GLN A 361 -48.99 -45.53 10.52
CA GLN A 361 -50.14 -46.02 11.28
C GLN A 361 -49.73 -46.97 12.39
N ARG A 362 -48.69 -47.78 12.17
CA ARG A 362 -48.29 -48.80 13.14
C ARG A 362 -47.24 -48.31 14.11
N ARG A 363 -47.25 -47.02 14.44
CA ARG A 363 -46.30 -46.49 15.42
C ARG A 363 -46.51 -47.14 16.79
N PHE A 364 -47.75 -47.13 17.28
CA PHE A 364 -48.02 -47.64 18.62
C PHE A 364 -47.79 -49.13 18.72
N GLU A 365 -48.02 -49.87 17.64
CA GLU A 365 -47.78 -51.31 17.66
C GLU A 365 -46.32 -51.61 17.94
N LEU A 366 -45.42 -50.95 17.22
CA LEU A 366 -43.99 -51.17 17.46
C LEU A 366 -43.58 -50.60 18.82
N GLU A 367 -44.18 -49.50 19.23
CA GLU A 367 -43.84 -48.93 20.53
C GLU A 367 -44.17 -49.88 21.66
N LYS A 368 -45.32 -50.55 21.59
CA LYS A 368 -45.69 -51.49 22.64
C LYS A 368 -44.95 -52.81 22.51
N ALA A 369 -44.64 -53.25 21.29
CA ALA A 369 -43.92 -54.52 21.13
C ALA A 369 -42.47 -54.38 21.57
N LEU A 370 -41.87 -53.22 21.34
CA LEU A 370 -40.45 -53.04 21.65
C LEU A 370 -40.21 -52.90 23.15
N GLY A 371 -41.12 -52.25 23.84
CA GLY A 371 -40.96 -51.94 25.25
C GLY A 371 -40.74 -50.47 25.56
N TYR A 372 -41.07 -49.57 24.65
CA TYR A 372 -40.86 -48.14 24.87
C TYR A 372 -41.73 -47.63 26.02
N ARG A 373 -41.17 -46.74 26.82
CA ARG A 373 -41.90 -46.10 27.91
C ARG A 373 -42.23 -44.67 27.51
N PRO A 374 -43.49 -44.36 27.20
CA PRO A 374 -43.80 -43.03 26.66
C PRO A 374 -43.57 -41.92 27.68
N LEU A 375 -43.25 -40.75 27.15
CA LEU A 375 -43.09 -39.56 27.99
C LEU A 375 -44.45 -39.03 28.42
N ALA A 376 -44.45 -38.28 29.52
CA ALA A 376 -45.68 -37.70 30.04
C ALA A 376 -46.32 -36.76 29.03
N SER A 377 -45.51 -35.93 28.36
CA SER A 377 -46.02 -35.06 27.32
C SER A 377 -46.66 -35.86 26.19
N GLN A 378 -46.05 -36.99 25.84
CA GLN A 378 -46.64 -37.86 24.83
C GLN A 378 -47.99 -38.39 25.26
N HIS A 379 -48.12 -38.79 26.54
CA HIS A 379 -49.40 -39.26 27.04
C HIS A 379 -50.46 -38.17 26.97
N ILE A 380 -50.09 -36.95 27.38
CA ILE A 380 -51.05 -35.84 27.35
C ILE A 380 -51.48 -35.55 25.93
N VAL A 381 -50.52 -35.50 25.00
CA VAL A 381 -50.84 -35.22 23.61
C VAL A 381 -51.74 -36.31 23.03
N ARG A 382 -51.43 -37.58 23.33
CA ARG A 382 -52.25 -38.67 22.82
C ARG A 382 -53.67 -38.61 23.38
N SER A 383 -53.81 -38.26 24.65
CA SER A 383 -55.14 -38.08 25.22
C SER A 383 -55.90 -36.97 24.50
N MET A 384 -55.22 -35.85 24.22
CA MET A 384 -55.86 -34.76 23.50
C MET A 384 -56.29 -35.18 22.10
N ARG A 385 -55.44 -35.95 21.41
CA ARG A 385 -55.80 -36.44 20.08
C ARG A 385 -57.01 -37.36 20.14
N LYS A 386 -57.06 -38.26 21.14
CA LYS A 386 -58.21 -39.15 21.25
C LYS A 386 -59.48 -38.38 21.61
N PHE A 387 -59.36 -37.28 22.34
CA PHE A 387 -60.54 -36.46 22.60
C PHE A 387 -60.96 -35.66 21.37
N ASN A 388 -60.09 -35.58 20.37
CA ASN A 388 -60.38 -34.97 19.08
C ASN A 388 -60.62 -33.47 19.21
N TRP A 389 -61.80 -33.01 18.79
CA TRP A 389 -62.12 -31.59 18.80
C TRP A 389 -62.46 -31.07 20.19
N LEU A 390 -62.72 -31.96 21.15
CA LEU A 390 -62.93 -31.51 22.52
C LEU A 390 -61.67 -30.89 23.10
N ALA A 391 -60.49 -31.39 22.72
CA ALA A 391 -59.24 -30.84 23.22
C ALA A 391 -59.02 -29.40 22.80
N ILE A 392 -59.70 -28.95 21.75
CA ILE A 392 -59.61 -27.56 21.31
C ILE A 392 -60.79 -26.74 21.83
N ALA A 393 -61.98 -27.33 21.87
CA ALA A 393 -63.16 -26.59 22.29
C ALA A 393 -63.15 -26.30 23.79
N ALA A 394 -62.80 -27.31 24.60
CA ALA A 394 -62.95 -27.16 26.05
C ALA A 394 -62.05 -26.07 26.63
N PRO A 395 -60.74 -25.99 26.31
CA PRO A 395 -59.92 -24.93 26.94
C PRO A 395 -60.42 -23.52 26.68
N VAL A 396 -60.74 -23.19 25.43
CA VAL A 396 -61.14 -21.83 25.11
C VAL A 396 -62.47 -21.49 25.77
N LEU A 397 -63.42 -22.43 25.76
CA LEU A 397 -64.69 -22.19 26.42
C LEU A 397 -64.51 -22.02 27.92
N LEU A 398 -63.61 -22.80 28.52
CA LEU A 398 -63.34 -22.64 29.95
C LEU A 398 -62.77 -21.26 30.25
N ILE A 399 -61.83 -20.80 29.41
CA ILE A 399 -61.23 -19.48 29.63
C ILE A 399 -62.30 -18.39 29.48
N THR A 400 -63.17 -18.53 28.49
CA THR A 400 -64.26 -17.57 28.31
C THR A 400 -65.18 -17.56 29.53
N ALA A 401 -65.49 -18.75 30.07
CA ALA A 401 -66.34 -18.82 31.25
C ALA A 401 -65.68 -18.15 32.45
N VAL A 402 -64.37 -18.34 32.63
CA VAL A 402 -63.66 -17.65 33.70
C VAL A 402 -63.76 -16.14 33.52
N ALA A 403 -63.55 -15.67 32.30
CA ALA A 403 -63.65 -14.24 32.04
C ALA A 403 -65.06 -13.72 32.33
N MET A 404 -66.08 -14.48 31.93
CA MET A 404 -67.46 -14.07 32.19
C MET A 404 -67.75 -13.99 33.68
N LEU A 405 -67.33 -15.00 34.44
CA LEU A 405 -67.59 -14.95 35.89
C LEU A 405 -66.84 -13.79 36.54
N ALA A 406 -65.61 -13.54 36.12
CA ALA A 406 -64.85 -12.43 36.70
C ALA A 406 -65.52 -11.10 36.41
N VAL A 407 -65.92 -10.88 35.15
CA VAL A 407 -66.53 -9.60 34.80
C VAL A 407 -67.91 -9.45 35.46
N GLY A 408 -68.65 -10.55 35.55
CA GLY A 408 -69.99 -10.50 36.13
C GLY A 408 -69.96 -10.30 37.63
N TRP A 409 -68.86 -10.70 38.27
CA TRP A 409 -68.66 -10.32 39.67
C TRP A 409 -68.04 -8.95 39.83
N PHE A 410 -67.42 -8.38 38.80
CA PHE A 410 -66.96 -6.99 38.85
C PHE A 410 -67.93 -5.99 38.27
N LEU A 411 -69.12 -6.42 37.83
CA LEU A 411 -70.08 -5.48 37.26
C LEU A 411 -71.39 -5.38 38.02
N ALA A 412 -71.87 -6.47 38.62
CA ALA A 412 -73.26 -6.59 39.05
C ALA A 412 -73.64 -5.65 40.19
N LYS A 413 -72.75 -4.74 40.56
CA LYS A 413 -72.98 -3.88 41.72
C LYS A 413 -73.96 -2.75 41.42
N ALA A 414 -74.22 -2.44 40.14
CA ALA A 414 -74.99 -1.26 39.75
C ALA A 414 -76.43 -1.58 39.38
N GLY A 415 -77.07 -2.52 40.07
CA GLY A 415 -78.47 -2.85 39.86
C GLY A 415 -78.75 -3.87 38.76
N MET A 416 -78.78 -3.45 37.48
CA MET A 416 -78.91 -4.40 36.37
C MET A 416 -80.01 -5.43 36.55
N PRO A 417 -81.25 -5.10 36.18
CA PRO A 417 -82.42 -5.94 36.51
C PRO A 417 -82.28 -7.45 36.30
N TRP A 418 -81.11 -7.90 35.83
CA TRP A 418 -80.73 -9.31 35.74
C TRP A 418 -81.26 -9.95 34.46
N TYR A 419 -81.77 -9.11 33.56
CA TYR A 419 -82.01 -9.51 32.17
C TYR A 419 -81.14 -8.72 31.21
N VAL A 420 -80.16 -7.97 31.71
CA VAL A 420 -79.21 -7.24 30.88
C VAL A 420 -77.81 -7.76 31.17
N VAL A 421 -77.62 -8.37 32.34
CA VAL A 421 -76.32 -8.93 32.68
C VAL A 421 -75.97 -10.07 31.73
N THR A 422 -76.96 -10.91 31.40
CA THR A 422 -76.72 -12.00 30.45
C THR A 422 -76.33 -11.44 29.09
N ALA A 423 -77.00 -10.37 28.65
CA ALA A 423 -76.66 -9.75 27.38
C ALA A 423 -75.23 -9.22 27.39
N PHE A 424 -74.85 -8.54 28.47
CA PHE A 424 -73.48 -8.02 28.56
C PHE A 424 -72.45 -9.14 28.57
N LEU A 425 -72.75 -10.22 29.29
CA LEU A 425 -71.82 -11.36 29.31
C LEU A 425 -71.66 -11.98 27.93
N LEU A 426 -72.77 -12.22 27.24
CA LEU A 426 -72.67 -12.86 25.93
C LEU A 426 -72.04 -11.94 24.90
N MET A 427 -72.21 -10.62 25.05
CA MET A 427 -71.62 -9.68 24.10
C MET A 427 -70.14 -9.44 24.39
N PHE A 428 -69.71 -9.62 25.64
CA PHE A 428 -68.30 -9.52 25.97
C PHE A 428 -67.58 -10.84 25.73
N ALA A 429 -68.33 -11.93 25.60
CA ALA A 429 -67.69 -13.23 25.41
C ALA A 429 -66.84 -13.29 24.15
N LEU A 430 -67.34 -12.71 23.04
CA LEU A 430 -66.65 -12.88 21.77
C LEU A 430 -65.26 -12.25 21.76
N PRO A 431 -65.05 -11.00 22.19
CA PRO A 431 -63.67 -10.54 22.36
C PRO A 431 -62.90 -11.38 23.37
N ALA A 432 -63.56 -11.81 24.45
CA ALA A 432 -62.92 -12.71 25.39
C ALA A 432 -62.62 -14.05 24.75
N SER A 433 -63.48 -14.51 23.84
CA SER A 433 -63.19 -15.74 23.11
C SER A 433 -61.96 -15.58 22.24
N GLU A 434 -61.81 -14.42 21.59
CA GLU A 434 -60.60 -14.18 20.80
C GLU A 434 -59.36 -14.19 21.67
N GLY A 435 -59.43 -13.55 22.83
CA GLY A 435 -58.30 -13.59 23.75
C GLY A 435 -57.98 -15.00 24.21
N ALA A 436 -59.01 -15.80 24.48
CA ALA A 436 -58.81 -17.17 24.89
C ALA A 436 -58.15 -17.99 23.79
N THR A 437 -58.59 -17.81 22.54
CA THR A 437 -57.96 -18.51 21.44
C THR A 437 -56.51 -18.10 21.27
N GLY A 438 -56.21 -16.82 21.44
CA GLY A 438 -54.81 -16.39 21.38
C GLY A 438 -53.97 -17.03 22.46
N LEU A 439 -54.49 -17.07 23.68
CA LEU A 439 -53.74 -17.68 24.77
C LEU A 439 -53.53 -19.17 24.53
N PHE A 440 -54.56 -19.86 24.06
CA PHE A 440 -54.42 -21.29 23.75
C PHE A 440 -53.41 -21.51 22.64
N ASN A 441 -53.43 -20.64 21.63
CA ASN A 441 -52.44 -20.69 20.57
C ASN A 441 -51.03 -20.63 21.14
N THR A 442 -50.81 -19.65 22.03
CA THR A 442 -49.48 -19.47 22.62
C THR A 442 -49.06 -20.69 23.43
N LEU A 443 -49.95 -21.22 24.26
CA LEU A 443 -49.59 -22.37 25.07
C LEU A 443 -49.31 -23.60 24.21
N VAL A 444 -50.13 -23.85 23.19
CA VAL A 444 -49.92 -25.02 22.36
C VAL A 444 -48.60 -24.91 21.59
N THR A 445 -48.32 -23.74 21.01
CA THR A 445 -47.05 -23.60 20.31
C THR A 445 -45.87 -23.61 21.28
N PHE A 446 -46.13 -23.35 22.57
CA PHE A 446 -45.08 -23.41 23.57
C PHE A 446 -44.78 -24.86 23.97
N PHE A 447 -45.80 -25.73 24.01
CA PHE A 447 -45.62 -27.09 24.52
C PHE A 447 -45.55 -28.15 23.45
N VAL A 448 -46.18 -27.97 22.29
CA VAL A 448 -46.33 -29.02 21.29
C VAL A 448 -45.37 -28.76 20.16
N LYS A 449 -44.64 -29.80 19.75
CA LYS A 449 -43.73 -29.68 18.62
C LYS A 449 -44.53 -29.63 17.32
N PRO A 450 -44.03 -28.95 16.30
CA PRO A 450 -44.77 -28.86 15.04
C PRO A 450 -44.81 -30.20 14.30
N PHE A 451 -45.72 -30.27 13.34
CA PHE A 451 -45.97 -31.49 12.59
C PHE A 451 -45.40 -31.40 11.18
N ARG A 452 -44.83 -32.52 10.72
CA ARG A 452 -44.24 -32.58 9.39
C ARG A 452 -44.69 -33.85 8.67
N LEU A 453 -44.96 -33.71 7.39
CA LEU A 453 -45.34 -34.83 6.53
C LEU A 453 -44.11 -35.32 5.77
N VAL A 454 -43.89 -36.63 5.81
CA VAL A 454 -42.76 -37.23 5.08
C VAL A 454 -43.12 -37.32 3.60
N GLY A 455 -42.10 -37.17 2.76
CA GLY A 455 -42.33 -37.22 1.32
C GLY A 455 -41.07 -37.61 0.59
N TYR A 456 -41.25 -37.98 -0.68
CA TYR A 456 -40.13 -38.33 -1.53
C TYR A 456 -39.31 -37.10 -1.86
N GLU A 457 -38.08 -37.33 -2.32
CA GLU A 457 -37.21 -36.29 -2.85
C GLU A 457 -37.01 -36.58 -4.33
N PHE A 458 -37.81 -35.93 -5.17
CA PHE A 458 -37.72 -36.13 -6.62
C PHE A 458 -36.57 -35.29 -7.14
N LYS A 459 -35.36 -35.81 -6.98
CA LYS A 459 -34.16 -35.07 -7.39
C LYS A 459 -34.15 -34.88 -8.90
N ASN A 460 -34.40 -35.95 -9.66
CA ASN A 460 -34.48 -35.81 -11.11
C ASN A 460 -35.68 -34.95 -11.51
N GLY A 461 -36.79 -35.14 -10.85
CA GLY A 461 -38.02 -34.43 -11.17
C GLY A 461 -39.21 -35.32 -10.91
N ILE A 462 -40.39 -34.76 -11.14
CA ILE A 462 -41.63 -35.52 -10.95
C ILE A 462 -41.67 -36.60 -12.00
N PRO A 463 -41.75 -37.87 -11.61
CA PRO A 463 -41.72 -38.96 -12.59
C PRO A 463 -43.11 -39.32 -13.09
N GLU A 464 -43.12 -40.27 -14.03
CA GLU A 464 -44.39 -40.82 -14.48
C GLU A 464 -45.05 -41.56 -13.32
N ASP A 465 -46.32 -41.93 -13.53
CA ASP A 465 -47.23 -42.46 -12.52
C ASP A 465 -47.64 -41.36 -11.54
N ALA A 466 -47.24 -40.11 -11.80
CA ALA A 466 -47.69 -38.97 -11.02
C ALA A 466 -47.52 -37.74 -11.89
N ARG A 467 -48.64 -37.21 -12.39
CA ARG A 467 -48.61 -36.06 -13.28
C ARG A 467 -49.50 -34.98 -12.70
N THR A 468 -49.10 -33.72 -12.87
CA THR A 468 -49.79 -32.61 -12.25
C THR A 468 -50.12 -31.53 -13.28
N LEU A 469 -51.35 -31.05 -13.25
CA LEU A 469 -51.77 -29.87 -13.99
C LEU A 469 -51.85 -28.70 -13.03
N VAL A 470 -51.12 -27.64 -13.33
CA VAL A 470 -51.22 -26.39 -12.59
C VAL A 470 -52.31 -25.59 -13.29
N ALA A 471 -53.56 -25.84 -12.89
CA ALA A 471 -54.72 -25.23 -13.54
C ALA A 471 -55.09 -23.95 -12.80
N VAL A 472 -54.69 -22.82 -13.36
CA VAL A 472 -54.94 -21.51 -12.76
C VAL A 472 -56.36 -21.09 -13.12
N PRO A 473 -57.26 -20.93 -12.15
CA PRO A 473 -58.62 -20.50 -12.49
C PRO A 473 -58.69 -18.99 -12.55
N CYS A 474 -59.06 -18.47 -13.73
CA CYS A 474 -59.06 -17.03 -13.96
C CYS A 474 -60.17 -16.71 -14.95
N MET A 475 -60.21 -15.44 -15.36
CA MET A 475 -61.32 -14.97 -16.17
C MET A 475 -60.74 -14.16 -17.33
N LEU A 476 -61.58 -13.82 -18.30
CA LEU A 476 -61.10 -13.06 -19.46
C LEU A 476 -62.02 -11.85 -19.72
N THR A 477 -61.73 -10.76 -19.03
CA THR A 477 -62.17 -9.43 -19.45
C THR A 477 -61.02 -8.69 -20.13
N SER A 478 -60.52 -9.31 -21.20
CA SER A 478 -59.15 -9.08 -21.64
C SER A 478 -59.09 -8.43 -23.03
N ARG A 479 -57.85 -8.35 -23.52
CA ARG A 479 -57.34 -7.65 -24.70
C ARG A 479 -55.84 -7.51 -24.50
N ASP A 480 -55.45 -7.00 -23.33
CA ASP A 480 -54.08 -7.06 -22.86
C ASP A 480 -53.91 -7.95 -21.63
N SER A 481 -55.00 -8.26 -20.92
CA SER A 481 -54.91 -9.13 -19.76
C SER A 481 -54.46 -10.54 -20.14
N VAL A 482 -54.74 -10.95 -21.37
CA VAL A 482 -54.24 -12.24 -21.84
C VAL A 482 -52.71 -12.26 -21.82
N ASP A 483 -52.09 -11.14 -22.23
CA ASP A 483 -50.64 -11.07 -22.25
C ASP A 483 -50.06 -11.29 -20.86
N GLU A 484 -50.53 -10.54 -19.87
CA GLU A 484 -49.98 -10.66 -18.52
C GLU A 484 -50.35 -12.00 -17.90
N MET A 485 -51.52 -12.53 -18.25
CA MET A 485 -51.94 -13.79 -17.65
C MET A 485 -51.10 -14.95 -18.17
N MET A 486 -50.82 -14.97 -19.48
CA MET A 486 -49.96 -15.99 -20.03
C MET A 486 -48.51 -15.78 -19.58
N ARG A 487 -48.13 -14.53 -19.32
CA ARG A 487 -46.85 -14.28 -18.68
C ARG A 487 -46.79 -14.89 -17.28
N ASN A 488 -47.89 -14.80 -16.53
CA ASN A 488 -47.94 -15.44 -15.22
C ASN A 488 -47.80 -16.96 -15.35
N ILE A 489 -48.45 -17.54 -16.37
CA ILE A 489 -48.28 -18.97 -16.61
C ILE A 489 -46.82 -19.30 -16.93
N GLU A 490 -46.18 -18.46 -17.74
CA GLU A 490 -44.77 -18.67 -18.06
C GLU A 490 -43.90 -18.60 -16.82
N VAL A 491 -44.19 -17.66 -15.93
CA VAL A 491 -43.44 -17.53 -14.68
C VAL A 491 -43.63 -18.77 -13.82
N HIS A 492 -44.88 -19.25 -13.72
CA HIS A 492 -45.14 -20.46 -12.96
C HIS A 492 -44.36 -21.64 -13.53
N TYR A 493 -44.29 -21.75 -14.85
CA TYR A 493 -43.50 -22.83 -15.46
C TYR A 493 -42.03 -22.68 -15.13
N LEU A 494 -41.48 -21.46 -15.27
CA LEU A 494 -40.07 -21.24 -15.01
C LEU A 494 -39.72 -21.46 -13.55
N ALA A 495 -40.70 -21.36 -12.64
CA ALA A 495 -40.43 -21.65 -11.24
C ALA A 495 -40.07 -23.11 -11.03
N ASN A 496 -40.49 -23.99 -11.94
CA ASN A 496 -40.18 -25.42 -11.82
C ASN A 496 -40.33 -26.07 -13.19
N PRO A 497 -39.28 -26.07 -13.99
CA PRO A 497 -39.36 -26.70 -15.32
C PRO A 497 -39.25 -28.22 -15.27
N HIS A 498 -38.43 -28.73 -14.35
CA HIS A 498 -38.13 -30.15 -14.33
C HIS A 498 -39.35 -30.98 -13.93
N GLY A 499 -39.41 -32.18 -14.48
CA GLY A 499 -40.45 -33.14 -14.14
C GLY A 499 -41.57 -33.15 -15.16
N GLU A 500 -42.52 -34.07 -14.92
CA GLU A 500 -43.70 -34.21 -15.78
C GLU A 500 -44.81 -33.31 -15.25
N ILE A 501 -44.65 -32.01 -15.52
CA ILE A 501 -45.59 -31.00 -15.08
C ILE A 501 -46.15 -30.31 -16.32
N TYR A 502 -47.47 -30.21 -16.39
CA TYR A 502 -48.14 -29.51 -17.48
C TYR A 502 -49.01 -28.40 -16.90
N PHE A 503 -49.07 -27.28 -17.61
CA PHE A 503 -49.74 -26.08 -17.13
C PHE A 503 -50.95 -25.76 -17.99
N SER A 504 -52.01 -25.27 -17.35
CA SER A 504 -53.26 -25.00 -18.04
C SER A 504 -53.90 -23.75 -17.45
N LEU A 505 -54.82 -23.16 -18.21
CA LEU A 505 -55.53 -21.94 -17.84
C LEU A 505 -57.01 -22.13 -18.07
N VAL A 506 -57.73 -22.63 -17.06
CA VAL A 506 -59.17 -22.71 -17.14
C VAL A 506 -59.77 -21.31 -16.95
N SER A 507 -60.71 -20.94 -17.82
CA SER A 507 -61.16 -19.55 -17.86
C SER A 507 -62.55 -19.47 -18.47
N ASP A 508 -63.15 -18.29 -18.36
CA ASP A 508 -64.51 -18.02 -18.82
C ASP A 508 -64.63 -16.54 -19.17
N TRP A 509 -65.59 -16.20 -20.04
CA TRP A 509 -65.77 -14.80 -20.44
C TRP A 509 -66.86 -14.11 -19.60
N ARG A 510 -66.69 -14.22 -18.28
CA ARG A 510 -67.56 -13.60 -17.28
C ARG A 510 -68.97 -14.16 -17.43
N ASP A 511 -69.98 -13.35 -17.11
CA ASP A 511 -71.37 -13.75 -17.16
C ASP A 511 -72.12 -12.82 -18.11
N ALA A 512 -73.18 -13.36 -18.73
CA ALA A 512 -73.97 -12.62 -19.70
C ALA A 512 -75.38 -13.18 -19.74
N PRO A 513 -76.41 -12.33 -19.81
CA PRO A 513 -77.79 -12.86 -19.94
C PRO A 513 -77.96 -13.75 -21.14
N TYR A 514 -77.33 -13.40 -22.26
CA TYR A 514 -77.31 -14.25 -23.43
C TYR A 514 -76.32 -15.40 -23.25
N GLU A 515 -76.55 -16.48 -24.00
CA GLU A 515 -75.66 -17.64 -23.89
C GLU A 515 -74.32 -17.37 -24.54
N GLN A 516 -74.30 -16.68 -25.68
CA GLN A 516 -73.07 -16.34 -26.38
C GLN A 516 -73.33 -15.30 -27.47
N SER A 517 -72.49 -14.28 -27.54
CA SER A 517 -72.61 -13.24 -28.56
C SER A 517 -71.70 -13.49 -29.76
N ASP A 518 -70.80 -14.45 -29.66
CA ASP A 518 -69.81 -14.81 -30.68
C ASP A 518 -68.79 -13.71 -30.92
N GLU A 519 -68.90 -12.57 -30.25
CA GLU A 519 -67.87 -11.53 -30.35
C GLU A 519 -66.63 -11.89 -29.54
N ASP A 520 -66.76 -12.78 -28.55
CA ASP A 520 -65.63 -13.21 -27.74
C ASP A 520 -64.64 -14.08 -28.50
N LEU A 521 -65.01 -14.53 -29.70
CA LEU A 521 -64.14 -15.42 -30.46
C LEU A 521 -62.84 -14.72 -30.86
N GLU A 522 -62.85 -13.40 -31.01
CA GLU A 522 -61.62 -12.70 -31.38
C GLU A 522 -60.60 -12.76 -30.25
N ILE A 523 -61.02 -12.48 -29.01
CA ILE A 523 -60.11 -12.57 -27.88
C ILE A 523 -59.74 -14.02 -27.63
N LEU A 524 -60.67 -14.95 -27.92
CA LEU A 524 -60.34 -16.37 -27.79
C LEU A 524 -59.24 -16.77 -28.75
N ASP A 525 -59.32 -16.32 -30.00
CA ASP A 525 -58.28 -16.62 -30.98
C ASP A 525 -56.96 -15.95 -30.61
N TYR A 526 -57.04 -14.73 -30.05
CA TYR A 526 -55.81 -14.09 -29.57
C TYR A 526 -55.16 -14.92 -28.47
N ALA A 527 -55.95 -15.42 -27.53
CA ALA A 527 -55.41 -16.26 -26.47
C ALA A 527 -54.83 -17.55 -27.03
N LYS A 528 -55.50 -18.15 -28.02
CA LYS A 528 -54.98 -19.37 -28.61
C LYS A 528 -53.66 -19.12 -29.33
N ARG A 529 -53.55 -17.98 -30.02
CA ARG A 529 -52.29 -17.63 -30.69
C ARG A 529 -51.17 -17.41 -29.69
N GLU A 530 -51.48 -16.75 -28.56
CA GLU A 530 -50.46 -16.57 -27.53
C GLU A 530 -50.04 -17.90 -26.93
N LEU A 531 -51.01 -18.81 -26.73
CA LEU A 531 -50.69 -20.15 -26.26
C LEU A 531 -49.77 -20.87 -27.25
N ALA A 532 -50.06 -20.73 -28.54
CA ALA A 532 -49.19 -21.33 -29.55
C ALA A 532 -47.79 -20.75 -29.48
N ALA A 533 -47.69 -19.44 -29.26
CA ALA A 533 -46.39 -18.79 -29.13
C ALA A 533 -45.61 -19.36 -27.95
N LEU A 534 -46.27 -19.48 -26.79
CA LEU A 534 -45.60 -20.04 -25.62
C LEU A 534 -45.17 -21.48 -25.87
N ASN A 535 -46.06 -22.28 -26.46
CA ASN A 535 -45.72 -23.67 -26.73
C ASN A 535 -44.53 -23.78 -27.67
N SER A 536 -44.50 -22.95 -28.71
CA SER A 536 -43.38 -22.95 -29.65
C SER A 536 -42.09 -22.54 -28.96
N ARG A 537 -42.15 -21.51 -28.10
CA ARG A 537 -40.93 -21.05 -27.45
C ARG A 537 -40.42 -22.08 -26.45
N TYR A 538 -41.31 -22.87 -25.86
CA TYR A 538 -40.86 -23.84 -24.86
C TYR A 538 -41.24 -25.26 -25.23
N ALA A 539 -40.98 -25.64 -26.48
CA ALA A 539 -41.22 -26.99 -26.97
C ALA A 539 -39.90 -27.73 -27.04
N PHE A 540 -39.74 -28.73 -26.19
CA PHE A 540 -38.57 -29.61 -26.22
C PHE A 540 -39.02 -31.05 -26.02
N ASP A 541 -38.42 -31.95 -26.81
CA ASP A 541 -38.73 -33.37 -26.77
C ASP A 541 -40.20 -33.64 -27.07
N GLY A 542 -40.81 -32.79 -27.89
CA GLY A 542 -42.19 -32.98 -28.29
C GLY A 542 -43.18 -32.93 -27.15
N LYS A 543 -43.02 -31.96 -26.26
CA LYS A 543 -43.87 -31.81 -25.08
C LYS A 543 -44.71 -30.54 -25.22
N THR A 544 -46.02 -30.69 -25.09
CA THR A 544 -46.94 -29.54 -25.09
C THR A 544 -47.26 -29.22 -23.64
N ARG A 545 -46.38 -28.42 -23.04
CA ARG A 545 -46.49 -28.14 -21.61
C ARG A 545 -47.71 -27.29 -21.29
N PHE A 546 -48.02 -26.31 -22.13
CA PHE A 546 -49.05 -25.32 -21.84
C PHE A 546 -50.34 -25.64 -22.59
N TYR A 547 -51.45 -25.57 -21.87
CA TYR A 547 -52.78 -25.85 -22.41
C TYR A 547 -53.73 -24.72 -22.04
N LEU A 548 -54.79 -24.60 -22.82
CA LEU A 548 -55.84 -23.62 -22.56
C LEU A 548 -57.18 -24.32 -22.52
N LEU A 549 -57.99 -24.00 -21.51
CA LEU A 549 -59.33 -24.56 -21.36
C LEU A 549 -60.30 -23.41 -21.11
N HIS A 550 -61.38 -23.38 -21.88
CA HIS A 550 -62.36 -22.31 -21.79
C HIS A 550 -63.75 -22.91 -21.79
N ARG A 551 -64.65 -22.31 -21.02
CA ARG A 551 -65.96 -22.89 -20.75
C ARG A 551 -67.07 -22.10 -21.45
N ARG A 552 -68.04 -22.84 -22.01
CA ARG A 552 -69.11 -22.27 -22.81
C ARG A 552 -70.24 -21.68 -21.98
N ARG A 553 -70.33 -22.02 -20.69
CA ARG A 553 -71.36 -21.54 -19.76
C ARG A 553 -72.73 -22.12 -20.06
N ILE A 554 -73.52 -22.34 -19.00
CA ILE A 554 -74.91 -22.76 -19.12
C ILE A 554 -75.75 -21.85 -18.24
N TYR A 555 -77.03 -21.71 -18.60
CA TYR A 555 -77.90 -20.79 -17.89
C TYR A 555 -78.22 -21.30 -16.50
N ASN A 556 -78.31 -20.37 -15.55
CA ASN A 556 -78.70 -20.69 -14.18
C ASN A 556 -80.23 -20.63 -14.09
N SER A 557 -80.85 -21.76 -13.73
CA SER A 557 -82.30 -21.87 -13.80
C SER A 557 -83.00 -20.93 -12.83
N ALA A 558 -82.34 -20.56 -11.72
CA ALA A 558 -82.98 -19.63 -10.81
C ALA A 558 -83.03 -18.22 -11.35
N GLU A 559 -81.88 -17.62 -11.68
CA GLU A 559 -81.84 -16.30 -12.30
C GLU A 559 -80.40 -15.96 -12.71
N GLU A 560 -80.15 -14.69 -13.01
CA GLU A 560 -78.84 -14.15 -13.35
C GLU A 560 -78.47 -14.61 -14.75
N CYS A 561 -77.37 -15.32 -14.94
CA CYS A 561 -76.80 -15.39 -16.28
C CYS A 561 -76.17 -16.76 -16.52
N TRP A 562 -75.90 -17.03 -17.80
CA TRP A 562 -75.18 -18.22 -18.21
C TRP A 562 -73.78 -18.20 -17.60
N MET A 563 -73.51 -19.14 -16.69
CA MET A 563 -72.28 -19.09 -15.91
C MET A 563 -71.64 -20.44 -15.70
N GLY A 564 -72.05 -21.47 -16.45
CA GLY A 564 -71.55 -22.81 -16.22
C GLY A 564 -72.28 -23.47 -15.07
N TRP A 565 -71.82 -24.67 -14.72
CA TRP A 565 -72.43 -25.41 -13.61
C TRP A 565 -72.26 -24.65 -12.30
N GLU A 566 -71.04 -24.23 -12.01
CA GLU A 566 -70.76 -23.35 -10.87
C GLU A 566 -69.67 -22.39 -11.26
N ARG A 567 -69.33 -21.47 -10.36
CA ARG A 567 -68.29 -20.49 -10.65
C ARG A 567 -66.90 -21.07 -10.43
N LYS A 568 -66.59 -21.46 -9.19
CA LYS A 568 -65.30 -22.04 -8.86
C LYS A 568 -65.35 -23.54 -8.70
N ARG A 569 -66.49 -24.10 -8.32
CA ARG A 569 -66.67 -25.55 -8.27
C ARG A 569 -66.86 -26.16 -9.65
N GLY A 570 -67.56 -25.45 -10.55
CA GLY A 570 -67.81 -26.00 -11.87
C GLY A 570 -66.53 -26.21 -12.66
N LYS A 571 -65.62 -25.23 -12.62
CA LYS A 571 -64.37 -25.35 -13.36
C LYS A 571 -63.60 -26.58 -12.91
N LEU A 572 -63.38 -26.71 -11.60
CA LEU A 572 -62.58 -27.83 -11.09
C LEU A 572 -63.26 -29.16 -11.35
N HIS A 573 -64.57 -29.25 -11.14
CA HIS A 573 -65.26 -30.52 -11.33
C HIS A 573 -65.26 -30.93 -12.80
N GLU A 574 -65.58 -30.00 -13.70
CA GLU A 574 -65.53 -30.32 -15.12
C GLU A 574 -64.13 -30.68 -15.56
N LEU A 575 -63.11 -30.04 -14.98
CA LEU A 575 -61.74 -30.42 -15.27
C LEU A 575 -61.47 -31.85 -14.84
N ASN A 576 -61.95 -32.23 -13.66
CA ASN A 576 -61.77 -33.59 -13.19
C ASN A 576 -62.42 -34.61 -14.12
N MET A 577 -63.68 -34.35 -14.52
CA MET A 577 -64.32 -35.26 -15.45
C MET A 577 -63.58 -35.32 -16.78
N LEU A 578 -63.14 -34.17 -17.29
CA LEU A 578 -62.42 -34.16 -18.57
C LEU A 578 -61.13 -34.96 -18.48
N LEU A 579 -60.38 -34.81 -17.39
CA LEU A 579 -59.17 -35.61 -17.22
C LEU A 579 -59.47 -37.08 -17.05
N ARG A 580 -60.65 -37.41 -16.51
CA ARG A 580 -61.06 -38.80 -16.34
C ARG A 580 -61.89 -39.32 -17.51
N GLY A 581 -61.65 -38.81 -18.72
CA GLY A 581 -62.30 -39.32 -19.90
C GLY A 581 -63.78 -39.01 -19.99
N ASP A 582 -64.13 -37.73 -20.15
CA ASP A 582 -65.51 -37.29 -20.35
C ASP A 582 -65.57 -36.47 -21.62
N LYS A 583 -66.21 -37.02 -22.66
CA LYS A 583 -66.31 -36.36 -23.94
C LYS A 583 -67.50 -35.43 -24.05
N ASP A 584 -68.40 -35.43 -23.06
CA ASP A 584 -69.59 -34.58 -23.08
C ASP A 584 -69.45 -33.36 -22.20
N THR A 585 -68.23 -33.05 -21.73
CA THR A 585 -68.03 -31.86 -20.91
C THR A 585 -68.32 -30.60 -21.72
N THR A 586 -68.90 -29.61 -21.05
CA THR A 586 -69.34 -28.38 -21.71
C THR A 586 -68.30 -27.27 -21.62
N PHE A 587 -67.06 -27.52 -22.04
CA PHE A 587 -66.10 -26.42 -22.10
C PHE A 587 -66.27 -25.62 -23.40
N LEU A 588 -65.86 -26.22 -24.52
CA LEU A 588 -65.94 -25.66 -25.87
C LEU A 588 -65.44 -26.68 -26.88
N GLY A 589 -65.43 -26.31 -28.16
CA GLY A 589 -64.68 -27.06 -29.13
C GLY A 589 -63.26 -26.52 -29.29
N GLY A 590 -62.35 -27.40 -29.67
CA GLY A 590 -60.97 -27.01 -29.90
C GLY A 590 -60.11 -27.03 -28.66
N SER A 591 -60.48 -26.25 -27.64
CA SER A 591 -59.72 -26.18 -26.40
C SER A 591 -60.21 -27.27 -25.44
N ASN A 592 -59.88 -28.52 -25.81
CA ASN A 592 -60.29 -29.67 -25.02
C ASN A 592 -59.18 -30.71 -24.89
N ILE A 593 -57.92 -30.31 -25.05
CA ILE A 593 -56.80 -31.24 -25.03
C ILE A 593 -56.18 -31.23 -23.64
N VAL A 594 -56.03 -32.42 -23.06
CA VAL A 594 -55.46 -32.56 -21.71
C VAL A 594 -54.40 -33.66 -21.75
N PRO A 595 -53.40 -33.63 -20.86
CA PRO A 595 -52.32 -34.63 -20.92
C PRO A 595 -52.66 -35.94 -20.22
N ALA A 596 -53.66 -36.64 -20.75
CA ALA A 596 -53.95 -38.02 -20.39
C ALA A 596 -54.27 -38.23 -18.92
N ASP A 597 -53.34 -38.87 -18.20
CA ASP A 597 -53.66 -39.41 -16.87
C ASP A 597 -53.80 -38.29 -15.83
N VAL A 598 -52.72 -37.54 -15.60
CA VAL A 598 -52.61 -36.47 -14.60
C VAL A 598 -53.33 -36.83 -13.30
N LYS A 599 -52.62 -37.49 -12.39
CA LYS A 599 -53.25 -37.98 -11.16
C LYS A 599 -53.52 -36.85 -10.17
N TYR A 600 -52.63 -35.86 -10.10
CA TYR A 600 -52.76 -34.77 -9.15
C TYR A 600 -52.97 -33.45 -9.88
N VAL A 601 -53.66 -32.53 -9.23
CA VAL A 601 -53.93 -31.20 -9.79
C VAL A 601 -53.73 -30.17 -8.69
N MET A 602 -53.10 -29.05 -9.04
CA MET A 602 -52.98 -27.92 -8.13
C MET A 602 -53.56 -26.67 -8.77
N THR A 603 -54.30 -25.90 -7.98
CA THR A 603 -55.08 -24.78 -8.49
C THR A 603 -54.28 -23.49 -8.60
N LEU A 604 -53.67 -23.05 -7.49
CA LEU A 604 -53.02 -21.74 -7.42
C LEU A 604 -53.99 -20.62 -7.74
N ASP A 605 -53.47 -19.45 -8.08
CA ASP A 605 -54.30 -18.27 -8.32
C ASP A 605 -53.51 -17.31 -9.19
N ALA A 606 -54.20 -16.26 -9.65
CA ALA A 606 -53.57 -15.29 -10.55
C ALA A 606 -52.41 -14.56 -9.88
N ASP A 607 -52.61 -14.12 -8.64
CA ASP A 607 -51.64 -13.27 -7.96
C ASP A 607 -50.74 -14.02 -6.98
N THR A 608 -50.84 -15.35 -6.92
CA THR A 608 -50.08 -16.11 -5.94
C THR A 608 -48.89 -16.75 -6.63
N ARG A 609 -47.69 -16.39 -6.18
CA ARG A 609 -46.47 -16.89 -6.79
C ARG A 609 -46.04 -18.20 -6.14
N LEU A 610 -45.01 -18.81 -6.72
CA LEU A 610 -44.46 -20.06 -6.23
C LEU A 610 -43.04 -19.85 -5.74
N MET A 611 -42.69 -20.50 -4.64
CA MET A 611 -41.29 -20.65 -4.29
C MET A 611 -40.64 -21.64 -5.24
N ARG A 612 -39.32 -21.52 -5.41
CA ARG A 612 -38.62 -22.40 -6.32
C ARG A 612 -38.73 -23.85 -5.85
N ASP A 613 -39.06 -24.74 -6.79
CA ASP A 613 -39.20 -26.17 -6.53
C ASP A 613 -40.27 -26.45 -5.47
N ALA A 614 -41.30 -25.63 -5.40
CA ALA A 614 -42.38 -25.87 -4.46
C ALA A 614 -43.31 -26.98 -4.94
N VAL A 615 -43.54 -27.08 -6.24
CA VAL A 615 -44.52 -28.04 -6.74
C VAL A 615 -44.01 -29.47 -6.61
N THR A 616 -42.72 -29.70 -6.86
CA THR A 616 -42.16 -31.05 -6.80
C THR A 616 -42.04 -31.59 -5.38
N LYS A 617 -42.25 -30.76 -4.36
CA LYS A 617 -42.19 -31.21 -2.99
C LYS A 617 -43.54 -31.64 -2.45
N LEU A 618 -44.61 -30.92 -2.80
CA LEU A 618 -45.95 -31.38 -2.44
C LEU A 618 -46.27 -32.70 -3.13
N VAL A 619 -45.83 -32.84 -4.39
CA VAL A 619 -46.11 -34.06 -5.14
C VAL A 619 -45.47 -35.26 -4.49
N GLY A 620 -44.26 -35.12 -3.98
CA GLY A 620 -43.63 -36.23 -3.27
C GLY A 620 -44.40 -36.63 -2.03
N LYS A 621 -44.90 -35.65 -1.28
CA LYS A 621 -45.68 -35.95 -0.09
C LYS A 621 -47.00 -36.62 -0.44
N MET A 622 -47.59 -36.26 -1.58
CA MET A 622 -48.74 -37.01 -2.07
C MET A 622 -48.36 -38.44 -2.42
N HIS A 623 -47.24 -38.62 -3.13
CA HIS A 623 -46.93 -39.92 -3.69
C HIS A 623 -46.45 -40.90 -2.62
N HIS A 624 -45.97 -40.40 -1.50
CA HIS A 624 -45.53 -41.31 -0.44
C HIS A 624 -46.71 -42.14 0.07
N PRO A 625 -46.54 -43.45 0.24
CA PRO A 625 -47.69 -44.32 0.59
C PRO A 625 -48.31 -44.00 1.93
N ILE A 626 -47.61 -43.35 2.86
CA ILE A 626 -48.20 -43.05 4.15
C ILE A 626 -49.31 -42.02 4.03
N ASN A 627 -49.13 -41.02 3.16
CA ASN A 627 -50.08 -39.94 3.02
C ASN A 627 -51.15 -40.19 1.96
N ARG A 628 -51.09 -41.33 1.27
CA ARG A 628 -52.07 -41.60 0.24
C ARG A 628 -53.45 -41.81 0.86
N PRO A 629 -54.50 -41.25 0.27
CA PRO A 629 -55.85 -41.45 0.82
C PRO A 629 -56.28 -42.90 0.73
N LYS A 630 -57.14 -43.31 1.68
CA LYS A 630 -57.61 -44.67 1.78
C LYS A 630 -59.07 -44.85 1.40
N ILE A 631 -59.94 -43.91 1.81
CA ILE A 631 -61.36 -43.87 1.45
C ILE A 631 -62.12 -45.01 2.13
N ASP A 632 -63.23 -44.67 2.79
CA ASP A 632 -64.08 -45.67 3.44
C ASP A 632 -65.23 -46.04 2.52
N PRO A 633 -65.37 -47.32 2.15
CA PRO A 633 -66.53 -47.71 1.33
C PRO A 633 -67.86 -47.45 2.01
N VAL A 634 -67.91 -47.56 3.35
CA VAL A 634 -69.18 -47.34 4.07
C VAL A 634 -69.65 -45.90 3.87
N SER A 635 -68.72 -44.95 4.00
CA SER A 635 -69.05 -43.54 3.81
C SER A 635 -67.78 -42.84 3.34
N GLY A 636 -67.74 -42.45 2.07
CA GLY A 636 -66.52 -41.89 1.52
C GLY A 636 -66.16 -40.56 2.13
N ARG A 637 -65.13 -40.56 2.98
CA ARG A 637 -64.63 -39.32 3.59
C ARG A 637 -63.13 -39.38 3.83
N VAL A 638 -62.43 -40.35 3.23
CA VAL A 638 -61.01 -40.59 3.44
C VAL A 638 -60.72 -40.64 4.94
N VAL A 639 -60.91 -41.81 5.54
CA VAL A 639 -60.69 -41.96 6.98
C VAL A 639 -59.20 -41.83 7.30
N GLU A 640 -58.34 -42.34 6.42
CA GLU A 640 -56.89 -42.27 6.61
C GLU A 640 -56.26 -41.77 5.31
N GLY A 641 -55.41 -40.76 5.43
CA GLY A 641 -54.74 -40.19 4.28
C GLY A 641 -54.86 -38.68 4.30
N TYR A 642 -54.59 -38.07 3.15
CA TYR A 642 -54.68 -36.63 3.01
C TYR A 642 -55.07 -36.33 1.56
N GLY A 643 -56.36 -36.07 1.34
CA GLY A 643 -56.83 -35.78 0.00
C GLY A 643 -56.33 -34.44 -0.52
N LEU A 644 -56.27 -33.43 0.35
CA LEU A 644 -55.94 -32.07 -0.05
C LEU A 644 -54.83 -31.54 0.84
N LEU A 645 -53.76 -31.03 0.23
CA LEU A 645 -52.71 -30.35 0.97
C LEU A 645 -52.86 -28.85 0.85
N GLN A 646 -52.56 -28.15 1.94
CA GLN A 646 -52.65 -26.69 2.00
C GLN A 646 -51.31 -26.13 2.45
N PRO A 647 -50.60 -25.40 1.59
CA PRO A 647 -49.34 -24.78 2.01
C PRO A 647 -49.56 -23.44 2.68
N ARG A 648 -48.68 -23.14 3.64
CA ARG A 648 -48.80 -21.89 4.36
C ARG A 648 -48.48 -20.72 3.45
N VAL A 649 -49.17 -19.61 3.67
CA VAL A 649 -49.10 -18.44 2.80
C VAL A 649 -48.42 -17.31 3.55
N THR A 650 -47.36 -16.77 2.96
CA THR A 650 -46.64 -15.65 3.55
C THR A 650 -46.79 -14.42 2.66
N PRO A 651 -47.37 -13.34 3.16
CA PRO A 651 -47.53 -12.14 2.33
C PRO A 651 -46.18 -11.57 1.92
N SER A 652 -46.13 -11.04 0.70
CA SER A 652 -44.91 -10.42 0.20
C SER A 652 -44.63 -9.13 0.95
N LEU A 653 -43.41 -8.62 0.79
CA LEU A 653 -43.03 -7.39 1.47
C LEU A 653 -43.86 -6.21 0.96
N THR A 654 -43.91 -6.04 -0.35
CA THR A 654 -44.69 -4.97 -0.97
C THR A 654 -45.37 -5.52 -2.22
N THR A 655 -46.45 -4.87 -2.61
CA THR A 655 -47.18 -5.24 -3.83
C THR A 655 -46.66 -4.36 -4.96
N GLY A 656 -45.56 -4.81 -5.59
CA GLY A 656 -44.93 -3.98 -6.60
C GLY A 656 -44.44 -2.68 -6.01
N LYS A 657 -44.73 -1.59 -6.72
CA LYS A 657 -44.40 -0.25 -6.23
C LYS A 657 -45.58 0.37 -5.47
N ASP A 658 -46.10 -0.37 -4.50
CA ASP A 658 -47.26 0.08 -3.73
C ASP A 658 -47.12 -0.45 -2.31
N ALA A 659 -46.79 0.44 -1.37
CA ALA A 659 -46.69 0.07 0.04
C ALA A 659 -47.43 1.14 0.85
N SER A 660 -48.73 0.94 1.01
CA SER A 660 -49.52 1.85 1.83
C SER A 660 -49.20 1.64 3.31
N VAL A 661 -49.54 2.64 4.12
CA VAL A 661 -49.49 2.44 5.57
C VAL A 661 -50.55 1.46 6.04
N PHE A 662 -51.54 1.16 5.19
CA PHE A 662 -52.42 0.02 5.42
C PHE A 662 -51.65 -1.29 5.38
N GLN A 663 -50.69 -1.41 4.47
CA GLN A 663 -49.88 -2.62 4.38
C GLN A 663 -49.09 -2.85 5.66
N ARG A 664 -48.49 -1.79 6.20
CA ARG A 664 -47.51 -1.95 7.26
C ARG A 664 -48.12 -2.22 8.62
N VAL A 665 -49.44 -2.08 8.77
CA VAL A 665 -50.10 -2.25 10.06
C VAL A 665 -50.98 -3.48 10.10
N PHE A 666 -51.64 -3.81 8.98
CA PHE A 666 -52.55 -4.95 8.94
C PHE A 666 -51.89 -6.21 8.40
N SER A 667 -50.56 -6.23 8.30
CA SER A 667 -49.83 -7.44 7.93
C SER A 667 -48.45 -7.35 8.58
N ILE A 668 -48.29 -8.01 9.72
CA ILE A 668 -47.06 -7.88 10.50
C ILE A 668 -45.96 -8.75 9.93
N ASN A 669 -46.28 -10.00 9.62
CA ASN A 669 -45.30 -10.94 9.08
C ASN A 669 -45.25 -10.80 7.56
N ARG A 670 -44.19 -10.19 7.05
CA ARG A 670 -44.01 -10.00 5.62
C ARG A 670 -42.64 -10.52 5.21
N GLY A 671 -42.59 -11.21 4.09
CA GLY A 671 -41.35 -11.74 3.58
C GLY A 671 -41.02 -13.12 4.11
N ILE A 672 -40.10 -13.79 3.42
CA ILE A 672 -39.72 -15.14 3.80
C ILE A 672 -38.65 -15.09 4.89
N ASP A 673 -38.44 -16.23 5.54
CA ASP A 673 -37.41 -16.35 6.57
C ASP A 673 -36.77 -17.73 6.49
N PRO A 674 -35.52 -17.83 6.04
CA PRO A 674 -34.89 -19.15 5.89
C PRO A 674 -34.74 -19.91 7.21
N TYR A 675 -34.53 -19.20 8.31
CA TYR A 675 -34.16 -19.88 9.57
C TYR A 675 -35.33 -20.65 10.15
N VAL A 676 -36.56 -20.20 9.93
CA VAL A 676 -37.72 -20.96 10.37
C VAL A 676 -37.93 -22.14 9.44
N PHE A 677 -38.11 -23.33 10.02
CA PHE A 677 -38.30 -24.54 9.23
C PHE A 677 -39.73 -25.06 9.26
N THR A 678 -40.44 -24.89 10.37
CA THR A 678 -41.83 -25.32 10.46
C THR A 678 -42.57 -24.36 11.37
N VAL A 679 -43.82 -24.07 11.03
CA VAL A 679 -44.68 -23.18 11.80
C VAL A 679 -45.73 -24.00 12.51
N SER A 680 -45.80 -23.86 13.83
CA SER A 680 -46.72 -24.65 14.63
C SER A 680 -48.13 -24.09 14.48
N ASP A 681 -49.08 -24.96 14.13
CA ASP A 681 -50.49 -24.62 14.03
C ASP A 681 -51.27 -25.53 14.95
N VAL A 682 -52.18 -24.95 15.74
CA VAL A 682 -52.89 -25.72 16.76
C VAL A 682 -53.85 -26.71 16.12
N TYR A 683 -54.55 -26.30 15.05
CA TYR A 683 -55.51 -27.19 14.44
C TYR A 683 -54.83 -28.43 13.87
N GLN A 684 -53.70 -28.25 13.19
CA GLN A 684 -52.93 -29.40 12.73
C GLN A 684 -52.37 -30.20 13.89
N ASP A 685 -51.91 -29.52 14.93
CA ASP A 685 -51.30 -30.16 16.09
C ASP A 685 -52.36 -30.38 17.17
N LEU A 686 -53.05 -31.52 17.04
CA LEU A 686 -53.95 -32.23 17.98
C LEU A 686 -55.19 -32.74 17.24
N THR A 687 -55.29 -32.45 15.95
CA THR A 687 -56.35 -33.04 15.14
C THR A 687 -55.88 -33.59 13.80
N SER A 688 -54.74 -33.16 13.28
CA SER A 688 -54.18 -33.63 12.02
C SER A 688 -55.04 -33.28 10.81
N GLU A 689 -55.89 -32.26 10.93
CA GLU A 689 -56.59 -31.69 9.78
C GLU A 689 -56.51 -30.17 9.85
N GLY A 690 -56.60 -29.56 8.68
CA GLY A 690 -56.58 -28.12 8.55
C GLY A 690 -57.76 -27.63 7.73
N THR A 691 -57.58 -26.45 7.14
CA THR A 691 -58.59 -25.80 6.32
C THR A 691 -58.03 -25.54 4.94
N PHE A 692 -58.77 -25.95 3.91
CA PHE A 692 -58.34 -25.74 2.52
C PHE A 692 -58.71 -24.32 2.12
N THR A 693 -57.70 -23.45 2.02
CA THR A 693 -57.95 -22.08 1.61
C THR A 693 -58.42 -21.99 0.16
N GLY A 694 -57.85 -22.82 -0.71
CA GLY A 694 -58.22 -22.80 -2.11
C GLY A 694 -57.07 -23.07 -3.06
N LYS A 695 -55.86 -23.05 -2.53
CA LYS A 695 -54.65 -23.32 -3.29
C LYS A 695 -53.93 -24.50 -2.66
N GLY A 696 -53.65 -25.52 -3.47
CA GLY A 696 -52.99 -26.70 -2.96
C GLY A 696 -53.13 -27.85 -3.93
N LEU A 697 -52.68 -29.01 -3.48
CA LEU A 697 -52.64 -30.22 -4.28
C LEU A 697 -53.72 -31.19 -3.84
N TYR A 698 -54.46 -31.75 -4.79
CA TYR A 698 -55.49 -32.72 -4.48
C TYR A 698 -55.46 -33.85 -5.51
N ASP A 699 -55.86 -35.04 -5.06
CA ASP A 699 -55.96 -36.19 -5.94
C ASP A 699 -57.24 -36.10 -6.75
N VAL A 700 -57.15 -36.43 -8.04
CA VAL A 700 -58.33 -36.33 -8.90
C VAL A 700 -59.40 -37.31 -8.45
N ASP A 701 -59.03 -38.58 -8.28
CA ASP A 701 -60.04 -39.62 -8.04
C ASP A 701 -60.66 -39.49 -6.65
N ALA A 702 -59.83 -39.32 -5.62
CA ALA A 702 -60.36 -39.25 -4.26
C ALA A 702 -61.22 -38.02 -4.05
N PHE A 703 -60.73 -36.86 -4.50
CA PHE A 703 -61.51 -35.63 -4.40
C PHE A 703 -62.80 -35.74 -5.19
N GLU A 704 -62.72 -36.31 -6.39
CA GLU A 704 -63.91 -36.45 -7.22
C GLU A 704 -64.95 -37.33 -6.54
N ALA A 705 -64.54 -38.47 -5.98
CA ALA A 705 -65.48 -39.34 -5.30
C ALA A 705 -66.09 -38.66 -4.09
N ALA A 706 -65.25 -38.04 -3.25
CA ALA A 706 -65.73 -37.44 -2.02
C ALA A 706 -66.72 -36.32 -2.29
N LEU A 707 -66.46 -35.50 -3.30
CA LEU A 707 -67.36 -34.38 -3.60
C LEU A 707 -68.55 -34.78 -4.45
N LYS A 708 -68.44 -35.82 -5.28
CA LYS A 708 -69.59 -36.32 -6.01
C LYS A 708 -70.55 -37.06 -5.11
N GLY A 709 -70.08 -37.53 -3.95
CA GLY A 709 -70.98 -38.22 -3.03
C GLY A 709 -72.08 -37.32 -2.49
N ARG A 710 -71.73 -36.08 -2.12
CA ARG A 710 -72.63 -35.27 -1.29
C ARG A 710 -73.05 -33.96 -1.93
N ILE A 711 -72.10 -33.15 -2.43
CA ILE A 711 -72.36 -31.72 -2.61
C ILE A 711 -73.49 -31.46 -3.61
N GLU A 712 -74.13 -30.29 -3.46
CA GLU A 712 -75.18 -29.80 -4.32
C GLU A 712 -74.81 -28.41 -4.83
N GLU A 713 -75.77 -27.75 -5.48
CA GLU A 713 -75.55 -26.42 -6.05
C GLU A 713 -75.80 -25.33 -5.00
N ASN A 714 -75.71 -24.08 -5.46
CA ASN A 714 -76.00 -22.89 -4.64
C ASN A 714 -75.09 -22.83 -3.41
N SER A 715 -73.79 -22.71 -3.67
CA SER A 715 -72.79 -22.59 -2.63
C SER A 715 -71.86 -21.42 -2.92
N ILE A 716 -71.44 -20.74 -1.86
CA ILE A 716 -70.54 -19.60 -1.96
C ILE A 716 -69.11 -20.11 -2.10
N LEU A 717 -68.17 -19.21 -2.40
CA LEU A 717 -66.77 -19.59 -2.54
C LEU A 717 -66.22 -20.27 -1.29
N SER A 718 -66.81 -20.01 -0.12
CA SER A 718 -66.38 -20.66 1.11
C SER A 718 -66.64 -22.16 1.12
N HIS A 719 -67.13 -22.73 0.03
CA HIS A 719 -67.22 -24.18 -0.11
C HIS A 719 -65.87 -24.85 0.04
N ASP A 720 -64.78 -24.09 0.03
CA ASP A 720 -63.45 -24.67 0.12
C ASP A 720 -63.24 -25.38 1.45
N LEU A 721 -63.72 -24.78 2.55
CA LEU A 721 -63.60 -25.43 3.85
C LEU A 721 -64.38 -26.74 3.88
N LEU A 722 -65.59 -26.74 3.31
CA LEU A 722 -66.38 -27.97 3.26
C LEU A 722 -65.67 -29.04 2.44
N GLU A 723 -65.09 -28.65 1.30
CA GLU A 723 -64.37 -29.60 0.47
C GLU A 723 -63.17 -30.18 1.22
N GLY A 724 -62.44 -29.33 1.93
CA GLY A 724 -61.33 -29.81 2.74
C GLY A 724 -61.77 -30.74 3.85
N SER A 725 -62.94 -30.47 4.43
CA SER A 725 -63.46 -31.36 5.47
C SER A 725 -63.90 -32.71 4.89
N PHE A 726 -64.36 -32.71 3.63
CA PHE A 726 -64.82 -33.95 3.03
C PHE A 726 -63.70 -34.98 2.92
N ALA A 727 -62.64 -34.67 2.15
CA ALA A 727 -61.62 -35.69 1.97
C ALA A 727 -60.67 -35.72 3.15
N ARG A 728 -59.81 -34.70 3.26
CA ARG A 728 -59.07 -34.28 4.45
C ARG A 728 -58.17 -33.11 4.05
N CYS A 729 -57.72 -32.33 5.01
CA CYS A 729 -56.79 -31.24 4.75
C CYS A 729 -55.56 -31.39 5.64
N ALA A 730 -54.42 -30.93 5.14
CA ALA A 730 -53.18 -30.96 5.90
C ALA A 730 -52.40 -29.68 5.62
N LEU A 731 -52.14 -28.90 6.67
CA LEU A 731 -51.38 -27.68 6.55
C LEU A 731 -49.90 -28.05 6.58
N VAL A 732 -49.25 -28.01 5.42
CA VAL A 732 -47.89 -28.52 5.31
C VAL A 732 -46.93 -27.71 6.16
N THR A 733 -47.04 -26.37 6.11
CA THR A 733 -46.17 -25.45 6.84
C THR A 733 -44.70 -25.62 6.48
N ASP A 734 -44.40 -26.20 5.32
CA ASP A 734 -43.03 -26.35 4.88
C ASP A 734 -42.77 -25.80 3.49
N VAL A 735 -43.81 -25.61 2.68
CA VAL A 735 -43.70 -24.96 1.38
C VAL A 735 -44.52 -23.68 1.41
N GLU A 736 -43.98 -22.62 0.82
CA GLU A 736 -44.53 -21.29 0.96
C GLU A 736 -45.08 -20.80 -0.37
N LEU A 737 -46.30 -20.24 -0.32
CA LEU A 737 -46.90 -19.57 -1.47
C LEU A 737 -47.03 -18.10 -1.11
N VAL A 738 -46.25 -17.25 -1.78
CA VAL A 738 -46.25 -15.82 -1.48
C VAL A 738 -47.42 -15.16 -2.18
N GLU A 739 -48.17 -14.34 -1.44
CA GLU A 739 -49.29 -13.58 -1.97
C GLU A 739 -49.00 -12.09 -1.84
N ASP A 740 -50.01 -11.29 -2.17
CA ASP A 740 -49.96 -9.85 -2.02
C ASP A 740 -51.16 -9.39 -1.21
N PHE A 741 -50.91 -8.47 -0.27
CA PHE A 741 -51.99 -7.95 0.54
C PHE A 741 -52.56 -6.70 -0.10
N PRO A 742 -53.88 -6.51 -0.07
CA PRO A 742 -54.46 -5.29 -0.64
C PRO A 742 -53.93 -4.04 0.07
N THR A 743 -53.68 -3.00 -0.72
CA THR A 743 -53.09 -1.77 -0.16
C THR A 743 -54.15 -0.73 0.19
N ARG A 744 -55.32 -0.81 -0.43
CA ARG A 744 -56.37 0.20 -0.30
C ARG A 744 -57.56 -0.38 0.44
N TYR A 745 -58.11 0.39 1.38
CA TYR A 745 -59.17 -0.09 2.26
C TYR A 745 -60.51 -0.03 1.51
N GLU A 746 -60.53 -0.65 0.34
CA GLU A 746 -61.78 -0.91 -0.35
C GLU A 746 -61.83 -2.38 -0.74
N VAL A 747 -60.67 -2.93 -1.12
CA VAL A 747 -60.57 -4.35 -1.42
C VAL A 747 -60.76 -5.16 -0.15
N GLU A 748 -60.22 -4.68 0.98
CA GLU A 748 -60.29 -5.44 2.21
C GLU A 748 -61.72 -5.66 2.67
N VAL A 749 -62.55 -4.61 2.64
CA VAL A 749 -63.92 -4.72 3.14
C VAL A 749 -64.72 -5.69 2.29
N SER A 750 -64.64 -5.53 0.96
CA SER A 750 -65.37 -6.42 0.06
C SER A 750 -64.92 -7.86 0.24
N ARG A 751 -63.60 -8.07 0.24
CA ARG A 751 -63.04 -9.40 0.38
C ARG A 751 -63.44 -10.04 1.70
N GLN A 752 -63.54 -9.26 2.77
CA GLN A 752 -63.94 -9.81 4.07
C GLN A 752 -65.42 -10.19 4.10
N HIS A 753 -66.30 -9.31 3.60
CA HIS A 753 -67.69 -9.75 3.68
C HIS A 753 -67.97 -10.86 2.68
N ARG A 754 -67.05 -11.11 1.73
CA ARG A 754 -67.16 -12.32 0.92
C ARG A 754 -67.16 -13.57 1.80
N TRP A 755 -66.15 -13.73 2.68
CA TRP A 755 -66.18 -14.88 3.57
C TRP A 755 -67.32 -14.78 4.58
N ALA A 756 -67.71 -13.55 4.93
CA ALA A 756 -68.87 -13.41 5.82
C ALA A 756 -70.10 -14.08 5.22
N ARG A 757 -70.44 -13.73 3.99
CA ARG A 757 -71.58 -14.37 3.35
C ARG A 757 -71.31 -15.86 3.13
N GLY A 758 -70.06 -16.23 2.87
CA GLY A 758 -69.75 -17.63 2.63
C GLY A 758 -70.02 -18.51 3.83
N ASP A 759 -69.52 -18.13 5.00
CA ASP A 759 -69.72 -19.00 6.16
C ASP A 759 -71.14 -18.86 6.70
N TRP A 760 -71.77 -17.70 6.53
CA TRP A 760 -73.18 -17.65 6.89
C TRP A 760 -74.05 -18.50 5.97
N GLN A 761 -73.63 -18.74 4.73
CA GLN A 761 -74.32 -19.71 3.89
C GLN A 761 -73.89 -21.15 4.19
N LEU A 762 -72.72 -21.35 4.76
CA LEU A 762 -72.30 -22.66 5.24
C LEU A 762 -72.95 -23.02 6.57
N LEU A 763 -73.60 -22.06 7.23
CA LEU A 763 -74.26 -22.31 8.52
C LEU A 763 -75.17 -23.54 8.54
N PRO A 764 -76.03 -23.80 7.54
CA PRO A 764 -76.94 -24.94 7.66
C PRO A 764 -76.26 -26.27 7.86
N PHE A 765 -75.02 -26.43 7.37
CA PHE A 765 -74.29 -27.67 7.61
C PHE A 765 -73.93 -27.86 9.08
N ILE A 766 -73.88 -26.78 9.86
CA ILE A 766 -73.56 -26.91 11.27
C ILE A 766 -74.69 -27.58 12.03
N ILE A 767 -75.92 -27.07 11.86
CA ILE A 767 -77.03 -27.57 12.65
C ILE A 767 -77.43 -28.98 12.22
N ASP A 768 -77.37 -29.27 10.93
CA ASP A 768 -77.88 -30.53 10.40
C ASP A 768 -76.89 -31.65 10.67
N ARG A 769 -77.26 -32.58 11.54
CA ARG A 769 -76.47 -33.78 11.75
C ARG A 769 -76.51 -34.73 10.55
N ALA A 770 -77.44 -34.50 9.62
CA ALA A 770 -77.51 -35.28 8.39
C ALA A 770 -76.52 -34.76 7.37
N ARG A 771 -76.67 -35.18 6.11
CA ARG A 771 -75.76 -34.83 5.03
C ARG A 771 -74.40 -35.42 5.37
N GLY A 772 -73.33 -34.63 5.44
CA GLY A 772 -72.03 -35.16 5.84
C GLY A 772 -71.10 -34.03 6.30
N VAL A 773 -70.66 -34.10 7.55
CA VAL A 773 -69.73 -33.11 8.09
C VAL A 773 -69.13 -33.66 9.36
N THR A 774 -67.80 -33.66 9.43
CA THR A 774 -67.12 -34.11 10.63
C THR A 774 -67.35 -33.11 11.76
N ALA A 775 -67.18 -33.59 12.99
CA ALA A 775 -67.41 -32.74 14.15
C ALA A 775 -66.44 -31.56 14.16
N ILE A 776 -65.18 -31.80 13.79
CA ILE A 776 -64.19 -30.72 13.76
C ILE A 776 -64.58 -29.65 12.75
N GLY A 777 -65.08 -30.07 11.59
CA GLY A 777 -65.48 -29.10 10.57
C GLY A 777 -66.58 -28.17 11.07
N ARG A 778 -67.57 -28.73 11.77
CA ARG A 778 -68.64 -27.89 12.31
C ARG A 778 -68.09 -26.89 13.31
N TRP A 779 -67.14 -27.32 14.14
CA TRP A 779 -66.55 -26.39 15.11
C TRP A 779 -65.75 -25.29 14.42
N LYS A 780 -65.04 -25.63 13.34
CA LYS A 780 -64.33 -24.61 12.59
C LYS A 780 -65.29 -23.61 11.96
N MET A 781 -66.42 -24.11 11.46
CA MET A 781 -67.45 -23.22 10.94
C MET A 781 -67.99 -22.31 12.03
N VAL A 782 -68.20 -22.84 13.23
CA VAL A 782 -68.66 -22.03 14.36
C VAL A 782 -67.62 -20.97 14.71
N ASP A 783 -66.35 -21.33 14.65
CA ASP A 783 -65.28 -20.37 14.89
C ASP A 783 -65.32 -19.23 13.87
N ASN A 784 -65.54 -19.57 12.60
CA ASN A 784 -65.68 -18.52 11.58
C ASN A 784 -66.89 -17.64 11.86
N LEU A 785 -67.99 -18.24 12.31
CA LEU A 785 -69.16 -17.45 12.67
C LEU A 785 -68.83 -16.48 13.79
N ARG A 786 -68.11 -16.95 14.81
CA ARG A 786 -67.75 -16.08 15.92
C ARG A 786 -66.86 -14.94 15.44
N ARG A 787 -65.93 -15.24 14.53
CA ARG A 787 -65.11 -14.19 13.94
C ARG A 787 -65.98 -13.15 13.25
N SER A 788 -67.03 -13.59 12.57
CA SER A 788 -67.94 -12.65 11.93
C SER A 788 -68.70 -11.80 12.95
N LEU A 789 -69.13 -12.43 14.05
CA LEU A 789 -69.92 -11.70 15.05
C LEU A 789 -69.12 -10.65 15.79
N THR A 790 -67.84 -10.91 16.07
CA THR A 790 -67.15 -10.11 17.10
C THR A 790 -67.19 -8.59 16.88
N PRO A 791 -67.10 -8.02 15.66
CA PRO A 791 -67.16 -6.56 15.57
C PRO A 791 -68.52 -5.99 15.99
N ILE A 792 -69.60 -6.63 15.55
CA ILE A 792 -70.94 -6.24 16.00
C ILE A 792 -71.03 -6.33 17.51
N ALA A 793 -70.49 -7.41 18.07
CA ALA A 793 -70.51 -7.58 19.52
C ALA A 793 -69.86 -6.39 20.22
N TRP A 794 -68.65 -6.02 19.78
CA TRP A 794 -67.95 -4.93 20.46
C TRP A 794 -68.68 -3.60 20.30
N PHE A 795 -69.13 -3.29 19.08
CA PHE A 795 -69.78 -2.01 18.82
C PHE A 795 -71.06 -1.87 19.63
N PHE A 796 -71.95 -2.85 19.51
CA PHE A 796 -73.20 -2.78 20.25
C PHE A 796 -72.98 -2.88 21.75
N ALA A 797 -71.92 -3.58 22.17
CA ALA A 797 -71.60 -3.66 23.59
C ALA A 797 -71.26 -2.30 24.14
N SER A 798 -70.43 -1.54 23.45
CA SER A 798 -70.15 -0.17 23.90
C SER A 798 -71.40 0.69 23.87
N ILE A 799 -72.18 0.58 22.79
CA ILE A 799 -73.38 1.42 22.64
C ILE A 799 -74.32 1.21 23.82
N LEU A 800 -74.60 -0.04 24.16
CA LEU A 800 -75.46 -0.32 25.30
C LEU A 800 -74.74 -0.11 26.63
N GLY A 801 -73.41 -0.14 26.64
CA GLY A 801 -72.67 -0.05 27.88
C GLY A 801 -72.69 1.34 28.46
N TRP A 802 -72.43 2.37 27.64
CA TRP A 802 -72.53 3.69 28.25
C TRP A 802 -73.99 4.12 28.43
N TYR A 803 -74.95 3.36 27.91
CA TYR A 803 -76.35 3.73 28.08
C TYR A 803 -76.95 3.13 29.35
N PHE A 804 -76.94 1.80 29.46
CA PHE A 804 -77.69 1.14 30.53
C PHE A 804 -77.08 1.40 31.90
N MET A 805 -75.85 0.93 32.11
CA MET A 805 -75.26 0.98 33.45
C MET A 805 -74.84 2.40 33.83
N ASP A 806 -74.21 3.11 32.90
CA ASP A 806 -73.92 4.54 33.02
C ASP A 806 -73.39 5.01 34.39
N PRO A 807 -72.39 4.32 34.96
CA PRO A 807 -71.70 4.91 36.12
C PRO A 807 -70.46 5.67 35.68
N LEU A 808 -69.69 6.16 36.65
CA LEU A 808 -68.29 6.47 36.34
C LEU A 808 -67.52 5.22 35.95
N GLY A 809 -68.02 4.04 36.33
CA GLY A 809 -67.42 2.77 35.95
C GLY A 809 -67.63 2.39 34.50
N ALA A 810 -68.40 3.18 33.74
CA ALA A 810 -68.43 3.01 32.30
C ALA A 810 -67.04 3.17 31.70
N LEU A 811 -66.23 4.07 32.29
CA LEU A 811 -64.84 4.18 31.87
C LEU A 811 -64.08 2.88 32.13
N ILE A 812 -64.31 2.25 33.28
CA ILE A 812 -63.63 0.99 33.59
C ILE A 812 -64.04 -0.08 32.60
N TRP A 813 -65.33 -0.17 32.30
CA TRP A 813 -65.80 -1.16 31.34
C TRP A 813 -65.21 -0.90 29.95
N GLN A 814 -65.15 0.37 29.53
CA GLN A 814 -64.58 0.70 28.23
C GLN A 814 -63.10 0.36 28.16
N ILE A 815 -62.34 0.64 29.23
CA ILE A 815 -60.92 0.32 29.19
C ILE A 815 -60.71 -1.18 29.24
N LEU A 816 -61.61 -1.92 29.90
CA LEU A 816 -61.53 -3.38 29.82
C LEU A 816 -61.79 -3.86 28.40
N LEU A 817 -62.78 -3.26 27.72
CA LEU A 817 -63.06 -3.64 26.35
C LEU A 817 -61.87 -3.37 25.44
N ILE A 818 -61.25 -2.19 25.58
CA ILE A 818 -60.07 -1.88 24.77
C ILE A 818 -58.89 -2.76 25.15
N PHE A 819 -58.79 -3.15 26.42
CA PHE A 819 -57.71 -4.01 26.88
C PHE A 819 -57.84 -5.41 26.29
N SER A 820 -59.07 -5.87 26.03
CA SER A 820 -59.23 -7.16 25.35
C SER A 820 -58.55 -7.16 23.98
N LEU A 821 -58.86 -6.16 23.15
CA LEU A 821 -58.23 -6.07 21.84
C LEU A 821 -56.74 -5.82 21.95
N PHE A 822 -56.32 -5.09 22.99
CA PHE A 822 -54.88 -4.93 23.22
C PHE A 822 -54.22 -6.27 23.50
N VAL A 823 -54.86 -7.12 24.32
CA VAL A 823 -54.28 -8.41 24.67
C VAL A 823 -54.22 -9.33 23.45
N ALA A 824 -55.19 -9.22 22.56
CA ALA A 824 -55.32 -10.18 21.46
C ALA A 824 -54.02 -10.45 20.70
N PRO A 825 -53.22 -9.44 20.28
CA PRO A 825 -51.96 -9.77 19.58
C PRO A 825 -50.75 -9.87 20.50
N THR A 826 -50.87 -9.37 21.73
CA THR A 826 -49.71 -9.34 22.61
C THR A 826 -49.23 -10.75 22.95
N LEU A 827 -50.13 -11.74 22.93
CA LEU A 827 -49.68 -13.11 23.11
C LEU A 827 -48.76 -13.54 21.98
N SER A 828 -49.12 -13.21 20.74
CA SER A 828 -48.27 -13.54 19.60
C SER A 828 -46.92 -12.84 19.69
N LEU A 829 -46.92 -11.57 20.10
CA LEU A 829 -45.65 -10.87 20.28
C LEU A 829 -44.83 -11.49 21.42
N LEU A 830 -45.48 -11.85 22.52
CA LEU A 830 -44.78 -12.40 23.69
C LEU A 830 -44.28 -13.82 23.43
N SER A 831 -44.80 -14.50 22.42
CA SER A 831 -44.37 -15.86 22.12
C SER A 831 -42.89 -15.94 21.77
N GLY A 832 -42.27 -14.80 21.48
CA GLY A 832 -40.85 -14.77 21.20
C GLY A 832 -40.01 -14.21 22.33
N LEU A 833 -40.66 -13.64 23.34
CA LEU A 833 -39.93 -13.07 24.47
C LEU A 833 -39.35 -14.14 25.38
N VAL A 834 -40.03 -15.29 25.46
CA VAL A 834 -39.62 -16.33 26.41
C VAL A 834 -38.23 -16.85 26.03
N PRO A 835 -37.33 -17.05 27.00
CA PRO A 835 -35.98 -17.54 26.69
C PRO A 835 -35.81 -19.05 26.74
N ARG A 836 -36.91 -19.81 26.85
CA ARG A 836 -36.87 -21.27 26.95
C ARG A 836 -36.01 -21.71 28.14
N SER A 837 -36.40 -21.24 29.33
CA SER A 837 -35.75 -21.59 30.59
C SER A 837 -34.27 -21.21 30.59
N THR A 838 -33.96 -20.07 29.97
CA THR A 838 -32.61 -19.45 29.94
C THR A 838 -31.51 -20.50 29.84
N ASP A 839 -31.59 -21.30 28.78
CA ASP A 839 -30.68 -22.43 28.63
C ASP A 839 -29.23 -21.97 28.47
N ILE A 840 -28.99 -20.97 27.62
CA ILE A 840 -27.64 -20.56 27.25
C ILE A 840 -27.51 -19.06 27.37
N VAL A 841 -26.27 -18.59 27.40
CA VAL A 841 -25.96 -17.16 27.38
C VAL A 841 -25.77 -16.74 25.92
N PRO A 842 -26.62 -15.86 25.39
CA PRO A 842 -26.53 -15.49 23.99
C PRO A 842 -25.62 -14.28 23.76
N GLN A 843 -25.40 -13.98 22.48
CA GLN A 843 -24.64 -12.82 22.07
C GLN A 843 -25.56 -11.58 22.06
N ALA A 844 -25.00 -10.44 21.67
CA ALA A 844 -25.81 -9.24 21.50
C ALA A 844 -26.83 -9.47 20.40
N HIS A 845 -28.10 -9.56 20.79
CA HIS A 845 -29.17 -9.97 19.88
C HIS A 845 -30.13 -8.84 19.55
N PHE A 846 -29.76 -7.60 19.87
CA PHE A 846 -30.62 -6.42 19.72
C PHE A 846 -31.90 -6.69 20.52
N PHE A 847 -33.00 -5.99 20.25
CA PHE A 847 -34.30 -6.45 20.74
C PHE A 847 -35.38 -6.32 19.68
N THR A 848 -35.21 -5.36 18.76
CA THR A 848 -36.14 -5.05 17.67
C THR A 848 -37.59 -5.06 18.13
N ILE A 849 -37.82 -4.74 19.41
CA ILE A 849 -39.14 -4.94 19.98
C ILE A 849 -39.99 -3.68 19.87
N TRP A 850 -39.36 -2.51 19.90
CA TRP A 850 -40.10 -1.26 19.85
C TRP A 850 -40.87 -1.12 18.53
N SER A 851 -40.27 -1.57 17.43
CA SER A 851 -40.96 -1.53 16.16
C SER A 851 -42.21 -2.41 16.18
N GLU A 852 -42.11 -3.61 16.75
CA GLU A 852 -43.26 -4.49 16.84
C GLU A 852 -44.34 -3.89 17.74
N ILE A 853 -43.94 -3.28 18.86
CA ILE A 853 -44.92 -2.65 19.75
C ILE A 853 -45.65 -1.52 19.03
N ARG A 854 -44.90 -0.69 18.30
CA ARG A 854 -45.52 0.41 17.56
C ARG A 854 -46.46 -0.12 16.50
N ALA A 855 -46.05 -1.16 15.77
CA ALA A 855 -46.92 -1.74 14.74
C ALA A 855 -48.20 -2.30 15.34
N THR A 856 -48.08 -3.01 16.48
CA THR A 856 -49.28 -3.57 17.11
C THR A 856 -50.20 -2.48 17.62
N ASN A 857 -49.64 -1.42 18.21
CA ASN A 857 -50.47 -0.31 18.67
C ASN A 857 -51.18 0.36 17.51
N ALA A 858 -50.48 0.58 16.40
CA ALA A 858 -51.12 1.17 15.23
C ALA A 858 -52.23 0.25 14.71
N GLN A 859 -51.97 -1.06 14.68
CA GLN A 859 -52.97 -2.01 14.21
C GLN A 859 -54.23 -1.96 15.08
N VAL A 860 -54.07 -1.98 16.40
CA VAL A 860 -55.23 -1.99 17.26
C VAL A 860 -55.98 -0.66 17.19
N ALA A 861 -55.24 0.45 17.06
CA ALA A 861 -55.90 1.75 16.93
C ALA A 861 -56.72 1.82 15.65
N LEU A 862 -56.15 1.37 14.54
CA LEU A 862 -56.87 1.37 13.28
C LEU A 862 -58.08 0.43 13.33
N ARG A 863 -57.92 -0.73 13.96
CA ARG A 863 -59.05 -1.63 14.13
C ARG A 863 -60.17 -0.98 14.93
N ILE A 864 -59.80 -0.25 15.99
CA ILE A 864 -60.79 0.41 16.82
C ILE A 864 -61.54 1.48 16.01
N VAL A 865 -60.79 2.30 15.28
CA VAL A 865 -61.43 3.39 14.53
C VAL A 865 -62.19 2.87 13.32
N PHE A 866 -61.94 1.63 12.90
CA PHE A 866 -62.66 1.06 11.76
C PHE A 866 -63.76 0.09 12.17
N ILE A 867 -63.84 -0.26 13.45
CA ILE A 867 -64.80 -1.28 13.87
C ILE A 867 -66.24 -0.86 13.64
N ALA A 868 -66.54 0.43 13.58
CA ALA A 868 -67.91 0.85 13.29
C ALA A 868 -68.32 0.47 11.88
N ASP A 869 -67.48 0.82 10.90
CA ASP A 869 -67.73 0.40 9.52
C ASP A 869 -67.72 -1.12 9.41
N ALA A 870 -66.79 -1.77 10.13
CA ALA A 870 -66.73 -3.23 10.09
C ALA A 870 -68.04 -3.84 10.58
N ALA A 871 -68.57 -3.34 11.69
CA ALA A 871 -69.81 -3.86 12.23
C ALA A 871 -70.98 -3.60 11.30
N CYS A 872 -71.01 -2.42 10.67
CA CYS A 872 -72.09 -2.15 9.71
C CYS A 872 -72.04 -3.13 8.55
N MET A 873 -70.84 -3.40 8.03
CA MET A 873 -70.72 -4.36 6.93
C MET A 873 -71.09 -5.76 7.39
N MET A 874 -70.72 -6.13 8.62
CA MET A 874 -71.09 -7.45 9.14
C MET A 874 -72.61 -7.57 9.24
N THR A 875 -73.29 -6.53 9.72
CA THR A 875 -74.74 -6.57 9.79
C THR A 875 -75.36 -6.71 8.41
N ASP A 876 -74.87 -5.94 7.43
CA ASP A 876 -75.39 -6.06 6.08
C ASP A 876 -75.22 -7.47 5.54
N ALA A 877 -74.02 -8.03 5.71
CA ALA A 877 -73.74 -9.38 5.21
C ALA A 877 -74.61 -10.41 5.91
N ILE A 878 -74.76 -10.31 7.22
CA ILE A 878 -75.52 -11.32 7.94
C ILE A 878 -77.00 -11.27 7.57
N VAL A 879 -77.57 -10.06 7.43
CA VAL A 879 -78.98 -9.99 7.09
C VAL A 879 -79.20 -10.47 5.66
N ARG A 880 -78.31 -10.10 4.74
CA ARG A 880 -78.44 -10.56 3.35
C ARG A 880 -78.31 -12.07 3.27
N SER A 881 -77.42 -12.66 4.08
CA SER A 881 -77.24 -14.11 4.07
C SER A 881 -78.46 -14.81 4.66
N LEU A 882 -78.95 -14.33 5.81
CA LEU A 882 -80.09 -14.98 6.45
C LEU A 882 -81.35 -14.89 5.60
N TYR A 883 -81.60 -13.76 4.95
CA TYR A 883 -82.75 -13.70 4.04
C TYR A 883 -82.70 -14.83 3.02
N ARG A 884 -81.56 -14.96 2.33
CA ARG A 884 -81.40 -16.02 1.35
C ARG A 884 -81.52 -17.39 2.01
N LEU A 885 -81.10 -17.49 3.27
CA LEU A 885 -81.07 -18.78 3.95
C LEU A 885 -82.47 -19.30 4.25
N LEU A 886 -83.23 -18.56 5.07
CA LEU A 886 -84.54 -19.07 5.44
C LEU A 886 -85.62 -18.80 4.41
N VAL A 887 -85.57 -17.65 3.72
CA VAL A 887 -86.62 -17.36 2.75
C VAL A 887 -86.44 -18.19 1.48
N SER A 888 -85.26 -18.78 1.28
CA SER A 888 -84.95 -19.54 0.07
C SER A 888 -85.12 -18.66 -1.17
N HIS A 889 -84.40 -17.56 -1.18
CA HIS A 889 -84.51 -16.55 -2.22
C HIS A 889 -83.68 -16.95 -3.44
N LYS A 890 -83.47 -15.98 -4.33
CA LYS A 890 -82.72 -16.14 -5.57
C LYS A 890 -81.22 -16.10 -5.30
N LEU A 891 -80.43 -15.85 -6.36
CA LEU A 891 -78.98 -15.96 -6.34
C LEU A 891 -78.36 -15.40 -5.05
N MET A 892 -77.34 -16.10 -4.55
CA MET A 892 -76.59 -15.64 -3.39
C MET A 892 -75.08 -15.78 -3.55
N LEU A 893 -74.60 -16.40 -4.63
CA LEU A 893 -73.19 -16.75 -4.77
C LEU A 893 -72.44 -15.84 -5.74
N GLU A 894 -73.00 -14.69 -6.10
CA GLU A 894 -72.35 -13.79 -7.05
C GLU A 894 -71.42 -12.79 -6.37
N TRP A 895 -71.04 -13.04 -5.11
CA TRP A 895 -70.09 -12.24 -4.35
C TRP A 895 -70.31 -10.74 -4.49
N ARG A 896 -69.23 -9.97 -4.63
CA ARG A 896 -69.34 -8.52 -4.76
C ARG A 896 -70.24 -8.12 -5.92
N THR A 897 -70.21 -8.90 -7.01
CA THR A 897 -71.03 -8.58 -8.18
C THR A 897 -72.52 -8.62 -7.86
N ALA A 898 -72.92 -9.38 -6.85
CA ALA A 898 -74.32 -9.44 -6.45
C ALA A 898 -74.75 -8.14 -5.77
N ALA A 899 -75.97 -8.13 -5.25
CA ALA A 899 -76.53 -6.95 -4.62
C ALA A 899 -75.93 -6.72 -3.23
N SER A 900 -74.61 -6.52 -3.23
CA SER A 900 -73.87 -6.22 -2.02
C SER A 900 -73.82 -4.71 -1.80
N MET A 901 -72.94 -4.25 -0.91
CA MET A 901 -72.79 -2.82 -0.70
C MET A 901 -72.40 -2.11 -1.99
N GLN A 902 -71.59 -2.78 -2.82
CA GLN A 902 -71.35 -2.38 -4.21
C GLN A 902 -70.76 -0.96 -4.29
N SER A 903 -69.56 -0.81 -3.75
CA SER A 903 -68.87 0.47 -3.79
C SER A 903 -68.17 0.66 -5.14
N SER A 904 -67.71 1.88 -5.36
CA SER A 904 -66.93 2.20 -6.55
C SER A 904 -65.48 1.74 -6.35
N ALA A 905 -64.70 1.85 -7.43
CA ALA A 905 -63.32 1.40 -7.38
C ALA A 905 -62.46 2.35 -6.57
N GLN A 906 -62.33 3.60 -7.02
CA GLN A 906 -61.46 4.57 -6.39
C GLN A 906 -62.22 5.87 -6.14
N GLY A 907 -61.81 6.59 -5.10
CA GLY A 907 -62.47 7.84 -4.77
C GLY A 907 -61.59 8.71 -3.91
N SER A 908 -61.98 9.98 -3.84
CA SER A 908 -61.28 10.98 -3.03
C SER A 908 -61.88 10.99 -1.61
N ILE A 909 -61.56 12.02 -0.84
CA ILE A 909 -62.04 12.10 0.54
C ILE A 909 -63.56 12.15 0.57
N VAL A 910 -64.16 12.99 -0.26
CA VAL A 910 -65.62 13.11 -0.29
C VAL A 910 -66.25 11.81 -0.79
N ASP A 911 -65.60 11.15 -1.75
CA ASP A 911 -66.17 9.94 -2.30
C ASP A 911 -66.24 8.82 -1.26
N TYR A 912 -65.24 8.71 -0.39
CA TYR A 912 -65.31 7.73 0.69
C TYR A 912 -66.49 8.02 1.61
N TYR A 913 -66.69 9.30 1.94
CA TYR A 913 -67.84 9.69 2.76
C TYR A 913 -69.14 9.30 2.09
N ARG A 914 -69.25 9.50 0.78
CA ARG A 914 -70.46 9.10 0.08
C ARG A 914 -70.59 7.58 0.03
N GLN A 915 -69.48 6.86 -0.04
CA GLN A 915 -69.55 5.40 -0.11
C GLN A 915 -70.05 4.80 1.20
N MET A 916 -69.49 5.21 2.33
CA MET A 916 -69.86 4.50 3.55
C MET A 916 -71.01 5.17 4.31
N TRP A 917 -70.81 6.38 4.83
CA TRP A 917 -71.87 7.25 5.35
C TRP A 917 -72.72 6.60 6.44
N HIS A 918 -72.36 5.39 6.86
CA HIS A 918 -73.22 4.63 7.77
C HIS A 918 -72.74 4.78 9.21
N ALA A 919 -71.47 4.47 9.46
CA ALA A 919 -70.95 4.44 10.82
C ALA A 919 -71.06 5.79 11.52
N PRO A 920 -70.68 6.92 10.93
CA PRO A 920 -70.88 8.20 11.62
C PRO A 920 -72.34 8.45 11.97
N VAL A 921 -73.25 8.10 11.07
CA VAL A 921 -74.68 8.32 11.32
C VAL A 921 -75.13 7.49 12.52
N VAL A 922 -74.75 6.21 12.54
CA VAL A 922 -75.17 5.33 13.62
C VAL A 922 -74.55 5.77 14.94
N ALA A 923 -73.28 6.18 14.91
CA ALA A 923 -72.63 6.63 16.12
C ALA A 923 -73.30 7.89 16.68
N MET A 924 -73.63 8.84 15.81
CA MET A 924 -74.31 10.04 16.27
C MET A 924 -75.70 9.71 16.83
N LEU A 925 -76.43 8.82 16.16
CA LEU A 925 -77.75 8.43 16.66
C LEU A 925 -77.65 7.80 18.04
N GLY A 926 -76.69 6.88 18.22
CA GLY A 926 -76.52 6.25 19.51
C GLY A 926 -76.11 7.23 20.59
N LEU A 927 -75.18 8.14 20.27
CA LEU A 927 -74.74 9.12 21.26
C LEU A 927 -75.87 10.05 21.66
N LEU A 928 -76.68 10.50 20.69
CA LEU A 928 -77.82 11.36 21.02
C LEU A 928 -78.88 10.59 21.82
N PHE A 929 -79.07 9.32 21.52
CA PHE A 929 -80.02 8.52 22.29
C PHE A 929 -79.55 8.35 23.74
N ALA A 930 -78.26 8.13 23.94
CA ALA A 930 -77.72 7.90 25.27
C ALA A 930 -77.37 9.17 26.03
N ALA A 931 -77.43 10.33 25.37
CA ALA A 931 -76.98 11.56 26.01
C ALA A 931 -77.94 12.02 27.12
N LEU A 932 -79.25 11.96 26.86
CA LEU A 932 -80.21 12.52 27.79
C LEU A 932 -80.41 11.64 29.03
N PRO A 933 -80.73 10.35 28.90
CA PRO A 933 -80.97 9.54 30.11
C PRO A 933 -79.72 9.46 30.97
N GLY A 934 -79.92 9.57 32.29
CA GLY A 934 -78.84 9.55 33.25
C GLY A 934 -78.09 10.85 33.39
N ASP A 935 -78.02 11.64 32.31
CA ASP A 935 -77.31 12.93 32.28
C ASP A 935 -75.83 12.78 32.61
N ASN A 936 -75.29 11.56 32.51
CA ASN A 936 -73.89 11.32 32.80
C ASN A 936 -73.25 10.33 31.85
N ALA A 937 -73.81 10.12 30.66
CA ALA A 937 -73.33 9.11 29.73
C ALA A 937 -72.53 9.70 28.56
N PHE A 938 -72.56 11.01 28.37
CA PHE A 938 -71.91 11.60 27.20
C PHE A 938 -70.39 11.61 27.33
N LEU A 939 -69.87 11.98 28.50
CA LEU A 939 -68.44 12.24 28.63
C LEU A 939 -67.59 11.03 28.23
N ILE A 940 -68.10 9.82 28.44
CA ILE A 940 -67.36 8.64 28.00
C ILE A 940 -67.57 8.39 26.51
N GLY A 941 -68.73 8.75 25.98
CA GLY A 941 -69.03 8.42 24.60
C GLY A 941 -68.41 9.36 23.58
N ILE A 942 -68.16 10.62 23.99
CA ILE A 942 -67.72 11.63 23.01
C ILE A 942 -66.40 11.28 22.32
N PRO A 943 -65.36 10.77 22.99
CA PRO A 943 -64.11 10.51 22.25
C PRO A 943 -64.28 9.39 21.22
N PHE A 944 -64.94 8.31 21.59
CA PHE A 944 -65.12 7.20 20.67
C PHE A 944 -66.00 7.60 19.48
N THR A 945 -67.03 8.40 19.72
CA THR A 945 -67.87 8.82 18.60
C THR A 945 -67.16 9.85 17.72
N LEU A 946 -66.27 10.66 18.30
CA LEU A 946 -65.44 11.53 17.47
C LEU A 946 -64.50 10.70 16.59
N LEU A 947 -63.93 9.63 17.15
CA LEU A 947 -63.12 8.74 16.33
C LEU A 947 -63.94 8.08 15.23
N TRP A 948 -65.16 7.62 15.57
CA TRP A 948 -65.98 6.88 14.63
C TRP A 948 -66.49 7.78 13.50
N VAL A 949 -66.89 9.01 13.82
CA VAL A 949 -67.41 9.90 12.78
C VAL A 949 -66.32 10.27 11.80
N LEU A 950 -65.09 10.41 12.26
CA LEU A 950 -63.96 10.74 11.39
C LEU A 950 -63.27 9.46 10.90
N SER A 951 -64.09 8.52 10.43
CA SER A 951 -63.59 7.27 9.87
C SER A 951 -63.18 7.40 8.40
N PRO A 952 -63.97 8.04 7.53
CA PRO A 952 -63.56 8.08 6.11
C PRO A 952 -62.25 8.82 5.88
N ALA A 953 -61.97 9.85 6.67
CA ALA A 953 -60.74 10.61 6.46
C ALA A 953 -59.51 9.78 6.81
N VAL A 954 -59.56 9.05 7.93
CA VAL A 954 -58.42 8.20 8.27
C VAL A 954 -58.31 7.05 7.27
N ALA A 955 -59.44 6.59 6.72
CA ALA A 955 -59.40 5.58 5.67
C ALA A 955 -58.68 6.11 4.43
N TRP A 956 -58.99 7.34 4.03
CA TRP A 956 -58.30 7.94 2.90
C TRP A 956 -56.82 8.12 3.20
N TYR A 957 -56.49 8.54 4.42
CA TYR A 957 -55.09 8.71 4.80
C TYR A 957 -54.34 7.38 4.74
N VAL A 958 -54.98 6.30 5.19
CA VAL A 958 -54.29 5.02 5.25
C VAL A 958 -54.26 4.31 3.90
N SER A 959 -55.16 4.67 2.98
CA SER A 959 -55.21 3.99 1.69
C SER A 959 -54.26 4.58 0.65
N GLN A 960 -53.54 5.65 0.98
CA GLN A 960 -52.64 6.27 0.03
C GLN A 960 -51.29 5.55 0.00
N SER A 961 -50.55 5.77 -1.07
CA SER A 961 -49.25 5.12 -1.26
C SER A 961 -48.20 5.80 -0.38
N ALA A 962 -46.95 5.35 -0.50
CA ALA A 962 -45.89 5.86 0.35
C ALA A 962 -44.55 5.70 -0.33
N GLU A 963 -43.55 6.41 0.21
CA GLU A 963 -42.19 6.38 -0.31
C GLU A 963 -41.42 5.22 0.28
N THR A 964 -41.07 4.21 -0.55
CA THR A 964 -40.16 3.17 -0.10
C THR A 964 -38.86 3.18 -0.89
N GLU A 965 -38.88 2.87 -2.18
CA GLU A 965 -37.68 3.07 -3.01
C GLU A 965 -37.99 3.47 -4.44
N ASP A 966 -39.24 3.53 -4.87
CA ASP A 966 -39.56 3.80 -6.27
C ASP A 966 -40.48 4.99 -6.47
N ARG A 967 -41.06 5.55 -5.41
CA ARG A 967 -41.95 6.70 -5.52
C ARG A 967 -41.47 7.81 -4.60
N LEU A 968 -40.17 8.11 -4.69
CA LEU A 968 -39.58 9.12 -3.83
C LEU A 968 -40.24 10.48 -4.06
N PHE A 969 -40.63 11.13 -2.96
CA PHE A 969 -41.13 12.50 -3.01
C PHE A 969 -39.92 13.43 -2.97
N VAL A 970 -39.25 13.52 -4.13
CA VAL A 970 -37.96 14.18 -4.25
C VAL A 970 -38.11 15.63 -4.71
N SER A 971 -39.33 16.15 -4.79
CA SER A 971 -39.60 17.50 -5.24
C SER A 971 -39.07 17.72 -6.65
N GLU A 972 -38.89 18.97 -7.05
CA GLU A 972 -38.44 19.30 -8.39
C GLU A 972 -37.09 20.02 -8.44
N HIS A 973 -36.78 20.84 -7.43
CA HIS A 973 -35.50 21.55 -7.44
C HIS A 973 -34.31 20.60 -7.31
N VAL A 974 -34.51 19.43 -6.72
CA VAL A 974 -33.44 18.44 -6.61
C VAL A 974 -33.32 17.60 -7.87
N SER A 975 -34.44 17.21 -8.46
CA SER A 975 -34.41 16.41 -9.68
C SER A 975 -33.73 17.17 -10.81
N PHE A 976 -34.02 18.46 -10.94
CA PHE A 976 -33.39 19.27 -11.97
C PHE A 976 -31.87 19.32 -11.78
N GLU A 977 -31.43 19.53 -10.54
CA GLU A 977 -30.01 19.64 -10.28
C GLU A 977 -29.29 18.30 -10.37
N LEU A 978 -30.02 17.18 -10.26
CA LEU A 978 -29.40 15.89 -10.51
C LEU A 978 -29.35 15.58 -12.00
N ARG A 979 -30.40 15.96 -12.73
CA ARG A 979 -30.40 15.76 -14.18
C ARG A 979 -29.31 16.58 -14.85
N LYS A 980 -29.04 17.78 -14.33
CA LYS A 980 -27.94 18.57 -14.89
C LYS A 980 -26.61 17.86 -14.69
N ILE A 981 -26.38 17.27 -13.52
CA ILE A 981 -25.15 16.53 -13.28
C ILE A 981 -25.07 15.32 -14.20
N ALA A 982 -26.19 14.62 -14.40
CA ALA A 982 -26.19 13.48 -15.30
C ALA A 982 -25.85 13.90 -16.73
N ARG A 983 -26.42 15.01 -17.19
CA ARG A 983 -26.12 15.49 -18.54
C ARG A 983 -24.66 15.88 -18.68
N ARG A 984 -24.10 16.55 -17.67
CA ARG A 984 -22.68 16.85 -17.71
C ARG A 984 -21.83 15.59 -17.70
N THR A 985 -22.30 14.55 -17.01
CA THR A 985 -21.57 13.28 -16.97
C THR A 985 -21.57 12.61 -18.33
N TRP A 986 -22.69 12.68 -19.06
CA TRP A 986 -22.77 11.98 -20.33
C TRP A 986 -21.90 12.61 -21.42
N ARG A 987 -21.29 13.77 -21.15
CA ARG A 987 -20.35 14.34 -22.09
C ARG A 987 -19.20 13.40 -22.38
N TYR A 988 -18.81 12.59 -21.39
CA TYR A 988 -17.73 11.63 -21.57
C TYR A 988 -18.09 10.63 -22.67
N TYR A 989 -19.28 10.06 -22.60
CA TYR A 989 -19.71 9.12 -23.62
C TYR A 989 -19.95 9.80 -24.95
N GLU A 990 -20.39 11.08 -24.93
CA GLU A 990 -20.54 11.81 -26.18
C GLU A 990 -19.20 11.98 -26.87
N ALA A 991 -18.14 12.27 -26.11
CA ALA A 991 -16.86 12.61 -26.73
C ALA A 991 -16.07 11.36 -27.10
N PHE A 992 -15.87 10.46 -26.14
CA PHE A 992 -14.87 9.41 -26.30
C PHE A 992 -15.38 8.14 -26.95
N VAL A 993 -16.63 8.11 -27.39
CA VAL A 993 -17.16 6.96 -28.13
C VAL A 993 -17.25 7.36 -29.60
N THR A 994 -16.20 7.03 -30.35
CA THR A 994 -16.11 7.34 -31.78
C THR A 994 -15.80 6.06 -32.55
N PRO A 995 -16.35 5.92 -33.75
CA PRO A 995 -16.14 4.67 -34.50
C PRO A 995 -14.72 4.52 -35.02
N GLN A 996 -13.95 3.66 -34.35
CA GLN A 996 -12.60 3.28 -34.76
C GLN A 996 -12.41 1.78 -34.54
N GLU A 997 -13.41 0.99 -34.94
CA GLU A 997 -13.67 -0.36 -34.42
C GLU A 997 -13.98 -0.31 -32.93
N ASN A 998 -14.18 0.90 -32.41
CA ASN A 998 -14.64 1.24 -31.08
C ASN A 998 -16.15 1.11 -31.01
N HIS A 999 -16.78 1.92 -30.14
CA HIS A 999 -18.09 1.73 -29.51
C HIS A 999 -17.91 0.82 -28.31
N LEU A 1000 -16.69 0.82 -27.79
CA LEU A 1000 -16.34 0.30 -26.48
C LEU A 1000 -15.70 1.45 -25.71
N PRO A 1001 -16.25 1.84 -24.55
CA PRO A 1001 -15.76 3.04 -23.86
C PRO A 1001 -14.38 2.83 -23.30
N PRO A 1002 -13.52 3.85 -23.38
CA PRO A 1002 -12.17 3.73 -22.80
C PRO A 1002 -12.23 3.60 -21.29
N ASP A 1003 -11.20 2.95 -20.73
CA ASP A 1003 -11.17 2.71 -19.30
C ASP A 1003 -11.14 4.01 -18.51
N ASN A 1004 -10.20 4.90 -18.84
CA ASN A 1004 -10.07 6.16 -18.13
C ASN A 1004 -9.55 7.22 -19.07
N PHE A 1005 -9.25 8.39 -18.52
CA PHE A 1005 -8.81 9.54 -19.30
C PHE A 1005 -8.01 10.48 -18.40
N GLN A 1006 -6.68 10.48 -18.57
CA GLN A 1006 -5.85 11.44 -17.88
C GLN A 1006 -6.18 12.85 -18.36
N GLU A 1007 -5.94 13.84 -17.50
CA GLU A 1007 -6.20 15.22 -17.90
C GLU A 1007 -5.01 16.14 -17.65
N THR A 1008 -4.30 15.92 -16.54
CA THR A 1008 -3.20 16.81 -16.19
C THR A 1008 -1.97 16.58 -17.07
N PRO A 1009 -1.36 15.37 -17.06
CA PRO A 1009 -0.13 15.21 -17.85
C PRO A 1009 -0.41 14.89 -19.32
N GLU A 1010 -0.59 15.95 -20.13
CA GLU A 1010 -0.83 15.88 -21.57
C GLU A 1010 -1.89 14.84 -21.87
N PRO A 1011 -3.17 15.18 -21.64
CA PRO A 1011 -4.22 14.16 -21.48
C PRO A 1011 -4.15 13.00 -22.47
N ILE A 1012 -4.22 11.79 -21.92
CA ILE A 1012 -4.12 10.56 -22.68
C ILE A 1012 -5.41 9.77 -22.50
N VAL A 1013 -5.86 9.13 -23.57
CA VAL A 1013 -7.04 8.26 -23.53
C VAL A 1013 -6.55 6.82 -23.59
N ALA A 1014 -6.83 6.06 -22.53
CA ALA A 1014 -6.45 4.65 -22.51
C ALA A 1014 -7.30 3.85 -23.49
N SER A 1015 -6.78 2.71 -23.89
CA SER A 1015 -7.40 1.88 -24.93
C SER A 1015 -7.73 0.49 -24.41
N ARG A 1016 -8.25 0.41 -23.18
CA ARG A 1016 -8.61 -0.86 -22.56
C ARG A 1016 -10.06 -0.79 -22.10
N THR A 1017 -10.81 -1.87 -22.32
CA THR A 1017 -12.19 -1.96 -21.91
C THR A 1017 -12.39 -3.17 -21.00
N SER A 1018 -13.64 -3.40 -20.60
CA SER A 1018 -14.00 -4.53 -19.77
C SER A 1018 -15.48 -4.80 -19.95
N PRO A 1019 -15.94 -6.01 -19.66
CA PRO A 1019 -17.39 -6.27 -19.74
C PRO A 1019 -18.20 -5.35 -18.87
N THR A 1020 -17.69 -4.96 -17.70
CA THR A 1020 -18.43 -4.05 -16.83
C THR A 1020 -18.65 -2.70 -17.51
N ASN A 1021 -17.61 -2.16 -18.14
CA ASN A 1021 -17.75 -0.88 -18.82
C ASN A 1021 -18.75 -0.96 -19.96
N ILE A 1022 -18.70 -2.04 -20.74
CA ILE A 1022 -19.64 -2.20 -21.83
C ILE A 1022 -21.06 -2.27 -21.30
N GLY A 1023 -21.27 -3.03 -20.23
CA GLY A 1023 -22.61 -3.14 -19.67
C GLY A 1023 -23.15 -1.83 -19.15
N VAL A 1024 -22.33 -1.10 -18.38
CA VAL A 1024 -22.82 0.15 -17.80
C VAL A 1024 -23.04 1.18 -18.89
N TYR A 1025 -22.21 1.19 -19.94
CA TYR A 1025 -22.43 2.12 -21.04
C TYR A 1025 -23.72 1.78 -21.79
N LEU A 1026 -23.95 0.49 -22.03
CA LEU A 1026 -25.17 0.09 -22.72
C LEU A 1026 -26.41 0.39 -21.90
N LEU A 1027 -26.28 0.38 -20.58
CA LEU A 1027 -27.38 0.78 -19.70
C LEU A 1027 -27.59 2.28 -19.71
N SER A 1028 -26.50 3.04 -19.66
CA SER A 1028 -26.59 4.50 -19.69
C SER A 1028 -27.11 5.03 -21.01
N VAL A 1029 -26.90 4.30 -22.11
CA VAL A 1029 -27.49 4.73 -23.38
C VAL A 1029 -29.01 4.72 -23.29
N ILE A 1030 -29.58 3.65 -22.73
CA ILE A 1030 -31.03 3.58 -22.55
C ILE A 1030 -31.49 4.66 -21.60
N SER A 1031 -30.75 4.87 -20.51
CA SER A 1031 -31.11 5.94 -19.58
C SER A 1031 -31.12 7.30 -20.27
N ALA A 1032 -30.10 7.58 -21.09
CA ALA A 1032 -30.02 8.84 -21.81
C ALA A 1032 -31.19 8.99 -22.78
N ARG A 1033 -31.57 7.91 -23.45
CA ARG A 1033 -32.74 7.99 -24.32
C ARG A 1033 -33.99 8.32 -23.51
N GLN A 1034 -34.12 7.73 -22.32
CA GLN A 1034 -35.27 8.04 -21.48
C GLN A 1034 -35.28 9.51 -21.06
N PHE A 1035 -34.12 10.06 -20.72
CA PHE A 1035 -34.06 11.48 -20.39
C PHE A 1035 -34.46 12.36 -21.57
N GLY A 1036 -34.20 11.90 -22.79
CA GLY A 1036 -34.48 12.68 -23.98
C GLY A 1036 -33.29 13.42 -24.55
N TRP A 1037 -32.07 13.10 -24.12
CA TRP A 1037 -30.90 13.81 -24.61
C TRP A 1037 -30.60 13.49 -26.06
N ILE A 1038 -31.08 12.35 -26.57
CA ILE A 1038 -30.80 11.93 -27.94
C ILE A 1038 -32.06 11.45 -28.61
N SER A 1039 -32.04 11.46 -29.94
CA SER A 1039 -33.17 11.02 -30.74
C SER A 1039 -33.28 9.50 -30.71
N PHE A 1040 -34.38 8.98 -31.26
CA PHE A 1040 -34.58 7.54 -31.30
C PHE A 1040 -33.53 6.85 -32.16
N ALA A 1041 -33.19 7.44 -33.32
CA ALA A 1041 -32.27 6.79 -34.24
C ALA A 1041 -30.88 6.67 -33.64
N ASP A 1042 -30.43 7.68 -32.89
CA ASP A 1042 -29.09 7.64 -32.33
C ASP A 1042 -28.95 6.50 -31.33
N THR A 1043 -29.97 6.28 -30.49
CA THR A 1043 -29.91 5.20 -29.52
C THR A 1043 -29.82 3.85 -30.21
N LEU A 1044 -30.63 3.64 -31.25
CA LEU A 1044 -30.57 2.39 -32.00
C LEU A 1044 -29.22 2.21 -32.66
N GLU A 1045 -28.66 3.29 -33.22
CA GLU A 1045 -27.34 3.20 -33.83
C GLU A 1045 -26.29 2.77 -32.81
N ARG A 1046 -26.31 3.38 -31.62
CA ARG A 1046 -25.34 3.04 -30.60
C ARG A 1046 -25.48 1.58 -30.17
N ILE A 1047 -26.72 1.12 -29.98
CA ILE A 1047 -26.93 -0.26 -29.56
C ILE A 1047 -26.50 -1.22 -30.68
N GLU A 1048 -26.83 -0.90 -31.93
CA GLU A 1048 -26.36 -1.70 -33.06
C GLU A 1048 -24.85 -1.87 -33.02
N ASN A 1049 -24.14 -0.75 -32.92
CA ASN A 1049 -22.68 -0.81 -32.98
C ASN A 1049 -22.10 -1.58 -31.82
N THR A 1050 -22.59 -1.32 -30.60
CA THR A 1050 -22.04 -2.00 -29.43
C THR A 1050 -22.31 -3.50 -29.49
N ILE A 1051 -23.52 -3.90 -29.88
CA ILE A 1051 -23.85 -5.33 -29.90
C ILE A 1051 -23.09 -6.03 -31.01
N GLN A 1052 -22.96 -5.40 -32.18
CA GLN A 1052 -22.17 -6.02 -33.25
C GLN A 1052 -20.71 -6.18 -32.83
N THR A 1053 -20.15 -5.16 -32.17
CA THR A 1053 -18.77 -5.28 -31.70
C THR A 1053 -18.63 -6.42 -30.70
N VAL A 1054 -19.54 -6.49 -29.73
CA VAL A 1054 -19.46 -7.54 -28.72
C VAL A 1054 -19.60 -8.92 -29.35
N GLU A 1055 -20.49 -9.06 -30.33
CA GLU A 1055 -20.62 -10.33 -31.03
C GLU A 1055 -19.35 -10.71 -31.76
N LYS A 1056 -18.72 -9.74 -32.44
CA LYS A 1056 -17.47 -10.02 -33.12
C LYS A 1056 -16.31 -10.27 -32.17
N MET A 1057 -16.48 -9.96 -30.89
CA MET A 1057 -15.41 -10.06 -29.91
C MET A 1057 -15.10 -11.51 -29.59
N GLU A 1058 -13.84 -11.76 -29.20
CA GLU A 1058 -13.42 -13.11 -28.81
C GLU A 1058 -14.08 -13.50 -27.49
N LYS A 1059 -14.44 -14.77 -27.38
CA LYS A 1059 -15.18 -15.27 -26.22
C LYS A 1059 -14.66 -16.66 -25.83
N HIS A 1060 -15.02 -17.07 -24.62
CA HIS A 1060 -14.75 -18.42 -24.13
C HIS A 1060 -16.02 -18.93 -23.44
N ARG A 1061 -16.80 -19.71 -24.16
CA ARG A 1061 -18.11 -20.19 -23.69
C ARG A 1061 -18.98 -19.02 -23.25
N GLY A 1062 -18.92 -17.94 -24.02
CA GLY A 1062 -19.77 -16.78 -23.77
C GLY A 1062 -19.10 -15.67 -23.00
N HIS A 1063 -18.11 -15.99 -22.18
CA HIS A 1063 -17.48 -14.99 -21.35
C HIS A 1063 -16.47 -14.16 -22.15
N LEU A 1064 -16.11 -13.02 -21.60
CA LEU A 1064 -15.11 -12.12 -22.17
C LEU A 1064 -13.89 -12.08 -21.25
N TYR A 1065 -12.74 -11.79 -21.85
CA TYR A 1065 -11.47 -11.97 -21.15
C TYR A 1065 -11.06 -10.75 -20.32
N ASN A 1066 -11.99 -10.16 -19.57
CA ASN A 1066 -11.70 -9.25 -18.47
C ASN A 1066 -10.97 -7.97 -18.90
N TRP A 1067 -10.50 -7.91 -20.14
CA TRP A 1067 -9.69 -6.81 -20.63
C TRP A 1067 -9.54 -6.96 -22.14
N TYR A 1068 -9.66 -5.85 -22.86
CA TYR A 1068 -9.58 -5.88 -24.30
C TYR A 1068 -9.04 -4.56 -24.83
N HIS A 1069 -8.53 -4.59 -26.04
CA HIS A 1069 -8.07 -3.38 -26.71
C HIS A 1069 -9.22 -2.76 -27.50
N THR A 1070 -9.35 -1.44 -27.42
CA THR A 1070 -10.47 -0.75 -28.04
C THR A 1070 -10.44 -0.88 -29.56
N ASP A 1071 -9.25 -0.73 -30.16
CA ASP A 1071 -9.13 -0.66 -31.61
C ASP A 1071 -8.74 -1.98 -32.25
N THR A 1072 -7.99 -2.83 -31.56
CA THR A 1072 -7.53 -4.09 -32.13
C THR A 1072 -8.31 -5.30 -31.63
N LEU A 1073 -9.08 -5.16 -30.55
CA LEU A 1073 -9.89 -6.24 -30.00
C LEU A 1073 -9.06 -7.47 -29.65
N GLN A 1074 -7.87 -7.27 -29.11
CA GLN A 1074 -7.00 -8.35 -28.66
C GLN A 1074 -6.82 -8.27 -27.15
N THR A 1075 -6.79 -9.43 -26.51
CA THR A 1075 -6.57 -9.48 -25.07
C THR A 1075 -5.19 -8.97 -24.72
N LEU A 1076 -5.10 -8.19 -23.64
CA LEU A 1076 -3.84 -7.56 -23.28
C LEU A 1076 -2.85 -8.57 -22.70
N GLY A 1077 -3.18 -9.16 -21.56
CA GLY A 1077 -2.30 -10.08 -20.90
C GLY A 1077 -2.80 -11.51 -21.02
N PRO A 1078 -2.60 -12.31 -19.97
CA PRO A 1078 -3.15 -13.66 -19.98
C PRO A 1078 -4.67 -13.61 -20.01
N ARG A 1079 -5.26 -14.46 -20.86
CA ARG A 1079 -6.70 -14.46 -21.00
C ARG A 1079 -7.36 -14.94 -19.72
N TYR A 1080 -7.99 -14.03 -18.99
CA TYR A 1080 -8.57 -14.31 -17.68
C TYR A 1080 -10.07 -14.03 -17.73
N VAL A 1081 -10.86 -14.97 -17.22
CA VAL A 1081 -12.31 -14.83 -17.18
C VAL A 1081 -12.71 -14.45 -15.76
N SER A 1082 -13.41 -13.33 -15.62
CA SER A 1082 -13.82 -12.82 -14.32
C SER A 1082 -15.30 -13.08 -14.13
N ALA A 1083 -15.66 -13.71 -13.00
CA ALA A 1083 -17.06 -13.99 -12.71
C ALA A 1083 -17.85 -12.70 -12.51
N VAL A 1084 -17.24 -11.70 -11.86
CA VAL A 1084 -17.94 -10.45 -11.59
C VAL A 1084 -18.31 -9.74 -12.89
N ASP A 1085 -17.33 -9.58 -13.78
CA ASP A 1085 -17.54 -8.78 -14.98
C ASP A 1085 -18.54 -9.43 -15.91
N SER A 1086 -18.42 -10.75 -16.11
CA SER A 1086 -19.37 -11.46 -16.96
C SER A 1086 -20.79 -11.35 -16.40
N GLY A 1087 -20.94 -11.50 -15.09
CA GLY A 1087 -22.25 -11.37 -14.49
C GLY A 1087 -22.83 -9.97 -14.66
N ASN A 1088 -22.01 -8.94 -14.46
CA ASN A 1088 -22.50 -7.57 -14.63
C ASN A 1088 -22.93 -7.32 -16.07
N LEU A 1089 -22.11 -7.75 -17.02
CA LEU A 1089 -22.45 -7.56 -18.43
C LEU A 1089 -23.73 -8.28 -18.80
N ALA A 1090 -23.89 -9.52 -18.32
CA ALA A 1090 -25.10 -10.27 -18.64
C ALA A 1090 -26.33 -9.63 -18.01
N GLY A 1091 -26.21 -9.18 -16.76
CA GLY A 1091 -27.34 -8.54 -16.10
C GLY A 1091 -27.77 -7.27 -16.81
N HIS A 1092 -26.79 -6.51 -17.32
CA HIS A 1092 -27.14 -5.30 -18.07
C HIS A 1092 -27.68 -5.62 -19.46
N LEU A 1093 -27.19 -6.69 -20.09
CA LEU A 1093 -27.75 -7.11 -21.37
C LEU A 1093 -29.19 -7.55 -21.23
N ILE A 1094 -29.55 -8.16 -20.10
CA ILE A 1094 -30.95 -8.52 -19.87
C ILE A 1094 -31.83 -7.27 -19.85
N ALA A 1095 -31.37 -6.21 -19.18
CA ALA A 1095 -32.12 -4.97 -19.16
C ALA A 1095 -32.21 -4.35 -20.54
N VAL A 1096 -31.12 -4.42 -21.31
CA VAL A 1096 -31.14 -3.88 -22.67
C VAL A 1096 -32.17 -4.62 -23.52
N SER A 1097 -32.20 -5.95 -23.43
CA SER A 1097 -33.18 -6.73 -24.18
C SER A 1097 -34.60 -6.40 -23.73
N SER A 1098 -34.79 -6.21 -22.43
CA SER A 1098 -36.11 -5.86 -21.93
C SER A 1098 -36.57 -4.51 -22.49
N ALA A 1099 -35.66 -3.54 -22.55
CA ALA A 1099 -36.04 -2.23 -23.10
C ALA A 1099 -36.33 -2.31 -24.58
N CYS A 1100 -35.53 -3.10 -25.32
CA CYS A 1100 -35.82 -3.29 -26.74
C CYS A 1100 -37.18 -3.91 -26.94
N ARG A 1101 -37.53 -4.93 -26.16
CA ARG A 1101 -38.86 -5.51 -26.25
C ARG A 1101 -39.93 -4.48 -25.89
N ASP A 1102 -39.66 -3.65 -24.87
CA ASP A 1102 -40.65 -2.70 -24.39
C ASP A 1102 -41.01 -1.70 -25.47
N TRP A 1103 -40.02 -1.06 -26.08
CA TRP A 1103 -40.37 -0.12 -27.15
C TRP A 1103 -40.28 -0.75 -28.53
N ALA A 1104 -40.34 -2.09 -28.58
CA ALA A 1104 -40.60 -2.78 -29.83
C ALA A 1104 -41.99 -3.37 -29.94
N GLU A 1105 -42.68 -3.64 -28.83
CA GLU A 1105 -44.07 -4.09 -28.91
C GLU A 1105 -44.94 -3.03 -29.57
N ALA A 1106 -44.77 -1.77 -29.17
CA ALA A 1106 -45.50 -0.65 -29.75
C ALA A 1106 -44.51 0.46 -30.04
N PRO A 1107 -43.82 0.41 -31.19
CA PRO A 1107 -42.77 1.39 -31.51
C PRO A 1107 -43.29 2.69 -32.10
N SER A 1108 -44.33 3.23 -31.48
CA SER A 1108 -44.91 4.49 -31.94
C SER A 1108 -45.05 5.52 -30.83
N ALA A 1109 -45.39 5.08 -29.62
CA ALA A 1109 -45.56 6.00 -28.49
C ALA A 1109 -44.25 6.42 -27.85
N HIS A 1110 -43.14 5.76 -28.19
CA HIS A 1110 -41.84 6.07 -27.63
C HIS A 1110 -41.01 7.00 -28.51
N LEU A 1111 -41.59 7.47 -29.62
CA LEU A 1111 -40.84 8.32 -30.54
C LEU A 1111 -40.73 9.75 -30.05
N GLN A 1112 -41.72 10.22 -29.29
CA GLN A 1112 -41.80 11.64 -28.93
C GLN A 1112 -40.59 12.07 -28.10
N GLY A 1113 -40.45 11.51 -26.91
CA GLY A 1113 -39.38 11.88 -26.01
C GLY A 1113 -39.88 12.71 -24.84
N ASN A 1114 -38.98 12.90 -23.86
CA ASN A 1114 -39.33 13.59 -22.64
C ASN A 1114 -39.45 15.09 -22.84
N LEU A 1115 -38.71 15.66 -23.80
CA LEU A 1115 -38.66 17.09 -24.05
C LEU A 1115 -38.09 17.87 -22.87
N ASP A 1116 -37.37 17.21 -21.98
CA ASP A 1116 -36.71 17.88 -20.86
C ASP A 1116 -35.20 17.96 -21.01
N GLY A 1117 -34.61 17.16 -21.90
CA GLY A 1117 -33.18 17.27 -22.13
C GLY A 1117 -32.80 18.65 -22.64
N ILE A 1118 -33.61 19.21 -23.53
CA ILE A 1118 -33.43 20.59 -23.97
C ILE A 1118 -33.64 21.59 -22.84
N GLY A 1119 -34.20 21.14 -21.70
CA GLY A 1119 -34.27 21.97 -20.52
C GLY A 1119 -33.03 21.81 -19.66
N ASP A 1120 -32.54 20.58 -19.56
CA ASP A 1120 -31.33 20.33 -18.78
C ASP A 1120 -30.13 21.05 -19.39
N VAL A 1121 -29.98 20.96 -20.72
CA VAL A 1121 -28.86 21.65 -21.35
C VAL A 1121 -29.03 23.16 -21.26
N ALA A 1122 -30.28 23.65 -21.29
CA ALA A 1122 -30.50 25.08 -21.11
C ALA A 1122 -30.08 25.53 -19.71
N GLY A 1123 -30.41 24.74 -18.69
CA GLY A 1123 -29.97 25.06 -17.34
C GLY A 1123 -28.47 25.04 -17.20
N ILE A 1124 -27.81 24.05 -17.82
CA ILE A 1124 -26.35 24.00 -17.78
C ILE A 1124 -25.76 25.22 -18.48
N LEU A 1125 -26.37 25.64 -19.59
CA LEU A 1125 -25.93 26.84 -20.30
C LEU A 1125 -26.04 28.06 -19.40
N ARG A 1126 -27.16 28.19 -18.68
CA ARG A 1126 -27.32 29.30 -17.75
C ARG A 1126 -26.24 29.26 -16.67
N GLU A 1127 -25.95 28.08 -16.14
CA GLU A 1127 -24.94 27.96 -15.09
C GLU A 1127 -23.56 28.35 -15.61
N THR A 1128 -23.19 27.88 -16.81
CA THR A 1128 -21.89 28.22 -17.36
C THR A 1128 -21.77 29.69 -17.72
N LEU A 1129 -22.87 30.31 -18.15
CA LEU A 1129 -22.83 31.73 -18.48
C LEU A 1129 -22.49 32.57 -17.26
N LYS A 1130 -22.92 32.15 -16.07
CA LYS A 1130 -22.69 32.92 -14.86
C LYS A 1130 -21.23 32.99 -14.48
N ALA A 1131 -20.38 32.13 -15.04
CA ALA A 1131 -18.98 32.09 -14.67
C ALA A 1131 -18.10 33.06 -15.44
N LEU A 1132 -18.63 33.69 -16.48
CA LEU A 1132 -17.82 34.59 -17.30
C LEU A 1132 -17.62 35.93 -16.60
N PRO A 1133 -16.38 36.34 -16.34
CA PRO A 1133 -16.15 37.72 -15.86
C PRO A 1133 -16.47 38.71 -16.97
N ASP A 1134 -17.36 39.65 -16.68
CA ASP A 1134 -17.91 40.56 -17.68
C ASP A 1134 -17.54 42.00 -17.34
N ASN A 1135 -16.32 42.21 -16.85
CA ASN A 1135 -15.79 43.54 -16.58
C ASN A 1135 -14.61 43.75 -17.53
N ARG A 1136 -14.91 44.27 -18.71
CA ARG A 1136 -13.92 44.37 -19.78
C ARG A 1136 -14.10 45.71 -20.49
N LYS A 1137 -13.51 45.82 -21.69
CA LYS A 1137 -13.47 47.09 -22.41
C LYS A 1137 -14.88 47.60 -22.73
N THR A 1138 -15.78 46.71 -23.14
CA THR A 1138 -17.14 47.08 -23.47
C THR A 1138 -18.11 46.83 -22.32
N LEU A 1139 -17.59 46.57 -21.12
CA LEU A 1139 -18.38 46.20 -19.96
C LEU A 1139 -19.12 44.89 -20.21
N ARG A 1140 -20.45 44.95 -20.39
CA ARG A 1140 -21.19 43.71 -20.55
C ARG A 1140 -22.53 43.85 -21.25
N PRO A 1141 -22.58 44.36 -22.49
CA PRO A 1141 -23.85 44.41 -23.21
C PRO A 1141 -24.27 43.04 -23.74
N LEU A 1142 -23.31 42.34 -24.36
CA LEU A 1142 -23.58 41.00 -24.85
C LEU A 1142 -23.92 40.05 -23.72
N HIS A 1143 -23.36 40.27 -22.53
CA HIS A 1143 -23.67 39.46 -21.37
C HIS A 1143 -25.17 39.50 -21.11
N ARG A 1144 -25.69 40.69 -20.81
CA ARG A 1144 -27.13 40.83 -20.59
C ARG A 1144 -27.91 40.25 -21.75
N ARG A 1145 -27.56 40.64 -22.98
CA ARG A 1145 -28.27 40.15 -24.17
C ARG A 1145 -28.39 38.64 -24.12
N LEU A 1146 -27.31 37.95 -23.74
CA LEU A 1146 -27.37 36.51 -23.58
C LEU A 1146 -28.35 36.09 -22.50
N GLU A 1147 -28.37 36.79 -21.36
CA GLU A 1147 -29.34 36.38 -20.34
C GLU A 1147 -30.79 36.54 -20.83
N GLU A 1148 -31.16 37.66 -21.44
CA GLU A 1148 -32.57 37.73 -21.82
C GLU A 1148 -32.88 36.77 -22.96
N ARG A 1149 -31.93 36.53 -23.88
CA ARG A 1149 -32.19 35.54 -24.93
C ARG A 1149 -32.40 34.15 -24.34
N ILE A 1150 -31.55 33.76 -23.39
CA ILE A 1150 -31.68 32.43 -22.80
C ILE A 1150 -32.94 32.32 -21.96
N ILE A 1151 -33.31 33.39 -21.25
CA ILE A 1151 -34.55 33.36 -20.47
C ILE A 1151 -35.75 33.27 -21.38
N GLY A 1152 -35.73 33.97 -22.53
CA GLY A 1152 -36.80 33.82 -23.50
C GLY A 1152 -36.88 32.41 -24.04
N PHE A 1153 -35.73 31.79 -24.32
CA PHE A 1153 -35.73 30.40 -24.77
C PHE A 1153 -36.33 29.48 -23.71
N SER A 1154 -35.95 29.69 -22.45
CA SER A 1154 -36.49 28.86 -21.37
C SER A 1154 -38.00 29.04 -21.23
N ASN A 1155 -38.47 30.28 -21.34
CA ASN A 1155 -39.91 30.52 -21.25
C ASN A 1155 -40.65 29.88 -22.41
N ALA A 1156 -40.09 29.94 -23.62
CA ALA A 1156 -40.71 29.29 -24.76
C ALA A 1156 -40.74 27.78 -24.56
N LEU A 1157 -39.67 27.20 -24.03
CA LEU A 1157 -39.65 25.76 -23.76
C LEU A 1157 -40.70 25.39 -22.71
N ALA A 1158 -40.84 26.22 -21.67
CA ALA A 1158 -41.85 25.97 -20.66
C ALA A 1158 -43.25 26.04 -21.25
N SER A 1159 -43.48 27.00 -22.15
CA SER A 1159 -44.76 27.09 -22.84
C SER A 1159 -45.01 25.85 -23.68
N VAL A 1160 -43.98 25.36 -24.38
CA VAL A 1160 -44.13 24.17 -25.20
C VAL A 1160 -44.49 22.96 -24.35
N LYS A 1161 -43.79 22.78 -23.23
CA LYS A 1161 -44.13 21.69 -22.32
C LYS A 1161 -45.51 21.88 -21.73
N ARG A 1162 -45.95 23.12 -21.54
CA ARG A 1162 -47.27 23.39 -21.00
C ARG A 1162 -48.37 22.94 -21.96
N GLU A 1163 -48.14 23.08 -23.26
CA GLU A 1163 -49.14 22.66 -24.25
C GLU A 1163 -49.40 21.17 -24.16
N HIS A 1164 -50.67 20.79 -24.15
CA HIS A 1164 -51.03 19.37 -24.04
C HIS A 1164 -51.17 18.70 -25.41
N GLU A 1165 -51.37 19.49 -26.46
CA GLU A 1165 -51.54 18.92 -27.81
C GLU A 1165 -50.22 18.64 -28.51
N PHE A 1166 -49.11 19.19 -28.03
CA PHE A 1166 -47.77 18.89 -28.53
C PHE A 1166 -47.64 19.17 -30.03
N ALA A 1167 -47.74 20.46 -30.36
CA ALA A 1167 -47.52 20.89 -31.74
C ALA A 1167 -46.06 20.70 -32.13
N SER A 1168 -45.82 20.35 -33.39
CA SER A 1168 -44.48 20.04 -33.86
C SER A 1168 -43.76 21.24 -34.46
N ILE A 1169 -44.41 22.40 -34.58
CA ILE A 1169 -43.73 23.59 -35.08
C ILE A 1169 -43.09 24.37 -33.95
N ARG A 1170 -43.56 24.19 -32.71
CA ARG A 1170 -43.00 24.91 -31.58
C ARG A 1170 -41.56 24.45 -31.31
N VAL A 1171 -41.28 23.16 -31.48
CA VAL A 1171 -39.90 22.69 -31.32
C VAL A 1171 -39.00 23.25 -32.41
N ILE A 1172 -39.53 23.42 -33.63
CA ILE A 1172 -38.75 24.04 -34.69
C ILE A 1172 -38.43 25.49 -34.35
N ASN A 1173 -39.41 26.22 -33.82
CA ASN A 1173 -39.16 27.58 -33.36
C ASN A 1173 -38.12 27.59 -32.24
N LEU A 1174 -38.18 26.62 -31.34
CA LEU A 1174 -37.17 26.50 -30.29
C LEU A 1174 -35.78 26.29 -30.89
N ALA A 1175 -35.69 25.47 -31.94
CA ALA A 1175 -34.41 25.26 -32.60
C ALA A 1175 -33.90 26.54 -33.24
N VAL A 1176 -34.80 27.34 -33.83
CA VAL A 1176 -34.40 28.62 -34.40
C VAL A 1176 -33.84 29.54 -33.31
N LEU A 1177 -34.52 29.59 -32.16
CA LEU A 1177 -34.03 30.39 -31.05
C LEU A 1177 -32.66 29.88 -30.58
N ALA A 1178 -32.49 28.56 -30.53
CA ALA A 1178 -31.20 28.00 -30.11
C ALA A 1178 -30.11 28.37 -31.10
N ARG A 1179 -30.42 28.37 -32.40
CA ARG A 1179 -29.44 28.79 -33.39
C ARG A 1179 -29.05 30.25 -33.21
N ASP A 1180 -30.04 31.10 -32.90
CA ASP A 1180 -29.73 32.50 -32.64
C ASP A 1180 -28.81 32.63 -31.42
N ILE A 1181 -29.10 31.88 -30.36
CA ILE A 1181 -28.25 31.90 -29.17
C ILE A 1181 -26.85 31.41 -29.50
N GLN A 1182 -26.75 30.40 -30.37
CA GLN A 1182 -25.44 29.89 -30.78
C GLN A 1182 -24.65 30.97 -31.52
N LYS A 1183 -25.33 31.71 -32.42
CA LYS A 1183 -24.64 32.79 -33.12
C LYS A 1183 -24.17 33.86 -32.14
N LEU A 1184 -25.01 34.22 -31.16
CA LEU A 1184 -24.60 35.19 -30.16
C LEU A 1184 -23.40 34.70 -29.35
N ALA A 1185 -23.40 33.42 -28.99
CA ALA A 1185 -22.30 32.86 -28.24
C ALA A 1185 -21.01 32.87 -29.05
N THR A 1186 -21.10 32.52 -30.34
CA THR A 1186 -19.93 32.60 -31.20
C THR A 1186 -19.40 34.03 -31.29
N ASN A 1187 -20.31 35.00 -31.42
CA ASN A 1187 -19.90 36.39 -31.50
C ASN A 1187 -19.18 36.83 -30.23
N VAL A 1188 -19.74 36.48 -29.06
CA VAL A 1188 -19.11 36.90 -27.81
C VAL A 1188 -17.79 36.16 -27.61
N ASP A 1189 -17.67 34.94 -28.11
CA ASP A 1189 -16.40 34.22 -28.02
C ASP A 1189 -15.36 34.77 -28.98
N HIS A 1190 -15.78 35.46 -30.05
CA HIS A 1190 -14.81 35.96 -31.03
C HIS A 1190 -13.82 36.93 -30.40
N GLU A 1191 -14.32 37.87 -29.58
CA GLU A 1191 -13.43 38.85 -28.99
C GLU A 1191 -12.80 38.34 -27.69
N VAL A 1192 -13.58 37.68 -26.85
CA VAL A 1192 -13.10 37.17 -25.58
C VAL A 1192 -12.56 35.76 -25.82
N LYS A 1193 -11.26 35.58 -25.62
CA LYS A 1193 -10.61 34.30 -25.85
C LYS A 1193 -10.44 33.49 -24.57
N SER A 1194 -11.36 33.63 -23.63
CA SER A 1194 -11.31 32.87 -22.39
C SER A 1194 -11.72 31.42 -22.63
N ALA A 1195 -11.20 30.53 -21.78
CA ALA A 1195 -11.53 29.12 -21.91
C ALA A 1195 -13.00 28.85 -21.59
N GLN A 1196 -13.59 29.63 -20.69
CA GLN A 1196 -14.99 29.41 -20.33
C GLN A 1196 -15.92 29.81 -21.46
N SER A 1197 -15.53 30.79 -22.29
CA SER A 1197 -16.32 31.12 -23.46
C SER A 1197 -16.38 29.94 -24.42
N ALA A 1198 -15.29 29.16 -24.52
CA ALA A 1198 -15.32 27.95 -25.33
C ALA A 1198 -16.34 26.96 -24.79
N GLU A 1199 -16.42 26.82 -23.46
CA GLU A 1199 -17.43 25.96 -22.86
C GLU A 1199 -18.84 26.45 -23.17
N VAL A 1200 -19.04 27.77 -23.13
CA VAL A 1200 -20.34 28.34 -23.47
C VAL A 1200 -20.71 28.00 -24.90
N THR A 1201 -19.75 28.13 -25.83
CA THR A 1201 -20.02 27.77 -27.22
C THR A 1201 -20.34 26.29 -27.35
N ARG A 1202 -19.60 25.44 -26.64
CA ARG A 1202 -19.87 24.00 -26.68
C ARG A 1202 -21.29 23.70 -26.21
N TRP A 1203 -21.72 24.34 -25.12
CA TRP A 1203 -23.03 24.05 -24.59
C TRP A 1203 -24.15 24.61 -25.45
N ALA A 1204 -23.96 25.77 -26.08
CA ALA A 1204 -24.95 26.23 -27.05
C ALA A 1204 -25.04 25.27 -28.24
N GLN A 1205 -23.90 24.77 -28.70
CA GLN A 1205 -23.90 23.79 -29.78
C GLN A 1205 -24.64 22.52 -29.36
N LEU A 1206 -24.43 22.08 -28.12
CA LEU A 1206 -25.14 20.91 -27.61
C LEU A 1206 -26.64 21.17 -27.52
N LEU A 1207 -27.04 22.37 -27.11
CA LEU A 1207 -28.46 22.70 -27.06
C LEU A 1207 -29.09 22.60 -28.45
N VAL A 1208 -28.43 23.14 -29.46
CA VAL A 1208 -29.03 23.10 -30.79
C VAL A 1208 -28.93 21.71 -31.40
N GLU A 1209 -27.97 20.86 -30.98
CA GLU A 1209 -28.01 19.41 -31.31
C GLU A 1209 -29.22 18.73 -30.68
N SER A 1210 -29.51 19.04 -29.42
CA SER A 1210 -30.65 18.41 -28.76
C SER A 1210 -31.96 18.80 -29.44
N CYS A 1211 -32.10 20.08 -29.79
CA CYS A 1211 -33.29 20.52 -30.51
C CYS A 1211 -33.40 19.82 -31.87
N GLU A 1212 -32.28 19.70 -32.58
CA GLU A 1212 -32.28 19.00 -33.86
C GLU A 1212 -32.64 17.53 -33.70
N ALA A 1213 -32.18 16.90 -32.61
CA ALA A 1213 -32.51 15.50 -32.36
C ALA A 1213 -34.00 15.32 -32.11
N HIS A 1214 -34.60 16.22 -31.34
CA HIS A 1214 -36.05 16.14 -31.15
C HIS A 1214 -36.80 16.38 -32.45
N ILE A 1215 -36.33 17.31 -33.28
CA ILE A 1215 -36.95 17.51 -34.58
C ILE A 1215 -36.86 16.25 -35.42
N SER A 1216 -35.69 15.60 -35.42
CA SER A 1216 -35.51 14.37 -36.19
C SER A 1216 -36.45 13.27 -35.70
N ASP A 1217 -36.61 13.15 -34.38
CA ASP A 1217 -37.61 12.23 -33.85
C ASP A 1217 -39.01 12.59 -34.33
N SER A 1218 -39.32 13.87 -34.46
CA SER A 1218 -40.61 14.27 -34.99
C SER A 1218 -40.71 14.04 -36.49
N ALA A 1219 -39.61 13.72 -37.16
CA ALA A 1219 -39.59 13.58 -38.61
C ALA A 1219 -39.80 12.15 -39.08
N ILE A 1220 -40.09 11.22 -38.18
CA ILE A 1220 -40.32 9.83 -38.59
C ILE A 1220 -41.56 9.75 -39.46
N ASP A 1221 -41.56 8.79 -40.39
CA ASP A 1221 -42.70 8.62 -41.30
C ASP A 1221 -44.00 8.39 -40.55
N LEU A 1222 -43.93 7.71 -39.41
CA LEU A 1222 -45.05 7.42 -38.51
C LEU A 1222 -46.08 6.49 -39.14
N THR A 1223 -45.88 6.03 -40.38
CA THR A 1223 -46.79 5.11 -41.03
C THR A 1223 -46.12 3.78 -41.36
N ASN A 1224 -44.97 3.81 -42.02
CA ASN A 1224 -44.23 2.60 -42.38
C ASN A 1224 -43.12 2.42 -41.33
N MET A 1225 -43.37 1.56 -40.35
CA MET A 1225 -42.42 1.29 -39.29
C MET A 1225 -42.07 -0.18 -39.15
N GLU A 1226 -42.56 -1.03 -40.05
CA GLU A 1226 -42.31 -2.46 -39.92
C GLU A 1226 -40.82 -2.82 -39.98
N PRO A 1227 -40.00 -2.29 -40.88
CA PRO A 1227 -38.57 -2.59 -40.80
C PRO A 1227 -37.93 -2.19 -39.48
N LEU A 1228 -38.38 -1.09 -38.89
CA LEU A 1228 -37.88 -0.69 -37.59
C LEU A 1228 -38.24 -1.72 -36.52
N ARG A 1229 -39.47 -2.22 -36.55
CA ARG A 1229 -39.87 -3.27 -35.61
C ARG A 1229 -39.06 -4.54 -35.82
N GLN A 1230 -38.80 -4.89 -37.08
CA GLN A 1230 -37.97 -6.07 -37.35
C GLN A 1230 -36.57 -5.89 -36.80
N ARG A 1231 -35.99 -4.70 -36.97
CA ARG A 1231 -34.68 -4.42 -36.39
C ARG A 1231 -34.71 -4.54 -34.88
N LEU A 1232 -35.75 -3.99 -34.24
CA LEU A 1232 -35.83 -4.04 -32.79
C LEU A 1232 -35.95 -5.48 -32.30
N ALA A 1233 -36.74 -6.30 -32.98
CA ALA A 1233 -36.85 -7.71 -32.60
C ALA A 1233 -35.52 -8.43 -32.78
N SER A 1234 -34.83 -8.18 -33.88
CA SER A 1234 -33.53 -8.79 -34.09
C SER A 1234 -32.57 -8.42 -32.98
N LEU A 1235 -32.56 -7.15 -32.57
CA LEU A 1235 -31.66 -6.72 -31.50
C LEU A 1235 -32.06 -7.32 -30.15
N ARG A 1236 -33.35 -7.41 -29.85
CA ARG A 1236 -33.74 -8.02 -28.58
C ARG A 1236 -33.29 -9.48 -28.54
N ASP A 1237 -33.45 -10.21 -29.64
CA ASP A 1237 -33.01 -11.60 -29.66
C ASP A 1237 -31.49 -11.71 -29.55
N ARG A 1238 -30.75 -10.88 -30.29
CA ARG A 1238 -29.31 -10.96 -30.29
C ARG A 1238 -28.69 -10.44 -29.00
N SER A 1239 -29.43 -9.65 -28.23
CA SER A 1239 -28.93 -9.21 -26.93
C SER A 1239 -29.31 -10.18 -25.81
N ARG A 1240 -30.45 -10.86 -25.92
CA ARG A 1240 -30.76 -11.87 -24.92
C ARG A 1240 -29.94 -13.14 -25.12
N ASN A 1241 -29.60 -13.46 -26.38
CA ASN A 1241 -28.80 -14.65 -26.64
C ASN A 1241 -27.41 -14.54 -26.02
N LEU A 1242 -26.81 -13.35 -26.10
CA LEU A 1242 -25.50 -13.16 -25.47
C LEU A 1242 -25.58 -13.32 -23.97
N ALA A 1243 -26.65 -12.80 -23.35
CA ALA A 1243 -26.78 -12.91 -21.91
C ALA A 1243 -27.00 -14.35 -21.47
N PHE A 1244 -27.82 -15.10 -22.21
CA PHE A 1244 -28.18 -16.45 -21.82
C PHE A 1244 -27.24 -17.50 -22.38
N SER A 1245 -26.24 -17.11 -23.17
CA SER A 1245 -25.29 -18.07 -23.73
C SER A 1245 -24.06 -18.28 -22.87
N MET A 1246 -23.89 -17.50 -21.82
CA MET A 1246 -22.75 -17.68 -20.93
C MET A 1246 -22.95 -18.93 -20.07
N ASP A 1247 -21.86 -19.60 -19.75
CA ASP A 1247 -21.88 -20.81 -18.93
C ASP A 1247 -21.16 -20.51 -17.63
N PHE A 1248 -21.91 -20.47 -16.53
CA PHE A 1248 -21.33 -20.21 -15.22
C PHE A 1248 -21.00 -21.50 -14.47
N THR A 1249 -21.28 -22.67 -15.06
CA THR A 1249 -21.08 -23.93 -14.36
C THR A 1249 -19.60 -24.18 -14.08
N PHE A 1250 -18.72 -23.89 -15.05
CA PHE A 1250 -17.31 -24.19 -14.85
C PHE A 1250 -16.64 -23.26 -13.85
N LEU A 1251 -17.29 -22.17 -13.45
CA LEU A 1251 -16.80 -21.32 -12.38
C LEU A 1251 -17.29 -21.77 -11.01
N TYR A 1252 -18.04 -22.86 -10.94
CA TYR A 1252 -18.62 -23.33 -9.69
C TYR A 1252 -17.62 -24.26 -9.00
N ARG A 1253 -17.21 -23.88 -7.79
CA ARG A 1253 -16.32 -24.71 -6.98
C ARG A 1253 -17.18 -25.68 -6.15
N LYS A 1254 -17.63 -26.74 -6.81
CA LYS A 1254 -18.53 -27.70 -6.18
C LYS A 1254 -17.73 -28.50 -5.16
N ASP A 1255 -17.71 -27.99 -3.93
CA ASP A 1255 -16.92 -28.49 -2.82
C ASP A 1255 -17.19 -27.58 -1.63
N ARG A 1256 -16.85 -26.30 -1.78
CA ARG A 1256 -17.25 -25.25 -0.85
C ARG A 1256 -18.52 -24.55 -1.30
N ARG A 1257 -19.17 -25.03 -2.36
CA ARG A 1257 -20.22 -24.28 -3.05
C ARG A 1257 -19.59 -22.97 -3.52
N LEU A 1258 -20.39 -21.91 -3.65
CA LEU A 1258 -19.89 -20.57 -3.96
C LEU A 1258 -19.26 -20.48 -5.34
N LEU A 1259 -19.00 -19.26 -5.81
CA LEU A 1259 -18.33 -19.04 -7.08
C LEU A 1259 -16.88 -18.64 -6.85
N SER A 1260 -16.02 -19.09 -7.76
CA SER A 1260 -14.61 -18.75 -7.67
C SER A 1260 -14.37 -17.33 -8.17
N ILE A 1261 -13.17 -16.81 -7.89
CA ILE A 1261 -12.83 -15.46 -8.33
C ILE A 1261 -12.83 -15.38 -9.84
N GLY A 1262 -12.25 -16.38 -10.51
CA GLY A 1262 -12.23 -16.37 -11.96
C GLY A 1262 -11.54 -17.62 -12.49
N TYR A 1263 -11.51 -17.69 -13.82
CA TYR A 1263 -10.90 -18.80 -14.53
C TYR A 1263 -9.72 -18.30 -15.34
N ARG A 1264 -8.64 -19.09 -15.36
CA ARG A 1264 -7.44 -18.76 -16.11
C ARG A 1264 -7.27 -19.78 -17.23
N VAL A 1265 -7.12 -19.29 -18.46
CA VAL A 1265 -6.99 -20.18 -19.61
C VAL A 1265 -5.64 -20.87 -19.67
N GLU A 1266 -4.68 -20.43 -18.87
CA GLU A 1266 -3.39 -21.11 -18.77
C GLU A 1266 -3.46 -22.08 -17.59
N SER A 1267 -3.10 -23.34 -17.86
CA SER A 1267 -3.15 -24.46 -16.93
C SER A 1267 -4.57 -24.93 -16.64
N LYS A 1268 -5.58 -24.24 -17.17
CA LYS A 1268 -6.99 -24.62 -17.02
C LYS A 1268 -7.35 -24.84 -15.55
N GLU A 1269 -7.18 -23.77 -14.77
CA GLU A 1269 -7.36 -23.84 -13.33
C GLU A 1269 -8.26 -22.70 -12.85
N LEU A 1270 -9.06 -22.99 -11.84
CA LEU A 1270 -9.80 -21.95 -11.15
C LEU A 1270 -8.83 -21.10 -10.33
N ASP A 1271 -9.27 -19.88 -10.00
CA ASP A 1271 -8.35 -18.92 -9.40
C ASP A 1271 -7.83 -19.41 -8.05
N GLU A 1272 -8.74 -19.77 -7.15
CA GLU A 1272 -8.57 -20.34 -5.80
C GLU A 1272 -9.64 -19.81 -4.87
N ALA A 1273 -9.57 -18.52 -4.55
CA ALA A 1273 -10.49 -17.92 -3.59
C ALA A 1273 -11.91 -17.91 -4.14
N CYS A 1274 -12.87 -17.77 -3.23
CA CYS A 1274 -14.28 -17.81 -3.58
C CYS A 1274 -15.00 -16.60 -2.99
N TYR A 1275 -16.03 -16.15 -3.70
CA TYR A 1275 -16.85 -15.04 -3.24
C TYR A 1275 -17.81 -15.55 -2.20
N ASP A 1276 -17.56 -15.21 -0.94
CA ASP A 1276 -18.24 -15.81 0.20
C ASP A 1276 -18.97 -14.77 1.04
N LEU A 1277 -19.70 -13.87 0.39
CA LEU A 1277 -20.32 -12.78 1.13
C LEU A 1277 -21.49 -12.21 0.34
N LEU A 1278 -22.52 -11.76 1.06
CA LEU A 1278 -23.74 -11.24 0.48
C LEU A 1278 -23.65 -9.76 0.14
N ALA A 1279 -22.48 -9.15 0.30
CA ALA A 1279 -22.37 -7.71 0.16
C ALA A 1279 -21.44 -7.35 -0.99
N SER A 1280 -21.64 -7.97 -2.15
CA SER A 1280 -20.86 -7.66 -3.34
C SER A 1280 -21.78 -7.73 -4.56
N GLU A 1281 -21.28 -7.27 -5.70
CA GLU A 1281 -21.99 -7.43 -6.96
C GLU A 1281 -22.10 -8.88 -7.38
N CYS A 1282 -21.35 -9.76 -6.72
CA CYS A 1282 -21.61 -11.19 -6.89
C CYS A 1282 -23.00 -11.56 -6.38
N ARG A 1283 -23.64 -10.69 -5.61
CA ARG A 1283 -25.07 -10.85 -5.37
C ARG A 1283 -25.85 -10.87 -6.68
N LEU A 1284 -25.61 -9.87 -7.52
CA LEU A 1284 -26.26 -9.84 -8.84
C LEU A 1284 -25.82 -11.03 -9.69
N THR A 1285 -24.53 -11.34 -9.67
CA THR A 1285 -24.04 -12.46 -10.49
C THR A 1285 -24.72 -13.77 -10.08
N SER A 1286 -24.79 -14.02 -8.77
CA SER A 1286 -25.40 -15.24 -8.28
C SER A 1286 -26.90 -15.27 -8.56
N LEU A 1287 -27.59 -14.13 -8.42
CA LEU A 1287 -29.01 -14.11 -8.73
C LEU A 1287 -29.26 -14.45 -10.19
N PHE A 1288 -28.50 -13.85 -11.10
CA PHE A 1288 -28.67 -14.17 -12.51
C PHE A 1288 -28.35 -15.64 -12.78
N ALA A 1289 -27.28 -16.15 -12.18
CA ALA A 1289 -26.88 -17.53 -12.44
C ALA A 1289 -27.92 -18.51 -11.90
N ILE A 1290 -28.51 -18.23 -10.74
CA ILE A 1290 -29.59 -19.06 -10.23
C ILE A 1290 -30.78 -19.02 -11.17
N ALA A 1291 -31.11 -17.82 -11.66
CA ALA A 1291 -32.24 -17.69 -12.58
C ALA A 1291 -32.00 -18.52 -13.85
N LYS A 1292 -30.77 -18.49 -14.36
CA LYS A 1292 -30.45 -19.30 -15.55
C LYS A 1292 -30.67 -20.78 -15.28
N GLY A 1293 -30.33 -21.23 -14.08
CA GLY A 1293 -30.40 -22.63 -13.73
C GLY A 1293 -29.08 -23.36 -13.75
N ASP A 1294 -27.98 -22.68 -14.05
CA ASP A 1294 -26.67 -23.31 -14.05
C ASP A 1294 -25.98 -23.18 -12.70
N LEU A 1295 -26.73 -23.48 -11.63
CA LEU A 1295 -26.30 -23.47 -10.24
C LEU A 1295 -27.45 -23.98 -9.37
N PRO A 1296 -27.18 -24.53 -8.19
CA PRO A 1296 -28.27 -24.94 -7.30
C PRO A 1296 -28.70 -23.81 -6.39
N THR A 1297 -29.90 -23.96 -5.83
CA THR A 1297 -30.48 -22.90 -5.01
C THR A 1297 -29.72 -22.69 -3.70
N GLU A 1298 -29.02 -23.72 -3.22
CA GLU A 1298 -28.32 -23.61 -1.95
C GLU A 1298 -27.19 -22.60 -1.99
N HIS A 1299 -26.73 -22.23 -3.20
CA HIS A 1299 -25.65 -21.25 -3.30
C HIS A 1299 -26.07 -19.90 -2.72
N TRP A 1300 -27.33 -19.53 -2.87
CA TRP A 1300 -27.79 -18.26 -2.33
C TRP A 1300 -27.72 -18.26 -0.80
N TYR A 1301 -28.13 -19.35 -0.16
CA TYR A 1301 -28.15 -19.44 1.29
C TYR A 1301 -26.81 -19.86 1.87
N ARG A 1302 -25.82 -20.17 1.02
CA ARG A 1302 -24.51 -20.58 1.49
C ARG A 1302 -23.57 -19.41 1.78
N LEU A 1303 -23.91 -18.19 1.37
CA LEU A 1303 -22.97 -17.09 1.37
C LEU A 1303 -23.41 -15.97 2.31
N GLY A 1304 -22.44 -15.35 2.97
CA GLY A 1304 -22.59 -14.07 3.66
C GLY A 1304 -23.52 -14.11 4.87
N ARG A 1305 -24.21 -12.97 5.06
CA ARG A 1305 -25.26 -12.73 6.05
C ARG A 1305 -24.75 -12.43 7.46
N GLN A 1306 -23.46 -12.19 7.66
CA GLN A 1306 -23.00 -11.73 8.95
C GLN A 1306 -23.41 -10.27 9.16
N VAL A 1307 -23.64 -9.91 10.44
CA VAL A 1307 -24.20 -8.61 10.80
C VAL A 1307 -23.18 -7.85 11.63
N VAL A 1308 -22.95 -6.59 11.26
CA VAL A 1308 -22.06 -5.69 12.01
C VAL A 1308 -22.93 -4.70 12.77
N PRO A 1309 -22.60 -4.38 14.03
CA PRO A 1309 -23.44 -3.46 14.81
C PRO A 1309 -23.13 -2.02 14.51
N ILE A 1310 -24.10 -1.29 13.96
CA ILE A 1310 -24.01 0.16 13.82
C ILE A 1310 -25.32 0.76 14.31
N GLY A 1311 -25.22 1.73 15.22
CA GLY A 1311 -26.43 2.29 15.81
C GLY A 1311 -27.17 1.24 16.63
N ALA A 1312 -28.50 1.32 16.58
CA ALA A 1312 -29.33 0.37 17.31
C ALA A 1312 -29.42 -0.96 16.54
N GLN A 1313 -29.90 -0.92 15.31
CA GLN A 1313 -30.04 -2.11 14.48
C GLN A 1313 -28.69 -2.47 13.89
N GLY A 1314 -28.68 -3.37 12.91
CA GLY A 1314 -27.43 -3.82 12.31
C GLY A 1314 -27.53 -3.89 10.80
N ALA A 1315 -26.37 -3.90 10.18
CA ALA A 1315 -26.22 -4.00 8.73
C ALA A 1315 -25.35 -5.21 8.39
N LEU A 1316 -25.24 -5.51 7.11
CA LEU A 1316 -24.46 -6.65 6.64
C LEU A 1316 -23.01 -6.23 6.46
N VAL A 1317 -22.10 -6.99 7.08
CA VAL A 1317 -20.68 -6.68 6.98
C VAL A 1317 -20.20 -7.01 5.56
N SER A 1318 -19.21 -6.25 5.11
CA SER A 1318 -18.67 -6.39 3.76
C SER A 1318 -17.19 -6.77 3.83
N TRP A 1319 -16.56 -6.78 2.67
CA TRP A 1319 -15.11 -6.84 2.53
C TRP A 1319 -14.69 -5.54 1.86
N SER A 1320 -14.00 -4.67 2.60
CA SER A 1320 -13.72 -3.30 2.16
C SER A 1320 -15.02 -2.57 1.85
N GLY A 1321 -15.77 -2.31 2.92
CA GLY A 1321 -17.16 -1.93 2.80
C GLY A 1321 -17.40 -0.54 2.22
N SER A 1322 -17.11 -0.40 0.94
CA SER A 1322 -17.29 0.85 0.22
C SER A 1322 -18.68 0.90 -0.43
N MET A 1323 -19.15 2.13 -0.66
CA MET A 1323 -20.42 2.33 -1.35
C MET A 1323 -20.21 2.00 -2.82
N PHE A 1324 -20.52 0.77 -3.19
CA PHE A 1324 -20.11 0.15 -4.44
C PHE A 1324 -20.46 -1.32 -4.34
N GLU A 1325 -20.03 -1.94 -3.25
CA GLU A 1325 -20.42 -3.32 -2.95
C GLU A 1325 -21.88 -3.41 -2.51
N TYR A 1326 -22.46 -2.31 -2.04
CA TYR A 1326 -23.86 -2.28 -1.64
C TYR A 1326 -24.77 -1.71 -2.72
N LEU A 1327 -24.34 -0.67 -3.43
CA LEU A 1327 -25.21 0.09 -4.31
C LEU A 1327 -25.05 -0.27 -5.78
N MET A 1328 -24.34 -1.36 -6.10
CA MET A 1328 -24.31 -1.82 -7.48
C MET A 1328 -25.62 -2.52 -7.87
N PRO A 1329 -26.06 -3.60 -7.21
CA PRO A 1329 -27.27 -4.29 -7.67
C PRO A 1329 -28.51 -3.42 -7.66
N PRO A 1330 -28.71 -2.52 -6.68
CA PRO A 1330 -29.92 -1.68 -6.73
C PRO A 1330 -30.06 -0.86 -8.00
N LEU A 1331 -28.99 -0.68 -8.77
CA LEU A 1331 -29.12 -0.05 -10.07
C LEU A 1331 -30.02 -0.87 -10.99
N VAL A 1332 -30.01 -2.19 -10.82
CA VAL A 1332 -30.71 -3.07 -11.74
C VAL A 1332 -31.62 -4.03 -10.96
N MET A 1333 -31.31 -4.25 -9.68
CA MET A 1333 -32.12 -5.14 -8.86
C MET A 1333 -33.15 -4.36 -8.07
N GLN A 1334 -34.10 -5.10 -7.49
CA GLN A 1334 -35.24 -4.52 -6.78
C GLN A 1334 -35.27 -5.06 -5.35
N GLU A 1335 -34.61 -4.37 -4.43
CA GLU A 1335 -34.61 -4.72 -3.02
C GLU A 1335 -35.75 -3.98 -2.34
N ARG A 1336 -36.78 -4.71 -1.93
N ARG A 1336 -36.78 -4.71 -1.93
CA ARG A 1336 -38.00 -4.11 -1.43
CA ARG A 1336 -37.99 -4.10 -1.42
C ARG A 1336 -37.79 -3.54 -0.03
C ARG A 1336 -37.79 -3.55 -0.02
N GLN A 1337 -38.76 -2.75 0.43
CA GLN A 1337 -38.61 -1.98 1.67
C GLN A 1337 -38.41 -2.88 2.89
N GLY A 1338 -39.19 -3.95 2.99
CA GLY A 1338 -39.15 -4.75 4.19
C GLY A 1338 -38.02 -5.75 4.29
N GLY A 1339 -37.16 -5.82 3.27
CA GLY A 1339 -36.13 -6.85 3.25
C GLY A 1339 -34.89 -6.49 4.03
N ILE A 1340 -33.97 -7.46 4.09
CA ILE A 1340 -32.68 -7.22 4.72
C ILE A 1340 -31.90 -6.17 3.95
N LEU A 1341 -31.92 -6.25 2.62
CA LEU A 1341 -30.98 -5.48 1.82
C LEU A 1341 -31.29 -3.99 1.83
N ASN A 1342 -32.58 -3.62 1.80
CA ASN A 1342 -32.91 -2.19 1.82
C ASN A 1342 -32.57 -1.56 3.18
N GLN A 1343 -32.89 -2.26 4.27
CA GLN A 1343 -32.49 -1.79 5.59
C GLN A 1343 -30.98 -1.65 5.67
N THR A 1344 -30.26 -2.63 5.14
CA THR A 1344 -28.80 -2.57 5.14
C THR A 1344 -28.32 -1.36 4.35
N ASN A 1345 -28.90 -1.10 3.19
CA ASN A 1345 -28.46 0.03 2.37
C ASN A 1345 -28.69 1.36 3.07
N ASN A 1346 -29.85 1.53 3.71
CA ASN A 1346 -30.11 2.76 4.44
C ASN A 1346 -29.13 2.92 5.60
N LEU A 1347 -28.87 1.83 6.33
CA LEU A 1347 -27.90 1.90 7.42
C LEU A 1347 -26.50 2.23 6.91
N ILE A 1348 -26.12 1.70 5.74
CA ILE A 1348 -24.81 2.00 5.18
C ILE A 1348 -24.70 3.47 4.82
N VAL A 1349 -25.76 4.03 4.24
CA VAL A 1349 -25.75 5.46 3.91
C VAL A 1349 -25.59 6.29 5.18
N LYS A 1350 -26.34 5.94 6.24
CA LYS A 1350 -26.23 6.68 7.49
C LYS A 1350 -24.83 6.56 8.09
N GLU A 1351 -24.25 5.36 8.04
CA GLU A 1351 -22.91 5.16 8.57
C GLU A 1351 -21.87 5.94 7.78
N GLN A 1352 -22.02 6.00 6.46
CA GLN A 1352 -21.08 6.80 5.66
C GLN A 1352 -21.20 8.28 6.00
N MET A 1353 -22.43 8.78 6.18
CA MET A 1353 -22.59 10.16 6.61
C MET A 1353 -21.93 10.40 7.96
N ASN A 1354 -22.11 9.47 8.90
CA ASN A 1354 -21.50 9.64 10.22
C ASN A 1354 -19.98 9.61 10.14
N HIS A 1355 -19.42 8.72 9.33
CA HIS A 1355 -17.97 8.66 9.20
C HIS A 1355 -17.42 9.93 8.56
N GLY A 1356 -18.11 10.45 7.55
CA GLY A 1356 -17.70 11.72 6.97
C GLY A 1356 -17.76 12.85 7.98
N ARG A 1357 -18.80 12.85 8.82
CA ARG A 1357 -18.92 13.88 9.85
C ARG A 1357 -17.78 13.80 10.86
N ARG A 1358 -17.48 12.59 11.33
CA ARG A 1358 -16.41 12.42 12.31
C ARG A 1358 -15.05 12.76 11.71
N LEU A 1359 -14.81 12.37 10.47
CA LEU A 1359 -13.52 12.61 9.85
C LEU A 1359 -13.31 14.09 9.56
N GLY A 1360 -14.38 14.82 9.25
CA GLY A 1360 -14.32 16.23 8.94
C GLY A 1360 -14.43 16.55 7.46
N THR A 1361 -14.31 15.55 6.60
CA THR A 1361 -14.36 15.74 5.16
C THR A 1361 -15.74 15.37 4.63
N PRO A 1362 -16.04 15.71 3.37
CA PRO A 1362 -17.29 15.24 2.77
C PRO A 1362 -17.36 13.73 2.74
N TRP A 1363 -18.57 13.21 2.88
CA TRP A 1363 -18.81 11.79 3.05
C TRP A 1363 -18.93 11.08 1.69
N GLY A 1364 -18.69 9.77 1.72
CA GLY A 1364 -18.76 8.94 0.53
C GLY A 1364 -17.41 8.41 0.11
N ILE A 1365 -17.13 7.16 0.46
CA ILE A 1365 -15.84 6.52 0.17
C ILE A 1365 -16.11 5.26 -0.64
N SER A 1366 -15.40 5.10 -1.74
CA SER A 1366 -15.58 3.94 -2.59
C SER A 1366 -14.30 3.71 -3.39
N GLU A 1367 -14.28 2.61 -4.14
CA GLU A 1367 -13.14 2.28 -4.99
C GLU A 1367 -12.93 3.36 -6.03
N ALA A 1368 -11.79 4.05 -5.93
CA ALA A 1368 -11.49 5.13 -6.85
C ALA A 1368 -9.98 5.35 -6.88
N ALA A 1369 -9.52 6.08 -7.90
CA ALA A 1369 -8.12 6.40 -8.03
C ALA A 1369 -7.71 7.43 -6.98
N PHE A 1370 -6.51 7.29 -6.44
CA PHE A 1370 -6.00 8.16 -5.39
C PHE A 1370 -4.69 8.81 -5.84
N ASN A 1371 -4.34 9.90 -5.17
CA ASN A 1371 -3.25 10.77 -5.61
C ASN A 1371 -1.92 10.07 -5.37
N ALA A 1372 -1.62 9.08 -6.20
CA ALA A 1372 -0.32 8.44 -6.21
C ALA A 1372 0.01 8.05 -7.65
N ARG A 1373 1.21 8.42 -8.09
CA ARG A 1373 1.58 8.32 -9.50
C ARG A 1373 2.87 7.52 -9.63
N ASP A 1374 2.89 6.60 -10.58
CA ASP A 1374 4.10 5.84 -10.88
C ASP A 1374 4.77 6.42 -12.12
N HIS A 1375 5.88 5.80 -12.53
CA HIS A 1375 6.47 6.14 -13.82
C HIS A 1375 5.45 5.88 -14.91
N ASN A 1376 5.39 6.79 -15.89
CA ASN A 1376 4.29 6.85 -16.85
C ASN A 1376 2.96 7.00 -16.11
N MET A 1377 2.85 8.17 -15.48
CA MET A 1377 1.79 8.48 -14.51
C MET A 1377 0.43 7.95 -14.92
N ASN A 1378 -0.18 7.16 -14.03
CA ASN A 1378 -1.49 6.59 -14.27
C ASN A 1378 -2.43 6.70 -13.08
N TYR A 1379 -2.00 7.33 -11.99
CA TYR A 1379 -2.82 7.65 -10.81
C TYR A 1379 -3.18 6.45 -9.95
N GLN A 1380 -2.92 5.23 -10.43
CA GLN A 1380 -3.13 4.00 -9.66
C GLN A 1380 -4.59 3.78 -9.24
N TYR A 1381 -5.08 2.56 -9.43
CA TYR A 1381 -6.46 2.23 -9.09
C TYR A 1381 -6.48 1.24 -7.93
N THR A 1382 -7.22 1.55 -6.89
CA THR A 1382 -7.35 0.68 -5.73
C THR A 1382 -8.67 0.96 -5.04
N ASN A 1383 -8.97 0.17 -4.02
CA ASN A 1383 -10.21 0.28 -3.28
C ASN A 1383 -9.99 0.89 -1.91
N PHE A 1384 -11.07 1.46 -1.36
CA PHE A 1384 -11.07 2.04 -0.03
C PHE A 1384 -12.36 1.63 0.66
N GLY A 1385 -12.64 2.26 1.79
CA GLY A 1385 -13.87 1.96 2.51
C GLY A 1385 -13.81 2.55 3.91
N VAL A 1386 -14.87 2.27 4.66
CA VAL A 1386 -14.96 2.73 6.05
C VAL A 1386 -14.56 1.59 6.97
N PRO A 1387 -13.79 1.87 8.03
CA PRO A 1387 -13.35 0.79 8.92
C PRO A 1387 -14.50 0.04 9.59
N THR A 1388 -15.59 0.73 9.91
CA THR A 1388 -16.67 0.09 10.65
C THR A 1388 -17.35 -1.01 9.86
N LEU A 1389 -17.42 -0.87 8.54
CA LEU A 1389 -18.13 -1.79 7.67
C LEU A 1389 -17.19 -2.66 6.85
N GLY A 1390 -15.92 -2.73 7.24
CA GLY A 1390 -14.91 -3.27 6.36
C GLY A 1390 -14.59 -4.75 6.48
N LEU A 1391 -14.31 -5.21 7.70
CA LEU A 1391 -13.86 -6.58 7.97
C LEU A 1391 -12.45 -6.79 7.41
N LYS A 1392 -11.93 -5.79 6.70
CA LYS A 1392 -10.59 -5.82 6.15
C LYS A 1392 -9.72 -4.84 6.93
N ARG A 1393 -8.58 -5.31 7.43
CA ARG A 1393 -7.71 -4.49 8.24
C ARG A 1393 -6.95 -3.48 7.37
N GLY A 1394 -6.79 -2.27 7.89
CA GLY A 1394 -6.02 -1.25 7.22
C GLY A 1394 -6.79 -0.27 6.38
N LEU A 1395 -8.11 -0.23 6.50
CA LEU A 1395 -8.91 0.71 5.72
C LEU A 1395 -8.99 2.09 6.34
N GLY A 1396 -8.46 2.27 7.55
CA GLY A 1396 -8.58 3.55 8.23
C GLY A 1396 -7.38 4.46 8.05
N GLN A 1397 -6.60 4.22 7.00
CA GLN A 1397 -5.38 4.98 6.77
C GLN A 1397 -5.39 5.81 5.50
N ASN A 1398 -6.46 5.81 4.72
CA ASN A 1398 -6.45 6.46 3.42
C ASN A 1398 -7.40 7.66 3.36
N ALA A 1399 -8.69 7.47 3.63
CA ALA A 1399 -9.67 8.55 3.69
C ALA A 1399 -9.72 9.33 2.36
N VAL A 1400 -10.17 8.63 1.33
CA VAL A 1400 -10.32 9.19 -0.02
C VAL A 1400 -11.81 9.25 -0.35
N ILE A 1401 -12.25 10.40 -0.86
CA ILE A 1401 -13.66 10.65 -1.16
C ILE A 1401 -13.86 10.59 -2.67
N ALA A 1402 -14.93 9.92 -3.09
CA ALA A 1402 -15.24 9.76 -4.51
C ALA A 1402 -16.64 10.31 -4.80
N PRO A 1403 -16.78 11.24 -5.75
CA PRO A 1403 -18.11 11.80 -6.02
C PRO A 1403 -19.14 10.79 -6.50
N TYR A 1404 -18.72 9.77 -7.26
CA TYR A 1404 -19.67 8.82 -7.79
C TYR A 1404 -20.37 8.03 -6.69
N ALA A 1405 -19.71 7.82 -5.55
CA ALA A 1405 -20.41 7.24 -4.41
C ALA A 1405 -21.53 8.14 -3.93
N SER A 1406 -21.27 9.46 -3.87
CA SER A 1406 -22.33 10.39 -3.48
C SER A 1406 -23.48 10.36 -4.47
N ILE A 1407 -23.18 10.27 -5.77
CA ILE A 1407 -24.23 10.21 -6.76
C ILE A 1407 -25.03 8.91 -6.62
N LEU A 1408 -24.34 7.81 -6.34
CA LEU A 1408 -25.03 6.54 -6.12
C LEU A 1408 -25.96 6.60 -4.91
N ALA A 1409 -25.52 7.30 -3.85
CA ALA A 1409 -26.34 7.42 -2.66
C ALA A 1409 -27.64 8.16 -2.91
N SER A 1410 -27.75 8.89 -4.01
CA SER A 1410 -28.95 9.69 -4.27
C SER A 1410 -30.20 8.84 -4.43
N GLN A 1411 -30.05 7.53 -4.68
CA GLN A 1411 -31.23 6.67 -4.78
C GLN A 1411 -31.95 6.57 -3.44
N TYR A 1412 -31.22 6.70 -2.34
CA TYR A 1412 -31.80 6.54 -1.02
C TYR A 1412 -31.98 7.86 -0.28
N ASP A 1413 -31.00 8.75 -0.35
CA ASP A 1413 -31.06 10.06 0.30
C ASP A 1413 -30.67 11.13 -0.70
N PRO A 1414 -31.60 11.53 -1.57
CA PRO A 1414 -31.23 12.50 -2.62
C PRO A 1414 -30.82 13.85 -2.08
N ASP A 1415 -31.43 14.33 -0.99
CA ASP A 1415 -31.12 15.67 -0.50
C ASP A 1415 -29.70 15.74 0.05
N GLY A 1416 -29.34 14.77 0.90
CA GLY A 1416 -27.97 14.75 1.43
C GLY A 1416 -26.94 14.53 0.33
N ALA A 1417 -27.27 13.70 -0.65
CA ALA A 1417 -26.36 13.50 -1.78
C ALA A 1417 -26.15 14.80 -2.55
N LEU A 1418 -27.22 15.55 -2.79
CA LEU A 1418 -27.08 16.81 -3.50
C LEU A 1418 -26.27 17.82 -2.68
N GLU A 1419 -26.49 17.87 -1.37
CA GLU A 1419 -25.70 18.78 -0.54
C GLU A 1419 -24.22 18.40 -0.56
N ASN A 1420 -23.92 17.10 -0.48
CA ASN A 1420 -22.54 16.66 -0.55
C ASN A 1420 -21.92 16.99 -1.91
N LEU A 1421 -22.69 16.83 -2.98
CA LEU A 1421 -22.18 17.17 -4.30
C LEU A 1421 -21.91 18.66 -4.43
N ASP A 1422 -22.78 19.49 -3.86
CA ASP A 1422 -22.51 20.94 -3.85
C ASP A 1422 -21.25 21.26 -3.08
N LYS A 1423 -21.07 20.61 -1.92
CA LYS A 1423 -19.86 20.85 -1.14
C LYS A 1423 -18.62 20.44 -1.92
N LEU A 1424 -18.69 19.32 -2.63
CA LEU A 1424 -17.58 18.91 -3.49
C LEU A 1424 -17.37 19.87 -4.65
N ARG A 1425 -18.45 20.50 -5.13
CA ARG A 1425 -18.33 21.47 -6.21
C ARG A 1425 -17.65 22.76 -5.75
N LYS A 1426 -17.85 23.14 -4.47
CA LYS A 1426 -17.13 24.30 -3.96
C LYS A 1426 -15.63 24.07 -4.03
N LEU A 1427 -15.18 22.89 -3.64
CA LEU A 1427 -13.82 22.47 -3.94
C LEU A 1427 -13.69 22.27 -5.44
N GLY A 1428 -12.48 22.44 -5.96
CA GLY A 1428 -12.34 22.17 -7.38
C GLY A 1428 -12.43 20.68 -7.65
N ALA A 1429 -13.57 20.22 -8.16
CA ALA A 1429 -13.78 18.80 -8.40
C ALA A 1429 -14.60 18.52 -9.64
N LEU A 1430 -14.99 19.53 -10.42
CA LEU A 1430 -15.86 19.35 -11.56
C LEU A 1430 -15.11 19.76 -12.83
N GLY A 1431 -15.03 18.84 -13.78
CA GLY A 1431 -14.31 19.10 -15.02
C GLY A 1431 -15.21 19.24 -16.23
N GLN A 1432 -14.61 19.11 -17.41
CA GLN A 1432 -15.41 19.21 -18.64
C GLN A 1432 -16.38 18.06 -18.77
N TYR A 1433 -15.95 16.85 -18.39
CA TYR A 1433 -16.73 15.63 -18.57
C TYR A 1433 -17.37 15.16 -17.27
N GLY A 1434 -17.84 16.07 -16.44
CA GLY A 1434 -18.47 15.72 -15.20
C GLY A 1434 -17.50 15.69 -14.03
N PHE A 1435 -17.94 15.04 -12.96
CA PHE A 1435 -17.15 14.98 -11.74
C PHE A 1435 -15.88 14.16 -11.96
N HIS A 1436 -14.80 14.58 -11.31
CA HIS A 1436 -13.57 13.82 -11.35
C HIS A 1436 -13.72 12.53 -10.54
N ASP A 1437 -12.70 11.67 -10.63
CA ASP A 1437 -12.80 10.36 -10.01
C ASP A 1437 -12.85 10.45 -8.49
N ALA A 1438 -11.94 11.20 -7.88
CA ALA A 1438 -11.88 11.25 -6.43
C ALA A 1438 -11.10 12.48 -5.99
N VAL A 1439 -11.25 12.83 -4.72
CA VAL A 1439 -10.48 13.87 -4.07
C VAL A 1439 -9.75 13.24 -2.88
N ASP A 1440 -8.45 13.49 -2.79
CA ASP A 1440 -7.60 12.84 -1.81
C ASP A 1440 -7.41 13.75 -0.61
N PHE A 1441 -7.75 13.26 0.58
CA PHE A 1441 -7.59 14.00 1.82
C PHE A 1441 -6.50 13.42 2.72
N THR A 1442 -5.76 12.44 2.23
CA THR A 1442 -4.74 11.80 3.06
C THR A 1442 -3.58 12.76 3.28
N PRO A 1443 -3.21 13.07 4.53
CA PRO A 1443 -2.16 14.07 4.75
C PRO A 1443 -0.82 13.73 4.13
N THR A 1444 -0.49 12.44 4.00
CA THR A 1444 0.81 12.09 3.43
C THR A 1444 0.85 12.30 1.92
N ARG A 1445 -0.31 12.42 1.28
CA ARG A 1445 -0.37 12.65 -0.16
C ARG A 1445 -0.98 14.00 -0.52
N VAL A 1446 -1.36 14.81 0.46
CA VAL A 1446 -1.81 16.18 0.21
C VAL A 1446 -0.61 17.10 0.30
N PRO A 1447 -0.31 17.87 -0.74
CA PRO A 1447 0.91 18.68 -0.75
C PRO A 1447 0.74 19.98 0.04
N ASP A 1448 1.89 20.58 0.35
CA ASP A 1448 2.08 21.84 1.08
C ASP A 1448 0.89 22.30 1.91
N GLY A 1449 0.49 23.56 1.76
CA GLY A 1449 -0.57 24.15 2.54
C GLY A 1449 -1.98 23.84 2.09
N LYS A 1450 -2.14 23.11 1.00
CA LYS A 1450 -3.48 22.70 0.56
C LYS A 1450 -4.08 21.73 1.56
N VAL A 1451 -5.42 21.72 1.61
CA VAL A 1451 -6.11 20.79 2.49
C VAL A 1451 -6.64 19.58 1.74
N CYS A 1452 -6.94 19.72 0.46
CA CYS A 1452 -7.51 18.64 -0.35
C CYS A 1452 -6.69 18.47 -1.61
N ALA A 1453 -6.46 17.22 -1.99
CA ALA A 1453 -5.78 16.89 -3.23
C ALA A 1453 -6.79 16.25 -4.19
N VAL A 1454 -6.84 16.77 -5.41
CA VAL A 1454 -7.87 16.40 -6.37
C VAL A 1454 -7.24 15.57 -7.47
N VAL A 1455 -7.83 14.42 -7.75
CA VAL A 1455 -7.36 13.53 -8.80
C VAL A 1455 -8.05 13.92 -10.10
N TYR A 1456 -7.27 14.35 -11.08
CA TYR A 1456 -7.81 14.80 -12.38
C TYR A 1456 -7.97 13.59 -13.30
N ASN A 1457 -8.91 12.73 -12.95
CA ASN A 1457 -9.13 11.50 -13.67
C ASN A 1457 -10.61 11.23 -13.84
N TYR A 1458 -10.95 10.52 -14.91
CA TYR A 1458 -12.32 10.11 -15.19
C TYR A 1458 -12.33 8.61 -15.45
N TYR A 1459 -13.40 7.94 -15.06
CA TYR A 1459 -13.55 6.51 -15.31
C TYR A 1459 -14.91 6.23 -15.93
N ALA A 1460 -14.94 5.26 -16.85
CA ALA A 1460 -16.16 5.00 -17.60
C ALA A 1460 -17.24 4.36 -16.72
N HIS A 1461 -16.87 3.33 -15.95
CA HIS A 1461 -17.88 2.63 -15.18
C HIS A 1461 -18.47 3.51 -14.09
N HIS A 1462 -17.67 4.40 -13.49
CA HIS A 1462 -18.21 5.34 -12.52
C HIS A 1462 -19.25 6.25 -13.15
N HIS A 1463 -18.98 6.74 -14.37
CA HIS A 1463 -19.94 7.58 -15.07
C HIS A 1463 -21.22 6.82 -15.40
N GLY A 1464 -21.07 5.57 -15.84
CA GLY A 1464 -22.25 4.75 -16.08
C GLY A 1464 -23.08 4.54 -14.83
N MET A 1465 -22.41 4.28 -13.71
CA MET A 1465 -23.11 4.13 -12.43
C MET A 1465 -23.87 5.41 -12.09
N SER A 1466 -23.22 6.56 -12.26
CA SER A 1466 -23.85 7.83 -11.91
C SER A 1466 -25.08 8.09 -12.77
N ILE A 1467 -24.97 7.85 -14.08
CA ILE A 1467 -26.10 8.10 -14.97
C ILE A 1467 -27.25 7.15 -14.64
N ALA A 1468 -26.93 5.87 -14.38
CA ALA A 1468 -27.98 4.92 -14.05
C ALA A 1468 -28.68 5.29 -12.74
N ALA A 1469 -27.91 5.70 -11.74
CA ALA A 1469 -28.51 6.09 -10.46
C ALA A 1469 -29.40 7.30 -10.62
N VAL A 1470 -28.95 8.30 -11.38
CA VAL A 1470 -29.77 9.48 -11.59
C VAL A 1470 -31.04 9.12 -12.36
N ALA A 1471 -30.93 8.20 -13.31
CA ALA A 1471 -32.12 7.75 -14.04
C ALA A 1471 -33.11 7.07 -13.12
N ASN A 1472 -32.61 6.25 -12.18
CA ASN A 1472 -33.50 5.61 -11.22
C ASN A 1472 -34.16 6.65 -10.32
N VAL A 1473 -33.41 7.66 -9.89
CA VAL A 1473 -33.97 8.67 -9.00
C VAL A 1473 -35.05 9.48 -9.70
N ALA A 1474 -34.74 9.97 -10.91
CA ALA A 1474 -35.62 10.94 -11.56
C ALA A 1474 -36.87 10.29 -12.15
N PHE A 1475 -36.77 9.04 -12.63
CA PHE A 1475 -37.85 8.41 -13.36
C PHE A 1475 -38.49 7.25 -12.60
N ASP A 1476 -38.36 7.24 -11.28
CA ASP A 1476 -39.04 6.26 -10.42
C ASP A 1476 -38.58 4.83 -10.72
N GLY A 1477 -37.26 4.67 -10.76
CA GLY A 1477 -36.67 3.35 -10.86
C GLY A 1477 -37.04 2.55 -12.11
N VAL A 1478 -36.94 3.17 -13.28
CA VAL A 1478 -37.26 2.46 -14.51
C VAL A 1478 -36.31 1.28 -14.71
N LEU A 1479 -35.02 1.50 -14.49
CA LEU A 1479 -34.02 0.45 -14.70
C LEU A 1479 -34.25 -0.76 -13.82
N ARG A 1480 -34.89 -0.61 -12.67
CA ARG A 1480 -35.23 -1.76 -11.85
C ARG A 1480 -36.37 -2.56 -12.46
N GLU A 1481 -37.37 -1.88 -13.02
CA GLU A 1481 -38.52 -2.57 -13.59
C GLU A 1481 -38.18 -3.27 -14.89
N LEU A 1482 -37.22 -2.74 -15.65
CA LEU A 1482 -36.81 -3.39 -16.89
C LEU A 1482 -36.18 -4.74 -16.61
N PHE A 1483 -35.30 -4.82 -15.62
CA PHE A 1483 -34.64 -6.09 -15.31
C PHE A 1483 -35.63 -7.14 -14.85
N HIS A 1484 -36.59 -6.75 -14.03
CA HIS A 1484 -37.56 -7.68 -13.46
C HIS A 1484 -38.77 -7.88 -14.36
N SER A 1485 -38.75 -7.34 -15.57
CA SER A 1485 -39.80 -7.59 -16.56
C SER A 1485 -39.50 -8.84 -17.38
N ASP A 1486 -38.38 -9.49 -17.15
CA ASP A 1486 -38.02 -10.72 -17.82
C ASP A 1486 -38.61 -11.91 -17.06
N PRO A 1487 -39.25 -12.85 -17.75
CA PRO A 1487 -39.89 -13.96 -17.02
C PRO A 1487 -38.94 -14.76 -16.15
N VAL A 1488 -37.69 -14.94 -16.58
CA VAL A 1488 -36.74 -15.73 -15.80
C VAL A 1488 -36.41 -15.02 -14.50
N ILE A 1489 -36.07 -13.74 -14.58
CA ILE A 1489 -35.72 -12.98 -13.39
C ILE A 1489 -36.94 -12.80 -12.50
N GLU A 1490 -38.12 -12.61 -13.10
CA GLU A 1490 -39.33 -12.52 -12.28
C GLU A 1490 -39.63 -13.83 -11.57
N ALA A 1491 -39.26 -14.96 -12.17
CA ALA A 1491 -39.44 -16.25 -11.51
C ALA A 1491 -38.44 -16.42 -10.36
N ALA A 1492 -37.20 -16.00 -10.57
CA ALA A 1492 -36.16 -16.15 -9.55
C ALA A 1492 -36.16 -15.02 -8.53
N GLU A 1493 -37.04 -14.03 -8.67
CA GLU A 1493 -37.07 -12.89 -7.78
C GLU A 1493 -37.35 -13.27 -6.33
N LEU A 1494 -37.99 -14.43 -6.09
CA LEU A 1494 -38.36 -14.79 -4.73
C LEU A 1494 -37.17 -15.01 -3.81
N LEU A 1495 -35.96 -15.24 -4.37
CA LEU A 1495 -34.77 -15.31 -3.53
C LEU A 1495 -34.44 -13.99 -2.87
N LEU A 1496 -34.98 -12.88 -3.40
CA LEU A 1496 -34.95 -11.60 -2.70
C LEU A 1496 -36.05 -11.62 -1.65
N GLN A 1497 -36.44 -10.44 -1.16
CA GLN A 1497 -37.30 -10.28 0.00
C GLN A 1497 -36.50 -10.65 1.24
N GLU A 1498 -36.90 -11.73 1.92
CA GLU A 1498 -36.21 -12.23 3.11
C GLU A 1498 -36.39 -11.29 4.28
N LYS A 1499 -36.94 -11.78 5.38
CA LYS A 1499 -37.27 -10.94 6.53
C LYS A 1499 -36.00 -10.48 7.22
N ALA A 1500 -36.03 -9.25 7.75
CA ALA A 1500 -34.88 -8.66 8.41
C ALA A 1500 -34.48 -9.42 9.67
N SER A 1508 -35.22 -12.42 10.60
CA SER A 1508 -34.37 -12.87 11.69
C SER A 1508 -34.92 -12.42 13.04
N ALA A 1509 -35.12 -11.10 13.18
CA ALA A 1509 -35.68 -10.48 14.38
C ALA A 1509 -34.79 -10.67 15.60
N LYS A 1510 -33.63 -11.30 15.42
CA LYS A 1510 -32.64 -11.42 16.48
C LYS A 1510 -31.28 -11.59 15.80
N TYR A 1511 -30.52 -10.50 15.70
CA TYR A 1511 -29.26 -10.49 14.99
C TYR A 1511 -28.11 -10.69 15.98
N GLU A 1512 -27.35 -11.76 15.79
CA GLU A 1512 -26.19 -12.06 16.63
C GLU A 1512 -25.07 -11.09 16.25
N PRO A 1513 -25.10 -9.92 16.87
CA PRO A 1513 -24.15 -8.86 16.55
C PRO A 1513 -22.72 -9.31 16.83
N GLU A 1514 -21.81 -8.98 15.91
CA GLU A 1514 -20.42 -9.37 16.04
C GLU A 1514 -19.70 -8.42 17.01
N THR A 1515 -18.40 -8.68 17.21
CA THR A 1515 -17.60 -7.84 18.09
C THR A 1515 -17.34 -6.49 17.44
N PRO A 1516 -17.11 -5.49 18.29
CA PRO A 1516 -16.87 -4.13 17.82
C PRO A 1516 -15.41 -3.94 17.40
N GLY A 1517 -11.07 11.17 19.08
CA GLY A 1517 -10.48 11.71 17.86
C GLY A 1517 -9.59 10.68 17.18
N LYS A 1518 -9.77 9.41 17.55
CA LYS A 1518 -9.00 8.35 16.93
C LYS A 1518 -9.36 8.14 15.47
N GLU A 1519 -10.55 8.59 15.06
CA GLU A 1519 -10.96 8.43 13.66
C GLU A 1519 -10.06 9.24 12.73
N GLN A 1520 -9.73 10.47 13.10
CA GLN A 1520 -8.90 11.34 12.27
C GLN A 1520 -7.42 11.29 12.64
N ALA A 1521 -7.06 10.57 13.70
CA ALA A 1521 -5.67 10.46 14.14
C ALA A 1521 -4.97 9.22 13.60
N ASP A 1522 -5.65 8.43 12.78
CA ASP A 1522 -5.08 7.19 12.25
C ASP A 1522 -4.69 7.29 10.78
N LEU A 1523 -5.05 8.37 10.10
CA LEU A 1523 -4.69 8.52 8.69
C LEU A 1523 -3.17 8.60 8.53
N LEU A 1524 -2.67 7.97 7.48
CA LEU A 1524 -1.23 7.96 7.23
C LEU A 1524 -0.71 9.37 7.00
N ARG A 1525 0.38 9.72 7.67
CA ARG A 1525 0.98 11.04 7.56
C ARG A 1525 2.48 10.91 7.37
N ALA A 1526 3.07 11.88 6.68
CA ALA A 1526 4.49 11.88 6.44
C ALA A 1526 5.25 12.26 7.73
N GLU A 1527 6.52 11.86 7.77
CA GLU A 1527 7.37 12.13 8.93
C GLU A 1527 8.32 13.26 8.59
N VAL A 1528 8.26 14.34 9.38
CA VAL A 1528 9.15 15.48 9.23
C VAL A 1528 10.14 15.47 10.38
N ARG A 1529 11.42 15.44 10.05
CA ARG A 1529 12.49 15.37 11.05
C ARG A 1529 12.88 16.79 11.43
N SER A 1530 12.58 17.17 12.67
CA SER A 1530 12.87 18.50 13.18
C SER A 1530 13.88 18.39 14.31
N ILE A 1531 14.93 19.21 14.24
CA ILE A 1531 15.97 19.25 15.26
C ILE A 1531 15.94 20.63 15.92
N ALA A 1532 15.86 20.64 17.24
CA ALA A 1532 15.72 21.91 17.97
C ALA A 1532 16.95 22.78 17.79
N ASP A 1533 18.10 22.30 18.25
CA ASP A 1533 19.37 23.05 18.16
C ASP A 1533 20.39 22.21 17.42
N PRO A 1534 20.52 22.36 16.10
CA PRO A 1534 21.39 21.46 15.35
C PRO A 1534 22.86 21.56 15.70
N ALA A 1535 23.31 22.67 16.31
CA ALA A 1535 24.73 22.84 16.56
C ALA A 1535 25.20 21.93 17.69
N VAL A 1536 24.45 21.86 18.79
CA VAL A 1536 24.93 21.19 20.00
C VAL A 1536 24.33 19.80 20.15
N ARG A 1537 23.87 19.19 19.05
CA ARG A 1537 23.35 17.83 19.07
C ARG A 1537 24.07 17.00 18.03
N ASP A 1538 23.75 15.70 18.02
CA ASP A 1538 24.35 14.80 17.03
C ASP A 1538 23.92 15.21 15.62
N ARG A 1539 24.83 15.08 14.68
CA ARG A 1539 24.55 15.49 13.31
C ARG A 1539 23.52 14.58 12.66
N GLU A 1540 22.69 15.17 11.80
CA GLU A 1540 21.74 14.43 10.99
C GLU A 1540 21.79 14.98 9.57
N VAL A 1541 21.71 14.09 8.59
CA VAL A 1541 21.87 14.46 7.20
C VAL A 1541 20.59 14.17 6.44
N VAL A 1542 20.49 14.77 5.26
CA VAL A 1542 19.37 14.54 4.35
C VAL A 1542 19.92 14.47 2.93
N PHE A 1543 19.38 13.56 2.14
CA PHE A 1543 19.84 13.31 0.78
C PHE A 1543 18.77 13.74 -0.21
N LEU A 1544 19.15 14.55 -1.18
CA LEU A 1544 18.26 15.03 -2.23
C LEU A 1544 18.87 14.67 -3.59
N SER A 1545 18.05 14.22 -4.52
CA SER A 1545 18.59 13.75 -5.78
C SER A 1545 17.51 13.77 -6.86
N ASN A 1546 17.95 14.03 -8.09
CA ASN A 1546 17.15 13.80 -9.29
C ASN A 1546 17.41 12.43 -9.89
N GLY A 1547 18.36 11.67 -9.35
CA GLY A 1547 18.89 10.51 -10.01
C GLY A 1547 20.09 10.79 -10.87
N HIS A 1548 20.38 12.06 -11.14
CA HIS A 1548 21.56 12.44 -11.93
C HIS A 1548 22.32 13.55 -11.22
N TYR A 1549 21.63 14.32 -10.38
CA TYR A 1549 22.24 15.38 -9.58
C TYR A 1549 21.82 15.16 -8.13
N SER A 1550 22.74 14.64 -7.32
CA SER A 1550 22.47 14.32 -5.93
C SER A 1550 23.29 15.23 -5.02
N THR A 1551 22.72 15.55 -3.86
CA THR A 1551 23.40 16.38 -2.88
C THR A 1551 23.15 15.84 -1.47
N MET A 1552 24.07 16.16 -0.58
CA MET A 1552 23.97 15.81 0.83
C MET A 1552 24.01 17.10 1.65
N LEU A 1553 23.34 17.09 2.80
CA LEU A 1553 23.15 18.32 3.54
C LEU A 1553 22.97 17.98 5.02
N THR A 1554 23.97 18.32 5.83
CA THR A 1554 23.93 18.01 7.26
C THR A 1554 22.95 18.94 7.98
N SER A 1555 22.83 18.74 9.29
CA SER A 1555 21.94 19.57 10.10
C SER A 1555 22.44 21.00 10.24
N THR A 1556 23.71 21.26 9.95
CA THR A 1556 24.26 22.61 10.09
C THR A 1556 24.56 23.25 8.73
N GLY A 1557 24.03 22.68 7.65
CA GLY A 1557 24.18 23.27 6.34
C GLY A 1557 25.37 22.80 5.53
N ALA A 1558 26.29 22.06 6.12
CA ALA A 1558 27.42 21.52 5.36
C ALA A 1558 26.97 20.35 4.51
N GLY A 1559 27.71 20.12 3.43
CA GLY A 1559 27.39 19.03 2.52
C GLY A 1559 28.11 19.20 1.20
N TYR A 1560 27.73 18.37 0.24
CA TYR A 1560 28.33 18.42 -1.08
C TYR A 1560 27.28 18.43 -2.19
N SER A 1561 27.72 18.29 -3.43
CA SER A 1561 26.82 18.21 -4.57
C SER A 1561 27.48 17.38 -5.65
N LYS A 1562 26.82 16.30 -6.04
CA LYS A 1562 27.36 15.35 -7.01
C LYS A 1562 26.45 15.28 -8.22
N TRP A 1563 27.06 15.27 -9.41
CA TRP A 1563 26.31 15.17 -10.66
C TRP A 1563 26.88 14.02 -11.48
N ASN A 1564 26.09 12.96 -11.65
CA ASN A 1564 26.45 11.81 -12.47
C ASN A 1564 27.81 11.23 -12.08
N GLY A 1565 27.98 11.01 -10.78
CA GLY A 1565 29.15 10.31 -10.27
C GLY A 1565 30.39 11.15 -10.13
N GLN A 1566 30.35 12.43 -10.46
CA GLN A 1566 31.50 13.32 -10.29
C GLN A 1566 31.07 14.52 -9.45
N ALA A 1567 31.95 14.93 -8.53
CA ALA A 1567 31.63 15.97 -7.59
C ALA A 1567 31.54 17.33 -8.28
N ILE A 1568 30.89 18.27 -7.61
CA ILE A 1568 30.80 19.65 -8.07
C ILE A 1568 31.48 20.54 -7.05
N SER A 1569 30.95 20.55 -5.83
CA SER A 1569 31.58 21.26 -4.73
C SER A 1569 32.58 20.36 -4.03
N ARG A 1570 33.50 20.97 -3.28
CA ARG A 1570 34.55 20.24 -2.60
C ARG A 1570 34.11 19.91 -1.18
N TRP A 1571 34.19 18.62 -0.83
CA TRP A 1571 33.83 18.18 0.51
C TRP A 1571 34.63 16.93 0.84
N LYS A 1572 35.14 16.86 2.07
CA LYS A 1572 35.82 15.69 2.57
C LYS A 1572 35.29 15.36 3.96
N ALA A 1573 35.14 14.06 4.23
CA ALA A 1573 34.47 13.61 5.44
C ALA A 1573 35.32 13.83 6.67
N ASP A 1574 35.22 15.00 7.27
CA ASP A 1574 35.94 15.31 8.50
C ASP A 1574 34.99 15.21 9.67
N PRO A 1575 35.06 14.17 10.50
CA PRO A 1575 34.09 14.03 11.59
C PRO A 1575 34.18 15.12 12.64
N THR A 1576 35.31 15.81 12.75
CA THR A 1576 35.49 16.81 13.80
C THR A 1576 35.24 18.23 13.33
N ASP A 1577 35.71 18.59 12.14
CA ASP A 1577 35.56 19.95 11.63
C ASP A 1577 34.20 20.16 10.95
N ASP A 1578 33.93 19.41 9.89
CA ASP A 1578 32.64 19.41 9.22
C ASP A 1578 32.23 20.83 8.79
N ARG A 1579 33.17 21.55 8.20
CA ARG A 1579 32.93 22.90 7.69
C ARG A 1579 33.20 22.96 6.19
N TRP A 1580 32.72 21.96 5.45
CA TRP A 1580 32.95 21.84 4.03
C TRP A 1580 31.62 21.93 3.29
N GLY A 1581 31.57 22.74 2.25
CA GLY A 1581 30.39 22.82 1.43
C GLY A 1581 30.18 24.26 0.95
N THR A 1582 28.94 24.53 0.54
CA THR A 1582 28.52 25.86 0.13
C THR A 1582 27.73 26.52 1.24
N PHE A 1583 27.86 27.84 1.35
CA PHE A 1583 27.32 28.58 2.48
C PHE A 1583 26.75 29.91 2.01
N ILE A 1584 25.90 30.48 2.86
CA ILE A 1584 25.31 31.80 2.64
C ILE A 1584 25.63 32.66 3.86
N PHE A 1585 26.29 33.78 3.65
CA PHE A 1585 26.75 34.64 4.72
C PHE A 1585 26.02 35.98 4.69
N LEU A 1586 25.69 36.50 5.87
CA LEU A 1586 25.01 37.77 6.03
C LEU A 1586 25.83 38.65 6.95
N ARG A 1587 26.11 39.88 6.51
CA ARG A 1587 26.77 40.86 7.35
C ARG A 1587 25.93 42.13 7.43
N ASP A 1588 25.69 42.60 8.65
CA ASP A 1588 24.98 43.85 8.86
C ASP A 1588 25.91 45.01 8.52
N THR A 1589 25.49 45.83 7.56
CA THR A 1589 26.38 46.89 7.08
C THR A 1589 26.70 47.90 8.17
N THR A 1590 25.68 48.33 8.92
CA THR A 1590 25.90 49.36 9.93
C THR A 1590 26.78 48.84 11.08
N ASN A 1591 26.45 47.69 11.64
CA ASN A 1591 27.20 47.18 12.78
C ASN A 1591 28.53 46.57 12.37
N GLY A 1592 28.56 45.89 11.23
CA GLY A 1592 29.73 45.17 10.79
C GLY A 1592 29.80 43.73 11.22
N GLN A 1593 28.93 43.30 12.13
CA GLN A 1593 28.90 41.91 12.53
C GLN A 1593 28.37 41.05 11.39
N TRP A 1594 28.94 39.85 11.26
CA TRP A 1594 28.52 38.90 10.23
C TRP A 1594 28.27 37.55 10.87
N TRP A 1595 27.32 36.81 10.30
CA TRP A 1595 27.01 35.46 10.75
C TRP A 1595 26.66 34.63 9.53
N SER A 1596 26.18 33.41 9.77
CA SER A 1596 25.80 32.50 8.70
C SER A 1596 24.30 32.25 8.77
N ALA A 1597 23.74 31.83 7.63
CA ALA A 1597 22.32 31.51 7.57
C ALA A 1597 22.03 30.04 7.86
N THR A 1598 23.06 29.20 7.98
CA THR A 1598 22.83 27.79 8.27
C THR A 1598 22.93 27.49 9.76
N ALA A 1599 24.13 27.70 10.35
CA ALA A 1599 24.47 27.60 11.77
C ALA A 1599 25.92 27.18 11.97
N GLU A 1600 26.54 26.61 10.94
CA GLU A 1600 27.84 25.99 11.15
C GLU A 1600 29.01 26.97 11.18
N PRO A 1601 29.22 27.81 10.15
CA PRO A 1601 30.48 28.57 10.08
C PRO A 1601 30.70 29.57 11.21
N ARG A 1602 29.77 30.49 11.43
CA ARG A 1602 30.02 31.63 12.30
C ARG A 1602 29.24 31.59 13.61
N VAL A 1603 27.94 31.30 13.57
CA VAL A 1603 27.02 31.32 14.70
C VAL A 1603 27.26 32.52 15.63
N ILE A 1604 26.48 33.57 15.45
CA ILE A 1604 26.60 34.81 16.21
C ILE A 1604 26.10 34.59 17.63
N GLU A 1605 26.39 35.55 18.52
CA GLU A 1605 25.94 35.47 19.91
C GLU A 1605 24.42 35.44 19.98
N GLY A 1606 23.90 34.94 21.10
CA GLY A 1606 22.48 34.74 21.24
C GLY A 1606 21.97 33.72 20.26
N GLU A 1607 21.04 34.12 19.38
CA GLU A 1607 20.68 33.38 18.18
C GLU A 1607 19.85 32.14 18.48
N LYS A 1608 18.63 32.11 17.94
CA LYS A 1608 17.75 30.95 18.01
C LYS A 1608 17.72 30.29 16.65
N THR A 1609 18.07 29.02 16.59
CA THR A 1609 18.18 28.30 15.32
C THR A 1609 17.36 27.03 15.37
N LYS A 1610 16.96 26.57 14.18
CA LYS A 1610 16.18 25.35 14.03
C LYS A 1610 16.36 24.85 12.61
N THR A 1611 16.24 23.53 12.43
CA THR A 1611 16.33 22.92 11.12
C THR A 1611 15.20 21.91 10.95
N ILE A 1612 14.73 21.78 9.72
CA ILE A 1612 13.65 20.86 9.37
C ILE A 1612 14.09 20.01 8.19
N PHE A 1613 14.01 18.69 8.34
CA PHE A 1613 14.43 17.76 7.31
C PHE A 1613 13.29 16.87 6.82
N THR A 1614 12.14 17.48 6.54
CA THR A 1614 11.14 16.77 5.76
C THR A 1614 11.75 16.33 4.44
N ASP A 1615 11.11 15.34 3.80
CA ASP A 1615 11.60 14.90 2.51
C ASP A 1615 11.46 16.02 1.50
N ASP A 1616 11.98 15.76 0.29
CA ASP A 1616 11.92 16.71 -0.82
C ASP A 1616 12.80 17.92 -0.57
N LYS A 1617 12.50 18.71 0.46
CA LYS A 1617 13.21 19.95 0.72
C LYS A 1617 13.74 19.98 2.14
N ALA A 1618 14.86 20.67 2.33
CA ALA A 1618 15.45 20.92 3.63
C ALA A 1618 15.37 22.40 3.94
N GLU A 1619 14.97 22.74 5.15
CA GLU A 1619 14.69 24.13 5.53
C GLU A 1619 15.35 24.44 6.87
N PHE A 1620 16.22 25.45 6.88
CA PHE A 1620 16.91 25.89 8.08
C PHE A 1620 16.32 27.19 8.57
N HIS A 1621 16.23 27.35 9.89
CA HIS A 1621 15.72 28.56 10.51
C HIS A 1621 16.81 29.22 11.34
N LYS A 1622 16.72 30.54 11.47
CA LYS A 1622 17.62 31.29 12.34
C LYS A 1622 17.04 32.67 12.58
N THR A 1623 16.87 33.04 13.85
CA THR A 1623 16.36 34.34 14.24
C THR A 1623 17.38 35.02 15.15
N ILE A 1624 17.79 36.23 14.78
CA ILE A 1624 18.73 37.02 15.56
C ILE A 1624 18.24 38.46 15.63
N GLY A 1625 18.27 39.04 16.83
CA GLY A 1625 18.12 40.47 17.02
C GLY A 1625 17.05 41.16 16.21
N ASP A 1626 15.78 40.81 16.47
CA ASP A 1626 14.63 41.42 15.81
C ASP A 1626 14.60 41.15 14.31
N LEU A 1627 15.28 40.09 13.86
CA LEU A 1627 15.34 39.72 12.47
C LEU A 1627 15.24 38.20 12.34
N GLN A 1628 14.59 37.74 11.28
CA GLN A 1628 14.37 36.32 11.05
C GLN A 1628 14.88 35.93 9.68
N SER A 1629 15.50 34.75 9.62
CA SER A 1629 16.07 34.24 8.38
C SER A 1629 15.66 32.78 8.19
N VAL A 1630 15.45 32.39 6.94
CA VAL A 1630 15.08 31.02 6.59
C VAL A 1630 15.56 30.72 5.18
N VAL A 1631 16.08 29.50 4.98
CA VAL A 1631 16.56 29.05 3.69
C VAL A 1631 15.86 27.74 3.34
N GLU A 1632 15.52 27.58 2.06
CA GLU A 1632 14.93 26.36 1.56
C GLU A 1632 15.81 25.81 0.44
N CYS A 1633 16.30 24.59 0.61
CA CYS A 1633 17.24 23.99 -0.32
C CYS A 1633 16.56 22.80 -1.01
N ILE A 1634 16.50 22.85 -2.33
CA ILE A 1634 15.93 21.78 -3.14
C ILE A 1634 16.85 21.53 -4.33
N VAL A 1635 16.68 20.38 -4.95
CA VAL A 1635 17.31 20.07 -6.24
C VAL A 1635 16.23 20.12 -7.31
N ALA A 1636 16.44 20.97 -8.32
CA ALA A 1636 15.42 21.23 -9.31
C ALA A 1636 15.27 20.03 -10.24
N THR A 1637 14.22 20.05 -11.05
CA THR A 1637 13.93 18.99 -12.00
C THR A 1637 14.23 19.51 -13.41
N GLU A 1638 14.35 18.56 -14.35
CA GLU A 1638 14.43 18.76 -15.79
C GLU A 1638 15.62 19.63 -16.21
N HIS A 1639 16.46 20.05 -15.26
CA HIS A 1639 17.65 20.80 -15.62
C HIS A 1639 18.88 20.47 -14.78
N ASP A 1640 18.79 19.52 -13.85
CA ASP A 1640 19.92 19.13 -13.00
C ASP A 1640 20.55 20.34 -12.32
N ALA A 1641 19.75 21.03 -11.52
CA ALA A 1641 20.19 22.24 -10.84
C ALA A 1641 19.69 22.23 -9.41
N GLU A 1642 20.35 23.02 -8.56
CA GLU A 1642 20.02 23.12 -7.15
C GLU A 1642 19.73 24.57 -6.80
N GLY A 1643 18.70 24.80 -5.99
CA GLY A 1643 18.32 26.15 -5.64
C GLY A 1643 18.22 26.41 -4.15
N ARG A 1644 19.12 27.26 -3.64
CA ARG A 1644 19.15 27.58 -2.21
C ARG A 1644 18.49 28.93 -1.98
N ARG A 1645 17.16 28.94 -2.00
CA ARG A 1645 16.42 30.16 -1.76
C ARG A 1645 16.55 30.58 -0.30
N ILE A 1646 16.79 31.87 -0.09
CA ILE A 1646 16.84 32.45 1.26
C ILE A 1646 15.72 33.48 1.35
N THR A 1647 14.86 33.32 2.37
CA THR A 1647 13.84 34.30 2.66
C THR A 1647 14.24 35.11 3.89
N LEU A 1648 14.27 36.42 3.74
CA LEU A 1648 14.79 37.32 4.76
C LEU A 1648 13.65 38.22 5.23
N LEU A 1649 13.34 38.17 6.52
CA LEU A 1649 12.15 38.79 7.05
C LEU A 1649 12.51 39.66 8.25
N ASN A 1650 11.80 40.77 8.40
CA ASN A 1650 12.00 41.70 9.51
C ASN A 1650 10.70 41.87 10.28
N VAL A 1651 10.81 41.94 11.61
CA VAL A 1651 9.64 42.13 12.47
C VAL A 1651 9.84 43.37 13.33
N GLY A 1652 10.74 44.25 12.92
CA GLY A 1652 11.07 45.43 13.67
C GLY A 1652 10.31 46.66 13.22
N SER A 1653 10.79 47.82 13.66
CA SER A 1653 10.21 49.11 13.31
C SER A 1653 11.21 50.01 12.59
N GLU A 1654 12.27 49.43 12.04
CA GLU A 1654 13.32 50.21 11.39
C GLU A 1654 13.84 49.42 10.19
N ASP A 1655 14.46 50.15 9.26
CA ASP A 1655 15.03 49.52 8.08
C ASP A 1655 16.41 48.96 8.40
N ARG A 1656 16.68 47.75 7.91
CA ARG A 1656 17.97 47.09 8.10
C ARG A 1656 18.65 46.93 6.74
N TYR A 1657 19.96 47.13 6.73
CA TYR A 1657 20.78 46.99 5.53
C TYR A 1657 21.76 45.85 5.77
N ILE A 1658 21.35 44.63 5.49
CA ILE A 1658 22.21 43.46 5.63
C ILE A 1658 22.41 42.83 4.26
N GLU A 1659 23.65 42.47 3.96
CA GLU A 1659 24.03 41.99 2.64
C GLU A 1659 24.23 40.49 2.63
N VAL A 1660 23.83 39.86 1.53
CA VAL A 1660 23.84 38.41 1.38
C VAL A 1660 25.01 38.02 0.50
N THR A 1661 25.83 37.10 0.99
CA THR A 1661 27.00 36.62 0.27
C THR A 1661 26.95 35.09 0.19
N SER A 1662 27.49 34.56 -0.89
CA SER A 1662 27.54 33.12 -1.12
C SER A 1662 28.98 32.68 -1.29
N TYR A 1663 29.23 31.39 -1.07
CA TYR A 1663 30.59 30.85 -1.15
C TYR A 1663 30.49 29.37 -1.47
N MET A 1664 30.89 28.99 -2.68
CA MET A 1664 30.90 27.58 -3.09
C MET A 1664 32.17 27.32 -3.87
N GLU A 1665 32.89 26.28 -3.50
CA GLU A 1665 34.18 25.97 -4.10
C GLU A 1665 33.99 24.88 -5.15
N PRO A 1666 34.19 25.18 -6.43
CA PRO A 1666 33.92 24.17 -7.46
C PRO A 1666 35.08 23.22 -7.65
N VAL A 1667 34.74 21.93 -7.78
CA VAL A 1667 35.71 20.92 -8.20
C VAL A 1667 35.02 19.95 -9.17
N ILE A 1668 35.30 20.12 -10.45
CA ILE A 1668 34.66 19.29 -11.49
C ILE A 1668 35.60 18.11 -11.71
N ALA A 1669 35.42 17.08 -10.88
CA ALA A 1669 36.24 15.88 -10.96
C ALA A 1669 35.48 14.75 -10.28
N SER A 1670 36.11 13.58 -10.21
CA SER A 1670 35.48 12.38 -9.69
C SER A 1670 35.70 12.21 -8.18
N GLU A 1671 36.20 13.25 -7.50
CA GLU A 1671 36.41 13.26 -6.05
C GLU A 1671 37.57 12.36 -5.65
N ASP A 1672 38.12 11.61 -6.60
CA ASP A 1672 39.32 10.83 -6.38
C ASP A 1672 40.52 11.32 -7.16
N ASP A 1673 40.29 11.91 -8.34
CA ASP A 1673 41.37 12.58 -9.06
C ASP A 1673 41.78 13.87 -8.35
N ASP A 1674 40.82 14.56 -7.73
CA ASP A 1674 41.14 15.79 -7.01
C ASP A 1674 41.83 15.49 -5.69
N ASN A 1675 41.38 14.46 -4.98
CA ASN A 1675 41.93 14.15 -3.66
C ASN A 1675 43.32 13.53 -3.72
N ALA A 1676 43.84 13.27 -4.91
CA ALA A 1676 45.19 12.74 -5.07
C ALA A 1676 46.23 13.85 -5.20
N HIS A 1677 46.01 14.80 -6.11
CA HIS A 1677 46.88 15.96 -6.30
C HIS A 1677 46.01 17.20 -6.31
N PRO A 1678 45.66 17.72 -5.14
CA PRO A 1678 44.68 18.82 -5.10
C PRO A 1678 45.08 20.05 -5.91
N LEU A 1679 46.37 20.40 -5.92
CA LEU A 1679 46.80 21.56 -6.70
C LEU A 1679 46.74 21.30 -8.20
N PHE A 1680 46.77 20.04 -8.62
CA PHE A 1680 46.68 19.74 -10.04
C PHE A 1680 45.25 19.92 -10.54
N SER A 1681 44.26 19.46 -9.77
CA SER A 1681 42.87 19.56 -10.20
C SER A 1681 42.33 20.98 -10.07
N ARG A 1682 42.83 21.76 -9.10
CA ARG A 1682 42.41 23.14 -8.96
C ARG A 1682 43.07 24.06 -9.99
N MET A 1683 43.97 23.53 -10.80
CA MET A 1683 44.76 24.36 -11.70
C MET A 1683 44.08 24.61 -13.02
N PHE A 1684 43.22 23.69 -13.47
CA PHE A 1684 42.64 23.74 -14.81
C PHE A 1684 41.28 24.42 -14.87
N VAL A 1685 40.71 24.83 -13.73
CA VAL A 1685 39.40 25.47 -13.75
C VAL A 1685 39.52 26.86 -14.35
N GLN A 1686 38.52 27.25 -15.15
CA GLN A 1686 38.55 28.45 -15.98
C GLN A 1686 37.35 29.32 -15.69
N THR A 1687 37.12 29.62 -14.42
CA THR A 1687 35.95 30.42 -14.02
C THR A 1687 35.98 31.78 -14.70
N GLU A 1688 34.78 32.25 -15.09
CA GLU A 1688 34.62 33.54 -15.75
C GLU A 1688 33.18 33.98 -15.63
N ILE A 1689 32.95 35.28 -15.76
CA ILE A 1689 31.63 35.88 -15.59
C ILE A 1689 31.15 36.44 -16.92
N GLY A 1690 29.90 36.14 -17.27
CA GLY A 1690 29.31 36.65 -18.49
C GLY A 1690 28.61 37.97 -18.28
N ARG A 1691 28.04 38.49 -19.38
CA ARG A 1691 27.24 39.70 -19.31
C ARG A 1691 26.01 39.46 -18.44
N ARG A 1692 25.36 40.56 -18.06
CA ARG A 1692 24.26 40.52 -17.09
C ARG A 1692 24.75 39.88 -15.79
N GLY A 1693 25.64 40.61 -15.12
CA GLY A 1693 26.54 40.02 -14.15
C GLY A 1693 25.91 39.52 -12.87
N ASP A 1694 25.11 38.45 -12.98
CA ASP A 1694 24.68 37.67 -11.84
C ASP A 1694 24.95 36.19 -12.05
N VAL A 1695 25.76 35.84 -13.04
CA VAL A 1695 26.06 34.46 -13.39
C VAL A 1695 27.57 34.28 -13.49
N ILE A 1696 28.09 33.21 -12.90
CA ILE A 1696 29.50 32.85 -13.00
C ILE A 1696 29.58 31.46 -13.61
N ARG A 1697 30.36 31.32 -14.67
CA ARG A 1697 30.53 30.06 -15.37
C ARG A 1697 31.95 29.54 -15.17
N ALA A 1698 32.07 28.26 -14.87
CA ALA A 1698 33.36 27.63 -14.64
C ALA A 1698 33.39 26.25 -15.26
N TRP A 1699 34.48 25.93 -15.95
CA TRP A 1699 34.63 24.63 -16.58
C TRP A 1699 36.10 24.30 -16.68
N ARG A 1700 36.39 23.01 -16.85
CA ARG A 1700 37.77 22.55 -16.94
C ARG A 1700 38.35 22.85 -18.31
N ASN A 1701 39.58 23.31 -18.34
CA ASN A 1701 40.31 23.43 -19.60
C ASN A 1701 40.63 22.05 -20.12
N ARG A 1702 40.25 21.78 -21.37
CA ARG A 1702 40.33 20.41 -21.90
C ARG A 1702 41.77 20.04 -22.21
N ARG A 1703 42.18 18.85 -21.77
CA ARG A 1703 43.50 18.30 -22.04
C ARG A 1703 43.46 17.18 -23.07
N SER A 1704 42.62 16.18 -22.85
CA SER A 1704 42.47 15.06 -23.77
C SER A 1704 41.12 15.13 -24.47
N GLN A 1705 40.98 14.37 -25.55
CA GLN A 1705 39.74 14.32 -26.29
C GLN A 1705 38.65 13.53 -25.58
N ASN A 1706 39.02 12.70 -24.60
CA ASN A 1706 38.05 11.89 -23.86
C ASN A 1706 37.58 12.56 -22.58
N GLU A 1707 38.02 13.78 -22.31
CA GLU A 1707 37.62 14.46 -21.08
C GLU A 1707 36.17 14.92 -21.20
N PRO A 1708 35.37 14.77 -20.13
CA PRO A 1708 33.93 15.04 -20.22
C PRO A 1708 33.54 16.43 -20.67
N GLY A 1709 34.04 17.49 -20.02
CA GLY A 1709 33.48 18.80 -20.26
C GLY A 1709 32.69 19.32 -19.08
N THR A 1710 31.36 19.21 -19.17
CA THR A 1710 30.39 19.46 -18.08
C THR A 1710 30.64 20.81 -17.39
N VAL A 1711 30.38 21.87 -18.17
CA VAL A 1711 30.39 23.22 -17.63
C VAL A 1711 29.34 23.34 -16.53
N ILE A 1712 29.65 24.16 -15.51
CA ILE A 1712 28.72 24.46 -14.43
C ILE A 1712 28.58 25.97 -14.31
N ALA A 1713 27.58 26.40 -13.54
CA ALA A 1713 27.29 27.81 -13.40
C ALA A 1713 26.72 28.08 -12.02
N HIS A 1714 26.83 29.34 -11.59
CA HIS A 1714 26.31 29.81 -10.31
C HIS A 1714 25.47 31.06 -10.56
N LEU A 1715 24.23 31.05 -10.10
CA LEU A 1715 23.25 32.07 -10.43
C LEU A 1715 22.74 32.76 -9.18
N ALA A 1716 22.61 34.08 -9.25
CA ALA A 1716 22.12 34.90 -8.15
C ALA A 1716 20.60 35.04 -8.16
N ALA A 1717 20.03 35.51 -9.26
CA ALA A 1717 18.58 35.57 -9.47
C ALA A 1717 17.89 36.31 -8.32
N ASP A 1718 18.21 37.59 -8.21
CA ASP A 1718 17.62 38.42 -7.17
C ASP A 1718 16.13 38.60 -7.42
N ASN A 1719 15.39 38.82 -6.33
CA ASN A 1719 13.97 39.13 -6.39
C ASN A 1719 13.64 40.12 -5.29
N ALA A 1720 12.56 40.88 -5.51
CA ALA A 1720 12.11 41.90 -4.56
C ALA A 1720 13.21 42.92 -4.28
N GLY A 1721 13.86 43.37 -5.34
CA GLY A 1721 14.89 44.39 -5.24
C GLY A 1721 15.00 45.18 -6.53
N PRO A 1722 14.98 46.51 -6.43
CA PRO A 1722 14.98 47.34 -7.64
C PRO A 1722 16.25 47.18 -8.47
N SER A 1723 17.41 47.50 -7.89
CA SER A 1723 18.69 47.33 -8.55
C SER A 1723 19.85 47.54 -7.58
N ARG A 1724 20.77 46.58 -7.52
CA ARG A 1724 21.99 46.69 -6.73
C ARG A 1724 23.10 45.97 -7.48
N PRO A 1725 24.31 46.52 -7.48
CA PRO A 1725 25.42 45.86 -8.20
C PRO A 1725 26.02 44.71 -7.42
N THR A 1726 26.24 43.58 -8.10
CA THR A 1726 26.85 42.42 -7.47
C THR A 1726 28.36 42.47 -7.61
N GLU A 1727 29.03 41.63 -6.81
CA GLU A 1727 30.50 41.57 -6.79
C GLU A 1727 30.92 40.11 -6.82
N PHE A 1728 31.48 39.68 -7.94
CA PHE A 1728 32.07 38.35 -8.04
C PHE A 1728 33.47 38.34 -7.43
N GLU A 1729 33.82 37.23 -6.77
CA GLU A 1729 35.13 37.10 -6.14
C GLU A 1729 35.71 35.70 -6.40
N THR A 1730 35.78 35.31 -7.66
CA THR A 1730 36.24 33.96 -7.98
C THR A 1730 37.73 33.79 -7.76
N ASP A 1731 38.17 33.84 -6.51
CA ASP A 1731 39.58 33.61 -6.17
C ASP A 1731 39.68 33.31 -4.69
N ARG A 1732 40.12 32.11 -4.34
CA ARG A 1732 40.24 31.74 -2.92
C ARG A 1732 41.63 32.09 -2.38
N ALA A 1733 42.08 33.28 -2.69
CA ALA A 1733 43.28 33.85 -2.10
C ALA A 1733 43.02 35.23 -1.51
N LYS A 1734 42.16 36.02 -2.15
CA LYS A 1734 41.70 37.28 -1.61
C LYS A 1734 40.42 37.15 -0.82
N PHE A 1735 39.88 35.93 -0.70
CA PHE A 1735 38.71 35.67 0.12
C PHE A 1735 39.08 35.19 1.51
N ILE A 1736 39.98 34.22 1.60
CA ILE A 1736 40.41 33.70 2.90
C ILE A 1736 41.63 34.48 3.36
N GLY A 1737 42.71 34.46 2.58
CA GLY A 1737 43.79 35.39 2.81
C GLY A 1737 45.05 34.89 3.47
N ARG A 1738 45.54 33.71 3.08
CA ARG A 1738 46.88 33.24 3.41
C ARG A 1738 47.11 33.23 4.92
N GLY A 1739 46.39 32.32 5.58
CA GLY A 1739 46.62 32.08 6.99
C GLY A 1739 45.34 32.05 7.79
N ARG A 1740 44.31 32.69 7.27
CA ARG A 1740 43.01 32.72 7.92
C ARG A 1740 42.28 31.42 7.63
N SER A 1741 41.00 31.35 7.98
CA SER A 1741 40.18 30.18 7.73
C SER A 1741 38.80 30.63 7.29
N LEU A 1742 37.90 29.67 7.09
CA LEU A 1742 36.54 30.01 6.71
C LEU A 1742 35.80 30.68 7.86
N ARG A 1743 36.06 30.24 9.10
CA ARG A 1743 35.40 30.84 10.25
C ARG A 1743 35.84 32.29 10.46
N GLU A 1744 37.05 32.64 10.01
CA GLU A 1744 37.55 34.01 10.07
C GLU A 1744 38.09 34.36 8.69
N ALA A 1745 37.20 34.80 7.80
CA ALA A 1745 37.58 35.06 6.42
C ALA A 1745 38.19 36.45 6.30
N ALA A 1746 38.54 36.84 5.07
CA ALA A 1746 39.08 38.16 4.81
C ALA A 1746 38.15 39.07 4.04
N ALA A 1747 37.19 38.52 3.29
CA ALA A 1747 36.21 39.36 2.61
C ALA A 1747 35.29 40.05 3.62
N PHE A 1748 35.00 39.39 4.73
CA PHE A 1748 34.13 39.94 5.77
C PHE A 1748 34.93 40.77 6.78
N ASP A 1749 35.69 41.71 6.27
CA ASP A 1749 36.46 42.63 7.09
C ASP A 1749 35.88 44.03 6.96
N ALA A 1750 36.51 45.01 7.59
CA ALA A 1750 36.10 46.40 7.42
C ALA A 1750 36.39 46.83 5.99
N GLY A 1751 35.34 46.97 5.19
CA GLY A 1751 35.56 47.23 3.77
C GLY A 1751 36.07 45.97 3.10
N ALA A 1752 37.04 46.15 2.21
CA ALA A 1752 37.69 45.03 1.49
C ALA A 1752 36.65 44.17 0.78
N THR A 1753 35.97 44.81 -0.17
CA THR A 1753 34.78 44.25 -0.80
C THR A 1753 35.10 43.69 -2.18
N LEU A 1754 35.60 42.45 -2.21
CA LEU A 1754 35.46 41.57 -3.38
C LEU A 1754 36.01 42.21 -4.65
N SER A 1755 37.34 42.31 -4.69
CA SER A 1755 38.05 43.06 -5.73
C SER A 1755 37.79 42.54 -7.15
N SER A 1756 36.97 41.50 -7.29
CA SER A 1756 36.41 41.08 -8.58
C SER A 1756 37.51 40.68 -9.57
N SER A 1757 38.19 39.58 -9.24
CA SER A 1757 39.21 39.01 -10.10
C SER A 1757 38.70 37.73 -10.73
N ASP A 1758 38.96 37.57 -12.03
CA ASP A 1758 38.55 36.38 -12.77
C ASP A 1758 39.69 35.93 -13.66
N GLY A 1759 39.43 34.85 -14.42
CA GLY A 1759 40.41 34.31 -15.34
C GLY A 1759 40.87 32.92 -14.91
N PHE A 1760 42.14 32.64 -15.20
CA PHE A 1760 42.74 31.35 -14.86
C PHE A 1760 43.36 31.42 -13.46
N THR A 1761 42.49 31.61 -12.48
CA THR A 1761 42.93 31.55 -11.09
C THR A 1761 43.27 30.10 -10.74
N LEU A 1762 44.34 29.92 -9.96
CA LEU A 1762 44.83 28.60 -9.62
C LEU A 1762 44.17 28.03 -8.36
N ASP A 1763 43.28 28.78 -7.72
CA ASP A 1763 42.54 28.29 -6.55
C ASP A 1763 41.17 28.94 -6.58
N PRO A 1764 40.25 28.40 -7.38
CA PRO A 1764 39.00 29.09 -7.66
C PRO A 1764 37.86 28.74 -6.73
N ILE A 1765 37.05 29.76 -6.43
CA ILE A 1765 35.77 29.61 -5.74
C ILE A 1765 34.74 30.41 -6.50
N LEU A 1766 33.46 30.17 -6.18
CA LEU A 1766 32.37 30.92 -6.77
C LEU A 1766 31.62 31.65 -5.66
N SER A 1767 31.41 32.95 -5.84
CA SER A 1767 30.80 33.76 -4.81
C SER A 1767 30.04 34.91 -5.46
N LEU A 1768 28.87 35.23 -4.91
CA LEU A 1768 28.08 36.37 -5.35
C LEU A 1768 27.66 37.15 -4.12
N ARG A 1769 27.80 38.48 -4.20
CA ARG A 1769 27.53 39.36 -3.06
C ARG A 1769 26.66 40.51 -3.53
N ARG A 1770 25.45 40.59 -3.00
CA ARG A 1770 24.51 41.65 -3.35
C ARG A 1770 23.89 42.23 -2.09
N THR A 1771 23.74 43.55 -2.07
CA THR A 1771 23.11 44.22 -0.95
C THR A 1771 21.60 44.25 -1.14
N VAL A 1772 20.86 44.01 -0.05
CA VAL A 1772 19.40 44.03 -0.09
C VAL A 1772 18.90 44.93 1.02
N ARG A 1773 17.65 45.38 0.85
CA ARG A 1773 16.98 46.23 1.83
C ARG A 1773 15.77 45.48 2.36
N VAL A 1774 15.65 45.40 3.69
CA VAL A 1774 14.51 44.73 4.30
C VAL A 1774 13.67 45.76 5.06
N PRO A 1775 12.54 46.19 4.50
CA PRO A 1775 11.68 47.14 5.21
C PRO A 1775 11.04 46.49 6.43
N ALA A 1776 10.66 47.34 7.38
CA ALA A 1776 10.02 46.86 8.60
C ALA A 1776 8.72 46.14 8.27
N GLY A 1777 8.56 44.94 8.83
CA GLY A 1777 7.38 44.15 8.55
C GLY A 1777 7.28 43.66 7.13
N LYS A 1778 8.40 43.55 6.42
CA LYS A 1778 8.42 43.11 5.04
C LYS A 1778 9.49 42.05 4.86
N LYS A 1779 9.38 41.29 3.77
CA LYS A 1779 10.31 40.21 3.50
C LYS A 1779 10.84 40.33 2.07
N VAL A 1780 12.11 39.94 1.90
CA VAL A 1780 12.74 39.87 0.60
C VAL A 1780 13.40 38.50 0.48
N SER A 1781 13.75 38.13 -0.74
CA SER A 1781 14.31 36.81 -0.99
C SER A 1781 15.38 36.87 -2.07
N VAL A 1782 16.37 36.00 -1.95
CA VAL A 1782 17.41 35.79 -2.95
C VAL A 1782 17.46 34.30 -3.25
N ILE A 1783 17.48 33.93 -4.52
CA ILE A 1783 17.35 32.54 -4.93
C ILE A 1783 18.65 32.15 -5.62
N PHE A 1784 19.59 31.62 -4.85
CA PHE A 1784 20.85 31.15 -5.41
C PHE A 1784 20.63 29.84 -6.13
N TRP A 1785 21.20 29.71 -7.34
CA TRP A 1785 21.10 28.50 -8.13
C TRP A 1785 22.49 27.94 -8.40
N THR A 1786 22.59 26.62 -8.45
CA THR A 1786 23.79 25.93 -8.92
C THR A 1786 23.38 24.99 -10.03
N ILE A 1787 23.96 25.19 -11.21
CA ILE A 1787 23.53 24.49 -12.42
C ILE A 1787 24.73 23.76 -13.01
N ALA A 1788 24.52 22.50 -13.39
CA ALA A 1788 25.51 21.71 -14.09
C ALA A 1788 24.87 21.07 -15.31
N ALA A 1789 25.61 21.04 -16.42
CA ALA A 1789 25.08 20.51 -17.67
C ALA A 1789 26.25 19.99 -18.49
N PRO A 1790 26.02 19.03 -19.40
CA PRO A 1790 27.13 18.45 -20.17
C PRO A 1790 27.85 19.43 -21.09
N SER A 1791 27.25 20.57 -21.43
CA SER A 1791 27.89 21.52 -22.31
C SER A 1791 27.29 22.90 -22.08
N ARG A 1792 27.96 23.92 -22.65
CA ARG A 1792 27.57 25.30 -22.42
C ARG A 1792 26.16 25.59 -22.96
N GLU A 1793 25.85 25.06 -24.14
CA GLU A 1793 24.56 25.30 -24.78
C GLU A 1793 23.39 24.73 -24.00
N GLU A 1794 23.66 23.80 -23.07
CA GLU A 1794 22.63 23.32 -22.15
C GLU A 1794 22.59 24.08 -20.85
N VAL A 1795 23.67 24.76 -20.45
CA VAL A 1795 23.63 25.62 -19.28
C VAL A 1795 22.78 26.85 -19.56
N ASP A 1796 22.91 27.41 -20.77
CA ASP A 1796 22.14 28.61 -21.10
C ASP A 1796 20.65 28.35 -21.12
N LYS A 1797 20.22 27.19 -21.62
CA LYS A 1797 18.81 26.84 -21.58
C LYS A 1797 18.29 26.66 -20.16
N ALA A 1798 19.19 26.43 -19.19
CA ALA A 1798 18.81 26.37 -17.79
C ALA A 1798 18.98 27.70 -17.08
N ILE A 1799 19.97 28.51 -17.46
CA ILE A 1799 20.11 29.84 -16.87
C ILE A 1799 18.95 30.72 -17.28
N ASP A 1800 18.58 30.70 -18.57
CA ASP A 1800 17.51 31.53 -19.09
C ASP A 1800 16.14 31.05 -18.65
N ARG A 1801 16.07 29.92 -17.94
CA ARG A 1801 14.82 29.41 -17.41
C ARG A 1801 14.69 29.56 -15.91
N TYR A 1802 15.79 29.75 -15.18
CA TYR A 1802 15.75 30.03 -13.76
C TYR A 1802 15.99 31.50 -13.42
N ARG A 1803 16.51 32.28 -14.38
CA ARG A 1803 16.77 33.69 -14.12
C ARG A 1803 15.49 34.49 -13.93
N HIS A 1804 14.37 34.02 -14.48
CA HIS A 1804 13.12 34.75 -14.41
C HIS A 1804 12.64 34.85 -12.96
N PRO A 1805 11.85 35.87 -12.65
CA PRO A 1805 11.22 35.94 -11.33
C PRO A 1805 10.34 34.73 -11.08
N ASP A 1806 10.10 34.45 -9.81
CA ASP A 1806 9.44 33.20 -9.40
C ASP A 1806 10.37 32.07 -9.85
N ALA A 1807 9.84 31.04 -10.52
CA ALA A 1807 10.61 29.92 -11.05
C ALA A 1807 11.20 29.07 -9.95
N PHE A 1808 11.04 29.48 -8.69
CA PHE A 1808 11.30 28.60 -7.57
C PHE A 1808 10.06 27.80 -7.23
N ALA A 1809 8.92 28.48 -7.05
CA ALA A 1809 7.64 27.81 -7.19
C ALA A 1809 7.50 27.36 -8.64
N HIS A 1810 6.68 26.32 -8.84
CA HIS A 1810 6.56 25.59 -10.10
C HIS A 1810 7.80 24.73 -10.31
N GLU A 1811 8.80 24.91 -9.45
CA GLU A 1811 9.90 23.95 -9.28
C GLU A 1811 9.93 23.34 -7.91
N LEU A 1812 9.41 24.04 -6.89
CA LEU A 1812 9.12 23.44 -5.60
C LEU A 1812 7.94 22.48 -5.67
N VAL A 1813 7.10 22.60 -6.68
CA VAL A 1813 5.97 21.70 -6.90
C VAL A 1813 6.37 20.48 -7.71
N HIS A 1814 7.16 20.70 -8.77
CA HIS A 1814 7.65 19.56 -9.55
C HIS A 1814 8.50 18.63 -8.70
N ALA A 1815 9.28 19.18 -7.77
CA ALA A 1815 10.11 18.35 -6.90
C ALA A 1815 9.25 17.47 -6.01
N TRP A 1816 8.14 18.01 -5.50
CA TRP A 1816 7.28 17.21 -4.62
C TRP A 1816 6.66 16.04 -5.36
N THR A 1817 6.33 16.22 -6.64
CA THR A 1817 5.74 15.13 -7.41
C THR A 1817 6.76 14.04 -7.67
N ARG A 1818 7.96 14.41 -8.11
CA ARG A 1818 8.97 13.41 -8.44
C ARG A 1818 9.50 12.68 -7.21
N THR A 1819 9.48 13.31 -6.04
CA THR A 1819 9.92 12.64 -4.82
C THR A 1819 8.88 11.69 -4.26
N GLN A 1820 7.64 11.75 -4.76
CA GLN A 1820 6.64 10.75 -4.44
C GLN A 1820 6.66 9.57 -5.41
N VAL A 1821 6.94 9.82 -6.69
CA VAL A 1821 7.07 8.73 -7.65
C VAL A 1821 8.27 7.85 -7.30
N GLN A 1822 9.40 8.47 -6.94
CA GLN A 1822 10.59 7.70 -6.59
C GLN A 1822 10.35 6.84 -5.36
N MET A 1823 9.71 7.41 -4.34
CA MET A 1823 9.42 6.65 -3.14
C MET A 1823 8.32 5.62 -3.34
N ARG A 1824 7.59 5.68 -4.46
CA ARG A 1824 6.60 4.65 -4.77
C ARG A 1824 7.14 3.61 -5.73
N HIS A 1825 8.03 3.99 -6.65
CA HIS A 1825 8.66 3.01 -7.53
C HIS A 1825 9.41 1.97 -6.71
N VAL A 1826 10.12 2.42 -5.68
CA VAL A 1826 10.69 1.53 -4.69
C VAL A 1826 9.67 1.38 -3.57
N GLY A 1827 9.71 0.25 -2.86
CA GLY A 1827 8.73 -0.01 -1.83
C GLY A 1827 8.92 0.73 -0.53
N VAL A 1828 9.81 1.72 -0.48
CA VAL A 1828 10.08 2.43 0.75
C VAL A 1828 8.88 3.29 1.14
N THR A 1829 8.80 3.63 2.42
CA THR A 1829 7.76 4.47 2.97
C THR A 1829 8.41 5.65 3.70
N SER A 1830 7.61 6.68 3.95
CA SER A 1830 8.14 7.87 4.62
C SER A 1830 8.73 7.53 5.98
N GLN A 1831 8.07 6.66 6.74
CA GLN A 1831 8.64 6.20 8.00
C GLN A 1831 9.94 5.43 7.77
N GLN A 1832 9.99 4.61 6.72
CA GLN A 1832 11.21 3.89 6.40
C GLN A 1832 12.27 4.81 5.80
N ALA A 1833 11.84 5.85 5.09
CA ALA A 1833 12.81 6.76 4.46
C ALA A 1833 13.65 7.48 5.49
N ALA A 1834 13.02 7.96 6.57
CA ALA A 1834 13.78 8.66 7.61
C ALA A 1834 14.80 7.74 8.27
N ALA A 1835 14.41 6.49 8.53
CA ALA A 1835 15.34 5.54 9.12
C ALA A 1835 16.49 5.24 8.17
N PHE A 1836 16.21 5.12 6.88
CA PHE A 1836 17.26 4.83 5.91
C PHE A 1836 18.25 5.98 5.79
N GLN A 1837 17.77 7.22 5.90
CA GLN A 1837 18.67 8.36 5.80
C GLN A 1837 19.63 8.42 6.98
N HIS A 1838 19.23 7.88 8.13
CA HIS A 1838 20.17 7.73 9.23
C HIS A 1838 21.28 6.75 8.87
N LEU A 1839 20.94 5.68 8.17
CA LEU A 1839 21.95 4.70 7.75
C LEU A 1839 22.97 5.33 6.82
N GLY A 1840 22.52 6.18 5.89
CA GLY A 1840 23.45 6.83 4.99
C GLY A 1840 24.45 7.71 5.70
N ARG A 1841 24.07 8.25 6.86
CA ARG A 1841 25.01 9.04 7.64
C ARG A 1841 26.19 8.20 8.12
N TYR A 1842 25.93 6.96 8.55
CA TYR A 1842 27.00 6.09 9.00
C TYR A 1842 27.87 5.61 7.83
N LEU A 1843 27.27 5.41 6.66
CA LEU A 1843 28.03 4.96 5.50
C LEU A 1843 28.79 6.08 4.81
N THR A 1844 28.54 7.33 5.19
CA THR A 1844 29.25 8.47 4.63
C THR A 1844 30.28 9.06 5.58
N TYR A 1845 29.93 9.25 6.84
CA TYR A 1845 30.87 9.81 7.78
C TYR A 1845 31.54 8.70 8.58
N PRO A 1846 32.80 8.89 8.97
CA PRO A 1846 33.52 7.85 9.72
C PRO A 1846 33.08 7.77 11.17
N ASP A 1847 31.98 8.44 11.57
CA ASP A 1847 31.29 8.15 12.84
C ASP A 1847 30.94 6.67 12.95
N MET A 1848 31.58 5.96 13.88
CA MET A 1848 31.38 4.52 14.04
C MET A 1848 30.50 4.29 15.27
N HIS A 1849 29.19 4.37 15.05
CA HIS A 1849 28.23 4.13 16.11
C HIS A 1849 27.43 2.84 15.92
N LEU A 1850 27.66 2.12 14.82
CA LEU A 1850 26.96 0.85 14.55
C LEU A 1850 27.90 -0.19 13.97
N ARG A 1851 29.20 -0.09 14.23
CA ARG A 1851 30.16 -1.05 13.72
C ARG A 1851 30.19 -2.26 14.66
N ALA A 1852 31.20 -3.13 14.48
CA ALA A 1852 31.32 -4.33 15.28
C ALA A 1852 31.79 -3.98 16.69
N ASP A 1853 32.06 -5.01 17.48
CA ASP A 1853 32.46 -4.82 18.87
C ASP A 1853 33.84 -4.16 18.94
N SER A 1854 34.15 -3.64 20.12
CA SER A 1854 35.43 -2.98 20.34
C SER A 1854 36.59 -3.97 20.43
N GLU A 1855 36.32 -5.25 20.64
CA GLU A 1855 37.34 -6.27 20.66
C GLU A 1855 37.37 -7.14 19.41
N THR A 1856 36.23 -7.28 18.73
CA THR A 1856 36.22 -8.01 17.47
C THR A 1856 37.00 -7.26 16.39
N LEU A 1857 36.93 -5.93 16.40
CA LEU A 1857 37.63 -5.15 15.39
C LEU A 1857 39.14 -5.14 15.62
N LYS A 1858 39.57 -5.27 16.88
CA LYS A 1858 41.00 -5.23 17.17
C LYS A 1858 41.73 -6.43 16.56
N THR A 1859 41.16 -7.61 16.67
CA THR A 1859 41.80 -8.84 16.18
C THR A 1859 41.32 -9.21 14.79
N GLY A 1860 41.43 -8.29 13.83
CA GLY A 1860 41.01 -8.57 12.46
C GLY A 1860 41.57 -7.49 11.54
N LEU A 1861 41.07 -7.49 10.30
CA LEU A 1861 41.32 -6.49 9.26
C LEU A 1861 42.68 -6.72 8.58
N ALA A 1862 42.65 -6.96 7.26
CA ALA A 1862 43.87 -7.08 6.47
C ALA A 1862 43.82 -6.37 5.11
N SER A 1863 42.64 -5.99 4.61
CA SER A 1863 42.45 -5.23 3.39
C SER A 1863 42.83 -6.00 2.13
N GLN A 1864 43.41 -7.19 2.30
CA GLN A 1864 43.72 -8.05 1.17
C GLN A 1864 42.93 -9.35 1.18
N ARG A 1865 42.47 -9.80 2.35
CA ARG A 1865 41.61 -10.96 2.43
C ARG A 1865 40.14 -10.55 2.38
N ALA A 1866 39.82 -9.70 1.41
CA ALA A 1866 38.44 -9.39 1.08
C ALA A 1866 38.19 -9.30 -0.42
N LEU A 1867 39.23 -9.41 -1.24
CA LEU A 1867 39.08 -9.48 -2.69
C LEU A 1867 38.94 -10.91 -3.20
N TRP A 1868 39.14 -11.89 -2.32
CA TRP A 1868 38.91 -13.28 -2.69
C TRP A 1868 37.43 -13.66 -2.66
N PRO A 1869 36.59 -12.81 -2.07
CA PRO A 1869 35.15 -13.02 -2.04
C PRO A 1869 34.43 -12.07 -2.99
N LEU A 1870 35.12 -11.64 -4.05
CA LEU A 1870 34.63 -10.76 -5.10
C LEU A 1870 34.26 -9.37 -4.61
N ALA A 1871 34.60 -9.01 -3.37
CA ALA A 1871 34.32 -7.68 -2.86
C ALA A 1871 35.46 -6.74 -3.21
N ILE A 1872 35.16 -5.66 -3.92
CA ILE A 1872 36.20 -4.70 -4.30
C ILE A 1872 36.83 -4.06 -3.07
N SER A 1873 36.01 -3.70 -2.08
CA SER A 1873 36.45 -3.14 -0.81
C SER A 1873 37.22 -1.83 -0.98
N GLY A 1874 37.01 -1.12 -2.09
CA GLY A 1874 37.63 0.18 -2.30
C GLY A 1874 36.60 1.31 -2.33
N ASP A 1875 35.63 1.23 -3.24
CA ASP A 1875 34.50 2.17 -3.24
C ASP A 1875 33.30 1.51 -2.55
N PHE A 1876 33.51 1.11 -1.30
CA PHE A 1876 32.54 0.29 -0.59
C PHE A 1876 32.65 0.54 0.90
N PRO A 1877 31.75 1.36 1.45
CA PRO A 1877 31.61 1.40 2.91
C PRO A 1877 31.22 0.05 3.49
N ILE A 1878 30.53 -0.79 2.71
CA ILE A 1878 30.23 -2.19 3.04
C ILE A 1878 29.12 -2.29 4.07
N PHE A 1879 28.03 -2.95 3.70
CA PHE A 1879 26.95 -3.31 4.60
C PHE A 1879 27.01 -4.81 4.82
N SER A 1880 26.87 -5.25 6.06
CA SER A 1880 27.16 -6.64 6.39
C SER A 1880 26.01 -7.33 7.12
N LEU A 1881 24.79 -7.24 6.58
CA LEU A 1881 23.65 -7.92 7.18
C LEU A 1881 23.93 -9.41 7.30
N ARG A 1882 23.66 -9.97 8.48
CA ARG A 1882 23.88 -11.38 8.76
C ARG A 1882 22.53 -12.07 8.89
N ILE A 1883 22.31 -13.11 8.08
CA ILE A 1883 21.05 -13.84 8.04
C ILE A 1883 21.30 -15.25 8.56
N ASN A 1884 20.55 -15.63 9.60
CA ASN A 1884 20.66 -16.98 10.17
C ASN A 1884 19.33 -17.32 10.85
N ASP A 1885 18.44 -17.97 10.10
CA ASP A 1885 17.13 -18.51 10.50
C ASP A 1885 16.43 -19.20 9.33
N ASP A 1886 16.20 -18.45 8.26
CA ASP A 1886 15.29 -18.67 7.13
C ASP A 1886 13.85 -18.36 7.52
N MET A 1887 13.58 -18.10 8.81
CA MET A 1887 12.23 -17.76 9.22
C MET A 1887 11.87 -16.33 8.87
N ASP A 1888 12.84 -15.42 8.89
CA ASP A 1888 12.54 -14.01 8.65
C ASP A 1888 12.43 -13.72 7.15
N MET A 1889 13.55 -13.80 6.44
CA MET A 1889 13.62 -13.52 5.00
C MET A 1889 12.88 -12.25 4.61
N ASP A 1890 12.71 -11.34 5.55
CA ASP A 1890 11.99 -10.08 5.34
C ASP A 1890 12.87 -8.88 5.68
N ILE A 1891 13.65 -8.97 6.76
CA ILE A 1891 14.64 -7.94 7.02
C ILE A 1891 15.69 -7.93 5.93
N ALA A 1892 16.04 -9.11 5.41
CA ALA A 1892 16.87 -9.17 4.21
C ALA A 1892 16.16 -8.53 3.03
N ARG A 1893 14.86 -8.77 2.89
CA ARG A 1893 14.08 -8.09 1.87
C ARG A 1893 14.05 -6.59 2.11
N GLU A 1894 13.93 -6.19 3.38
CA GLU A 1894 13.94 -4.77 3.71
C GLU A 1894 15.30 -4.14 3.40
N ALA A 1895 16.39 -4.86 3.68
CA ALA A 1895 17.72 -4.31 3.45
C ALA A 1895 17.96 -4.07 1.97
N LEU A 1896 17.48 -4.97 1.11
CA LEU A 1896 17.65 -4.78 -0.33
C LEU A 1896 16.96 -3.51 -0.81
N SER A 1897 15.80 -3.18 -0.25
CA SER A 1897 15.14 -1.94 -0.61
C SER A 1897 15.95 -0.73 -0.16
N ALA A 1898 16.60 -0.82 1.00
CA ALA A 1898 17.42 0.29 1.47
C ALA A 1898 18.58 0.56 0.53
N HIS A 1899 19.24 -0.50 0.05
CA HIS A 1899 20.34 -0.31 -0.90
C HIS A 1899 19.85 0.33 -2.19
N GLU A 1900 18.71 -0.11 -2.70
CA GLU A 1900 18.16 0.49 -3.91
C GLU A 1900 17.75 1.94 -3.67
N TYR A 1901 17.13 2.22 -2.52
CA TYR A 1901 16.71 3.59 -2.23
C TYR A 1901 17.90 4.51 -2.07
N LEU A 1902 18.91 4.08 -1.31
CA LEU A 1902 20.06 4.93 -1.06
C LEU A 1902 20.86 5.19 -2.35
N ARG A 1903 20.93 4.19 -3.22
CA ARG A 1903 21.59 4.40 -4.52
C ARG A 1903 20.85 5.43 -5.35
N SER A 1904 19.52 5.49 -5.22
CA SER A 1904 18.75 6.51 -5.91
C SER A 1904 19.04 7.92 -5.41
N ARG A 1905 19.61 8.04 -4.21
CA ARG A 1905 19.95 9.34 -3.65
C ARG A 1905 21.44 9.66 -3.78
N GLY A 1906 22.17 8.88 -4.57
CA GLY A 1906 23.58 9.16 -4.78
C GLY A 1906 24.53 8.57 -3.77
N VAL A 1907 24.07 7.63 -2.94
CA VAL A 1907 24.91 6.96 -1.96
C VAL A 1907 25.26 5.57 -2.50
N ILE A 1908 26.55 5.30 -2.62
CA ILE A 1908 27.04 4.03 -3.15
C ILE A 1908 27.74 3.26 -2.04
N PHE A 1909 27.29 2.03 -1.81
CA PHE A 1909 27.89 1.16 -0.81
C PHE A 1909 27.59 -0.28 -1.18
N ASP A 1910 28.41 -1.18 -0.65
CA ASP A 1910 28.29 -2.60 -0.95
C ASP A 1910 27.44 -3.29 0.11
N LEU A 1911 26.46 -4.06 -0.34
CA LEU A 1911 25.61 -4.85 0.55
C LEU A 1911 26.11 -6.29 0.52
N VAL A 1912 26.53 -6.79 1.69
CA VAL A 1912 27.03 -8.15 1.83
C VAL A 1912 26.07 -8.89 2.76
N ILE A 1913 25.38 -9.89 2.22
CA ILE A 1913 24.47 -10.72 2.99
C ILE A 1913 25.20 -11.99 3.35
N VAL A 1914 25.51 -12.16 4.63
CA VAL A 1914 26.33 -13.26 5.10
C VAL A 1914 25.42 -14.41 5.50
N ASN A 1915 25.40 -15.48 4.70
CA ASN A 1915 24.73 -16.70 5.09
C ASN A 1915 25.48 -17.32 6.26
N GLU A 1916 24.75 -17.61 7.34
CA GLU A 1916 25.39 -18.09 8.56
C GLU A 1916 24.66 -19.28 9.17
N ARG A 1917 23.96 -20.05 8.36
CA ARG A 1917 23.26 -21.23 8.86
C ARG A 1917 24.21 -22.44 8.91
N ALA A 1918 23.67 -23.58 9.31
CA ALA A 1918 24.45 -24.80 9.35
C ALA A 1918 24.70 -25.33 7.94
N ALA A 1919 25.68 -26.22 7.83
CA ALA A 1919 26.06 -26.74 6.51
C ALA A 1919 24.94 -27.53 5.87
N SER A 1920 24.10 -28.19 6.67
CA SER A 1920 22.99 -28.95 6.10
C SER A 1920 21.98 -28.05 5.40
N TYR A 1921 21.68 -26.90 6.00
CA TYR A 1921 20.70 -25.96 5.45
C TYR A 1921 21.35 -24.79 4.72
N ALA A 1922 22.68 -24.81 4.55
CA ALA A 1922 23.36 -23.68 3.94
C ALA A 1922 22.94 -23.49 2.48
N GLN A 1923 22.81 -24.59 1.73
CA GLN A 1923 22.45 -24.49 0.32
C GLN A 1923 21.04 -23.94 0.15
N ASP A 1924 20.14 -24.28 1.08
CA ASP A 1924 18.76 -23.80 0.98
C ASP A 1924 18.71 -22.28 1.11
N MET A 1925 19.54 -21.72 2.00
CA MET A 1925 19.65 -20.27 2.09
C MET A 1925 20.08 -19.65 0.77
N GLN A 1926 21.11 -20.24 0.14
CA GLN A 1926 21.67 -19.63 -1.05
C GLN A 1926 20.64 -19.59 -2.19
N HIS A 1927 19.93 -20.70 -2.40
CA HIS A 1927 18.90 -20.71 -3.44
C HIS A 1927 17.78 -19.72 -3.12
N ALA A 1928 17.35 -19.68 -1.87
CA ALA A 1928 16.29 -18.74 -1.49
C ALA A 1928 16.78 -17.30 -1.61
N LEU A 1929 18.01 -17.02 -1.16
CA LEU A 1929 18.51 -15.65 -1.19
C LEU A 1929 18.80 -15.20 -2.62
N ASP A 1930 19.09 -16.12 -3.53
CA ASP A 1930 19.43 -15.73 -4.89
C ASP A 1930 18.25 -15.05 -5.58
N HIS A 1931 17.03 -15.57 -5.39
CA HIS A 1931 15.89 -15.09 -6.15
C HIS A 1931 15.59 -13.63 -5.86
N ILE A 1932 15.62 -13.23 -4.59
CA ILE A 1932 15.39 -11.83 -4.27
C ILE A 1932 16.56 -10.97 -4.74
N SER A 1933 17.78 -11.49 -4.64
CA SER A 1933 18.97 -10.70 -4.97
C SER A 1933 19.19 -10.58 -6.47
N GLU A 1934 18.82 -11.60 -7.25
CA GLU A 1934 19.22 -11.63 -8.67
C GLU A 1934 18.62 -10.48 -9.45
N THR A 1935 17.46 -9.97 -9.04
CA THR A 1935 16.87 -8.83 -9.74
C THR A 1935 17.73 -7.58 -9.59
N GLN A 1936 18.57 -7.52 -8.56
CA GLN A 1936 19.52 -6.43 -8.39
C GLN A 1936 20.97 -6.88 -8.43
N ARG A 1937 21.24 -8.19 -8.31
CA ARG A 1937 22.60 -8.68 -8.42
C ARG A 1937 23.11 -8.61 -9.85
N ARG A 1938 22.22 -8.47 -10.83
CA ARG A 1938 22.65 -8.28 -12.20
C ARG A 1938 23.26 -6.89 -12.38
N ILE A 1939 24.07 -6.75 -13.42
CA ILE A 1939 24.76 -5.48 -13.68
C ILE A 1939 23.73 -4.44 -14.09
N ASN A 1940 23.80 -3.27 -13.48
CA ASN A 1940 22.91 -2.17 -13.82
C ASN A 1940 23.38 -1.54 -15.12
N PRO A 1941 22.52 -1.42 -16.15
CA PRO A 1941 22.94 -1.12 -17.53
C PRO A 1941 24.44 -1.16 -17.81
N ALA A 1942 25.05 -2.33 -17.63
CA ALA A 1942 26.47 -2.54 -17.89
C ALA A 1942 27.35 -1.58 -17.09
N ASP A 1943 26.96 -1.35 -15.82
CA ASP A 1943 27.71 -0.49 -14.90
C ASP A 1943 27.92 0.90 -15.50
N GLY A 1945 32.81 -2.40 -11.95
CA GLY A 1945 32.53 -3.70 -12.56
C GLY A 1945 31.33 -4.41 -11.96
N ARG A 1946 31.59 -5.21 -10.92
CA ARG A 1946 30.52 -5.94 -10.27
C ARG A 1946 29.59 -4.97 -9.54
N PRO A 1947 28.31 -5.29 -9.44
CA PRO A 1947 27.37 -4.40 -8.76
C PRO A 1947 27.54 -4.46 -7.25
N HIS A 1948 26.96 -3.48 -6.58
CA HIS A 1948 27.16 -3.30 -5.15
C HIS A 1948 26.16 -4.08 -4.32
N VAL A 1949 26.10 -5.39 -4.55
CA VAL A 1949 25.34 -6.30 -3.71
C VAL A 1949 25.96 -7.70 -3.82
N PHE A 1950 26.18 -8.34 -2.68
CA PHE A 1950 26.86 -9.62 -2.65
C PHE A 1950 26.18 -10.56 -1.66
N SER A 1951 26.27 -11.85 -1.95
CA SER A 1951 25.82 -12.90 -1.04
C SER A 1951 26.96 -13.87 -0.83
N VAL A 1952 27.32 -14.10 0.43
CA VAL A 1952 28.45 -14.97 0.76
C VAL A 1952 27.96 -16.03 1.73
N ARG A 1953 28.66 -17.17 1.72
CA ARG A 1953 28.32 -18.33 2.54
C ARG A 1953 29.47 -18.58 3.51
N ARG A 1954 29.15 -18.67 4.80
CA ARG A 1954 30.18 -18.66 5.82
C ARG A 1954 31.09 -19.88 5.73
N ASP A 1955 30.52 -21.06 5.48
CA ASP A 1955 31.31 -22.29 5.58
C ASP A 1955 32.35 -22.41 4.46
N LEU A 1956 32.08 -21.83 3.29
CA LEU A 1956 33.09 -21.82 2.24
C LEU A 1956 34.30 -21.00 2.64
N MET A 1957 34.07 -19.76 3.08
CA MET A 1957 35.17 -18.91 3.48
C MET A 1957 35.78 -19.39 4.80
N ASP A 1958 37.08 -19.17 4.94
CA ASP A 1958 37.76 -19.54 6.18
C ASP A 1958 37.34 -18.62 7.32
N GLU A 1959 37.45 -19.13 8.53
CA GLU A 1959 37.09 -18.34 9.71
C GLU A 1959 37.94 -17.08 9.81
N GLU A 1960 39.22 -17.16 9.40
CA GLU A 1960 40.06 -15.96 9.41
C GLU A 1960 39.53 -14.91 8.45
N THR A 1961 39.10 -15.33 7.26
CA THR A 1961 38.54 -14.39 6.30
C THR A 1961 37.23 -13.79 6.82
N TRP A 1962 36.38 -14.62 7.44
CA TRP A 1962 35.10 -14.14 7.93
C TRP A 1962 35.28 -13.08 9.01
N SER A 1963 36.21 -13.31 9.94
CA SER A 1963 36.45 -12.35 11.00
C SER A 1963 36.93 -11.01 10.46
N ALA A 1964 37.67 -11.03 9.36
CA ALA A 1964 38.13 -9.78 8.76
C ALA A 1964 36.96 -8.99 8.17
N LEU A 1965 35.97 -9.68 7.63
CA LEU A 1965 34.86 -9.00 6.97
C LEU A 1965 34.05 -8.15 7.95
N LEU A 1966 33.76 -8.68 9.13
CA LEU A 1966 32.95 -7.94 10.09
C LEU A 1966 33.68 -6.73 10.65
N ALA A 1967 35.00 -6.81 10.82
CA ALA A 1967 35.75 -5.65 11.28
C ALA A 1967 35.83 -4.57 10.21
N ALA A 1968 35.96 -4.95 8.94
CA ALA A 1968 36.04 -3.99 7.86
C ALA A 1968 34.68 -3.44 7.47
N SER A 1969 33.59 -3.98 8.01
CA SER A 1969 32.25 -3.50 7.69
C SER A 1969 31.92 -2.29 8.53
N ARG A 1970 31.46 -1.22 7.87
CA ARG A 1970 31.15 0.01 8.58
C ARG A 1970 29.98 -0.19 9.55
N VAL A 1971 28.95 -0.92 9.14
CA VAL A 1971 27.80 -1.23 9.99
C VAL A 1971 27.53 -2.72 9.92
N VAL A 1972 27.33 -3.33 11.08
CA VAL A 1972 27.03 -4.76 11.20
C VAL A 1972 25.67 -4.89 11.86
N LEU A 1973 24.76 -5.60 11.19
CA LEU A 1973 23.41 -5.80 11.71
C LEU A 1973 23.06 -7.28 11.62
N HIS A 1974 22.55 -7.83 12.72
CA HIS A 1974 22.08 -9.21 12.74
C HIS A 1974 20.57 -9.24 12.50
N VAL A 1975 20.14 -10.21 11.70
CA VAL A 1975 18.73 -10.29 11.33
C VAL A 1975 17.87 -10.61 12.56
N ARG A 1976 18.39 -11.42 13.48
CA ARG A 1976 17.59 -11.82 14.63
C ARG A 1976 17.36 -10.65 15.58
N ASN A 1977 18.41 -9.87 15.91
CA ASN A 1977 18.37 -9.01 17.12
C ASN A 1977 17.35 -7.88 17.02
N GLY A 1978 16.99 -7.50 15.81
CA GLY A 1978 15.97 -6.47 15.55
C GLY A 1978 15.67 -6.50 14.06
N LYS A 1979 14.86 -5.56 13.60
CA LYS A 1979 14.53 -5.42 12.19
C LYS A 1979 15.09 -4.10 11.65
N ILE A 1980 15.38 -4.10 10.36
CA ILE A 1980 15.81 -2.87 9.71
C ILE A 1980 14.71 -1.81 9.81
N VAL A 1981 15.13 -0.54 9.91
CA VAL A 1981 14.30 0.61 10.22
C VAL A 1981 13.75 0.57 11.64
N ASP A 1982 14.13 -0.43 12.44
CA ASP A 1982 13.79 -0.47 13.86
C ASP A 1982 15.08 -0.56 14.66
N GLN A 1983 16.07 -1.28 14.13
CA GLN A 1983 17.40 -1.27 14.72
C GLN A 1983 18.16 0.00 14.42
N ILE A 1984 17.95 0.60 13.24
CA ILE A 1984 18.61 1.84 12.89
C ILE A 1984 18.09 3.03 13.67
N ASN A 1985 16.97 2.89 14.38
CA ASN A 1985 16.45 3.94 15.24
C ASN A 1985 16.82 3.74 16.71
N ARG A 1986 16.98 2.50 17.15
CA ARG A 1986 17.45 2.26 18.52
C ARG A 1986 18.88 2.75 18.71
N ALA A 1987 19.73 2.56 17.71
CA ALA A 1987 21.11 3.03 17.82
C ALA A 1987 21.18 4.54 17.93
N VAL A 1988 20.35 5.25 17.17
CA VAL A 1988 20.33 6.71 17.24
C VAL A 1988 19.77 7.23 18.56
N SER A 1989 19.12 6.36 19.35
CA SER A 1989 18.60 6.76 20.64
C SER A 1989 19.50 6.37 21.81
N LEU A 1990 20.31 5.32 21.64
CA LEU A 1990 21.22 4.90 22.69
C LEU A 1990 22.58 5.55 22.60
N PHE A 1991 22.98 6.00 21.40
CA PHE A 1991 24.26 6.67 21.19
C PHE A 1991 24.13 8.19 21.16
N ALA A 1992 22.95 8.72 21.47
CA ALA A 1992 22.73 10.15 21.50
C ALA A 1992 23.17 10.71 22.85
N ALA A 1993 22.89 12.00 23.07
CA ALA A 1993 23.25 12.69 24.32
C ALA A 1993 24.74 12.58 24.62
N SER A 2001 27.21 18.44 27.04
CA SER A 2001 28.52 18.75 27.59
C SER A 2001 29.16 19.91 26.83
N ASP A 2002 29.45 19.69 25.55
CA ASP A 2002 30.06 20.72 24.71
C ASP A 2002 28.97 21.62 24.13
N ALA A 2003 28.39 22.42 25.02
CA ALA A 2003 27.32 23.34 24.66
C ALA A 2003 27.72 24.81 24.77
N ALA A 2004 28.44 25.19 25.83
CA ALA A 2004 28.84 26.58 25.99
C ALA A 2004 29.92 27.00 24.98
N GLN A 2005 30.62 26.04 24.37
CA GLN A 2005 31.65 26.38 23.40
C GLN A 2005 31.05 26.95 22.13
N ALA A 2006 29.87 26.48 21.73
CA ALA A 2006 29.28 26.90 20.47
C ALA A 2006 28.91 28.38 20.48
N ARG A 2007 28.38 28.87 21.59
CA ARG A 2007 27.83 30.23 21.62
C ARG A 2007 28.92 31.29 21.56
N LEU A 2008 30.18 30.90 21.78
CA LEU A 2008 31.25 31.89 21.89
C LEU A 2008 31.55 32.59 20.57
N PRO A 2009 31.48 31.86 19.44
CA PRO A 2009 31.86 32.35 18.12
C PRO A 2009 33.35 32.66 18.05
N VAL A 2010 33.91 32.67 16.83
CA VAL A 2010 35.33 32.91 16.67
C VAL A 2010 35.72 34.31 17.14
N PRO A 2011 36.88 34.41 17.77
CA PRO A 2011 37.29 35.65 18.42
C PRO A 2011 38.12 36.52 17.47
N ALA A 2012 37.54 36.77 16.29
CA ALA A 2012 38.10 37.70 15.31
C ALA A 2012 39.49 37.28 14.84
N PHE A 2013 40.10 38.10 13.99
CA PHE A 2013 41.45 37.86 13.49
C PHE A 2013 42.40 38.91 14.04
N PRO A 2014 43.60 38.46 14.43
CA PRO A 2014 44.58 39.36 15.02
C PRO A 2014 45.30 40.14 13.94
N VAL A 2015 45.34 41.46 14.09
CA VAL A 2015 46.08 42.32 13.16
C VAL A 2015 47.42 42.66 13.77
N ALA A 2016 48.49 42.29 13.08
CA ALA A 2016 49.84 42.46 13.59
C ALA A 2016 50.30 43.91 13.36
N GLU A 2017 51.59 44.17 13.55
CA GLU A 2017 52.13 45.52 13.44
C GLU A 2017 53.45 45.55 12.69
N PRO A 2018 53.62 44.65 11.73
CA PRO A 2018 54.82 44.57 10.88
C PRO A 2018 56.07 44.22 11.70
N VAL A 2019 57.13 43.81 11.01
CA VAL A 2019 58.38 43.44 11.66
C VAL A 2019 59.47 44.42 11.27
N GLU A 2020 60.19 44.93 12.27
CA GLU A 2020 61.27 45.86 12.00
C GLU A 2020 62.43 45.15 11.31
N ASP A 2021 63.01 45.82 10.31
CA ASP A 2021 64.09 45.24 9.52
C ASP A 2021 65.40 45.38 10.29
N ALA A 2022 65.65 44.38 11.14
CA ALA A 2022 66.87 44.36 11.93
C ALA A 2022 68.07 43.97 11.06
N GLY A 2023 69.25 44.19 11.61
CA GLY A 2023 70.49 43.85 10.93
C GLY A 2023 70.78 42.36 11.07
N ASP A 2024 72.01 41.96 10.73
CA ASP A 2024 72.51 40.59 10.84
C ASP A 2024 71.85 39.63 9.87
N LEU A 2025 71.12 40.12 8.87
CA LEU A 2025 70.55 39.30 7.82
C LEU A 2025 71.07 39.82 6.48
N ASP A 2026 71.78 38.98 5.75
CA ASP A 2026 72.47 39.42 4.53
C ASP A 2026 71.49 39.92 3.48
N PHE A 2027 70.63 39.05 2.96
CA PHE A 2027 69.62 39.43 1.99
C PHE A 2027 68.27 39.57 2.70
N TRP A 2028 68.20 40.61 3.53
CA TRP A 2028 67.04 40.81 4.39
C TRP A 2028 65.86 41.28 3.55
N ASN A 2029 64.95 40.37 3.23
CA ASN A 2029 63.69 40.73 2.60
C ASN A 2029 62.73 41.26 3.67
N GLY A 2030 61.46 41.42 3.32
CA GLY A 2030 60.49 41.86 4.30
C GLY A 2030 60.14 40.79 5.32
N PHE A 2031 60.47 39.53 5.03
CA PHE A 2031 60.14 38.41 5.91
C PHE A 2031 61.37 37.78 6.54
N GLY A 2032 62.39 37.45 5.75
CA GLY A 2032 63.58 36.83 6.30
C GLY A 2032 64.72 36.89 5.31
N GLY A 2033 65.90 36.52 5.80
CA GLY A 2033 67.09 36.55 4.98
C GLY A 2033 68.15 35.62 5.53
N PHE A 2034 69.24 35.52 4.78
CA PHE A 2034 70.33 34.61 5.14
C PHE A 2034 71.01 35.07 6.43
N ALA A 2035 71.64 34.12 7.12
CA ALA A 2035 72.26 34.36 8.41
C ALA A 2035 73.77 34.15 8.36
N LYS A 2036 74.40 34.69 7.31
CA LYS A 2036 75.85 34.68 7.11
C LYS A 2036 76.33 33.28 6.74
N ASN A 2037 77.22 33.21 5.75
CA ASN A 2037 77.81 31.98 5.22
C ASN A 2037 76.78 31.12 4.48
N GLY A 2038 75.51 31.50 4.47
CA GLY A 2038 74.50 30.76 3.74
C GLY A 2038 74.07 29.46 4.37
N GLN A 2039 74.52 29.16 5.59
CA GLN A 2039 74.20 27.90 6.24
C GLN A 2039 72.87 27.94 6.99
N GLU A 2040 72.20 29.08 7.02
CA GLU A 2040 70.96 29.20 7.75
C GLU A 2040 70.11 30.30 7.10
N TYR A 2041 68.81 30.07 7.05
CA TYR A 2041 67.84 31.07 6.63
C TYR A 2041 66.94 31.38 7.81
N VAL A 2042 66.87 32.65 8.20
CA VAL A 2042 66.15 33.08 9.39
C VAL A 2042 64.90 33.84 8.96
N VAL A 2043 63.75 33.38 9.43
CA VAL A 2043 62.47 34.00 9.12
C VAL A 2043 61.89 34.54 10.43
N ARG A 2044 61.58 35.83 10.46
CA ARG A 2044 61.04 36.49 11.63
C ARG A 2044 59.61 36.92 11.35
N LEU A 2045 58.69 36.48 12.20
CA LEU A 2045 57.27 36.75 12.01
C LEU A 2045 56.62 37.09 13.34
N ASN A 2046 55.78 38.11 13.33
CA ASN A 2046 54.94 38.39 14.49
C ASN A 2046 53.73 37.47 14.49
N GLY A 2047 53.16 37.27 15.69
CA GLY A 2047 52.02 36.40 15.83
C GLY A 2047 50.83 36.85 14.99
N GLY A 2048 50.30 35.93 14.18
CA GLY A 2048 49.20 36.23 13.30
C GLY A 2048 49.59 36.48 11.85
N GLN A 2049 50.87 36.67 11.57
CA GLN A 2049 51.35 36.86 10.21
C GLN A 2049 51.76 35.52 9.61
N SER A 2050 52.00 35.55 8.30
CA SER A 2050 52.45 34.35 7.61
C SER A 2050 53.16 34.75 6.32
N THR A 2051 53.98 33.82 5.83
CA THR A 2051 54.69 34.02 4.58
C THR A 2051 53.73 33.91 3.40
N PRO A 2052 54.11 34.45 2.23
CA PRO A 2052 53.22 34.36 1.06
C PRO A 2052 52.82 32.94 0.72
N HIS A 2053 53.74 31.99 0.84
CA HIS A 2053 53.45 30.58 0.76
C HIS A 2053 54.30 29.86 1.79
N PRO A 2054 53.91 28.66 2.21
CA PRO A 2054 54.72 27.93 3.19
C PRO A 2054 56.14 27.72 2.70
N TRP A 2055 57.10 28.27 3.44
CA TRP A 2055 58.51 28.11 3.14
C TRP A 2055 59.02 26.93 3.97
N ILE A 2056 59.32 25.82 3.29
CA ILE A 2056 59.59 24.55 3.95
C ILE A 2056 61.08 24.26 3.90
N ASN A 2057 61.48 23.21 4.62
CA ASN A 2057 62.86 22.74 4.68
C ASN A 2057 62.82 21.22 4.81
N VAL A 2058 63.15 20.52 3.72
CA VAL A 2058 63.09 19.06 3.73
C VAL A 2058 64.34 18.52 4.43
N ILE A 2059 64.12 17.73 5.47
CA ILE A 2059 65.19 17.02 6.17
C ILE A 2059 64.84 15.54 6.09
N SER A 2060 65.78 14.74 5.58
CA SER A 2060 65.44 13.36 5.27
C SER A 2060 66.64 12.45 5.46
N ASN A 2061 66.36 11.15 5.39
CA ASN A 2061 67.32 10.07 5.43
C ASN A 2061 67.18 9.26 4.16
N GLU A 2062 67.87 8.11 4.11
CA GLU A 2062 67.71 7.23 2.95
C GLU A 2062 66.28 6.70 2.86
N ASN A 2063 65.69 6.33 3.99
CA ASN A 2063 64.36 5.73 4.03
C ASN A 2063 63.52 6.36 5.14
N PHE A 2064 63.52 7.69 5.19
CA PHE A 2064 62.73 8.48 6.12
C PHE A 2064 62.94 9.95 5.79
N GLY A 2065 62.02 10.78 6.24
CA GLY A 2065 62.17 12.21 6.03
C GLY A 2065 60.94 12.97 6.43
N PHE A 2066 61.08 14.29 6.43
CA PHE A 2066 59.99 15.20 6.77
C PHE A 2066 60.35 16.58 6.23
N HIS A 2067 59.37 17.46 6.23
CA HIS A 2067 59.60 18.86 5.91
C HIS A 2067 58.77 19.74 6.83
N ILE A 2068 59.39 20.81 7.33
CA ILE A 2068 58.76 21.71 8.28
C ILE A 2068 58.71 23.10 7.66
N SER A 2069 57.55 23.76 7.78
CA SER A 2069 57.37 25.08 7.21
C SER A 2069 58.06 26.13 8.07
N ALA A 2070 58.02 27.38 7.61
CA ALA A 2070 58.64 28.48 8.33
C ALA A 2070 57.81 28.97 9.51
N GLU A 2071 56.53 28.57 9.58
CA GLU A 2071 55.66 29.01 10.67
C GLU A 2071 55.01 27.83 11.39
N GLY A 2072 55.48 26.62 11.15
CA GLY A 2072 54.94 25.46 11.83
C GLY A 2072 53.99 24.65 10.97
N ALA A 2073 54.37 23.41 10.70
CA ALA A 2073 53.59 22.49 9.88
C ALA A 2073 54.09 21.09 10.19
N GLY A 2074 53.73 20.13 9.35
CA GLY A 2074 54.18 18.78 9.56
C GLY A 2074 53.87 17.83 8.42
N PHE A 2075 54.85 16.99 8.09
CA PHE A 2075 54.65 15.95 7.09
C PHE A 2075 55.74 14.90 7.29
N SER A 2076 55.37 13.69 7.66
CA SER A 2076 56.33 12.63 7.95
C SER A 2076 55.98 11.39 7.14
N TRP A 2077 56.96 10.85 6.41
CA TRP A 2077 56.78 9.67 5.59
C TRP A 2077 57.80 8.62 6.01
N SER A 2078 57.39 7.35 5.98
CA SER A 2078 58.24 6.27 6.47
C SER A 2078 59.04 5.61 5.37
N ARG A 2079 58.39 5.01 4.38
CA ARG A 2079 59.08 4.29 3.31
C ARG A 2079 58.90 4.94 1.96
N ASN A 2080 57.66 5.11 1.50
CA ASN A 2080 57.37 5.63 0.18
C ASN A 2080 56.42 6.82 0.34
N SER A 2081 56.91 8.02 0.04
CA SER A 2081 56.05 9.18 0.02
C SER A 2081 55.01 9.03 -1.08
N ARG A 2082 53.85 9.66 -0.88
CA ARG A 2082 52.66 9.55 -1.71
C ARG A 2082 52.01 8.18 -1.54
N ASP A 2083 52.64 7.25 -0.83
CA ASP A 2083 52.05 5.95 -0.53
C ASP A 2083 51.92 5.72 0.97
N TYR A 2084 52.91 6.12 1.76
CA TYR A 2084 52.89 5.93 3.21
C TYR A 2084 53.45 7.19 3.85
N GLN A 2085 52.57 8.12 4.22
CA GLN A 2085 52.96 9.41 4.80
C GLN A 2085 52.22 9.56 6.12
N LEU A 2086 52.97 9.53 7.23
CA LEU A 2086 52.34 9.35 8.54
C LEU A 2086 51.35 10.47 8.86
N THR A 2087 51.72 11.71 8.61
CA THR A 2087 50.90 12.87 8.96
C THR A 2087 50.31 13.50 7.71
N PRO A 2088 49.19 14.22 7.84
CA PRO A 2088 48.49 14.72 6.64
C PRO A 2088 49.36 15.60 5.77
N TRP A 2089 49.19 15.45 4.47
CA TRP A 2089 49.88 16.25 3.46
C TRP A 2089 48.82 17.04 2.71
N THR A 2090 48.62 18.28 3.13
CA THR A 2090 47.61 19.16 2.52
C THR A 2090 48.35 20.27 1.79
N ASN A 2091 48.49 20.13 0.48
CA ASN A 2091 49.08 21.19 -0.35
C ASN A 2091 48.03 22.27 -0.58
N ASP A 2092 47.72 22.98 0.52
CA ASP A 2092 46.76 24.07 0.53
C ASP A 2092 47.49 25.32 1.00
N PRO A 2093 48.08 26.09 0.08
CA PRO A 2093 48.91 27.23 0.49
C PRO A 2093 48.17 28.27 1.30
N VAL A 2094 46.88 28.52 1.02
CA VAL A 2094 46.18 29.61 1.69
C VAL A 2094 45.94 29.30 3.16
N ILE A 2095 45.56 28.07 3.48
CA ILE A 2095 45.24 27.72 4.86
C ILE A 2095 46.38 26.92 5.47
N ASN A 2096 46.67 25.76 4.91
CA ASN A 2096 47.72 24.86 5.39
C ASN A 2096 47.54 24.57 6.88
N ARG A 2097 46.45 23.90 7.21
CA ARG A 2097 46.18 23.56 8.59
C ARG A 2097 47.22 22.56 9.08
N PRO A 2098 47.82 22.77 10.25
CA PRO A 2098 48.94 21.94 10.67
C PRO A 2098 48.52 20.53 11.02
N GLY A 2099 49.46 19.61 10.90
CA GLY A 2099 49.27 18.23 11.32
C GLY A 2099 50.10 17.88 12.53
N GLU A 2100 51.13 18.68 12.79
CA GLU A 2100 52.01 18.52 13.94
C GLU A 2100 51.94 19.78 14.79
N ALA A 2101 51.77 19.60 16.10
CA ALA A 2101 51.54 20.73 16.99
C ALA A 2101 52.25 20.52 18.30
N PHE A 2102 52.68 21.62 18.91
CA PHE A 2102 53.32 21.62 20.23
C PHE A 2102 52.79 22.80 21.02
N TYR A 2103 52.17 22.53 22.17
CA TYR A 2103 51.61 23.57 23.03
C TYR A 2103 52.22 23.47 24.43
N VAL A 2104 52.36 24.63 25.06
CA VAL A 2104 52.92 24.73 26.41
C VAL A 2104 51.98 25.52 27.31
N ALA A 2105 50.66 25.37 27.08
CA ALA A 2105 49.65 26.16 27.77
C ALA A 2105 49.89 26.24 29.28
N ASP A 2106 49.59 27.40 29.85
CA ASP A 2106 49.79 27.65 31.26
C ASP A 2106 48.63 27.09 32.08
N VAL A 2107 48.96 26.55 33.26
CA VAL A 2107 47.94 25.95 34.11
C VAL A 2107 47.04 27.03 34.72
N GLU A 2108 47.65 28.09 35.24
CA GLU A 2108 46.90 29.07 36.03
C GLU A 2108 46.13 30.04 35.14
N THR A 2109 46.84 30.81 34.32
CA THR A 2109 46.18 31.81 33.49
C THR A 2109 45.38 31.16 32.37
N GLY A 2110 45.85 30.04 31.84
CA GLY A 2110 45.23 29.40 30.70
C GLY A 2110 45.72 29.91 29.36
N LYS A 2111 46.70 30.81 29.34
CA LYS A 2111 47.22 31.33 28.09
C LYS A 2111 47.87 30.22 27.28
N LEU A 2112 47.75 30.32 25.95
CA LEU A 2112 48.34 29.37 25.03
C LEU A 2112 49.61 29.96 24.44
N TYR A 2113 50.75 29.32 24.72
CA TYR A 2113 52.01 29.66 24.09
C TYR A 2113 52.38 28.56 23.10
N THR A 2114 53.13 28.94 22.05
CA THR A 2114 53.45 28.00 21.00
C THR A 2114 54.73 28.41 20.30
N PRO A 2115 55.64 27.49 20.00
CA PRO A 2115 56.83 27.83 19.22
C PRO A 2115 56.61 27.89 17.72
N CYS A 2116 55.37 27.82 17.25
CA CYS A 2116 55.06 27.86 15.83
C CYS A 2116 54.08 29.00 15.56
N ALA A 2117 54.41 29.84 14.57
CA ALA A 2117 53.60 31.02 14.30
C ALA A 2117 52.21 30.65 13.80
N ALA A 2118 52.09 29.59 13.00
CA ALA A 2118 50.81 29.22 12.44
C ALA A 2118 49.82 28.73 13.50
N LEU A 2119 50.30 28.38 14.69
CA LEU A 2119 49.42 27.90 15.75
C LEU A 2119 48.99 28.99 16.71
N SER A 2120 49.57 30.18 16.63
CA SER A 2120 49.37 31.23 17.63
C SER A 2120 48.61 32.39 17.01
N ARG A 2121 47.53 32.80 17.66
CA ARG A 2121 46.74 33.95 17.26
C ARG A 2121 47.05 35.18 18.10
N ASP A 2122 48.04 35.10 18.98
CA ASP A 2122 48.39 36.24 19.81
C ASP A 2122 49.05 37.32 18.96
N PRO A 2123 48.57 38.57 19.04
CA PRO A 2123 49.16 39.63 18.21
C PRO A 2123 50.47 40.18 18.73
N GLU A 2124 50.93 39.74 19.91
CA GLU A 2124 52.13 40.30 20.52
C GLU A 2124 53.30 39.34 20.55
N ALA A 2125 53.11 38.08 20.17
CA ALA A 2125 54.20 37.12 20.18
C ALA A 2125 55.17 37.38 19.03
N MET A 2126 56.44 37.11 19.28
CA MET A 2126 57.51 37.25 18.29
C MET A 2126 58.14 35.90 18.04
N PHE A 2127 58.23 35.51 16.77
CA PHE A 2127 58.75 34.21 16.40
C PHE A 2127 59.97 34.36 15.50
N GLU A 2128 60.79 33.30 15.47
CA GLU A 2128 62.00 33.28 14.68
C GLU A 2128 62.29 31.84 14.28
N THR A 2129 62.33 31.58 12.98
CA THR A 2129 62.52 30.24 12.45
C THR A 2129 63.82 30.20 11.65
N ARG A 2130 64.69 29.25 11.98
CA ARG A 2130 65.97 29.08 11.29
C ARG A 2130 65.97 27.75 10.58
N HIS A 2131 66.18 27.76 9.27
CA HIS A 2131 66.15 26.57 8.43
C HIS A 2131 67.59 26.21 8.08
N GLY A 2132 68.23 25.44 8.96
CA GLY A 2132 69.58 25.02 8.73
C GLY A 2132 69.66 23.82 7.79
N LEU A 2133 70.89 23.41 7.50
CA LEU A 2133 71.14 22.27 6.63
C LEU A 2133 71.02 21.00 7.48
N GLY A 2134 69.90 20.29 7.33
CA GLY A 2134 69.66 19.08 8.08
C GLY A 2134 68.98 19.27 9.42
N TYR A 2135 68.65 20.50 9.79
CA TYR A 2135 67.97 20.78 11.05
C TYR A 2135 67.12 22.02 10.90
N SER A 2136 66.16 22.18 11.81
CA SER A 2136 65.32 23.37 11.85
C SER A 2136 65.08 23.75 13.30
N ILE A 2137 65.26 25.02 13.62
CA ILE A 2137 65.17 25.51 14.99
C ILE A 2137 64.00 26.50 15.04
N LEU A 2138 62.83 26.00 15.42
CA LEU A 2138 61.67 26.86 15.63
C LEU A 2138 61.78 27.53 17.00
N THR A 2139 61.56 28.85 17.03
CA THR A 2139 61.69 29.61 18.26
C THR A 2139 60.50 30.57 18.38
N GLY A 2140 60.02 30.73 19.61
CA GLY A 2140 58.94 31.65 19.86
C GLY A 2140 58.99 32.28 21.24
N VAL A 2141 58.94 33.60 21.30
CA VAL A 2141 58.95 34.34 22.55
C VAL A 2141 57.61 35.05 22.69
N ALA A 2142 56.89 34.79 23.78
CA ALA A 2142 55.55 35.34 23.96
C ALA A 2142 55.34 35.62 25.44
N ASP A 2143 55.37 36.90 25.80
CA ASP A 2143 55.02 37.37 27.14
C ASP A 2143 55.91 36.70 28.20
N THR A 2144 57.21 36.99 28.08
CA THR A 2144 58.28 36.66 29.02
C THR A 2144 58.63 35.16 28.96
N LEU A 2145 57.86 34.34 28.25
CA LEU A 2145 58.18 32.93 28.09
C LEU A 2145 58.82 32.69 26.73
N GLU A 2146 59.79 31.79 26.70
CA GLU A 2146 60.48 31.43 25.46
C GLU A 2146 60.44 29.93 25.28
N VAL A 2147 59.93 29.48 24.14
CA VAL A 2147 59.86 28.08 23.79
C VAL A 2147 60.64 27.87 22.49
N GLU A 2148 61.52 26.89 22.49
CA GLU A 2148 62.35 26.58 21.32
C GLU A 2148 62.14 25.13 20.93
N LEU A 2149 61.97 24.90 19.62
CA LEU A 2149 61.74 23.56 19.09
C LEU A 2149 62.79 23.27 18.02
N THR A 2150 63.41 22.09 18.11
CA THR A 2150 64.44 21.68 17.17
C THR A 2150 64.07 20.33 16.58
N GLN A 2151 64.14 20.20 15.26
CA GLN A 2151 63.76 19.00 14.55
C GLN A 2151 64.96 18.45 13.79
N THR A 2152 65.12 17.13 13.83
CA THR A 2152 66.18 16.46 13.08
C THR A 2152 65.83 14.99 12.95
N VAL A 2153 66.53 14.31 12.04
CA VAL A 2153 66.35 12.88 11.80
C VAL A 2153 67.70 12.19 11.95
N ASP A 2154 67.68 11.03 12.59
CA ASP A 2154 68.90 10.26 12.77
C ASP A 2154 69.38 9.69 11.43
N ARG A 2155 70.68 9.46 11.34
CA ARG A 2155 71.28 8.86 10.16
C ARG A 2155 71.27 7.35 10.37
N GLU A 2156 70.44 6.66 9.59
CA GLU A 2156 70.23 5.20 9.51
C GLU A 2156 68.87 4.84 10.11
N LYS A 2157 68.67 5.15 11.38
CA LYS A 2157 67.43 4.79 12.04
C LYS A 2157 66.25 5.55 11.43
N PRO A 2158 65.10 4.91 11.26
CA PRO A 2158 63.89 5.61 10.79
C PRO A 2158 63.17 6.31 11.93
N VAL A 2159 63.78 7.39 12.44
CA VAL A 2159 63.28 8.06 13.63
C VAL A 2159 63.39 9.57 13.41
N LYS A 2160 62.55 10.31 14.13
CA LYS A 2160 62.53 11.77 14.07
C LYS A 2160 62.59 12.33 15.48
N PHE A 2161 63.51 13.27 15.70
CA PHE A 2161 63.73 13.86 17.02
C PHE A 2161 63.16 15.27 17.04
N SER A 2162 62.35 15.55 18.07
CA SER A 2162 61.78 16.87 18.29
C SER A 2162 62.06 17.26 19.73
N GLN A 2163 62.95 18.22 19.94
CA GLN A 2163 63.42 18.61 21.26
C GLN A 2163 62.84 19.98 21.60
N VAL A 2164 62.17 20.06 22.74
CA VAL A 2164 61.46 21.26 23.16
C VAL A 2164 62.10 21.79 24.44
N ILE A 2165 62.42 23.08 24.45
CA ILE A 2165 62.99 23.75 25.60
C ILE A 2165 62.01 24.83 26.04
N VAL A 2166 61.60 24.78 27.31
CA VAL A 2166 60.73 25.79 27.89
C VAL A 2166 61.59 26.66 28.80
N ARG A 2167 61.88 27.87 28.36
CA ARG A 2167 62.79 28.77 29.05
C ARG A 2167 61.97 29.87 29.72
N ASN A 2168 62.02 29.92 31.05
CA ASN A 2168 61.26 30.89 31.83
C ASN A 2168 62.19 32.02 32.22
N LYS A 2169 62.20 33.10 31.43
CA LYS A 2169 63.00 34.27 31.74
C LYS A 2169 62.20 35.30 32.52
N GLY A 2170 61.59 34.86 33.61
CA GLY A 2170 60.74 35.73 34.40
C GLY A 2170 61.19 35.89 35.84
N SER A 2171 60.32 36.42 36.68
CA SER A 2171 60.63 36.65 38.08
C SER A 2171 59.76 35.84 39.03
N LYS A 2172 58.84 35.03 38.50
CA LYS A 2172 57.95 34.23 39.32
C LYS A 2172 57.92 32.80 38.80
N SER A 2173 57.88 31.84 39.71
CA SER A 2173 57.80 30.44 39.32
C SER A 2173 56.45 30.16 38.67
N ARG A 2174 56.47 29.35 37.61
CA ARG A 2174 55.28 29.03 36.84
C ARG A 2174 55.17 27.52 36.65
N ARG A 2175 53.93 27.04 36.59
CA ARG A 2175 53.65 25.65 36.28
C ARG A 2175 53.04 25.58 34.88
N LEU A 2176 53.52 24.65 34.07
CA LEU A 2176 53.13 24.56 32.67
C LEU A 2176 52.87 23.11 32.29
N LYS A 2177 52.03 22.91 31.29
CA LYS A 2177 51.78 21.60 30.70
C LYS A 2177 52.17 21.63 29.23
N VAL A 2178 52.97 20.65 28.82
CA VAL A 2178 53.48 20.58 27.45
C VAL A 2178 52.74 19.48 26.72
N TYR A 2179 52.11 19.84 25.60
CA TYR A 2179 51.32 18.92 24.79
C TYR A 2179 51.99 18.71 23.44
N ALA A 2180 52.08 17.46 23.01
CA ALA A 2180 52.53 17.11 21.67
C ALA A 2180 51.37 16.45 20.93
N TYR A 2181 50.96 17.06 19.82
CA TYR A 2181 49.80 16.60 19.06
C TYR A 2181 50.24 16.22 17.67
N VAL A 2182 49.85 15.03 17.22
CA VAL A 2182 50.20 14.55 15.89
C VAL A 2182 49.00 13.78 15.33
N GLU A 2183 48.79 13.90 14.03
CA GLU A 2183 47.66 13.29 13.35
C GLU A 2183 48.15 12.12 12.51
N TRP A 2184 47.50 10.97 12.67
CA TRP A 2184 47.86 9.75 11.97
C TRP A 2184 47.02 9.62 10.72
N VAL A 2185 47.67 9.56 9.56
CA VAL A 2185 47.05 9.10 8.33
C VAL A 2185 48.04 8.12 7.67
N LEU A 2186 47.89 6.84 7.98
CA LEU A 2186 48.89 5.86 7.58
C LEU A 2186 48.56 5.32 6.19
N GLY A 2187 48.70 6.18 5.21
CA GLY A 2187 48.41 5.82 3.84
C GLY A 2187 48.55 7.01 2.93
N ASN A 2188 48.22 6.78 1.65
CA ASN A 2188 48.31 7.84 0.66
C ASN A 2188 47.29 8.93 0.92
N ASN A 2189 46.08 8.56 1.33
CA ASN A 2189 44.97 9.49 1.47
C ASN A 2189 44.28 9.30 2.81
N GLY A 2190 43.81 10.40 3.38
CA GLY A 2190 42.91 10.35 4.51
C GLY A 2190 41.50 10.00 4.06
N GLN A 2191 40.61 9.92 5.05
CA GLN A 2191 39.18 9.67 4.81
C GLN A 2191 38.98 8.25 4.28
N LYS A 2192 40.07 7.54 4.03
CA LYS A 2192 40.04 6.15 3.63
C LYS A 2192 40.72 5.23 4.64
N SER A 2193 41.55 5.77 5.52
CA SER A 2193 42.18 5.01 6.58
C SER A 2193 41.78 5.47 7.98
N ALA A 2194 41.09 6.59 8.10
CA ALA A 2194 40.68 7.08 9.41
C ALA A 2194 39.80 6.09 10.17
N PRO A 2195 38.78 5.46 9.58
CA PRO A 2195 37.97 4.51 10.36
C PRO A 2195 38.74 3.30 10.84
N PHE A 2196 39.88 2.97 10.24
CA PHE A 2196 40.53 1.67 10.41
C PHE A 2196 41.97 1.85 10.87
N ILE A 2197 42.18 2.70 11.88
CA ILE A 2197 43.49 2.89 12.48
C ILE A 2197 43.40 2.50 13.95
N LEU A 2198 44.30 1.62 14.39
CA LEU A 2198 44.31 1.10 15.74
C LEU A 2198 45.43 1.77 16.54
N SER A 2199 45.11 2.22 17.74
CA SER A 2199 46.06 2.89 18.61
C SER A 2199 46.22 2.09 19.90
N ARG A 2200 47.46 1.93 20.36
CA ARG A 2200 47.76 1.21 21.57
C ARG A 2200 48.74 2.02 22.41
N HIS A 2201 48.58 1.95 23.73
CA HIS A 2201 49.43 2.66 24.67
C HIS A 2201 50.14 1.67 25.58
N ASP A 2202 51.41 1.94 25.85
CA ASP A 2202 52.23 1.08 26.70
C ASP A 2202 52.61 1.84 27.97
N ALA A 2203 52.36 1.23 29.12
CA ALA A 2203 52.70 1.87 30.39
C ALA A 2203 54.19 1.80 30.68
N GLY A 2204 54.82 0.66 30.37
CA GLY A 2204 56.24 0.52 30.67
C GLY A 2204 57.11 1.48 29.89
N SER A 2205 56.85 1.62 28.59
CA SER A 2205 57.53 2.57 27.74
C SER A 2205 56.50 3.58 27.26
N ASN A 2206 56.70 4.85 27.64
CA ASN A 2206 55.72 5.87 27.30
C ASN A 2206 55.68 6.08 25.79
N ALA A 2207 54.66 5.53 25.15
CA ALA A 2207 54.56 5.57 23.70
C ALA A 2207 53.14 5.27 23.29
N ILE A 2208 52.74 5.78 22.12
CA ILE A 2208 51.44 5.53 21.54
C ILE A 2208 51.67 4.84 20.21
N PHE A 2209 51.36 3.55 20.14
CA PHE A 2209 51.59 2.77 18.94
C PHE A 2209 50.39 2.89 18.01
N ALA A 2210 50.64 3.26 16.77
CA ALA A 2210 49.59 3.41 15.77
C ALA A 2210 49.92 2.59 14.54
N SER A 2211 48.94 1.83 14.06
CA SER A 2211 49.13 0.99 12.90
C SER A 2211 47.85 1.00 12.07
N ASN A 2212 48.00 0.69 10.78
CA ASN A 2212 46.88 0.68 9.83
C ASN A 2212 46.74 -0.72 9.26
N PRO A 2213 45.93 -1.57 9.89
CA PRO A 2213 45.77 -2.94 9.38
C PRO A 2213 44.92 -3.04 8.11
N TYR A 2214 44.27 -1.97 7.67
CA TYR A 2214 43.45 -2.00 6.46
C TYR A 2214 44.15 -1.33 5.28
N SER A 2215 45.46 -1.46 5.19
CA SER A 2215 46.17 -1.00 4.00
C SER A 2215 46.50 -2.19 3.11
N ILE A 2216 46.71 -1.91 1.83
CA ILE A 2216 46.84 -2.98 0.85
C ILE A 2216 48.25 -3.57 0.77
N ASP A 2217 49.29 -2.80 1.06
CA ASP A 2217 50.65 -3.31 0.97
C ASP A 2217 51.58 -2.94 2.12
N TYR A 2218 51.27 -1.92 2.92
CA TYR A 2218 51.98 -1.69 4.19
C TYR A 2218 51.00 -1.98 5.31
N SER A 2219 50.89 -3.25 5.70
CA SER A 2219 49.89 -3.66 6.67
C SER A 2219 50.44 -3.93 8.06
N ALA A 2220 51.73 -4.28 8.18
CA ALA A 2220 52.31 -4.62 9.48
C ALA A 2220 53.09 -3.46 10.10
N ARG A 2221 53.13 -2.31 9.46
CA ARG A 2221 53.91 -1.19 9.97
C ARG A 2221 53.27 -0.62 11.23
N THR A 2222 54.12 -0.25 12.19
CA THR A 2222 53.66 0.39 13.42
C THR A 2222 54.44 1.68 13.63
N SER A 2223 53.73 2.76 13.91
CA SER A 2223 54.34 4.05 14.18
C SER A 2223 54.06 4.45 15.63
N PHE A 2224 55.00 5.19 16.21
CA PHE A 2224 54.92 5.51 17.64
C PHE A 2224 55.22 6.98 17.85
N LEU A 2225 54.61 7.54 18.89
CA LEU A 2225 54.95 8.85 19.42
C LEU A 2225 55.42 8.66 20.85
N THR A 2226 56.60 9.18 21.16
CA THR A 2226 57.30 8.82 22.39
C THR A 2226 57.79 10.07 23.11
N LEU A 2227 57.83 10.00 24.44
CA LEU A 2227 58.40 11.03 25.28
C LEU A 2227 59.43 10.37 26.20
N ASP A 2228 60.62 10.96 26.29
CA ASP A 2228 61.67 10.37 27.12
C ASP A 2228 61.50 10.78 28.58
N SER A 2229 60.30 10.59 29.13
CA SER A 2229 59.99 10.88 30.51
C SER A 2229 58.68 10.16 30.84
N GLU A 2230 58.09 10.51 31.98
CA GLU A 2230 56.83 9.91 32.41
C GLU A 2230 55.71 10.89 32.08
N ALA A 2231 55.05 10.65 30.95
CA ALA A 2231 53.96 11.52 30.52
C ALA A 2231 52.77 11.37 31.46
N SER A 2232 52.15 12.50 31.81
CA SER A 2232 51.05 12.48 32.77
C SER A 2232 49.77 11.93 32.15
N GLY A 2233 49.47 12.33 30.91
CA GLY A 2233 48.23 11.90 30.28
C GLY A 2233 48.40 11.76 28.78
N PHE A 2234 47.44 11.06 28.17
CA PHE A 2234 47.47 10.83 26.74
C PHE A 2234 46.04 10.72 26.23
N THR A 2235 45.88 10.95 24.93
CA THR A 2235 44.58 10.84 24.27
C THR A 2235 44.81 10.50 22.81
N THR A 2236 43.98 9.61 22.28
CA THR A 2236 44.11 9.11 20.92
C THR A 2236 42.82 9.29 20.14
N SER A 2237 42.26 10.50 20.19
CA SER A 2237 41.03 10.79 19.46
C SER A 2237 40.93 12.29 19.25
N ARG A 2238 40.89 12.70 17.97
CA ARG A 2238 40.74 14.12 17.67
C ARG A 2238 39.40 14.67 18.11
N ARG A 2239 38.38 13.82 18.25
CA ARG A 2239 37.09 14.28 18.75
C ARG A 2239 37.18 14.79 20.18
N GLU A 2240 38.22 14.43 20.91
CA GLU A 2240 38.48 14.94 22.25
C GLU A 2240 39.48 16.09 22.26
N PHE A 2241 40.65 15.89 21.66
CA PHE A 2241 41.67 16.94 21.66
C PHE A 2241 41.21 18.16 20.89
N ILE A 2242 41.00 18.03 19.59
CA ILE A 2242 40.50 19.15 18.81
C ILE A 2242 39.04 19.42 19.14
N GLY A 2243 38.23 18.37 19.18
CA GLY A 2243 36.82 18.50 19.55
C GLY A 2243 36.01 19.33 18.58
N ARG A 2244 34.69 19.27 18.72
CA ARG A 2244 33.84 20.14 17.93
C ARG A 2244 33.99 21.58 18.42
N PHE A 2245 33.70 22.52 17.51
CA PHE A 2245 33.77 23.95 17.81
C PHE A 2245 35.18 24.36 18.23
N GLY A 2246 36.19 23.68 17.72
CA GLY A 2246 37.56 23.99 18.06
C GLY A 2246 38.43 24.02 16.82
N SER A 2247 39.62 24.60 16.98
CA SER A 2247 40.57 24.74 15.89
C SER A 2247 41.97 24.48 16.43
N ALA A 2248 42.93 24.44 15.51
CA ALA A 2248 44.32 24.22 15.91
C ALA A 2248 44.85 25.37 16.77
N GLN A 2249 44.25 26.55 16.68
CA GLN A 2249 44.69 27.66 17.52
C GLN A 2249 44.22 27.49 18.96
N ALA A 2250 42.98 27.04 19.16
CA ALA A 2250 42.42 26.80 20.48
C ALA A 2250 41.85 25.39 20.48
N PRO A 2251 42.66 24.39 20.82
CA PRO A 2251 42.22 22.99 20.66
C PRO A 2251 40.98 22.64 21.45
N GLN A 2252 40.76 23.27 22.60
CA GLN A 2252 39.60 23.05 23.45
C GLN A 2252 39.67 21.70 24.15
N GLY A 2253 40.63 20.87 23.75
CA GLY A 2253 41.08 19.77 24.57
C GLY A 2253 42.21 20.18 25.48
N ILE A 2254 42.65 21.43 25.35
CA ILE A 2254 43.66 22.01 26.19
C ILE A 2254 43.12 23.14 27.07
N VAL A 2255 41.97 23.71 26.71
CA VAL A 2255 41.38 24.82 27.45
C VAL A 2255 40.32 24.34 28.43
N ALA A 2256 39.42 23.48 27.97
CA ALA A 2256 38.34 22.96 28.80
C ALA A 2256 38.91 21.93 29.76
N GLY A 2257 39.42 22.42 30.88
CA GLY A 2257 40.03 21.56 31.87
C GLY A 2257 41.45 21.17 31.50
N ALA A 2258 41.97 20.21 32.27
CA ALA A 2258 43.33 19.73 32.04
C ALA A 2258 43.44 18.22 32.18
N ALA A 2259 42.34 17.48 32.06
CA ALA A 2259 42.33 16.03 32.22
C ALA A 2259 42.20 15.40 30.85
N LEU A 2260 43.23 14.67 30.42
CA LEU A 2260 43.20 13.92 29.17
C LEU A 2260 42.89 12.47 29.49
N SER A 2261 41.69 12.03 29.14
CA SER A 2261 41.29 10.66 29.41
C SER A 2261 41.96 9.71 28.43
N GLY A 2262 42.53 8.63 28.95
CA GLY A 2262 43.10 7.59 28.11
C GLY A 2262 42.05 6.97 27.21
N THR A 2263 42.32 6.92 25.91
CA THR A 2263 41.35 6.44 24.94
C THR A 2263 42.00 5.40 24.04
N THR A 2264 41.27 4.32 23.78
CA THR A 2264 41.75 3.26 22.90
C THR A 2264 40.71 2.80 21.89
N GLU A 2265 39.42 3.02 22.11
CA GLU A 2265 38.40 2.57 21.18
C GLU A 2265 38.54 3.30 19.85
N VAL A 2266 38.07 2.66 18.79
CA VAL A 2266 38.26 3.14 17.42
C VAL A 2266 37.22 4.23 17.16
N ASP A 2267 37.66 5.48 17.11
CA ASP A 2267 36.82 6.58 16.68
C ASP A 2267 37.04 6.83 15.19
N GLY A 2268 36.32 7.80 14.63
CA GLY A 2268 36.52 8.16 13.25
C GLY A 2268 37.71 9.03 12.98
N ASP A 2269 38.41 9.48 14.02
CA ASP A 2269 39.57 10.34 13.85
C ASP A 2269 40.69 9.92 14.79
N PRO A 2270 41.81 9.44 14.27
CA PRO A 2270 42.93 9.07 15.13
C PRO A 2270 43.91 10.21 15.32
N CYS A 2271 44.65 10.14 16.42
CA CYS A 2271 45.68 11.12 16.74
C CYS A 2271 46.50 10.56 17.89
N ALA A 2272 47.47 11.35 18.34
CA ALA A 2272 48.29 10.99 19.49
C ALA A 2272 48.64 12.28 20.23
N ALA A 2273 48.29 12.33 21.51
CA ALA A 2273 48.58 13.48 22.37
C ALA A 2273 49.35 13.00 23.58
N LEU A 2274 50.40 13.74 23.95
CA LEU A 2274 51.19 13.43 25.13
C LEU A 2274 51.34 14.70 25.96
N MET A 2275 51.07 14.61 27.25
CA MET A 2275 51.09 15.77 28.13
C MET A 2275 52.05 15.51 29.28
N GLN A 2276 52.97 16.45 29.49
CA GLN A 2276 53.96 16.37 30.55
C GLN A 2276 53.88 17.65 31.38
N GLU A 2277 53.63 17.50 32.68
CA GLU A 2277 53.51 18.66 33.55
C GLU A 2277 54.88 19.13 34.00
N ILE A 2278 55.09 20.44 33.96
CA ILE A 2278 56.36 21.06 34.34
C ILE A 2278 56.09 22.08 35.43
N HIS A 2279 56.93 22.07 36.47
CA HIS A 2279 56.91 23.09 37.51
C HIS A 2279 58.23 23.84 37.42
N LEU A 2280 58.20 25.03 36.84
CA LEU A 2280 59.40 25.79 36.54
C LEU A 2280 59.72 26.79 37.64
N LYS A 2281 60.96 27.26 37.62
CA LYS A 2281 61.47 28.29 38.50
C LYS A 2281 62.11 29.37 37.63
N PRO A 2282 62.23 30.59 38.15
CA PRO A 2282 62.80 31.68 37.33
C PRO A 2282 64.19 31.33 36.85
N GLY A 2283 64.45 31.62 35.56
CA GLY A 2283 65.74 31.35 34.97
C GLY A 2283 66.07 29.90 34.74
N GLU A 2284 65.07 29.02 34.66
CA GLU A 2284 65.29 27.60 34.51
C GLU A 2284 64.76 27.11 33.18
N GLU A 2285 65.46 26.14 32.58
CA GLU A 2285 65.07 25.54 31.31
C GLU A 2285 64.78 24.06 31.53
N ARG A 2286 63.87 23.52 30.72
CA ARG A 2286 63.49 22.12 30.79
C ARG A 2286 63.71 21.49 29.42
N HIS A 2287 64.74 20.65 29.31
CA HIS A 2287 65.06 19.99 28.04
C HIS A 2287 64.20 18.74 27.89
N MET A 2288 63.21 18.81 27.01
CA MET A 2288 62.34 17.70 26.70
C MET A 2288 62.66 17.15 25.32
N THR A 2289 62.11 15.97 25.03
CA THR A 2289 62.35 15.33 23.74
C THR A 2289 61.17 14.44 23.40
N PHE A 2290 60.47 14.77 22.31
CA PHE A 2290 59.43 13.92 21.76
C PHE A 2290 59.96 13.20 20.53
N ILE A 2291 59.64 11.92 20.42
CA ILE A 2291 60.17 11.06 19.37
C ILE A 2291 59.01 10.50 18.57
N LEU A 2292 59.11 10.60 17.25
CA LEU A 2292 58.17 9.98 16.33
C LEU A 2292 58.96 9.13 15.35
N GLY A 2293 58.53 7.89 15.16
CA GLY A 2293 59.24 6.97 14.30
C GLY A 2293 58.36 5.90 13.68
N ASP A 2294 58.97 4.95 12.99
CA ASP A 2294 58.22 3.89 12.34
C ASP A 2294 59.14 2.72 12.04
N ALA A 2295 58.60 1.51 12.12
CA ALA A 2295 59.33 0.30 11.79
C ALA A 2295 58.34 -0.78 11.40
N ASP A 2296 58.79 -1.69 10.55
CA ASP A 2296 57.95 -2.81 10.13
C ASP A 2296 57.78 -3.80 11.27
N ASN A 2297 56.57 -4.37 11.37
CA ASN A 2297 56.18 -5.30 12.42
C ASN A 2297 56.10 -4.62 13.78
N ALA A 2298 55.19 -5.08 14.63
CA ALA A 2298 55.06 -4.47 15.95
C ALA A 2298 56.22 -4.85 16.86
N GLU A 2299 56.85 -6.01 16.62
CA GLU A 2299 57.94 -6.45 17.48
C GLU A 2299 59.12 -5.49 17.41
N GLU A 2300 59.47 -5.02 16.21
CA GLU A 2300 60.57 -4.07 16.07
C GLU A 2300 60.25 -2.72 16.71
N ALA A 2301 58.97 -2.37 16.84
CA ALA A 2301 58.62 -1.08 17.43
C ALA A 2301 59.07 -0.99 18.87
N GLU A 2302 58.86 -2.06 19.65
CA GLU A 2302 59.33 -2.07 21.02
C GLU A 2302 60.86 -2.02 21.09
N ALA A 2303 61.52 -2.74 20.18
CA ALA A 2303 62.97 -2.70 20.13
C ALA A 2303 63.48 -1.32 19.76
N LEU A 2304 62.82 -0.66 18.81
CA LEU A 2304 63.26 0.65 18.36
C LEU A 2304 63.03 1.70 19.44
N VAL A 2305 61.85 1.69 20.07
CA VAL A 2305 61.53 2.72 21.05
C VAL A 2305 62.46 2.59 22.27
N LYS A 2306 62.84 1.36 22.64
CA LYS A 2306 63.76 1.20 23.76
C LYS A 2306 65.12 1.81 23.47
N ASP A 2307 65.62 1.63 22.25
CA ASP A 2307 66.93 2.16 21.89
C ASP A 2307 66.89 3.68 21.77
N VAL A 2308 65.87 4.21 21.09
CA VAL A 2308 65.86 5.64 20.76
C VAL A 2308 65.76 6.48 22.03
N ARG A 2309 64.92 6.07 22.98
CA ARG A 2309 64.68 6.88 24.17
C ARG A 2309 65.96 7.12 24.96
N GLN A 2310 66.80 6.08 25.11
CA GLN A 2310 67.88 6.14 26.09
C GLN A 2310 69.02 7.03 25.61
N ALA A 2311 69.40 6.93 24.34
CA ALA A 2311 70.73 7.38 23.92
C ALA A 2311 70.99 8.86 24.15
N ASP A 2312 70.34 9.74 23.36
CA ASP A 2312 70.61 11.16 23.42
C ASP A 2312 69.78 11.93 22.40
N PHE A 2313 69.86 13.26 22.44
CA PHE A 2313 69.44 14.11 21.34
C PHE A 2313 70.55 15.00 20.80
N LEU A 2314 71.34 15.62 21.67
CA LEU A 2314 72.32 16.60 21.22
C LEU A 2314 73.40 15.94 20.37
N SER A 2315 73.78 14.70 20.70
CA SER A 2315 74.75 13.98 19.88
C SER A 2315 74.21 13.75 18.47
N VAL A 2316 72.92 13.40 18.37
CA VAL A 2316 72.32 13.16 17.06
C VAL A 2316 72.30 14.44 16.23
N LEU A 2317 71.96 15.57 16.87
CA LEU A 2317 71.89 16.83 16.14
C LEU A 2317 73.23 17.19 15.52
N GLU A 2318 74.32 17.02 16.29
CA GLU A 2318 75.64 17.31 15.75
C GLU A 2318 76.03 16.32 14.66
N GLU A 2319 75.62 15.06 14.79
CA GLU A 2319 75.94 14.07 13.76
C GLU A 2319 75.28 14.43 12.43
N SER A 2320 74.02 14.85 12.46
CA SER A 2320 73.35 15.26 11.24
C SER A 2320 73.97 16.53 10.66
N LYS A 2321 74.34 17.47 11.53
CA LYS A 2321 74.98 18.69 11.07
C LYS A 2321 76.34 18.41 10.44
N LYS A 2322 77.07 17.44 10.99
CA LYS A 2322 78.41 17.14 10.48
C LYS A 2322 78.36 16.63 9.05
N PHE A 2323 77.41 15.74 8.75
CA PHE A 2323 77.34 15.18 7.41
C PHE A 2323 77.00 16.24 6.37
N TRP A 2324 75.97 17.04 6.64
CA TRP A 2324 75.57 18.08 5.69
C TRP A 2324 76.60 19.19 5.59
N THR A 2325 77.48 19.34 6.58
CA THR A 2325 78.58 20.29 6.48
C THR A 2325 79.79 19.67 5.81
N GLY A 2326 80.10 18.41 6.15
CA GLY A 2326 81.22 17.74 5.52
C GLY A 2326 80.99 17.47 4.04
N PHE A 2327 79.75 17.15 3.66
CA PHE A 2327 79.46 16.84 2.27
C PHE A 2327 79.53 18.09 1.40
N THR A 2328 78.70 19.09 1.71
CA THR A 2328 78.69 20.32 0.91
C THR A 2328 79.96 21.12 1.05
N GLY A 2329 80.82 20.79 2.01
CA GLY A 2329 82.09 21.47 2.17
C GLY A 2329 83.20 20.97 1.26
N GLN A 2330 82.91 20.01 0.39
CA GLN A 2330 83.93 19.52 -0.54
C GLN A 2330 84.33 20.60 -1.53
N LEU A 2331 83.36 21.37 -2.03
CA LEU A 2331 83.62 22.47 -2.95
C LEU A 2331 83.05 23.75 -2.34
N GLN A 2332 83.91 24.74 -2.13
CA GLN A 2332 83.52 26.02 -1.56
C GLN A 2332 84.06 27.13 -2.42
N VAL A 2333 83.21 28.07 -2.80
CA VAL A 2333 83.61 29.20 -3.61
C VAL A 2333 83.55 30.47 -2.77
N SER A 2334 84.31 31.47 -3.19
CA SER A 2334 84.40 32.75 -2.50
C SER A 2334 84.31 33.90 -3.49
N THR A 2335 83.34 33.83 -4.39
CA THR A 2335 83.17 34.85 -5.40
C THR A 2335 82.74 36.18 -4.76
N PRO A 2336 83.08 37.30 -5.39
CA PRO A 2336 82.70 38.60 -4.81
C PRO A 2336 81.19 38.80 -4.65
N ASP A 2337 80.38 38.12 -5.47
CA ASP A 2337 78.94 38.29 -5.37
C ASP A 2337 78.42 37.79 -4.03
N ALA A 2338 77.43 38.49 -3.49
CA ALA A 2338 76.84 38.16 -2.20
C ALA A 2338 75.58 37.32 -2.32
N GLY A 2339 75.20 36.92 -3.53
CA GLY A 2339 74.07 36.04 -3.71
C GLY A 2339 74.51 34.74 -4.35
N PHE A 2340 75.57 34.81 -5.14
CA PHE A 2340 76.14 33.59 -5.74
C PHE A 2340 76.79 32.72 -4.68
N ASN A 2341 77.41 33.33 -3.67
CA ASN A 2341 78.14 32.57 -2.66
C ASN A 2341 77.19 31.74 -1.80
N HIS A 2342 76.10 32.33 -1.34
CA HIS A 2342 75.27 31.72 -0.32
C HIS A 2342 74.55 30.46 -0.78
N MET A 2343 74.46 30.22 -2.07
CA MET A 2343 73.72 29.06 -2.56
C MET A 2343 74.59 28.02 -3.23
N VAL A 2344 75.63 28.42 -3.95
CA VAL A 2344 76.55 27.44 -4.51
C VAL A 2344 77.27 26.69 -3.40
N ASN A 2345 77.68 27.41 -2.35
CA ASN A 2345 78.38 26.78 -1.24
C ASN A 2345 77.48 25.79 -0.50
N ASN A 2346 76.28 26.23 -0.15
CA ASN A 2346 75.46 25.50 0.83
C ASN A 2346 74.16 24.96 0.26
N TRP A 2347 73.32 25.81 -0.33
CA TRP A 2347 71.93 25.42 -0.54
C TRP A 2347 71.73 24.59 -1.80
N LEU A 2348 72.40 24.94 -2.89
CA LEU A 2348 72.21 24.18 -4.13
C LEU A 2348 72.59 22.72 -4.01
N PRO A 2349 73.75 22.34 -3.45
CA PRO A 2349 74.01 20.91 -3.24
C PRO A 2349 73.00 20.25 -2.31
N TYR A 2350 72.48 20.99 -1.32
CA TYR A 2350 71.54 20.40 -0.38
C TYR A 2350 70.23 20.01 -1.06
N GLN A 2351 69.71 20.88 -1.92
CA GLN A 2351 68.43 20.60 -2.56
C GLN A 2351 68.53 19.40 -3.50
N ALA A 2352 69.65 19.29 -4.22
CA ALA A 2352 69.80 18.20 -5.18
C ALA A 2352 69.80 16.84 -4.48
N LEU A 2353 70.44 16.77 -3.30
CA LEU A 2353 70.59 15.50 -2.62
C LEU A 2353 69.40 15.21 -1.70
N ALA A 2354 69.05 16.17 -0.84
CA ALA A 2354 68.08 15.90 0.22
C ALA A 2354 66.69 15.60 -0.35
N CYS A 2355 66.28 16.33 -1.39
CA CYS A 2355 64.92 16.18 -1.92
C CYS A 2355 64.89 15.43 -3.24
N ARG A 2356 65.70 15.84 -4.21
CA ARG A 2356 65.62 15.24 -5.53
C ARG A 2356 66.10 13.79 -5.52
N ILE A 2357 66.88 13.39 -4.53
CA ILE A 2357 67.46 12.05 -4.45
C ILE A 2357 66.90 11.27 -3.26
N LEU A 2358 66.95 11.87 -2.07
CA LEU A 2358 66.57 11.15 -0.86
C LEU A 2358 65.06 11.15 -0.62
N ALA A 2359 64.47 12.33 -0.47
CA ALA A 2359 63.05 12.48 -0.17
C ALA A 2359 62.37 13.10 -1.37
N ARG A 2360 61.94 12.25 -2.32
CA ARG A 2360 61.36 12.72 -3.56
C ARG A 2360 59.93 13.21 -3.32
N THR A 2361 59.83 14.30 -2.57
CA THR A 2361 58.55 14.92 -2.26
C THR A 2361 58.79 16.30 -1.65
N ALA A 2362 58.02 17.28 -2.11
CA ALA A 2362 58.05 18.63 -1.56
C ALA A 2362 56.64 19.06 -1.20
N PHE A 2363 56.45 20.34 -0.90
CA PHE A 2363 55.11 20.81 -0.54
C PHE A 2363 54.15 20.76 -1.72
N TYR A 2364 54.66 20.75 -2.95
CA TYR A 2364 53.83 20.85 -4.14
C TYR A 2364 53.66 19.53 -4.87
N GLN A 2365 54.75 18.82 -5.16
CA GLN A 2365 54.68 17.52 -5.81
C GLN A 2365 55.10 16.43 -4.83
N SER A 2366 54.49 15.25 -4.99
CA SER A 2366 54.78 14.09 -4.14
C SER A 2366 54.85 12.88 -5.05
N SER A 2367 56.05 12.55 -5.51
CA SER A 2367 56.30 11.40 -6.38
C SER A 2367 57.36 10.54 -5.71
N GLY A 2368 56.92 9.54 -4.96
CA GLY A 2368 57.85 8.71 -4.21
C GLY A 2368 58.54 7.62 -4.98
N ALA A 2369 58.24 7.47 -6.27
CA ALA A 2369 58.85 6.44 -7.08
C ALA A 2369 60.05 6.99 -7.85
N PHE A 2370 60.94 6.08 -8.23
CA PHE A 2370 62.11 6.47 -9.00
C PHE A 2370 61.72 6.86 -10.42
N GLY A 2371 62.59 7.64 -11.06
CA GLY A 2371 62.40 8.01 -12.45
C GLY A 2371 63.64 7.72 -13.26
N PHE A 2372 63.50 6.97 -14.35
CA PHE A 2372 64.68 6.55 -15.11
C PHE A 2372 65.43 7.74 -15.67
N ARG A 2373 64.74 8.62 -16.38
CA ARG A 2373 65.38 9.83 -16.88
C ARG A 2373 65.75 10.76 -15.73
N ASP A 2374 64.90 10.83 -14.70
CA ASP A 2374 65.10 11.80 -13.64
C ASP A 2374 66.32 11.47 -12.80
N GLN A 2375 66.49 10.20 -12.41
CA GLN A 2375 67.58 9.85 -11.51
C GLN A 2375 68.94 9.92 -12.18
N LEU A 2376 69.02 9.59 -13.48
CA LEU A 2376 70.31 9.56 -14.15
C LEU A 2376 70.92 10.94 -14.26
N GLN A 2377 70.12 11.96 -14.56
CA GLN A 2377 70.67 13.28 -14.89
C GLN A 2377 70.98 14.10 -13.65
N ASP A 2378 70.27 13.90 -12.54
CA ASP A 2378 70.47 14.77 -11.38
C ASP A 2378 71.78 14.46 -10.65
N THR A 2379 72.22 13.21 -10.68
CA THR A 2379 73.41 12.82 -9.94
C THR A 2379 74.70 13.13 -10.71
N LEU A 2380 74.62 13.58 -11.95
CA LEU A 2380 75.81 13.93 -12.71
C LEU A 2380 76.42 15.26 -12.27
N ALA A 2381 75.75 16.01 -11.40
CA ALA A 2381 76.30 17.28 -10.92
C ALA A 2381 77.53 17.07 -10.04
N PHE A 2382 77.73 15.86 -9.52
CA PHE A 2382 78.89 15.58 -8.69
C PHE A 2382 79.93 14.77 -9.45
N PRO A 2387 81.18 11.45 -6.46
CA PRO A 2387 81.69 10.84 -7.68
C PRO A 2387 81.18 9.42 -7.88
N ASP A 2388 81.24 8.61 -6.82
CA ASP A 2388 80.68 7.26 -6.86
C ASP A 2388 79.16 7.26 -6.80
N LEU A 2389 78.54 8.40 -6.52
CA LEU A 2389 77.08 8.47 -6.51
C LEU A 2389 76.51 8.18 -7.91
N ALA A 2390 77.16 8.71 -8.94
CA ALA A 2390 76.69 8.45 -10.30
C ALA A 2390 76.82 6.97 -10.65
N ARG A 2391 77.92 6.34 -10.24
CA ARG A 2391 78.11 4.92 -10.56
C ARG A 2391 77.04 4.05 -9.91
N THR A 2392 76.68 4.36 -8.66
CA THR A 2392 75.68 3.56 -7.97
C THR A 2392 74.32 3.64 -8.65
N GLN A 2393 73.94 4.83 -9.11
CA GLN A 2393 72.62 5.00 -9.71
C GLN A 2393 72.56 4.44 -11.12
N ILE A 2394 73.64 4.60 -11.91
CA ILE A 2394 73.63 4.12 -13.28
C ILE A 2394 73.48 2.61 -13.33
N LEU A 2395 74.20 1.89 -12.46
CA LEU A 2395 74.07 0.44 -12.41
C LEU A 2395 72.65 0.04 -12.01
N ARG A 2396 72.03 0.79 -11.10
CA ARG A 2396 70.65 0.52 -10.74
C ARG A 2396 69.70 0.87 -11.88
N ALA A 2397 69.94 1.99 -12.56
CA ALA A 2397 69.07 2.41 -13.65
C ALA A 2397 69.15 1.44 -14.82
N ALA A 2398 70.35 0.96 -15.15
CA ALA A 2398 70.52 0.04 -16.27
C ALA A 2398 69.89 -1.32 -16.02
N GLY A 2399 69.50 -1.62 -14.79
CA GLY A 2399 68.88 -2.88 -14.46
C GLY A 2399 67.40 -2.98 -14.77
N ARG A 2400 66.84 -2.00 -15.46
CA ARG A 2400 65.41 -1.98 -15.78
C ARG A 2400 65.15 -2.07 -17.27
N GLN A 2401 66.11 -2.58 -18.04
CA GLN A 2401 65.97 -2.66 -19.49
C GLN A 2401 65.45 -4.03 -19.91
N PHE A 2402 64.40 -4.04 -20.72
CA PHE A 2402 63.88 -5.26 -21.31
C PHE A 2402 64.75 -5.68 -22.50
N PRO A 2403 64.76 -6.96 -22.84
CA PRO A 2403 65.62 -7.41 -23.95
C PRO A 2403 65.27 -6.79 -25.28
N GLU A 2404 64.03 -6.32 -25.46
CA GLU A 2404 63.68 -5.62 -26.70
C GLU A 2404 64.49 -4.34 -26.85
N GLY A 2405 64.72 -3.62 -25.75
CA GLY A 2405 65.51 -2.42 -25.79
C GLY A 2405 64.93 -1.30 -24.95
N ASP A 2406 63.61 -1.27 -24.80
CA ASP A 2406 62.96 -0.22 -24.04
C ASP A 2406 63.22 -0.40 -22.55
N VAL A 2407 63.00 0.67 -21.80
CA VAL A 2407 63.26 0.70 -20.36
C VAL A 2407 62.05 1.27 -19.65
N GLN A 2408 61.88 0.87 -18.40
CA GLN A 2408 60.77 1.36 -17.59
C GLN A 2408 60.90 2.87 -17.39
N HIS A 2409 59.79 3.58 -17.58
CA HIS A 2409 59.81 5.03 -17.39
C HIS A 2409 60.00 5.39 -15.92
N TRP A 2410 59.23 4.76 -15.03
CA TRP A 2410 59.37 4.98 -13.60
C TRP A 2410 58.94 3.72 -12.86
N TRP A 2411 59.67 3.39 -11.79
CA TRP A 2411 59.40 2.19 -11.01
C TRP A 2411 59.47 2.48 -9.53
N LEU A 2412 58.77 1.68 -8.74
CA LEU A 2412 58.75 1.84 -7.30
C LEU A 2412 60.11 1.47 -6.71
N PRO A 2413 60.45 2.06 -5.56
CA PRO A 2413 61.81 1.84 -5.00
C PRO A 2413 62.08 0.40 -4.59
N LEU A 2414 61.23 -0.17 -3.72
CA LEU A 2414 61.48 -1.47 -3.13
C LEU A 2414 60.82 -2.61 -3.89
N THR A 2415 59.52 -2.49 -4.17
CA THR A 2415 58.80 -3.58 -4.84
C THR A 2415 59.34 -3.82 -6.23
N GLY A 2416 59.80 -2.78 -6.92
CA GLY A 2416 60.31 -2.90 -8.26
C GLY A 2416 59.28 -2.75 -9.35
N ALA A 2417 58.00 -2.67 -9.01
CA ALA A 2417 56.96 -2.50 -10.02
C ALA A 2417 57.11 -1.16 -10.71
N GLY A 2418 56.97 -1.17 -12.04
CA GLY A 2418 57.11 0.04 -12.81
C GLY A 2418 56.40 -0.07 -14.14
N VAL A 2419 56.09 1.07 -14.71
CA VAL A 2419 55.32 1.15 -15.93
C VAL A 2419 56.26 1.01 -17.13
N ARG A 2420 55.72 0.49 -18.23
CA ARG A 2420 56.43 0.42 -19.51
C ARG A 2420 55.75 1.40 -20.45
N THR A 2421 56.52 2.36 -20.96
CA THR A 2421 55.94 3.50 -21.66
C THR A 2421 56.71 3.73 -22.96
N THR A 2422 56.05 4.37 -23.92
CA THR A 2422 56.59 4.62 -25.25
C THR A 2422 57.33 5.96 -25.35
N ILE A 2423 57.91 6.44 -24.25
CA ILE A 2423 58.71 7.66 -24.31
C ILE A 2423 59.93 7.43 -25.18
N SER A 2424 60.35 8.47 -25.90
CA SER A 2424 61.42 8.32 -26.88
C SER A 2424 62.80 8.42 -26.23
N ASP A 2425 63.08 9.54 -25.55
CA ASP A 2425 64.43 9.83 -25.10
C ASP A 2425 64.89 8.98 -23.93
N ASP A 2426 64.01 8.18 -23.32
CA ASP A 2426 64.40 7.41 -22.16
C ASP A 2426 65.56 6.46 -22.49
N VAL A 2427 65.50 5.80 -23.65
CA VAL A 2427 66.55 4.87 -24.02
C VAL A 2427 67.87 5.58 -24.30
N VAL A 2428 67.84 6.88 -24.58
CA VAL A 2428 69.05 7.60 -24.93
C VAL A 2428 69.73 8.23 -23.73
N TRP A 2429 68.95 8.57 -22.69
CA TRP A 2429 69.54 9.20 -21.51
C TRP A 2429 70.54 8.29 -20.80
N LEU A 2430 70.43 6.97 -20.99
CA LEU A 2430 71.41 6.07 -20.42
C LEU A 2430 72.76 6.21 -21.12
N ALA A 2431 72.74 6.43 -22.44
CA ALA A 2431 73.98 6.63 -23.17
C ALA A 2431 74.70 7.90 -22.72
N TYR A 2432 73.93 8.96 -22.47
CA TYR A 2432 74.53 10.21 -22.00
C TYR A 2432 75.17 10.04 -20.64
N ALA A 2433 74.51 9.30 -19.73
CA ALA A 2433 75.05 9.13 -18.38
C ALA A 2433 76.35 8.34 -18.40
N ILE A 2434 76.43 7.28 -19.19
CA ILE A 2434 77.65 6.48 -19.25
C ILE A 2434 78.80 7.32 -19.79
N ASN A 2435 78.55 8.09 -20.85
CA ASN A 2435 79.60 8.89 -21.45
C ASN A 2435 80.14 9.92 -20.47
N GLN A 2436 79.25 10.58 -19.72
CA GLN A 2436 79.71 11.58 -18.76
C GLN A 2436 80.54 10.95 -17.65
N TYR A 2437 80.11 9.79 -17.15
CA TYR A 2437 80.84 9.16 -16.05
C TYR A 2437 82.18 8.62 -16.53
N VAL A 2438 82.19 7.91 -17.65
CA VAL A 2438 83.42 7.25 -18.10
C VAL A 2438 84.49 8.28 -18.46
N SER A 2439 84.08 9.43 -18.98
CA SER A 2439 85.05 10.48 -19.30
C SER A 2439 85.70 11.02 -18.03
N ALA A 2440 84.88 11.42 -17.06
CA ALA A 2440 85.40 12.16 -15.90
C ALA A 2440 86.30 11.27 -15.04
N THR A 2441 85.75 10.20 -14.48
CA THR A 2441 86.53 9.37 -13.57
C THR A 2441 87.56 8.53 -14.30
N GLY A 2442 87.34 8.24 -15.58
CA GLY A 2442 88.21 7.37 -16.33
C GLY A 2442 88.01 5.90 -16.07
N ASP A 2443 87.02 5.53 -15.25
CA ASP A 2443 86.74 4.13 -14.93
C ASP A 2443 85.99 3.49 -16.09
N ALA A 2444 86.75 3.09 -17.12
CA ALA A 2444 86.16 2.38 -18.24
C ALA A 2444 85.71 0.98 -17.86
N ALA A 2445 86.14 0.46 -16.70
CA ALA A 2445 85.75 -0.88 -16.28
C ALA A 2445 84.28 -0.98 -15.92
N ILE A 2446 83.59 0.15 -15.77
CA ILE A 2446 82.17 0.12 -15.45
C ILE A 2446 81.38 -0.53 -16.56
N LEU A 2447 81.89 -0.47 -17.80
CA LEU A 2447 81.18 -1.05 -18.94
C LEU A 2447 81.04 -2.55 -18.84
N ASP A 2448 81.81 -3.21 -17.97
CA ASP A 2448 81.77 -4.66 -17.80
C ASP A 2448 81.16 -4.95 -16.43
N GLU A 2449 79.83 -5.04 -16.37
CA GLU A 2449 79.11 -5.39 -15.16
C GLU A 2449 78.02 -6.38 -15.49
N SER A 2450 77.66 -7.20 -14.51
CA SER A 2450 76.65 -8.24 -14.66
C SER A 2450 75.29 -7.65 -14.30
N ILE A 2451 74.47 -7.39 -15.31
CA ILE A 2451 73.14 -6.81 -15.09
C ILE A 2451 72.10 -7.68 -15.77
N PRO A 2452 71.09 -8.15 -15.04
CA PRO A 2452 70.08 -9.03 -15.63
C PRO A 2452 69.10 -8.25 -16.50
N PHE A 2453 68.20 -8.98 -17.14
CA PHE A 2453 67.15 -8.43 -17.97
C PHE A 2453 65.80 -8.62 -17.30
N LEU A 2454 64.88 -7.69 -17.54
CA LEU A 2454 63.51 -7.87 -17.11
C LEU A 2454 62.68 -8.49 -18.22
N LYS A 2455 61.69 -9.29 -17.83
CA LYS A 2455 60.76 -9.90 -18.77
C LYS A 2455 59.36 -9.37 -18.48
N GLY A 2456 58.65 -8.96 -19.54
CA GLY A 2456 57.36 -8.34 -19.39
C GLY A 2456 56.38 -8.75 -20.47
N PRO A 2457 55.10 -8.46 -20.24
CA PRO A 2457 54.07 -8.86 -21.23
C PRO A 2457 54.12 -8.08 -22.52
N ALA A 2458 54.97 -7.05 -22.62
CA ALA A 2458 55.10 -6.19 -23.80
C ALA A 2458 53.85 -5.34 -24.00
N LEU A 2459 53.96 -4.27 -24.76
CA LEU A 2459 52.90 -3.29 -24.91
C LEU A 2459 51.98 -3.66 -26.06
N MET A 2460 50.68 -3.70 -25.78
CA MET A 2460 49.67 -3.83 -26.83
C MET A 2460 49.68 -2.53 -27.63
N PRO A 2461 49.65 -2.57 -28.97
CA PRO A 2461 49.93 -1.35 -29.74
C PRO A 2461 48.80 -0.33 -29.75
N GLY A 2462 47.80 -0.51 -28.90
CA GLY A 2462 46.73 0.46 -28.80
C GLY A 2462 46.73 1.22 -27.49
N GLN A 2463 47.79 1.06 -26.69
CA GLN A 2463 47.88 1.71 -25.40
C GLN A 2463 49.25 2.36 -25.26
N HIS A 2464 49.30 3.41 -24.44
CA HIS A 2464 50.53 4.18 -24.26
C HIS A 2464 51.39 3.69 -23.12
N ASP A 2465 50.80 3.00 -22.13
CA ASP A 2465 51.57 2.52 -20.99
C ASP A 2465 50.83 1.39 -20.32
N ALA A 2466 51.57 0.58 -19.57
CA ALA A 2466 51.01 -0.55 -18.83
C ALA A 2466 51.87 -0.77 -17.59
N PHE A 2467 51.21 -1.01 -16.46
CA PHE A 2467 51.92 -1.06 -15.18
C PHE A 2467 52.59 -2.42 -14.95
N PHE A 2468 51.78 -3.48 -14.81
CA PHE A 2468 52.23 -4.85 -14.56
C PHE A 2468 53.29 -4.98 -13.47
N GLN A 2469 53.77 -6.20 -13.26
CA GLN A 2469 54.84 -6.48 -12.31
C GLN A 2469 56.04 -7.06 -13.04
N PRO A 2470 57.13 -6.30 -13.19
CA PRO A 2470 58.29 -6.84 -13.91
C PRO A 2470 58.90 -8.04 -13.18
N GLU A 2471 59.43 -8.97 -13.96
CA GLU A 2471 60.05 -10.18 -13.45
C GLU A 2471 61.45 -10.29 -14.02
N THR A 2472 62.41 -10.67 -13.17
CA THR A 2472 63.77 -10.82 -13.61
C THR A 2472 63.91 -12.06 -14.50
N SER A 2473 64.96 -12.05 -15.33
CA SER A 2473 65.22 -13.14 -16.27
C SER A 2473 66.67 -13.57 -16.15
N GLU A 2474 66.93 -14.82 -16.52
CA GLU A 2474 68.27 -15.41 -16.41
C GLU A 2474 69.08 -15.11 -17.66
N ARG A 2475 69.20 -13.81 -17.96
CA ARG A 2475 70.01 -13.34 -19.09
C ARG A 2475 70.79 -12.11 -18.62
N SER A 2476 71.99 -12.34 -18.09
CA SER A 2476 72.84 -11.23 -17.70
C SER A 2476 73.65 -10.74 -18.90
N ALA A 2477 74.07 -9.48 -18.84
CA ALA A 2477 74.84 -8.90 -19.93
C ALA A 2477 75.70 -7.77 -19.39
N THR A 2478 76.71 -7.42 -20.17
CA THR A 2478 77.60 -6.32 -19.80
C THR A 2478 76.89 -4.98 -19.92
N LEU A 2479 77.44 -3.98 -19.24
CA LEU A 2479 76.84 -2.65 -19.29
C LEU A 2479 76.89 -2.08 -20.71
N TYR A 2480 77.99 -2.33 -21.43
CA TYR A 2480 78.06 -1.89 -22.82
C TYR A 2480 76.99 -2.55 -23.66
N GLU A 2481 76.73 -3.84 -23.42
CA GLU A 2481 75.63 -4.51 -24.11
C GLU A 2481 74.30 -3.85 -23.78
N HIS A 2482 74.12 -3.45 -22.52
CA HIS A 2482 72.90 -2.76 -22.12
C HIS A 2482 72.75 -1.43 -22.86
N ALA A 2483 73.83 -0.66 -22.94
CA ALA A 2483 73.77 0.64 -23.60
C ALA A 2483 73.61 0.49 -25.11
N ALA A 2484 74.29 -0.51 -25.69
CA ALA A 2484 74.20 -0.71 -27.13
C ALA A 2484 72.79 -1.08 -27.56
N LEU A 2485 72.12 -1.93 -26.77
CA LEU A 2485 70.76 -2.35 -27.12
C LEU A 2485 69.80 -1.17 -27.15
N ALA A 2486 69.94 -0.24 -26.20
CA ALA A 2486 69.04 0.92 -26.15
C ALA A 2486 69.19 1.78 -27.40
N LEU A 2487 70.42 2.02 -27.83
CA LEU A 2487 70.64 2.88 -28.99
C LEU A 2487 70.18 2.21 -30.27
N ASP A 2488 70.27 0.88 -30.36
CA ASP A 2488 69.75 0.18 -31.52
C ASP A 2488 68.25 0.38 -31.67
N LEU A 2489 67.53 0.41 -30.54
CA LEU A 2489 66.11 0.72 -30.58
C LEU A 2489 65.88 2.13 -31.10
N ALA A 2490 66.71 3.08 -30.66
CA ALA A 2490 66.58 4.46 -31.15
C ALA A 2490 66.81 4.55 -32.65
N ILE A 2491 67.80 3.81 -33.16
CA ILE A 2491 68.05 3.81 -34.59
C ILE A 2491 66.90 3.14 -35.33
N HIS A 2492 66.35 2.07 -34.76
CA HIS A 2492 65.25 1.36 -35.41
C HIS A 2492 64.00 2.23 -35.52
N ARG A 2493 63.87 3.24 -34.66
CA ARG A 2493 62.68 4.08 -34.61
C ARG A 2493 62.84 5.40 -35.35
N THR A 2494 63.70 5.44 -36.37
CA THR A 2494 63.83 6.65 -37.17
C THR A 2494 62.61 6.84 -38.07
N GLY A 2495 62.26 8.10 -38.32
CA GLY A 2495 61.13 8.43 -39.14
C GLY A 2495 61.45 8.41 -40.63
N GLU A 2496 60.45 8.77 -41.43
CA GLU A 2496 60.62 8.79 -42.87
C GLU A 2496 61.57 9.91 -43.30
N ASN A 2497 61.59 11.01 -42.56
CA ASN A 2497 62.49 12.12 -42.89
C ASN A 2497 63.90 11.89 -42.37
N GLY A 2498 64.13 10.82 -41.62
CA GLY A 2498 65.42 10.53 -41.03
C GLY A 2498 65.56 10.94 -39.59
N LEU A 2499 64.70 11.84 -39.11
CA LEU A 2499 64.74 12.26 -37.73
C LEU A 2499 64.10 11.20 -36.82
N PRO A 2500 64.58 11.08 -35.58
CA PRO A 2500 63.97 10.11 -34.66
C PRO A 2500 62.50 10.43 -34.41
N LEU A 2501 61.70 9.39 -34.28
CA LEU A 2501 60.27 9.54 -34.08
C LEU A 2501 59.98 9.96 -32.64
N ILE A 2502 58.96 10.80 -32.46
CA ILE A 2502 58.60 11.26 -31.13
C ILE A 2502 57.83 10.18 -30.36
N LEU A 2503 57.23 9.21 -31.04
CA LEU A 2503 56.41 8.19 -30.41
C LEU A 2503 55.40 8.80 -29.44
N GLY A 2504 55.53 8.48 -28.17
CA GLY A 2504 54.65 9.00 -27.14
C GLY A 2504 55.10 10.30 -26.51
N GLY A 2505 56.18 10.89 -26.99
CA GLY A 2505 56.67 12.14 -26.47
C GLY A 2505 58.18 12.09 -26.30
N ASP A 2506 58.71 13.13 -25.67
CA ASP A 2506 60.15 13.29 -25.47
C ASP A 2506 60.34 14.03 -24.15
N TRP A 2507 61.52 14.63 -23.97
CA TRP A 2507 61.86 15.37 -22.76
C TRP A 2507 60.71 16.22 -22.25
N ASN A 2508 59.98 16.86 -23.17
CA ASN A 2508 58.75 17.55 -22.82
C ASN A 2508 57.63 16.51 -22.83
N ASP A 2509 57.33 15.96 -21.65
CA ASP A 2509 56.38 14.86 -21.56
C ASP A 2509 54.98 15.26 -22.00
N GLY A 2510 54.68 16.57 -22.04
CA GLY A 2510 53.39 17.00 -22.53
C GLY A 2510 53.24 16.96 -24.04
N MET A 2511 54.34 16.77 -24.76
CA MET A 2511 54.29 16.72 -26.22
C MET A 2511 53.91 15.32 -26.70
N ASN A 2512 52.80 14.77 -26.20
CA ASN A 2512 52.28 13.53 -26.74
C ASN A 2512 51.22 13.85 -27.78
N ARG A 2513 50.68 12.79 -28.41
CA ARG A 2513 49.70 12.92 -29.49
C ARG A 2513 50.29 13.65 -30.70
N VAL A 2514 51.59 13.94 -30.66
CA VAL A 2514 52.29 14.34 -31.87
C VAL A 2514 52.76 13.12 -32.64
N GLY A 2515 52.95 12.00 -31.96
CA GLY A 2515 53.27 10.72 -32.58
C GLY A 2515 52.07 9.81 -32.62
N VAL A 2516 51.98 8.92 -31.62
CA VAL A 2516 50.89 7.96 -31.41
C VAL A 2516 50.48 7.31 -32.72
N GLY A 2517 51.28 6.36 -33.19
CA GLY A 2517 51.01 5.70 -34.45
C GLY A 2517 51.14 6.60 -35.65
N GLY A 2518 52.14 7.48 -35.65
CA GLY A 2518 52.36 8.37 -36.77
C GLY A 2518 53.82 8.52 -37.12
N LYS A 2519 54.14 9.53 -37.92
CA LYS A 2519 55.51 9.79 -38.34
C LYS A 2519 56.07 11.07 -37.72
N GLY A 2520 55.53 11.49 -36.57
CA GLY A 2520 56.02 12.68 -35.90
C GLY A 2520 57.47 12.56 -35.49
N THR A 2521 58.25 13.61 -35.77
CA THR A 2521 59.68 13.60 -35.51
C THR A 2521 60.06 14.79 -34.64
N SER A 2522 61.16 14.65 -33.90
CA SER A 2522 61.63 15.67 -32.98
C SER A 2522 63.01 16.14 -33.40
N VAL A 2523 63.17 17.46 -33.53
CA VAL A 2523 64.49 18.01 -33.84
C VAL A 2523 65.43 17.86 -32.66
N TRP A 2524 64.92 18.09 -31.45
CA TRP A 2524 65.78 18.03 -30.26
C TRP A 2524 66.39 16.64 -30.10
N LEU A 2525 65.59 15.59 -30.30
CA LEU A 2525 66.13 14.24 -30.19
C LEU A 2525 67.20 13.98 -31.24
N GLY A 2526 67.14 14.67 -32.37
CA GLY A 2526 68.20 14.55 -33.34
C GLY A 2526 69.53 15.04 -32.81
N TRP A 2527 69.54 16.20 -32.16
CA TRP A 2527 70.77 16.71 -31.56
C TRP A 2527 71.24 15.82 -30.43
N PHE A 2528 70.31 15.34 -29.59
CA PHE A 2528 70.68 14.49 -28.47
C PHE A 2528 71.25 13.16 -28.96
N LEU A 2529 70.63 12.56 -29.97
CA LEU A 2529 71.09 11.27 -30.45
C LEU A 2529 72.46 11.38 -31.12
N ALA A 2530 72.69 12.45 -31.87
CA ALA A 2530 73.97 12.62 -32.55
C ALA A 2530 75.11 12.75 -31.55
N GLY A 2531 74.91 13.52 -30.49
CA GLY A 2531 75.95 13.67 -29.49
C GLY A 2531 76.26 12.38 -28.76
N ALA A 2532 75.22 11.63 -28.40
CA ALA A 2532 75.43 10.36 -27.71
C ALA A 2532 76.14 9.36 -28.60
N LEU A 2533 75.75 9.28 -29.87
CA LEU A 2533 76.37 8.34 -30.80
C LEU A 2533 77.80 8.75 -31.15
N ARG A 2534 78.16 10.01 -30.95
CA ARG A 2534 79.50 10.47 -31.30
C ARG A 2534 80.57 9.86 -30.42
N ASP A 2535 80.22 9.41 -29.22
CA ASP A 2535 81.22 8.94 -28.27
C ASP A 2535 81.27 7.42 -28.14
N PHE A 2536 80.14 6.73 -28.26
CA PHE A 2536 80.17 5.27 -28.21
C PHE A 2536 80.86 4.66 -29.42
N ILE A 2537 81.04 5.43 -30.50
CA ILE A 2537 81.84 4.93 -31.62
C ILE A 2537 83.27 4.68 -31.17
N GLU A 2538 83.85 5.61 -30.41
CA GLU A 2538 85.19 5.41 -29.88
C GLU A 2538 85.23 4.23 -28.92
N ILE A 2539 84.20 4.11 -28.06
CA ILE A 2539 84.14 2.99 -27.12
C ILE A 2539 84.02 1.67 -27.87
N ALA A 2540 83.21 1.63 -28.93
CA ALA A 2540 83.07 0.41 -29.72
C ALA A 2540 84.40 -0.01 -30.33
N GLU A 2541 85.27 0.96 -30.64
CA GLU A 2541 86.60 0.61 -31.15
C GLU A 2541 87.42 -0.12 -30.10
N LYS A 2542 87.32 0.31 -28.83
CA LYS A 2542 88.11 -0.32 -27.78
C LYS A 2542 87.71 -1.77 -27.57
N ARG A 2543 86.41 -2.06 -27.61
CA ARG A 2543 85.91 -3.41 -27.38
C ARG A 2543 85.87 -4.25 -28.65
N GLY A 2544 86.24 -3.68 -29.79
CA GLY A 2544 86.30 -4.45 -31.02
C GLY A 2544 84.96 -4.80 -31.62
N ASP A 2545 83.91 -4.06 -31.29
CA ASP A 2545 82.58 -4.31 -31.84
C ASP A 2545 82.51 -3.70 -33.23
N THR A 2546 83.09 -4.43 -34.20
CA THR A 2546 83.12 -3.94 -35.58
C THR A 2546 81.73 -3.91 -36.19
N ASP A 2547 80.82 -4.78 -35.73
CA ASP A 2547 79.48 -4.82 -36.30
C ASP A 2547 78.73 -3.53 -36.01
N ARG A 2548 78.76 -3.06 -34.77
CA ARG A 2548 77.99 -1.89 -34.39
C ARG A 2548 78.61 -0.59 -34.86
N VAL A 2549 79.96 -0.52 -34.89
CA VAL A 2549 80.61 0.73 -35.27
C VAL A 2549 80.28 1.11 -36.70
N GLY A 2550 79.99 0.11 -37.56
CA GLY A 2550 79.57 0.42 -38.91
C GLY A 2550 78.21 1.10 -38.95
N LYS A 2551 77.28 0.63 -38.13
CA LYS A 2551 75.94 1.23 -38.12
C LYS A 2551 75.95 2.62 -37.50
N TRP A 2552 76.71 2.82 -36.43
CA TRP A 2552 76.68 4.09 -35.72
C TRP A 2552 77.21 5.22 -36.59
N ALA A 2553 78.39 5.03 -37.17
CA ALA A 2553 79.02 6.10 -37.94
C ALA A 2553 78.21 6.44 -39.19
N SER A 2554 77.71 5.41 -39.89
CA SER A 2554 76.97 5.65 -41.13
C SER A 2554 75.69 6.43 -40.84
N HIS A 2555 74.98 6.09 -39.78
CA HIS A 2555 73.74 6.81 -39.44
C HIS A 2555 74.04 8.23 -39.01
N ARG A 2556 75.13 8.43 -38.27
CA ARG A 2556 75.44 9.76 -37.74
C ARG A 2556 75.66 10.77 -38.86
N GLU A 2557 76.38 10.36 -39.91
CA GLU A 2557 76.61 11.26 -41.04
C GLU A 2557 75.30 11.61 -41.74
N LYS A 2558 74.43 10.63 -41.93
CA LYS A 2558 73.12 10.90 -42.52
C LYS A 2558 72.29 11.80 -41.62
N LEU A 2559 72.32 11.54 -40.30
CA LEU A 2559 71.51 12.32 -39.38
C LEU A 2559 71.95 13.77 -39.34
N ARG A 2560 73.25 14.02 -39.38
CA ARG A 2560 73.75 15.39 -39.27
C ARG A 2560 73.29 16.23 -40.46
N HIS A 2561 73.29 15.65 -41.66
CA HIS A 2561 72.81 16.38 -42.83
C HIS A 2561 71.33 16.72 -42.70
N VAL A 2562 70.53 15.80 -42.17
CA VAL A 2562 69.10 16.05 -42.05
C VAL A 2562 68.83 17.20 -41.09
N LEU A 2563 69.60 17.27 -40.00
CA LEU A 2563 69.40 18.31 -39.01
C LEU A 2563 69.64 19.70 -39.61
N GLU A 2564 70.67 19.84 -40.43
CA GLU A 2564 71.03 21.13 -41.01
C GLU A 2564 70.27 21.45 -42.28
N THR A 2565 69.44 20.53 -42.78
CA THR A 2565 68.63 20.78 -43.96
C THR A 2565 67.13 20.71 -43.67
N ALA A 2566 66.69 19.68 -42.95
CA ALA A 2566 65.28 19.54 -42.61
C ALA A 2566 64.94 20.11 -41.24
N GLY A 2567 65.91 20.68 -40.54
CA GLY A 2567 65.66 21.21 -39.21
C GLY A 2567 66.05 22.68 -39.07
N TRP A 2568 66.32 23.33 -40.19
CA TRP A 2568 66.69 24.74 -40.21
C TRP A 2568 65.52 25.55 -40.75
N ASP A 2569 65.06 26.52 -39.95
CA ASP A 2569 63.89 27.31 -40.28
C ASP A 2569 64.25 28.63 -40.96
N GLY A 2570 65.52 28.92 -41.16
CA GLY A 2570 65.93 30.14 -41.82
C GLY A 2570 66.68 31.09 -40.92
N SER A 2571 66.24 31.21 -39.67
CA SER A 2571 66.92 32.06 -38.70
C SER A 2571 67.20 31.35 -37.38
N TYR A 2572 66.69 30.15 -37.18
CA TYR A 2572 66.95 29.35 -36.00
C TYR A 2572 66.61 27.90 -36.32
N TYR A 2573 66.69 27.03 -35.32
CA TYR A 2573 66.44 25.61 -35.48
C TYR A 2573 65.00 25.27 -35.11
N ARG A 2574 64.45 24.30 -35.82
CA ARG A 2574 63.07 23.88 -35.64
C ARG A 2574 62.93 23.02 -34.38
N ARG A 2575 61.68 22.67 -34.07
CA ARG A 2575 61.43 21.78 -32.93
C ARG A 2575 61.03 20.38 -33.38
N GLY A 2576 60.08 20.28 -34.29
CA GLY A 2576 59.62 18.98 -34.71
C GLY A 2576 58.51 19.08 -35.74
N TYR A 2577 57.93 17.93 -36.05
CA TYR A 2577 56.87 17.82 -37.03
C TYR A 2577 55.76 16.92 -36.50
N PHE A 2578 54.53 17.19 -36.93
CA PHE A 2578 53.37 16.44 -36.46
C PHE A 2578 53.22 15.17 -37.29
N ASP A 2579 52.09 14.48 -37.10
CA ASP A 2579 51.78 13.31 -37.93
C ASP A 2579 51.48 13.71 -39.37
N ASP A 2580 50.86 14.87 -39.57
CA ASP A 2580 50.43 15.31 -40.88
C ASP A 2580 51.52 16.01 -41.67
N GLY A 2581 52.73 16.12 -41.11
CA GLY A 2581 53.77 16.91 -41.72
C GLY A 2581 53.65 18.39 -41.45
N THR A 2582 52.65 18.80 -40.69
CA THR A 2582 52.45 20.21 -40.40
C THR A 2582 53.63 20.76 -39.60
N PRO A 2583 54.19 21.91 -39.98
CA PRO A 2583 55.35 22.43 -39.26
C PRO A 2583 55.04 22.75 -37.80
N LEU A 2584 56.03 22.47 -36.95
CA LEU A 2584 55.99 22.81 -35.53
C LEU A 2584 57.29 23.52 -35.16
N GLY A 2585 57.17 24.55 -34.33
CA GLY A 2585 58.33 25.30 -33.90
C GLY A 2585 58.80 26.35 -34.88
N SER A 2586 58.09 26.55 -35.99
CA SER A 2586 58.50 27.50 -37.01
C SER A 2586 57.81 28.85 -36.81
N ALA A 2587 58.34 29.86 -37.48
CA ALA A 2587 57.69 31.17 -37.49
C ALA A 2587 56.38 31.15 -38.27
N SER A 2588 56.21 30.18 -39.18
CA SER A 2588 54.97 30.08 -39.94
C SER A 2588 53.80 29.72 -39.04
N SER A 2589 54.02 28.84 -38.07
CA SER A 2589 52.94 28.39 -37.20
C SER A 2589 52.42 29.53 -36.33
N GLU A 2590 51.12 29.49 -36.04
CA GLU A 2590 50.51 30.51 -35.20
C GLU A 2590 51.08 30.46 -33.79
N GLU A 2591 51.27 29.27 -33.25
CA GLU A 2591 51.82 29.08 -31.91
C GLU A 2591 53.13 28.31 -31.99
N CYS A 2592 53.88 28.35 -30.89
CA CYS A 2592 55.21 27.75 -30.80
C CYS A 2592 56.12 28.28 -31.91
N GLN A 2593 56.38 29.58 -31.86
CA GLN A 2593 57.25 30.20 -32.85
C GLN A 2593 58.72 29.89 -32.59
N ILE A 2594 59.12 29.80 -31.33
CA ILE A 2594 60.51 29.55 -30.97
C ILE A 2594 60.57 28.52 -29.86
N ASP A 2595 61.67 27.77 -29.82
CA ASP A 2595 61.90 26.78 -28.77
C ASP A 2595 63.37 26.81 -28.39
N SER A 2596 63.64 26.89 -27.08
CA SER A 2596 65.02 26.90 -26.62
C SER A 2596 65.66 25.53 -26.67
N LEU A 2597 64.86 24.46 -26.67
CA LEU A 2597 65.43 23.11 -26.71
C LEU A 2597 66.19 22.87 -28.01
N GLY A 2598 65.65 23.34 -29.13
CA GLY A 2598 66.34 23.18 -30.40
C GLY A 2598 67.63 23.98 -30.46
N GLN A 2599 67.60 25.23 -30.00
CA GLN A 2599 68.77 26.08 -30.08
C GLN A 2599 69.83 25.70 -29.05
N SER A 2600 69.43 25.43 -27.81
CA SER A 2600 70.40 25.20 -26.74
C SER A 2600 71.22 23.95 -27.00
N TRP A 2601 70.57 22.88 -27.47
CA TRP A 2601 71.26 21.62 -27.68
C TRP A 2601 72.03 21.57 -28.99
N SER A 2602 71.93 22.62 -29.82
CA SER A 2602 72.78 22.69 -31.00
C SER A 2602 74.25 22.76 -30.60
N VAL A 2603 74.56 23.52 -29.56
CA VAL A 2603 75.93 23.68 -29.10
C VAL A 2603 76.32 22.62 -28.09
N LEU A 2604 75.42 22.29 -27.18
CA LEU A 2604 75.73 21.33 -26.13
C LEU A 2604 76.06 19.96 -26.71
N SER A 2605 75.31 19.55 -27.74
CA SER A 2605 75.56 18.25 -28.36
C SER A 2605 76.95 18.17 -28.99
N GLY A 2606 77.55 19.30 -29.34
CA GLY A 2606 78.84 19.32 -29.97
C GLY A 2606 78.82 19.27 -31.48
N GLU A 2607 77.66 19.03 -32.09
CA GLU A 2607 77.53 19.02 -33.53
C GLU A 2607 77.18 20.42 -34.03
N GLY A 2608 76.82 20.53 -35.30
CA GLY A 2608 76.50 21.82 -35.87
C GLY A 2608 77.72 22.66 -36.18
N GLU A 2609 77.52 23.88 -36.66
CA GLU A 2609 78.62 24.78 -36.96
C GLU A 2609 78.39 26.11 -36.25
N GLU A 2610 79.50 26.81 -35.98
CA GLU A 2610 79.45 27.99 -35.12
C GLU A 2610 78.59 29.09 -35.74
N GLY A 2611 78.70 29.31 -37.05
CA GLY A 2611 78.04 30.45 -37.67
C GLY A 2611 76.53 30.39 -37.53
N ARG A 2612 75.94 29.23 -37.81
CA ARG A 2612 74.49 29.11 -37.69
C ARG A 2612 74.06 28.98 -36.23
N SER A 2613 74.88 28.32 -35.41
CA SER A 2613 74.57 28.23 -33.99
C SER A 2613 74.60 29.60 -33.32
N ARG A 2614 75.55 30.46 -33.71
CA ARG A 2614 75.60 31.80 -33.16
C ARG A 2614 74.35 32.58 -33.49
N GLN A 2615 73.86 32.47 -34.73
CA GLN A 2615 72.58 33.08 -35.08
C GLN A 2615 71.43 32.46 -34.30
N ALA A 2616 71.53 31.16 -33.99
CA ALA A 2616 70.46 30.49 -33.26
C ALA A 2616 70.29 31.09 -31.87
N MET A 2617 71.40 31.39 -31.18
CA MET A 2617 71.28 32.01 -29.86
C MET A 2617 70.81 33.45 -29.96
N ASP A 2618 71.07 34.12 -31.08
CA ASP A 2618 70.49 35.44 -31.30
C ASP A 2618 68.98 35.36 -31.37
N ALA A 2619 68.44 34.34 -32.02
CA ALA A 2619 67.00 34.15 -32.06
C ALA A 2619 66.45 33.80 -30.68
N VAL A 2620 67.29 33.24 -29.80
CA VAL A 2620 66.85 32.94 -28.44
C VAL A 2620 66.50 34.23 -27.70
N MET A 2621 67.17 35.32 -28.03
CA MET A 2621 66.95 36.60 -27.35
C MET A 2621 65.62 37.25 -27.74
N GLU A 2622 64.77 36.56 -28.52
CA GLU A 2622 63.41 37.03 -28.76
C GLU A 2622 62.50 36.77 -27.56
N HIS A 2623 62.69 35.64 -26.89
CA HIS A 2623 61.87 35.29 -25.73
C HIS A 2623 62.63 35.37 -24.41
N LEU A 2624 63.97 35.30 -24.43
CA LEU A 2624 64.76 35.50 -23.22
C LEU A 2624 64.80 36.96 -22.80
N VAL A 2625 64.46 37.88 -23.71
CA VAL A 2625 64.62 39.31 -23.49
C VAL A 2625 63.66 39.81 -22.41
N ASP A 2626 62.81 38.90 -21.90
CA ASP A 2626 61.84 39.31 -20.89
C ASP A 2626 62.52 39.56 -19.56
N GLU A 2627 63.37 40.58 -19.51
CA GLU A 2627 64.03 40.96 -18.27
C GLU A 2627 63.11 41.69 -17.32
N LYS A 2628 62.04 42.31 -17.84
CA LYS A 2628 61.07 42.97 -16.96
C LYS A 2628 60.43 41.97 -16.02
N THR A 2629 60.03 40.81 -16.55
CA THR A 2629 59.53 39.73 -15.71
C THR A 2629 60.66 38.88 -15.15
N GLY A 2630 61.86 38.98 -15.71
CA GLY A 2630 62.98 38.20 -15.26
C GLY A 2630 62.82 36.71 -15.47
N ILE A 2631 62.41 36.32 -16.68
CA ILE A 2631 62.18 34.91 -17.00
C ILE A 2631 62.82 34.60 -18.35
N ILE A 2632 63.11 33.31 -18.54
CA ILE A 2632 63.58 32.77 -19.81
C ILE A 2632 62.53 31.77 -20.27
N ARG A 2633 61.78 32.12 -21.30
CA ARG A 2633 60.59 31.36 -21.68
C ARG A 2633 60.98 30.08 -22.40
N LEU A 2634 59.97 29.33 -22.84
CA LEU A 2634 60.11 28.14 -23.67
C LEU A 2634 59.37 28.27 -24.99
N PHE A 2635 58.14 28.80 -24.97
CA PHE A 2635 57.42 29.20 -26.16
C PHE A 2635 57.25 30.71 -26.09
N THR A 2636 57.45 31.40 -27.22
CA THR A 2636 57.07 32.81 -27.09
C THR A 2636 55.56 32.98 -27.27
N PRO A 2637 54.86 32.27 -28.16
CA PRO A 2637 53.40 32.22 -28.05
C PRO A 2637 52.95 30.99 -27.28
N PRO A 2638 52.14 31.17 -26.23
CA PRO A 2638 51.60 30.01 -25.52
C PRO A 2638 50.54 29.30 -26.35
N PHE A 2639 50.37 28.01 -26.06
CA PHE A 2639 49.32 27.21 -26.69
C PHE A 2639 47.97 27.62 -26.11
N SER A 2640 47.24 28.46 -26.84
CA SER A 2640 45.88 28.84 -26.46
C SER A 2640 44.84 28.05 -27.24
N ARG A 2641 45.03 27.89 -28.55
CA ARG A 2641 44.12 27.13 -29.40
C ARG A 2641 44.87 25.95 -30.00
N ALA A 2642 44.33 24.75 -29.82
CA ALA A 2642 44.96 23.52 -30.32
C ALA A 2642 44.70 23.42 -31.82
N SER A 2643 45.56 24.09 -32.59
CA SER A 2643 45.46 24.01 -34.04
C SER A 2643 45.71 22.60 -34.53
N HIS A 2644 46.66 21.89 -33.92
CA HIS A 2644 47.00 20.53 -34.33
C HIS A 2644 47.16 19.59 -33.14
N ASP A 2645 46.59 19.94 -31.99
CA ASP A 2645 46.60 19.13 -30.77
C ASP A 2645 48.02 18.74 -30.39
N PRO A 2646 48.83 19.68 -29.90
CA PRO A 2646 50.20 19.32 -29.50
C PRO A 2646 50.27 18.32 -28.37
N GLY A 2647 49.20 18.15 -27.62
CA GLY A 2647 49.17 17.23 -26.50
C GLY A 2647 48.26 17.77 -25.41
N TYR A 2648 48.57 17.41 -24.16
CA TYR A 2648 47.86 17.95 -23.03
C TYR A 2648 48.51 19.22 -22.49
N ILE A 2649 49.50 19.77 -23.19
CA ILE A 2649 50.01 21.09 -22.84
C ILE A 2649 48.92 22.14 -23.03
N LYS A 2650 48.03 21.93 -24.00
CA LYS A 2650 46.94 22.88 -24.22
C LYS A 2650 46.07 23.04 -22.99
N GLY A 2651 46.01 22.01 -22.14
CA GLY A 2651 45.26 22.12 -20.91
C GLY A 2651 45.84 23.14 -19.95
N TYR A 2652 47.16 23.30 -19.97
CA TYR A 2652 47.82 24.24 -19.08
C TYR A 2652 47.36 25.66 -19.40
N PRO A 2653 47.06 26.48 -18.40
CA PRO A 2653 46.72 27.87 -18.68
C PRO A 2653 47.90 28.56 -19.35
N PRO A 2654 47.64 29.56 -20.20
CA PRO A 2654 48.73 30.22 -20.93
C PRO A 2654 49.75 30.81 -19.97
N GLY A 2655 51.02 30.62 -20.30
CA GLY A 2655 52.10 31.13 -19.47
C GLY A 2655 52.30 30.41 -18.17
N VAL A 2656 51.82 29.17 -18.04
CA VAL A 2656 51.92 28.41 -16.80
C VAL A 2656 52.65 27.11 -17.08
N ARG A 2657 53.68 26.84 -16.28
CA ARG A 2657 54.47 25.60 -16.35
C ARG A 2657 55.04 25.46 -17.76
N GLU A 2658 54.73 24.40 -18.50
CA GLU A 2658 55.33 24.17 -19.80
C GLU A 2658 54.63 24.93 -20.92
N ASN A 2659 53.52 25.61 -20.63
CA ASN A 2659 52.76 26.31 -21.67
C ASN A 2659 53.25 27.76 -21.81
N GLY A 2660 54.51 27.87 -22.22
CA GLY A 2660 55.11 29.16 -22.48
C GLY A 2660 55.78 29.81 -21.30
N GLY A 2661 55.66 29.25 -20.11
CA GLY A 2661 56.33 29.77 -18.94
C GLY A 2661 57.79 29.35 -18.91
#